data_7ZYY
#
_entry.id   7ZYY
#
_cell.length_a   1.00
_cell.length_b   1.00
_cell.length_c   1.00
_cell.angle_alpha   90.00
_cell.angle_beta   90.00
_cell.angle_gamma   90.00
#
_symmetry.space_group_name_H-M   'P 1'
#
loop_
_entity.id
_entity.type
_entity.pdbx_description
1 polymer 'Pyruvate carboxylase'
2 non-polymer 'MAGNESIUM ION'
3 non-polymer 'MANGANESE (II) ION'
4 non-polymer "ADENOSINE-5'-DIPHOSPHATE"
5 non-polymer 'ACETYL COENZYME *A'
6 non-polymer 'PYRUVIC ACID'
7 non-polymer 'BICARBONATE ION'
8 water water
#
_entity_poly.entity_id   1
_entity_poly.type   'polypeptide(L)'
_entity_poly.pdbx_seq_one_letter_code
;VPRGSHMKKLLVANRGEIAVRVFRACNELGLSTVAVYAREDEYSVHRFKADESYLIGQGKKPIDAYLDIDDIIRVALESG
ADAIHPGYGLLSENLEFATKVRAAGLVFVGPELHHLDIFGDKIKAKAAADEAKVPGIPGTNGAVDIDGALEFAKTYGYPV
MIKAALGGGGRGMRVARNDAEMHDGYARAKSEAIGAFGSGEIYVEKYIENPKHIEVQILGDRHGNIIHLHERDCSVQRRN
QKVIEIAPAVGLSPDFRNEICEAAVKLCKNVGYVNAGTVEFLVKDDKFYFIEVNPRVQVEHTITELITGVDIVQAQILIA
QGKDLHREIGLPAQSEIPLLGSAIQCRITTEDPQNGFLPDTGKIDTYRSPGGFGIRLDVGNAYAGYEVTPYFDSLLVKVC
TFANEFSDSVRKMDRVLHEFRIRGVKTNIPFLINVIANENFTSGQATTTFIDNTPSLFNFPRLRDRGTKTLHYLSMITVN
GFPGIENTEKRHFEEPRQPLLNLEKKKTAKNILDEQGADAVVDYVKNTKEVLLTDTTLRDAHQSLLATRLRLQDMKGIAQ
AIDQGLPELFSAEMWGGATFDVAYRFLNESPWYRLRKLRKLMPNTMFQMLFRGSNAVGYQNYPDNVIEEFIRVAAHEGID
VFRIFDSLNWLPQMEKSIQAVRDNGKIAEATICYTGDILDPSRPKYNIQYYKDLAKELEATGAHILAV(KCX)DMAGLLK
PQAAYRLISELKDTVDLPIHLHTHDTSGNGIITYSGATQAGVDIIDVATASLAGGTSQPSMQSIYYALEHGPRHASINVK
NAEQIDHYWEDVRKYYAPFEAGITSPQTEVYMHEMPGGQYTNLKSQAAAVGLGHRFDEIKQMYRKVNMMFGDIIKVTPSS
KVVGDMALFMIQNDLTEEDVYARGNELNFPESVVSFFRGDLGQPVGGFPEKLQKIIVKDKAVITDRPGLHAEKVDFETVK
ADLEQKIGYEPGDHEVISYIMYPQVFLDYQKMQREFGAVTLLDTPTFLHGMRLNEKIEVQIEKGKTLSIRLDEIGEPDLA
GNRVLFFNLNGQRREVVINDQSVQAQVVAKRKAETGNPNQIGATMPGSVLEILVKAGDKVQKGQALMVTEAMKMETTIEA
PFDGEIVDLHVVKGEAIQTQDLLIEIN
;
_entity_poly.pdbx_strand_id   A,B,C,D
#
# COMPACT_ATOMS: atom_id res chain seq x y z
N HIS A 6 26.37 34.96 52.13
CA HIS A 6 24.98 34.88 52.53
C HIS A 6 24.07 34.74 51.31
N MET A 7 24.48 35.30 50.18
CA MET A 7 23.75 35.16 48.93
C MET A 7 24.25 33.90 48.22
N LYS A 8 23.34 32.99 47.94
CA LYS A 8 23.68 31.74 47.27
C LYS A 8 22.92 31.50 45.99
N LYS A 9 21.70 32.03 45.86
CA LYS A 9 20.86 31.76 44.71
C LYS A 9 20.14 33.04 44.32
N LEU A 10 20.11 33.33 43.03
CA LEU A 10 19.51 34.55 42.52
C LEU A 10 18.48 34.21 41.45
N LEU A 11 17.29 34.78 41.57
CA LEU A 11 16.28 34.70 40.54
C LEU A 11 16.39 35.92 39.62
N VAL A 12 16.11 35.71 38.34
CA VAL A 12 16.03 36.81 37.38
C VAL A 12 14.58 36.97 36.97
N ALA A 13 14.01 38.13 37.28
CA ALA A 13 12.61 38.41 36.95
C ALA A 13 12.54 39.10 35.58
N ASN A 14 13.08 38.44 34.59
CA ASN A 14 13.15 38.97 33.23
C ASN A 14 13.27 37.80 32.26
N ARG A 15 13.61 38.13 31.02
CA ARG A 15 13.69 37.15 29.94
C ARG A 15 14.75 37.60 28.96
N GLY A 16 14.91 36.82 27.89
CA GLY A 16 15.75 37.24 26.78
C GLY A 16 17.22 37.31 27.14
N GLU A 17 17.91 38.26 26.50
CA GLU A 17 19.37 38.33 26.61
C GLU A 17 19.83 38.90 27.96
N ILE A 18 19.02 39.76 28.59
CA ILE A 18 19.42 40.32 29.88
C ILE A 18 19.40 39.25 30.96
N ALA A 19 18.45 38.31 30.88
CA ALA A 19 18.43 37.19 31.82
C ALA A 19 19.67 36.33 31.67
N VAL A 20 20.10 36.09 30.43
CA VAL A 20 21.31 35.31 30.19
C VAL A 20 22.54 36.07 30.68
N ARG A 21 22.56 37.39 30.51
CA ARG A 21 23.67 38.20 30.98
C ARG A 21 23.81 38.12 32.50
N VAL A 22 22.69 38.23 33.22
CA VAL A 22 22.73 38.10 34.67
C VAL A 22 23.09 36.67 35.08
N PHE A 23 22.63 35.67 34.32
CA PHE A 23 23.00 34.28 34.62
C PHE A 23 24.51 34.06 34.47
N ARG A 24 25.11 34.64 33.43
CA ARG A 24 26.55 34.52 33.23
C ARG A 24 27.32 35.23 34.35
N ALA A 25 26.86 36.42 34.75
CA ALA A 25 27.51 37.11 35.87
C ALA A 25 27.37 36.32 37.18
N CYS A 26 26.20 35.72 37.41
CA CYS A 26 25.98 34.93 38.61
C CYS A 26 26.85 33.69 38.64
N ASN A 27 27.00 33.02 37.49
CA ASN A 27 27.89 31.86 37.42
C ASN A 27 29.34 32.25 37.62
N GLU A 28 29.74 33.43 37.13
CA GLU A 28 31.09 33.91 37.41
C GLU A 28 31.26 34.25 38.89
N LEU A 29 30.19 34.67 39.56
CA LEU A 29 30.25 34.95 40.99
C LEU A 29 29.95 33.74 41.86
N GLY A 30 29.70 32.58 41.26
CA GLY A 30 29.50 31.37 42.05
C GLY A 30 28.13 31.20 42.64
N LEU A 31 27.12 31.89 42.14
CA LEU A 31 25.76 31.79 42.66
C LEU A 31 24.90 30.90 41.78
N SER A 32 23.89 30.28 42.39
CA SER A 32 22.90 29.53 41.66
C SER A 32 21.92 30.49 40.98
N THR A 33 21.31 30.02 39.90
CA THR A 33 20.44 30.83 39.07
C THR A 33 19.07 30.21 38.98
N VAL A 34 18.04 31.05 39.01
CA VAL A 34 16.66 30.64 38.78
C VAL A 34 16.09 31.48 37.65
N ALA A 35 15.55 30.82 36.64
CA ALA A 35 14.83 31.49 35.57
C ALA A 35 13.33 31.39 35.80
N VAL A 36 12.60 32.34 35.24
CA VAL A 36 11.15 32.26 35.15
C VAL A 36 10.79 32.45 33.69
N TYR A 37 9.66 31.88 33.28
CA TYR A 37 9.25 31.98 31.89
C TYR A 37 7.74 31.84 31.79
N ALA A 38 7.16 32.59 30.86
CA ALA A 38 5.77 32.37 30.49
C ALA A 38 5.66 31.17 29.56
N ARG A 39 4.42 30.71 29.36
CA ARG A 39 4.18 29.57 28.49
C ARG A 39 4.55 29.89 27.04
N GLU A 40 4.27 31.11 26.61
CA GLU A 40 4.60 31.52 25.25
C GLU A 40 6.08 31.79 25.06
N ASP A 41 6.86 31.83 26.14
CA ASP A 41 8.30 31.99 26.10
C ASP A 41 9.03 30.70 26.45
N GLU A 42 8.36 29.55 26.25
CA GLU A 42 8.91 28.27 26.67
C GLU A 42 10.16 27.87 25.90
N TYR A 43 10.34 28.39 24.69
CA TYR A 43 11.51 28.06 23.88
C TYR A 43 12.60 29.10 23.97
N SER A 44 12.48 30.06 24.90
CA SER A 44 13.51 31.06 25.09
C SER A 44 14.79 30.42 25.61
N VAL A 45 15.92 30.98 25.19
CA VAL A 45 17.23 30.44 25.57
C VAL A 45 17.45 30.57 27.07
N HIS A 46 17.02 31.71 27.66
CA HIS A 46 17.26 31.99 29.06
C HIS A 46 16.61 30.97 30.01
N ARG A 47 15.54 30.31 29.57
CA ARG A 47 14.93 29.26 30.38
C ARG A 47 15.90 28.11 30.61
N PHE A 48 16.64 27.75 29.56
CA PHE A 48 17.53 26.60 29.63
C PHE A 48 18.95 26.96 30.03
N LYS A 49 19.23 28.23 30.30
CA LYS A 49 20.56 28.63 30.74
C LYS A 49 20.69 28.71 32.26
N ALA A 50 19.61 28.48 33.00
CA ALA A 50 19.63 28.55 34.45
C ALA A 50 19.61 27.16 35.06
N ASP A 51 19.97 27.10 36.35
CA ASP A 51 19.94 25.84 37.08
C ASP A 51 18.50 25.37 37.29
N GLU A 52 17.60 26.30 37.56
CA GLU A 52 16.17 26.00 37.74
C GLU A 52 15.34 26.98 36.93
N SER A 53 14.27 26.49 36.34
CA SER A 53 13.33 27.31 35.59
C SER A 53 11.91 26.97 36.03
N TYR A 54 11.06 27.99 36.13
CA TYR A 54 9.71 27.79 36.61
C TYR A 54 8.73 28.57 35.74
N LEU A 55 7.66 27.90 35.35
CA LEU A 55 6.57 28.56 34.64
C LEU A 55 5.86 29.55 35.55
N ILE A 56 5.61 30.76 35.06
CA ILE A 56 4.96 31.80 35.83
C ILE A 56 3.81 32.38 35.01
N GLY A 57 2.84 32.94 35.73
CA GLY A 57 1.71 33.63 35.12
C GLY A 57 0.84 32.75 34.25
N GLN A 58 0.49 31.57 34.76
CA GLN A 58 -0.26 30.59 33.99
C GLN A 58 -1.66 31.11 33.68
N GLY A 59 -2.04 31.07 32.41
CA GLY A 59 -3.32 31.55 31.97
C GLY A 59 -3.34 33.00 31.52
N LYS A 60 -2.34 33.78 31.92
CA LYS A 60 -2.30 35.19 31.56
C LYS A 60 -1.67 35.39 30.19
N LYS A 61 -1.72 36.63 29.71
CA LYS A 61 -0.89 37.01 28.58
C LYS A 61 0.57 37.00 29.01
N PRO A 62 1.48 36.65 28.09
CA PRO A 62 2.90 36.48 28.48
C PRO A 62 3.56 37.72 29.04
N ILE A 63 3.24 38.90 28.51
CA ILE A 63 3.76 40.13 29.10
C ILE A 63 3.22 40.32 30.50
N ASP A 64 1.92 40.05 30.70
CA ASP A 64 1.33 40.09 32.03
C ASP A 64 1.91 39.02 32.93
N ALA A 65 2.30 37.87 32.36
CA ALA A 65 2.98 36.84 33.14
C ALA A 65 4.32 37.33 33.65
N TYR A 66 5.04 38.09 32.83
CA TYR A 66 6.31 38.66 33.27
C TYR A 66 6.13 39.89 34.16
N LEU A 67 4.90 40.37 34.34
CA LEU A 67 4.60 41.47 35.25
C LEU A 67 3.80 41.00 36.46
N ASP A 68 3.93 39.72 36.82
CA ASP A 68 3.02 39.12 37.79
C ASP A 68 3.28 39.59 39.21
N ILE A 69 4.55 39.87 39.55
CA ILE A 69 5.02 40.24 40.90
C ILE A 69 4.74 39.15 41.92
N ASP A 70 3.47 38.78 42.11
CA ASP A 70 3.12 37.80 43.13
C ASP A 70 3.64 36.41 42.79
N ASP A 71 3.45 35.96 41.55
CA ASP A 71 3.95 34.65 41.15
C ASP A 71 5.47 34.64 41.12
N ILE A 72 6.09 35.75 40.75
CA ILE A 72 7.55 35.87 40.74
C ILE A 72 8.10 35.75 42.16
N ILE A 73 7.45 36.44 43.11
CA ILE A 73 7.82 36.36 44.52
C ILE A 73 7.65 34.93 45.02
N ARG A 74 6.54 34.29 44.66
CA ARG A 74 6.26 32.92 45.10
C ARG A 74 7.31 31.95 44.59
N VAL A 75 7.67 32.06 43.31
CA VAL A 75 8.69 31.21 42.71
C VAL A 75 10.04 31.44 43.38
N ALA A 76 10.38 32.70 43.65
CA ALA A 76 11.62 33.01 44.36
C ALA A 76 11.60 32.44 45.77
N LEU A 77 10.41 32.30 46.36
CA LEU A 77 10.30 31.75 47.70
C LEU A 77 10.52 30.24 47.71
N GLU A 78 9.79 29.48 46.88
CA GLU A 78 10.00 28.04 46.95
C GLU A 78 11.31 27.61 46.30
N SER A 79 11.88 28.43 45.42
CA SER A 79 13.16 28.07 44.84
C SER A 79 14.31 28.30 45.80
N GLY A 80 14.09 29.02 46.89
CA GLY A 80 15.17 29.33 47.81
C GLY A 80 16.11 30.40 47.30
N ALA A 81 15.62 31.28 46.44
CA ALA A 81 16.45 32.35 45.91
C ALA A 81 16.61 33.44 46.95
N ASP A 82 17.87 33.79 47.25
CA ASP A 82 18.13 34.86 48.20
C ASP A 82 17.89 36.23 47.59
N ALA A 83 18.04 36.37 46.28
CA ALA A 83 17.98 37.66 45.62
C ALA A 83 17.13 37.58 44.36
N ILE A 84 16.68 38.75 43.90
CA ILE A 84 15.97 38.89 42.64
C ILE A 84 16.62 40.01 41.84
N HIS A 85 17.14 39.67 40.67
CA HIS A 85 17.61 40.68 39.73
C HIS A 85 16.51 40.96 38.72
N PRO A 86 16.07 42.21 38.56
CA PRO A 86 14.96 42.50 37.67
C PRO A 86 15.34 42.74 36.21
N GLY A 87 16.62 42.90 35.91
CA GLY A 87 17.02 43.17 34.54
C GLY A 87 16.65 44.58 34.14
N TYR A 88 16.01 44.71 32.98
CA TYR A 88 15.46 45.98 32.55
C TYR A 88 14.13 45.75 31.83
N GLY A 89 13.29 46.78 31.83
CA GLY A 89 12.16 46.84 30.94
C GLY A 89 10.88 46.20 31.43
N LEU A 90 10.90 45.39 32.47
CA LEU A 90 9.66 44.76 32.93
C LEU A 90 9.27 45.24 34.32
N LEU A 91 10.10 45.01 35.33
CA LEU A 91 9.79 45.45 36.70
C LEU A 91 11.01 46.06 37.37
N SER A 92 12.02 46.43 36.59
CA SER A 92 13.24 46.99 37.12
C SER A 92 13.04 48.37 37.75
N GLU A 93 12.03 49.10 37.31
CA GLU A 93 11.68 50.39 37.88
C GLU A 93 10.35 50.36 38.62
N ASN A 94 9.81 49.16 38.86
CA ASN A 94 8.52 49.04 39.54
C ASN A 94 8.75 49.12 41.04
N LEU A 95 8.26 50.21 41.65
CA LEU A 95 8.46 50.44 43.07
C LEU A 95 7.71 49.42 43.92
N GLU A 96 6.51 49.04 43.49
CA GLU A 96 5.74 48.03 44.20
C GLU A 96 6.44 46.69 44.20
N PHE A 97 7.04 46.31 43.07
CA PHE A 97 7.74 45.03 42.97
C PHE A 97 8.94 44.99 43.91
N ALA A 98 9.76 46.04 43.89
CA ALA A 98 10.93 46.06 44.76
C ALA A 98 10.54 46.15 46.24
N THR A 99 9.45 46.87 46.53
CA THR A 99 8.96 46.94 47.91
C THR A 99 8.53 45.57 48.40
N LYS A 100 7.80 44.83 47.57
CA LYS A 100 7.39 43.49 47.98
C LYS A 100 8.56 42.51 48.03
N VAL A 101 9.55 42.69 47.17
CA VAL A 101 10.74 41.83 47.20
C VAL A 101 11.49 42.02 48.51
N ARG A 102 11.76 43.28 48.87
CA ARG A 102 12.46 43.54 50.12
C ARG A 102 11.59 43.24 51.34
N ALA A 103 10.26 43.27 51.19
CA ALA A 103 9.38 42.88 52.27
C ALA A 103 9.35 41.38 52.46
N ALA A 104 9.61 40.62 51.40
CA ALA A 104 9.65 39.16 51.50
C ALA A 104 10.97 38.63 52.05
N GLY A 105 11.89 39.51 52.42
CA GLY A 105 13.18 39.10 52.93
C GLY A 105 14.24 38.87 51.88
N LEU A 106 13.89 39.02 50.61
CA LEU A 106 14.82 38.80 49.51
C LEU A 106 15.59 40.07 49.18
N VAL A 107 16.84 39.88 48.74
CA VAL A 107 17.64 41.01 48.27
C VAL A 107 17.12 41.46 46.92
N PHE A 108 16.98 42.76 46.73
CA PHE A 108 16.63 43.33 45.45
C PHE A 108 17.88 43.94 44.82
N VAL A 109 18.24 43.45 43.63
CA VAL A 109 19.43 43.96 42.96
C VAL A 109 19.04 45.24 42.22
N GLY A 110 19.14 46.37 42.91
CA GLY A 110 18.77 47.66 42.38
C GLY A 110 18.98 48.71 43.44
N PRO A 111 18.59 49.95 43.15
CA PRO A 111 18.73 51.02 44.14
C PRO A 111 17.65 50.90 45.21
N GLU A 112 17.65 51.86 46.13
CA GLU A 112 16.69 51.85 47.22
C GLU A 112 15.30 52.22 46.71
N LEU A 113 14.30 51.98 47.57
CA LEU A 113 12.92 52.25 47.19
C LEU A 113 12.67 53.73 46.97
N HIS A 114 13.31 54.59 47.78
CA HIS A 114 13.13 56.02 47.58
C HIS A 114 13.79 56.49 46.29
N HIS A 115 14.89 55.86 45.88
CA HIS A 115 15.43 56.13 44.55
C HIS A 115 14.44 55.74 43.46
N LEU A 116 13.77 54.61 43.63
CA LEU A 116 12.78 54.16 42.66
C LEU A 116 11.62 55.12 42.53
N ASP A 117 11.07 55.59 43.66
CA ASP A 117 9.94 56.49 43.54
C ASP A 117 10.36 57.91 43.14
N ILE A 118 11.58 58.33 43.50
CA ILE A 118 12.05 59.65 43.11
C ILE A 118 12.29 59.71 41.62
N PHE A 119 12.99 58.71 41.07
CA PHE A 119 13.34 58.74 39.67
C PHE A 119 12.31 58.08 38.77
N GLY A 120 11.29 57.42 39.34
CA GLY A 120 10.21 56.91 38.52
C GLY A 120 9.29 58.02 38.03
N ASP A 121 8.99 58.97 38.90
CA ASP A 121 8.15 60.12 38.55
C ASP A 121 9.07 61.26 38.12
N LYS A 122 8.88 61.73 36.89
CA LYS A 122 9.90 62.58 36.26
C LYS A 122 9.87 64.00 36.80
N ILE A 123 8.72 64.47 37.29
CA ILE A 123 8.69 65.79 37.92
C ILE A 123 9.45 65.75 39.24
N LYS A 124 9.35 64.61 39.96
CA LYS A 124 10.11 64.42 41.18
C LYS A 124 11.60 64.29 40.88
N ALA A 125 11.94 63.64 39.77
CA ALA A 125 13.34 63.51 39.38
C ALA A 125 13.94 64.87 38.99
N LYS A 126 13.16 65.68 38.27
CA LYS A 126 13.62 67.03 37.94
C LYS A 126 13.75 67.88 39.19
N ALA A 127 12.87 67.67 40.16
CA ALA A 127 13.01 68.32 41.46
C ALA A 127 14.32 67.94 42.13
N ALA A 128 14.61 66.63 42.22
CA ALA A 128 15.84 66.17 42.85
C ALA A 128 17.08 66.65 42.11
N ALA A 129 16.97 66.84 40.80
CA ALA A 129 18.04 67.48 40.05
C ALA A 129 18.20 68.95 40.46
N ASP A 130 17.09 69.65 40.69
CA ASP A 130 17.17 71.06 41.09
C ASP A 130 17.77 71.22 42.49
N GLU A 131 17.32 70.41 43.45
CA GLU A 131 17.99 70.35 44.76
C GLU A 131 19.43 69.87 44.64
N ALA A 132 19.75 69.08 43.61
CA ALA A 132 21.13 68.73 43.35
C ALA A 132 21.91 69.82 42.63
N LYS A 133 21.23 70.91 42.23
CA LYS A 133 21.81 72.02 41.46
C LYS A 133 22.42 71.55 40.14
N VAL A 134 21.87 70.48 39.57
CA VAL A 134 22.24 70.02 38.24
C VAL A 134 21.32 70.71 37.24
N PRO A 135 21.86 71.40 36.24
CA PRO A 135 21.01 72.17 35.31
C PRO A 135 20.12 71.26 34.48
N GLY A 136 18.82 71.47 34.58
CA GLY A 136 17.86 70.73 33.79
C GLY A 136 17.32 71.55 32.63
N ILE A 137 16.37 70.96 31.93
CA ILE A 137 15.69 71.66 30.84
C ILE A 137 14.79 72.73 31.44
N PRO A 138 14.78 73.97 30.91
CA PRO A 138 13.80 74.96 31.36
C PRO A 138 12.37 74.52 31.07
N GLY A 139 11.63 74.20 32.13
CA GLY A 139 10.32 73.61 31.99
C GLY A 139 9.43 74.03 33.15
N THR A 140 8.23 73.44 33.19
CA THR A 140 7.31 73.72 34.28
C THR A 140 7.86 73.16 35.59
N ASN A 141 7.39 73.72 36.70
CA ASN A 141 7.78 73.22 38.01
C ASN A 141 7.19 71.84 38.28
N GLY A 142 6.05 71.53 37.69
CA GLY A 142 5.43 70.24 37.87
C GLY A 142 4.43 69.96 36.79
N ALA A 143 3.48 69.08 37.10
CA ALA A 143 2.45 68.72 36.15
C ALA A 143 1.53 69.90 35.89
N VAL A 144 1.29 70.20 34.62
CA VAL A 144 0.48 71.35 34.23
C VAL A 144 -0.71 70.85 33.43
N ASP A 145 -1.79 71.62 33.47
CA ASP A 145 -2.98 71.32 32.70
C ASP A 145 -2.79 71.80 31.27
N ILE A 146 -3.84 71.68 30.45
CA ILE A 146 -3.75 72.11 29.06
C ILE A 146 -3.56 73.62 28.97
N ASP A 147 -4.34 74.37 29.77
CA ASP A 147 -4.20 75.82 29.77
C ASP A 147 -2.87 76.25 30.38
N GLY A 148 -2.44 75.56 31.44
CA GLY A 148 -1.13 75.86 32.03
C GLY A 148 0.01 75.61 31.05
N ALA A 149 -0.11 74.54 30.27
CA ALA A 149 0.87 74.28 29.21
C ALA A 149 0.82 75.37 28.15
N LEU A 150 -0.38 75.87 27.83
CA LEU A 150 -0.49 76.97 26.86
C LEU A 150 0.17 78.24 27.40
N GLU A 151 -0.01 78.51 28.69
CA GLU A 151 0.64 79.67 29.29
C GLU A 151 2.14 79.49 29.32
N PHE A 152 2.62 78.26 29.47
CA PHE A 152 4.06 78.01 29.30
C PHE A 152 4.49 78.28 27.87
N ALA A 153 3.64 77.93 26.90
CA ALA A 153 3.99 78.14 25.49
C ALA A 153 4.15 79.61 25.17
N LYS A 154 3.25 80.46 25.68
CA LYS A 154 3.42 81.91 25.48
C LYS A 154 4.52 82.49 26.37
N THR A 155 4.71 81.96 27.57
CA THR A 155 5.70 82.54 28.49
C THR A 155 7.12 82.33 28.00
N TYR A 156 7.47 81.10 27.64
CA TYR A 156 8.84 80.79 27.23
C TYR A 156 9.05 80.76 25.74
N GLY A 157 7.99 80.69 24.95
CA GLY A 157 8.10 80.73 23.51
C GLY A 157 8.31 79.35 22.91
N TYR A 158 7.79 79.18 21.70
CA TYR A 158 7.89 77.98 20.88
C TYR A 158 9.31 77.83 20.34
N PRO A 159 9.82 76.60 20.10
CA PRO A 159 9.14 75.30 20.21
C PRO A 159 9.16 74.67 21.60
N VAL A 160 8.04 74.03 21.96
CA VAL A 160 7.91 73.27 23.19
C VAL A 160 7.45 71.87 22.83
N MET A 161 7.51 70.96 23.80
CA MET A 161 7.15 69.59 23.49
C MET A 161 6.60 68.90 24.74
N ILE A 162 5.62 68.03 24.54
CA ILE A 162 4.79 67.49 25.61
C ILE A 162 5.37 66.17 26.09
N LYS A 163 5.49 66.01 27.41
CA LYS A 163 6.07 64.80 27.99
C LYS A 163 5.26 64.35 29.21
N ALA A 164 4.84 63.09 29.20
CA ALA A 164 4.22 62.53 30.38
C ALA A 164 5.26 62.26 31.47
N ALA A 165 4.81 62.22 32.71
CA ALA A 165 5.71 62.06 33.84
C ALA A 165 6.12 60.62 34.09
N LEU A 166 5.45 59.66 33.46
CA LEU A 166 5.78 58.26 33.68
C LEU A 166 6.15 57.57 32.37
N GLY A 167 5.77 58.16 31.25
CA GLY A 167 5.99 57.55 29.94
C GLY A 167 7.43 57.52 29.51
N GLY A 168 8.04 56.33 29.52
CA GLY A 168 9.39 56.13 29.06
C GLY A 168 9.41 55.45 27.70
N GLY A 169 10.52 55.65 27.00
CA GLY A 169 10.69 55.08 25.68
C GLY A 169 9.90 55.73 24.58
N GLY A 170 9.47 56.98 24.75
CA GLY A 170 8.72 57.66 23.73
C GLY A 170 7.26 57.28 23.63
N ARG A 171 6.74 56.52 24.59
CA ARG A 171 5.34 56.14 24.56
C ARG A 171 4.42 57.33 24.84
N GLY A 172 4.79 58.18 25.79
CA GLY A 172 3.96 59.31 26.17
C GLY A 172 4.61 60.65 25.92
N MET A 173 5.26 60.81 24.78
CA MET A 173 5.97 62.04 24.45
C MET A 173 5.53 62.53 23.08
N ARG A 174 5.26 63.82 22.98
CA ARG A 174 4.84 64.43 21.72
C ARG A 174 5.47 65.81 21.60
N VAL A 175 5.53 66.32 20.37
CA VAL A 175 6.11 67.62 20.10
C VAL A 175 5.00 68.61 19.76
N ALA A 176 5.30 69.90 19.89
CA ALA A 176 4.33 70.96 19.66
C ALA A 176 4.97 72.10 18.88
N ARG A 177 4.27 72.62 17.89
CA ARG A 177 4.74 73.77 17.11
C ARG A 177 3.79 74.95 17.13
N ASN A 178 2.48 74.72 17.31
CA ASN A 178 1.51 75.80 17.38
C ASN A 178 0.49 75.45 18.46
N ASP A 179 -0.55 76.28 18.56
CA ASP A 179 -1.53 76.12 19.64
C ASP A 179 -2.42 74.91 19.42
N ALA A 180 -2.91 74.72 18.18
CA ALA A 180 -3.76 73.57 17.90
C ALA A 180 -2.98 72.26 18.03
N GLU A 181 -1.74 72.24 17.57
CA GLU A 181 -0.89 71.08 17.76
C GLU A 181 -0.59 70.85 19.24
N MET A 182 -0.53 71.91 20.04
CA MET A 182 -0.34 71.75 21.47
C MET A 182 -1.54 71.06 22.11
N HIS A 183 -2.76 71.46 21.71
CA HIS A 183 -3.96 70.80 22.22
C HIS A 183 -4.01 69.33 21.79
N ASP A 184 -3.71 69.06 20.52
CA ASP A 184 -3.73 67.68 20.02
C ASP A 184 -2.68 66.83 20.72
N GLY A 185 -1.47 67.35 20.89
CA GLY A 185 -0.43 66.60 21.56
C GLY A 185 -0.74 66.37 23.02
N TYR A 186 -1.32 67.37 23.70
CA TYR A 186 -1.72 67.17 25.09
C TYR A 186 -2.79 66.11 25.21
N ALA A 187 -3.77 66.11 24.30
CA ALA A 187 -4.81 65.09 24.34
C ALA A 187 -4.24 63.70 24.08
N ARG A 188 -3.34 63.59 23.10
CA ARG A 188 -2.78 62.27 22.78
C ARG A 188 -1.88 61.76 23.90
N ALA A 189 -1.06 62.63 24.49
CA ALA A 189 -0.22 62.22 25.60
C ALA A 189 -1.04 61.88 26.83
N LYS A 190 -2.15 62.60 27.06
CA LYS A 190 -3.07 62.25 28.13
C LYS A 190 -3.65 60.86 27.91
N SER A 191 -4.07 60.57 26.68
CA SER A 191 -4.64 59.25 26.38
C SER A 191 -3.60 58.15 26.57
N GLU A 192 -2.36 58.39 26.13
CA GLU A 192 -1.32 57.38 26.28
C GLU A 192 -0.94 57.16 27.73
N ALA A 193 -0.89 58.22 28.53
CA ALA A 193 -0.53 58.07 29.94
C ALA A 193 -1.67 57.43 30.73
N ILE A 194 -2.92 57.72 30.39
CA ILE A 194 -4.04 57.11 31.08
C ILE A 194 -4.14 55.63 30.72
N GLY A 195 -4.06 55.33 29.42
CA GLY A 195 -4.30 53.96 28.97
C GLY A 195 -3.20 52.99 29.40
N ALA A 196 -1.94 53.44 29.36
CA ALA A 196 -0.82 52.54 29.58
C ALA A 196 -0.23 52.61 30.98
N PHE A 197 -0.35 53.74 31.68
CA PHE A 197 0.24 53.87 33.00
C PHE A 197 -0.78 54.19 34.08
N GLY A 198 -2.06 54.25 33.76
CA GLY A 198 -3.08 54.50 34.77
C GLY A 198 -3.23 55.97 35.12
N SER A 199 -2.25 56.51 35.85
CA SER A 199 -2.28 57.91 36.23
C SER A 199 -1.53 58.74 35.19
N GLY A 200 -2.11 59.86 34.78
CA GLY A 200 -1.48 60.71 33.79
C GLY A 200 -1.13 62.08 34.31
N GLU A 201 0.16 62.34 34.46
CA GLU A 201 0.66 63.66 34.82
C GLU A 201 1.58 64.13 33.69
N ILE A 202 1.35 65.35 33.23
CA ILE A 202 2.03 65.85 32.02
C ILE A 202 2.68 67.18 32.33
N TYR A 203 3.97 67.29 32.04
CA TYR A 203 4.67 68.56 31.96
C TYR A 203 4.99 68.87 30.50
N VAL A 204 5.28 70.13 30.24
CA VAL A 204 5.68 70.58 28.91
C VAL A 204 6.95 71.41 29.07
N GLU A 205 7.97 71.08 28.28
CA GLU A 205 9.27 71.69 28.47
C GLU A 205 9.80 72.18 27.12
N LYS A 206 10.92 72.89 27.17
CA LYS A 206 11.48 73.52 25.98
C LYS A 206 12.10 72.46 25.07
N TYR A 207 11.78 72.55 23.78
CA TYR A 207 12.27 71.62 22.77
C TYR A 207 13.56 72.17 22.17
N ILE A 208 14.69 71.52 22.43
CA ILE A 208 15.95 71.93 21.82
C ILE A 208 15.97 71.46 20.38
N GLU A 209 16.71 72.19 19.54
CA GLU A 209 16.99 71.76 18.18
C GLU A 209 18.28 70.95 18.19
N ASN A 210 18.25 69.82 17.44
CA ASN A 210 19.27 68.80 17.20
C ASN A 210 20.28 68.60 18.34
N PRO A 211 19.83 68.17 19.52
CA PRO A 211 20.74 68.01 20.65
C PRO A 211 21.50 66.70 20.55
N LYS A 212 22.36 66.47 21.54
CA LYS A 212 23.10 65.22 21.69
C LYS A 212 22.63 64.52 22.96
N HIS A 213 22.27 63.25 22.84
CA HIS A 213 21.80 62.46 23.97
C HIS A 213 23.00 61.79 24.60
N ILE A 214 23.41 62.25 25.78
CA ILE A 214 24.56 61.71 26.49
C ILE A 214 24.06 61.05 27.77
N GLU A 215 24.48 59.81 27.99
CA GLU A 215 24.10 59.03 29.15
C GLU A 215 25.35 58.73 29.98
N VAL A 216 25.27 58.97 31.28
CA VAL A 216 26.38 58.69 32.19
C VAL A 216 26.02 57.47 33.03
N GLN A 217 26.96 56.53 33.13
CA GLN A 217 26.74 55.31 33.89
C GLN A 217 27.28 55.49 35.31
N ILE A 218 26.45 55.22 36.31
CA ILE A 218 26.77 55.47 37.70
C ILE A 218 26.76 54.14 38.45
N LEU A 219 27.85 53.88 39.19
CA LEU A 219 27.92 52.77 40.12
C LEU A 219 28.10 53.30 41.53
N GLY A 220 27.26 52.84 42.45
CA GLY A 220 27.37 53.25 43.84
C GLY A 220 27.00 52.14 44.80
N ASP A 221 27.68 52.07 45.94
CA ASP A 221 27.38 51.06 46.96
C ASP A 221 26.68 51.71 48.15
N ARG A 222 26.40 50.88 49.15
CA ARG A 222 25.75 51.36 50.37
C ARG A 222 26.74 52.02 51.33
N HIS A 223 28.03 51.99 51.02
CA HIS A 223 29.06 52.61 51.83
C HIS A 223 29.30 54.06 51.44
N GLY A 224 28.52 54.61 50.51
CA GLY A 224 28.63 55.99 50.11
C GLY A 224 29.57 56.25 48.96
N ASN A 225 30.35 55.26 48.52
CA ASN A 225 31.22 55.44 47.36
C ASN A 225 30.38 55.44 46.09
N ILE A 226 30.51 56.49 45.29
CA ILE A 226 29.80 56.60 44.03
C ILE A 226 30.80 56.99 42.94
N ILE A 227 30.93 56.15 41.92
CA ILE A 227 31.81 56.43 40.79
C ILE A 227 30.98 56.46 39.52
N HIS A 228 31.55 57.09 38.49
CA HIS A 228 30.97 57.08 37.16
C HIS A 228 31.88 56.30 36.22
N LEU A 229 31.28 55.44 35.40
CA LEU A 229 32.03 54.69 34.40
C LEU A 229 31.94 55.37 33.04
N HIS A 230 32.37 56.63 33.02
CA HIS A 230 32.41 57.51 31.86
C HIS A 230 30.98 57.66 31.30
N GLU A 231 30.84 57.95 30.01
CA GLU A 231 29.55 58.29 29.45
C GLU A 231 29.35 57.60 28.11
N ARG A 232 28.10 57.62 27.65
CA ARG A 232 27.71 57.01 26.39
C ARG A 232 26.98 58.03 25.53
N ASP A 233 27.24 57.99 24.22
CA ASP A 233 26.56 58.84 23.26
C ASP A 233 25.49 58.00 22.56
N CYS A 234 24.24 58.24 22.92
CA CYS A 234 23.09 57.55 22.33
C CYS A 234 22.26 58.48 21.47
N SER A 235 22.94 59.34 20.71
CA SER A 235 22.25 60.36 19.92
C SER A 235 21.52 59.77 18.73
N VAL A 236 22.03 58.68 18.16
CA VAL A 236 21.44 58.09 16.95
C VAL A 236 20.11 57.44 17.33
N GLN A 237 19.00 58.13 17.03
CA GLN A 237 17.69 57.71 17.47
C GLN A 237 16.70 57.89 16.34
N ARG A 238 15.76 56.94 16.23
CA ARG A 238 14.69 57.01 15.25
C ARG A 238 13.37 57.15 16.00
N ARG A 239 12.72 58.31 15.83
CA ARG A 239 11.46 58.65 16.50
C ARG A 239 11.61 58.52 18.02
N ASN A 240 12.69 59.11 18.53
CA ASN A 240 13.02 59.13 19.96
C ASN A 240 13.15 57.72 20.54
N GLN A 241 13.68 56.80 19.73
CA GLN A 241 13.98 55.45 20.17
C GLN A 241 15.40 55.12 19.74
N LYS A 242 16.19 54.60 20.68
CA LYS A 242 17.62 54.41 20.45
C LYS A 242 17.86 53.34 19.39
N VAL A 243 18.75 53.64 18.44
CA VAL A 243 19.11 52.72 17.37
C VAL A 243 20.54 52.22 17.54
N ILE A 244 21.51 53.12 17.51
CA ILE A 244 22.91 52.78 17.70
C ILE A 244 23.48 53.66 18.81
N GLU A 245 24.09 53.04 19.80
CA GLU A 245 24.72 53.74 20.91
C GLU A 245 26.23 53.53 20.83
N ILE A 246 26.99 54.59 21.10
CA ILE A 246 28.44 54.53 21.09
C ILE A 246 28.97 55.04 22.41
N ALA A 247 30.20 54.61 22.75
CA ALA A 247 30.83 54.98 23.98
C ALA A 247 32.34 54.97 23.76
N PRO A 248 33.06 56.01 24.18
CA PRO A 248 32.57 57.26 24.79
C PRO A 248 32.07 58.23 23.73
N ALA A 249 31.72 59.46 24.11
CA ALA A 249 31.30 60.45 23.12
C ALA A 249 32.51 60.93 22.33
N VAL A 250 32.76 60.30 21.18
CA VAL A 250 33.92 60.67 20.38
C VAL A 250 33.75 62.02 19.71
N GLY A 251 32.52 62.51 19.60
CA GLY A 251 32.25 63.82 19.04
C GLY A 251 32.26 64.95 20.04
N LEU A 252 32.64 64.67 21.28
CA LEU A 252 32.66 65.66 22.35
C LEU A 252 34.06 65.76 22.93
N SER A 253 34.38 66.94 23.45
CA SER A 253 35.68 67.15 24.07
C SER A 253 35.78 66.37 25.37
N PRO A 254 36.98 65.88 25.71
CA PRO A 254 37.13 65.14 26.97
C PRO A 254 36.82 65.95 28.21
N ASP A 255 37.12 67.25 28.20
CA ASP A 255 36.81 68.09 29.36
C ASP A 255 35.31 68.27 29.53
N PHE A 256 34.58 68.45 28.41
CA PHE A 256 33.13 68.58 28.49
C PHE A 256 32.49 67.27 28.94
N ARG A 257 33.01 66.14 28.46
CA ARG A 257 32.53 64.84 28.92
C ARG A 257 32.79 64.65 30.41
N ASN A 258 33.96 65.11 30.87
CA ASN A 258 34.26 65.06 32.30
C ASN A 258 33.30 65.93 33.10
N GLU A 259 32.94 67.10 32.57
CA GLU A 259 31.97 67.96 33.25
C GLU A 259 30.60 67.30 33.35
N ILE A 260 30.16 66.64 32.27
CA ILE A 260 28.88 65.94 32.29
C ILE A 260 28.90 64.79 33.30
N CYS A 261 30.00 64.03 33.32
CA CYS A 261 30.14 62.94 34.28
C CYS A 261 30.18 63.43 35.72
N GLU A 262 30.86 64.57 35.95
CA GLU A 262 30.90 65.13 37.30
C GLU A 262 29.54 65.64 37.74
N ALA A 263 28.76 66.21 36.82
CA ALA A 263 27.41 66.63 37.15
C ALA A 263 26.53 65.43 37.52
N ALA A 264 26.66 64.34 36.76
CA ALA A 264 25.87 63.15 37.06
C ALA A 264 26.26 62.54 38.40
N VAL A 265 27.56 62.42 38.67
CA VAL A 265 27.99 61.83 39.94
C VAL A 265 27.65 62.75 41.10
N LYS A 266 27.61 64.07 40.88
CA LYS A 266 27.22 64.99 41.94
C LYS A 266 25.73 64.89 42.25
N LEU A 267 24.89 64.72 41.22
CA LEU A 267 23.48 64.45 41.45
C LEU A 267 23.27 63.14 42.20
N CYS A 268 24.01 62.10 41.81
CA CYS A 268 23.83 60.80 42.45
C CYS A 268 24.35 60.81 43.89
N LYS A 269 25.40 61.59 44.18
CA LYS A 269 25.85 61.75 45.56
C LYS A 269 24.85 62.58 46.37
N ASN A 270 24.19 63.54 45.73
CA ASN A 270 23.16 64.31 46.42
C ASN A 270 21.99 63.43 46.81
N VAL A 271 21.58 62.51 45.93
CA VAL A 271 20.49 61.61 46.27
C VAL A 271 20.97 60.34 46.98
N GLY A 272 22.27 60.15 47.13
CA GLY A 272 22.80 58.97 47.80
C GLY A 272 22.54 57.67 47.07
N TYR A 273 22.75 57.67 45.76
CA TYR A 273 22.37 56.54 44.91
C TYR A 273 23.22 55.31 45.19
N VAL A 274 22.59 54.14 45.03
CA VAL A 274 23.24 52.85 45.22
C VAL A 274 22.89 51.98 44.01
N ASN A 275 23.79 51.02 43.70
CA ASN A 275 23.72 50.10 42.56
C ASN A 275 23.87 50.85 41.24
N ALA A 276 23.56 50.18 40.13
CA ALA A 276 23.76 50.77 38.82
C ALA A 276 22.61 51.70 38.45
N GLY A 277 22.95 52.82 37.83
CA GLY A 277 21.95 53.75 37.34
C GLY A 277 22.54 54.59 36.24
N THR A 278 21.66 55.09 35.36
CA THR A 278 22.06 55.87 34.21
C THR A 278 21.42 57.25 34.27
N VAL A 279 22.24 58.28 34.17
CA VAL A 279 21.77 59.67 34.15
C VAL A 279 21.78 60.14 32.70
N GLU A 280 20.60 60.42 32.16
CA GLU A 280 20.48 60.87 30.79
C GLU A 280 20.60 62.39 30.72
N PHE A 281 21.28 62.87 29.69
CA PHE A 281 21.53 64.28 29.50
C PHE A 281 21.25 64.67 28.05
N LEU A 282 20.96 65.95 27.85
CA LEU A 282 20.79 66.52 26.52
C LEU A 282 21.87 67.58 26.32
N VAL A 283 22.70 67.41 25.30
CA VAL A 283 23.87 68.23 25.08
C VAL A 283 23.66 69.06 23.81
N LYS A 284 23.89 70.36 23.92
CA LYS A 284 23.75 71.26 22.77
C LYS A 284 24.70 72.43 22.97
N ASP A 285 25.75 72.49 22.13
CA ASP A 285 26.80 73.51 22.10
C ASP A 285 27.27 73.93 23.51
N ASP A 286 27.93 72.97 24.17
CA ASP A 286 28.70 73.07 25.43
C ASP A 286 27.85 73.29 26.68
N LYS A 287 26.54 73.09 26.61
CA LYS A 287 25.70 73.07 27.80
C LYS A 287 24.91 71.77 27.82
N PHE A 288 24.65 71.26 29.02
CA PHE A 288 23.97 69.99 29.20
C PHE A 288 22.77 70.16 30.11
N TYR A 289 21.74 69.37 29.86
CA TYR A 289 20.48 69.43 30.59
C TYR A 289 20.08 68.04 31.05
N PHE A 290 19.79 67.90 32.35
CA PHE A 290 19.24 66.67 32.87
C PHE A 290 17.86 66.41 32.30
N ILE A 291 17.59 65.16 31.92
CA ILE A 291 16.26 64.81 31.44
C ILE A 291 15.68 63.62 32.19
N GLU A 292 16.54 62.73 32.69
CA GLU A 292 16.06 61.45 33.20
C GLU A 292 17.19 60.74 33.92
N VAL A 293 16.84 60.04 35.00
CA VAL A 293 17.69 59.03 35.61
C VAL A 293 16.96 57.69 35.49
N ASN A 294 17.63 56.70 34.92
CA ASN A 294 17.08 55.36 34.84
C ASN A 294 17.58 54.56 36.04
N PRO A 295 16.72 54.15 36.95
CA PRO A 295 17.16 53.46 38.17
C PRO A 295 17.28 51.95 37.97
N ARG A 296 18.07 51.56 36.97
CA ARG A 296 18.21 50.17 36.59
C ARG A 296 19.46 50.03 35.73
N VAL A 297 19.85 48.78 35.49
CA VAL A 297 20.86 48.52 34.46
C VAL A 297 20.24 48.80 33.10
N GLN A 298 21.07 49.23 32.16
CA GLN A 298 20.59 49.65 30.85
C GLN A 298 21.00 48.63 29.79
N VAL A 299 20.31 48.71 28.66
CA VAL A 299 20.57 47.80 27.55
C VAL A 299 21.97 48.00 26.99
N GLU A 300 22.45 49.24 26.98
CA GLU A 300 23.74 49.59 26.43
C GLU A 300 24.84 49.65 27.48
N HIS A 301 24.70 48.92 28.59
CA HIS A 301 25.78 48.84 29.56
C HIS A 301 27.00 48.11 29.00
N THR A 302 26.83 47.35 27.92
CA THR A 302 27.90 46.52 27.37
C THR A 302 29.06 47.37 26.85
N ILE A 303 28.76 48.47 26.16
CA ILE A 303 29.83 49.31 25.62
C ILE A 303 30.60 50.00 26.75
N THR A 304 29.91 50.37 27.83
CA THR A 304 30.58 50.90 29.01
C THR A 304 31.50 49.86 29.63
N GLU A 305 31.02 48.61 29.71
CA GLU A 305 31.86 47.51 30.20
C GLU A 305 33.10 47.32 29.32
N LEU A 306 32.93 47.46 28.00
CA LEU A 306 34.05 47.28 27.09
C LEU A 306 35.07 48.40 27.22
N ILE A 307 34.61 49.65 27.32
CA ILE A 307 35.54 50.78 27.36
C ILE A 307 36.15 50.99 28.74
N THR A 308 35.56 50.43 29.79
CA THR A 308 36.12 50.58 31.13
C THR A 308 36.70 49.30 31.70
N GLY A 309 36.34 48.13 31.17
CA GLY A 309 36.79 46.88 31.75
C GLY A 309 36.06 46.47 33.00
N VAL A 310 34.98 47.15 33.36
CA VAL A 310 34.28 46.95 34.62
C VAL A 310 33.01 46.17 34.34
N ASP A 311 32.88 45.01 34.99
CA ASP A 311 31.68 44.19 34.83
C ASP A 311 30.54 44.83 35.62
N ILE A 312 29.58 45.43 34.89
CA ILE A 312 28.52 46.20 35.52
C ILE A 312 27.54 45.28 36.25
N VAL A 313 27.17 44.15 35.62
CA VAL A 313 26.20 43.25 36.25
C VAL A 313 26.82 42.55 37.46
N GLN A 314 28.10 42.15 37.35
CA GLN A 314 28.80 41.56 38.49
C GLN A 314 28.90 42.54 39.64
N ALA A 315 29.24 43.80 39.33
CA ALA A 315 29.29 44.84 40.35
C ALA A 315 27.91 45.12 40.94
N GLN A 316 26.85 45.03 40.12
CA GLN A 316 25.49 45.18 40.62
C GLN A 316 25.16 44.13 41.66
N ILE A 317 25.48 42.87 41.35
CA ILE A 317 25.22 41.78 42.30
C ILE A 317 26.07 41.93 43.56
N LEU A 318 27.34 42.32 43.39
CA LEU A 318 28.21 42.48 44.55
C LEU A 318 27.80 43.66 45.43
N ILE A 319 27.29 44.73 44.82
CA ILE A 319 26.75 45.85 45.58
C ILE A 319 25.50 45.43 46.34
N ALA A 320 24.63 44.66 45.68
CA ALA A 320 23.46 44.11 46.36
C ALA A 320 23.84 43.12 47.46
N GLN A 321 25.05 42.57 47.40
CA GLN A 321 25.57 41.78 48.50
C GLN A 321 26.10 42.64 49.65
N GLY A 322 26.19 43.95 49.46
CA GLY A 322 26.69 44.84 50.47
C GLY A 322 28.18 45.07 50.45
N LYS A 323 28.88 44.68 49.39
CA LYS A 323 30.31 44.84 49.33
C LYS A 323 30.69 46.28 48.99
N ASP A 324 31.92 46.63 49.31
CA ASP A 324 32.46 47.96 49.04
C ASP A 324 33.04 47.99 47.63
N LEU A 325 32.87 49.14 46.96
CA LEU A 325 33.28 49.27 45.56
C LEU A 325 34.78 49.10 45.38
N HIS A 326 35.58 49.66 46.28
CA HIS A 326 37.02 49.67 46.09
C HIS A 326 37.76 48.66 46.96
N ARG A 327 37.15 48.20 48.05
CA ARG A 327 37.82 47.23 48.91
C ARG A 327 37.53 45.81 48.48
N GLU A 328 36.26 45.48 48.25
CA GLU A 328 35.85 44.11 48.00
C GLU A 328 35.57 43.84 46.52
N ILE A 329 34.87 44.75 45.84
CA ILE A 329 34.66 44.59 44.41
C ILE A 329 35.97 44.78 43.66
N GLY A 330 36.78 45.74 44.08
CA GLY A 330 38.08 45.96 43.50
C GLY A 330 38.15 47.02 42.43
N LEU A 331 37.10 47.82 42.26
CA LEU A 331 37.15 48.92 41.31
C LEU A 331 38.12 49.98 41.81
N PRO A 332 38.91 50.60 40.94
CA PRO A 332 39.86 51.62 41.36
C PRO A 332 39.15 52.95 41.58
N ALA A 333 39.95 53.97 41.90
CA ALA A 333 39.42 55.30 42.16
C ALA A 333 38.91 55.92 40.85
N GLN A 334 38.21 57.04 40.99
CA GLN A 334 37.52 57.65 39.85
C GLN A 334 38.50 58.13 38.79
N SER A 335 39.63 58.71 39.20
CA SER A 335 40.64 59.13 38.24
C SER A 335 41.39 57.96 37.64
N GLU A 336 41.24 56.76 38.19
CA GLU A 336 41.96 55.58 37.73
C GLU A 336 41.13 54.76 36.74
N ILE A 337 39.82 54.96 36.71
CA ILE A 337 38.88 54.26 35.82
C ILE A 337 39.29 54.43 34.37
N PRO A 338 39.68 53.35 33.69
CA PRO A 338 40.34 53.49 32.39
C PRO A 338 39.36 53.75 31.25
N LEU A 339 39.89 54.29 30.16
CA LEU A 339 39.15 54.43 28.91
C LEU A 339 39.86 53.58 27.87
N LEU A 340 39.36 52.36 27.67
CA LEU A 340 39.99 51.39 26.77
C LEU A 340 39.37 51.53 25.39
N GLY A 341 39.78 52.59 24.69
CA GLY A 341 39.29 52.79 23.35
C GLY A 341 37.83 53.20 23.29
N SER A 342 37.18 52.83 22.20
CA SER A 342 35.78 53.17 21.94
C SER A 342 35.01 51.92 21.60
N ALA A 343 33.70 51.96 21.82
CA ALA A 343 32.83 50.83 21.53
C ALA A 343 31.52 51.31 20.93
N ILE A 344 30.91 50.45 20.11
CA ILE A 344 29.66 50.73 19.42
C ILE A 344 28.72 49.55 19.65
N GLN A 345 27.50 49.82 20.08
CA GLN A 345 26.48 48.78 20.23
C GLN A 345 25.41 48.95 19.15
N CYS A 346 25.11 47.86 18.44
CA CYS A 346 24.01 47.79 17.50
C CYS A 346 23.04 46.71 17.98
N ARG A 347 21.76 47.06 18.07
CA ARG A 347 20.72 46.11 18.43
C ARG A 347 20.04 45.64 17.14
N ILE A 348 20.16 44.35 16.86
CA ILE A 348 19.55 43.76 15.68
C ILE A 348 18.16 43.26 16.08
N THR A 349 17.13 43.81 15.46
CA THR A 349 15.74 43.53 15.80
C THR A 349 15.03 42.96 14.58
N THR A 350 13.76 42.60 14.78
CA THR A 350 12.90 42.13 13.70
C THR A 350 12.13 43.27 13.04
N GLU A 351 12.48 44.52 13.32
CA GLU A 351 11.83 45.64 12.65
C GLU A 351 12.24 45.67 11.19
N ASP A 352 11.25 45.74 10.31
CA ASP A 352 11.51 45.75 8.87
C ASP A 352 11.56 47.19 8.39
N PRO A 353 12.74 47.71 8.04
CA PRO A 353 12.82 49.11 7.60
C PRO A 353 12.10 49.37 6.28
N GLN A 354 11.84 48.34 5.49
CA GLN A 354 11.04 48.47 4.28
C GLN A 354 9.55 48.28 4.55
N ASN A 355 9.17 48.14 5.82
CA ASN A 355 7.78 48.01 6.22
C ASN A 355 7.47 48.94 7.38
N GLY A 356 8.11 50.11 7.40
CA GLY A 356 7.85 51.09 8.44
C GLY A 356 8.37 50.70 9.80
N PHE A 357 9.41 49.87 9.86
CA PHE A 357 10.01 49.36 11.10
C PHE A 357 8.99 48.62 11.96
N LEU A 358 8.10 47.89 11.30
CA LEU A 358 7.18 47.02 12.02
C LEU A 358 7.88 45.72 12.40
N PRO A 359 7.60 45.17 13.58
CA PRO A 359 8.28 43.94 14.01
C PRO A 359 7.80 42.75 13.20
N ASP A 360 8.72 42.15 12.43
CA ASP A 360 8.39 40.95 11.68
C ASP A 360 8.32 39.75 12.62
N THR A 361 7.54 38.75 12.20
CA THR A 361 7.41 37.50 12.93
C THR A 361 7.55 36.34 11.95
N GLY A 362 7.92 35.19 12.49
CA GLY A 362 8.09 34.01 11.68
C GLY A 362 9.17 33.11 12.24
N LYS A 363 9.47 32.06 11.48
CA LYS A 363 10.46 31.07 11.90
C LYS A 363 11.81 31.44 11.32
N ILE A 364 12.81 31.56 12.20
CA ILE A 364 14.18 31.77 11.77
C ILE A 364 14.70 30.45 11.22
N ASP A 365 15.09 30.44 9.94
CA ASP A 365 15.63 29.24 9.34
C ASP A 365 17.15 29.28 9.18
N THR A 366 17.76 30.45 9.33
CA THR A 366 19.21 30.59 9.22
C THR A 366 19.69 31.55 10.30
N TYR A 367 20.74 31.16 11.01
CA TYR A 367 21.40 32.05 11.96
C TYR A 367 22.90 31.79 11.93
N ARG A 368 23.66 32.80 11.55
CA ARG A 368 25.11 32.76 11.61
C ARG A 368 25.61 34.00 12.34
N SER A 369 26.40 33.79 13.38
CA SER A 369 26.88 34.92 14.14
C SER A 369 28.37 35.13 13.89
N PRO A 370 28.83 36.37 13.84
CA PRO A 370 30.25 36.63 13.67
C PRO A 370 31.01 36.58 14.98
N GLY A 371 32.31 36.37 14.87
CA GLY A 371 33.19 36.39 16.02
C GLY A 371 34.45 37.16 15.74
N GLY A 372 35.51 36.87 16.47
CA GLY A 372 36.80 37.46 16.19
C GLY A 372 37.15 38.58 17.14
N PHE A 373 38.21 39.30 16.75
CA PHE A 373 38.77 40.33 17.60
C PHE A 373 37.86 41.56 17.66
N GLY A 374 37.62 42.03 18.87
CA GLY A 374 36.85 43.24 19.07
C GLY A 374 35.36 43.09 18.98
N ILE A 375 34.84 41.86 18.99
CA ILE A 375 33.42 41.60 18.79
C ILE A 375 32.85 41.02 20.08
N ARG A 376 31.74 41.59 20.54
CA ARG A 376 31.00 41.06 21.67
C ARG A 376 29.56 40.78 21.25
N LEU A 377 29.07 39.58 21.59
CA LEU A 377 27.71 39.18 21.29
C LEU A 377 26.94 38.96 22.57
N ASP A 378 25.75 39.55 22.66
CA ASP A 378 24.79 39.26 23.71
C ASP A 378 23.49 38.88 23.00
N VAL A 379 23.37 37.61 22.65
CA VAL A 379 22.24 37.15 21.85
C VAL A 379 21.04 36.92 22.75
N GLY A 380 19.85 37.17 22.20
CA GLY A 380 18.61 36.86 22.88
C GLY A 380 18.07 35.52 22.40
N ASN A 381 17.01 35.56 21.61
CA ASN A 381 16.41 34.37 21.01
C ASN A 381 16.49 34.54 19.51
N ALA A 382 17.59 34.07 18.91
CA ALA A 382 17.80 34.24 17.49
C ALA A 382 18.30 32.98 16.78
N TYR A 383 18.27 31.83 17.45
CA TYR A 383 18.83 30.62 16.88
C TYR A 383 17.97 30.11 15.71
N ALA A 384 18.56 29.21 14.93
CA ALA A 384 17.85 28.60 13.82
C ALA A 384 16.73 27.70 14.34
N GLY A 385 15.55 27.84 13.76
CA GLY A 385 14.38 27.12 14.22
C GLY A 385 13.55 27.87 15.23
N TYR A 386 13.98 29.05 15.69
CA TYR A 386 13.23 29.80 16.67
C TYR A 386 12.04 30.48 16.01
N GLU A 387 10.86 30.32 16.61
CA GLU A 387 9.64 30.96 16.14
C GLU A 387 9.51 32.32 16.82
N VAL A 388 9.71 33.39 16.06
CA VAL A 388 9.58 34.74 16.60
C VAL A 388 8.10 35.06 16.76
N THR A 389 7.69 35.35 17.98
CA THR A 389 6.35 35.65 18.43
C THR A 389 6.12 37.15 18.49
N PRO A 390 4.88 37.63 18.32
CA PRO A 390 4.61 39.06 18.46
C PRO A 390 4.49 39.53 19.90
N TYR A 391 4.64 38.64 20.87
CA TYR A 391 4.39 39.00 22.27
C TYR A 391 5.49 39.87 22.83
N PHE A 392 6.75 39.53 22.58
CA PHE A 392 7.85 40.12 23.30
C PHE A 392 8.55 41.17 22.46
N ASP A 393 9.68 41.67 22.96
CA ASP A 393 10.46 42.67 22.26
C ASP A 393 11.04 42.10 20.98
N SER A 394 11.21 42.98 19.99
CA SER A 394 11.65 42.59 18.66
C SER A 394 13.14 42.28 18.60
N LEU A 395 13.88 42.47 19.69
CA LEU A 395 15.33 42.30 19.69
C LEU A 395 15.72 40.86 19.41
N LEU A 396 16.68 40.67 18.49
CA LEU A 396 17.23 39.36 18.19
C LEU A 396 18.58 39.16 18.88
N VAL A 397 19.52 40.07 18.66
CA VAL A 397 20.87 39.93 19.21
C VAL A 397 21.47 41.32 19.34
N LYS A 398 22.04 41.60 20.52
CA LYS A 398 22.89 42.75 20.71
C LYS A 398 24.30 42.39 20.28
N VAL A 399 24.93 43.25 19.49
CA VAL A 399 26.31 43.05 19.10
C VAL A 399 27.08 44.34 19.37
N CYS A 400 28.23 44.21 20.01
CA CYS A 400 29.08 45.36 20.31
C CYS A 400 30.45 45.15 19.69
N THR A 401 30.94 46.19 19.02
CA THR A 401 32.30 46.19 18.47
C THR A 401 33.10 47.24 19.22
N PHE A 402 34.31 46.86 19.64
CA PHE A 402 35.18 47.75 20.38
C PHE A 402 36.57 47.71 19.79
N ALA A 403 37.26 48.85 19.83
CA ALA A 403 38.61 48.96 19.30
C ALA A 403 39.28 50.16 19.95
N ASN A 404 40.59 50.29 19.69
CA ASN A 404 41.34 51.45 20.18
C ASN A 404 40.85 52.73 19.52
N GLU A 405 40.58 52.69 18.22
CA GLU A 405 40.11 53.83 17.46
C GLU A 405 38.63 53.66 17.12
N PHE A 406 37.94 54.79 16.96
CA PHE A 406 36.54 54.74 16.57
C PHE A 406 36.35 54.28 15.14
N SER A 407 37.30 54.62 14.25
CA SER A 407 37.20 54.17 12.87
C SER A 407 37.32 52.66 12.77
N ASP A 408 38.20 52.05 13.56
CA ASP A 408 38.31 50.60 13.56
C ASP A 408 37.05 49.95 14.13
N SER A 409 36.42 50.59 15.12
CA SER A 409 35.15 50.10 15.63
C SER A 409 34.06 50.16 14.56
N VAL A 410 34.03 51.24 13.78
CA VAL A 410 33.07 51.36 12.69
C VAL A 410 33.29 50.29 11.64
N ARG A 411 34.56 50.05 11.28
CA ARG A 411 34.88 49.03 10.28
C ARG A 411 34.52 47.63 10.78
N LYS A 412 34.81 47.35 12.05
CA LYS A 412 34.44 46.05 12.62
C LYS A 412 32.93 45.88 12.67
N MET A 413 32.19 46.95 12.97
CA MET A 413 30.74 46.85 13.01
C MET A 413 30.15 46.63 11.61
N ASP A 414 30.76 47.27 10.59
CA ASP A 414 30.33 47.03 9.22
C ASP A 414 30.59 45.59 8.81
N ARG A 415 31.78 45.06 9.15
CA ARG A 415 32.10 43.66 8.89
C ARG A 415 31.11 42.74 9.59
N VAL A 416 30.74 43.07 10.84
CA VAL A 416 29.81 42.24 11.60
C VAL A 416 28.43 42.25 10.98
N LEU A 417 27.94 43.43 10.59
CA LEU A 417 26.60 43.53 10.02
C LEU A 417 26.53 42.82 8.67
N HIS A 418 27.64 42.79 7.94
CA HIS A 418 27.63 42.01 6.69
C HIS A 418 27.80 40.52 6.96
N GLU A 419 28.52 40.15 8.02
CA GLU A 419 28.73 38.75 8.33
C GLU A 419 27.50 38.11 8.96
N PHE A 420 26.68 38.91 9.64
CA PHE A 420 25.45 38.40 10.25
C PHE A 420 24.51 37.88 9.18
N ARG A 421 23.94 36.72 9.42
CA ARG A 421 22.97 36.12 8.49
C ARG A 421 21.78 35.61 9.29
N ILE A 422 20.68 36.33 9.20
CA ILE A 422 19.42 35.92 9.81
C ILE A 422 18.39 35.87 8.68
N ARG A 423 17.85 34.68 8.41
CA ARG A 423 16.88 34.48 7.36
C ARG A 423 15.61 33.88 7.92
N GLY A 424 14.49 34.22 7.31
CA GLY A 424 13.20 33.75 7.78
C GLY A 424 12.36 34.89 8.33
N VAL A 425 13.02 35.85 8.95
CA VAL A 425 12.38 37.07 9.43
C VAL A 425 13.19 38.25 8.92
N LYS A 426 12.50 39.35 8.64
CA LYS A 426 13.18 40.57 8.25
C LYS A 426 13.87 41.20 9.46
N THR A 427 14.98 41.87 9.21
CA THR A 427 15.77 42.51 10.25
C THR A 427 16.03 43.96 9.88
N ASN A 428 16.51 44.72 10.87
CA ASN A 428 16.92 46.11 10.67
C ASN A 428 18.38 46.22 10.26
N ILE A 429 18.99 45.12 9.83
CA ILE A 429 20.41 45.15 9.44
C ILE A 429 20.71 46.10 8.29
N PRO A 430 19.94 46.15 7.18
CA PRO A 430 20.26 47.15 6.15
C PRO A 430 20.19 48.60 6.62
N PHE A 431 19.24 48.91 7.50
CA PHE A 431 19.19 50.25 8.08
C PHE A 431 20.42 50.53 8.92
N LEU A 432 20.87 49.55 9.71
CA LEU A 432 22.07 49.73 10.51
C LEU A 432 23.31 49.90 9.63
N ILE A 433 23.36 49.19 8.51
CA ILE A 433 24.46 49.33 7.57
C ILE A 433 24.48 50.75 6.99
N ASN A 434 23.30 51.26 6.63
CA ASN A 434 23.20 52.63 6.12
C ASN A 434 23.64 53.66 7.16
N VAL A 435 23.24 53.46 8.42
CA VAL A 435 23.62 54.40 9.47
C VAL A 435 25.12 54.34 9.74
N ILE A 436 25.70 53.14 9.75
CA ILE A 436 27.14 52.98 9.97
C ILE A 436 27.93 53.63 8.85
N ALA A 437 27.47 53.47 7.61
CA ALA A 437 28.19 54.05 6.48
C ALA A 437 28.11 55.57 6.40
N ASN A 438 27.22 56.20 7.16
CA ASN A 438 27.04 57.64 7.07
C ASN A 438 28.20 58.38 7.72
N GLU A 439 28.57 59.51 7.11
CA GLU A 439 29.71 60.29 7.58
C GLU A 439 29.44 61.07 8.85
N ASN A 440 28.17 61.38 9.15
CA ASN A 440 27.86 62.04 10.42
C ASN A 440 28.10 61.12 11.60
N PHE A 441 27.64 59.87 11.48
CA PHE A 441 27.90 58.89 12.52
C PHE A 441 29.39 58.57 12.63
N THR A 442 30.08 58.50 11.48
CA THR A 442 31.51 58.20 11.50
C THR A 442 32.30 59.31 12.18
N SER A 443 31.94 60.56 11.90
CA SER A 443 32.56 61.68 12.61
C SER A 443 32.12 61.75 14.07
N GLY A 444 30.99 61.14 14.41
CA GLY A 444 30.51 61.17 15.77
C GLY A 444 29.71 62.38 16.14
N GLN A 445 29.45 63.29 15.20
CA GLN A 445 28.66 64.48 15.43
C GLN A 445 27.18 64.27 15.17
N ALA A 446 26.71 63.03 15.25
CA ALA A 446 25.30 62.75 15.02
C ALA A 446 24.46 63.31 16.16
N THR A 447 23.29 63.82 15.81
CA THR A 447 22.34 64.36 16.76
C THR A 447 21.11 63.46 16.81
N THR A 448 20.14 63.85 17.63
CA THR A 448 18.90 63.08 17.74
C THR A 448 17.99 63.27 16.56
N THR A 449 18.26 64.23 15.69
CA THR A 449 17.47 64.47 14.49
C THR A 449 18.17 63.98 13.22
N PHE A 450 19.31 63.29 13.37
CA PHE A 450 20.10 62.89 12.21
C PHE A 450 19.37 61.84 11.37
N ILE A 451 18.64 60.94 12.01
CA ILE A 451 17.88 59.93 11.28
C ILE A 451 16.73 60.58 10.51
N ASP A 452 16.09 61.58 11.11
CA ASP A 452 14.91 62.18 10.50
C ASP A 452 15.26 63.03 9.27
N ASN A 453 16.44 63.66 9.26
CA ASN A 453 16.82 64.57 8.19
C ASN A 453 17.81 63.95 7.21
N THR A 454 17.87 62.62 7.16
CA THR A 454 18.73 61.92 6.20
C THR A 454 17.90 60.85 5.51
N PRO A 455 17.16 61.20 4.45
CA PRO A 455 16.36 60.20 3.74
C PRO A 455 17.18 59.15 3.01
N SER A 456 18.48 59.40 2.78
CA SER A 456 19.32 58.42 2.09
C SER A 456 19.60 57.20 2.96
N LEU A 457 19.32 57.26 4.27
CA LEU A 457 19.45 56.09 5.12
C LEU A 457 18.40 55.04 4.81
N PHE A 458 17.32 55.41 4.14
CA PHE A 458 16.21 54.50 3.86
C PHE A 458 16.26 53.95 2.44
N ASN A 459 17.38 54.12 1.74
CA ASN A 459 17.61 53.47 0.46
C ASN A 459 18.40 52.19 0.71
N PHE A 460 17.82 51.06 0.32
CA PHE A 460 18.42 49.77 0.59
C PHE A 460 18.69 49.04 -0.72
N PRO A 461 19.91 48.55 -0.93
CA PRO A 461 20.19 47.76 -2.13
C PRO A 461 19.44 46.43 -2.11
N ARG A 462 19.14 45.94 -3.30
CA ARG A 462 18.48 44.64 -3.43
C ARG A 462 19.48 43.53 -3.11
N LEU A 463 19.08 42.63 -2.22
CA LEU A 463 19.88 41.48 -1.86
C LEU A 463 19.44 40.29 -2.69
N ARG A 464 20.41 39.54 -3.22
CA ARG A 464 20.07 38.45 -4.13
C ARG A 464 19.42 37.29 -3.40
N ASP A 465 19.99 36.88 -2.26
CA ASP A 465 19.47 35.77 -1.43
C ASP A 465 19.29 34.50 -2.24
N ARG A 466 20.35 34.09 -2.92
CA ARG A 466 20.23 33.05 -3.93
C ARG A 466 20.09 31.67 -3.32
N GLY A 467 20.61 31.48 -2.10
CA GLY A 467 20.43 30.19 -1.44
C GLY A 467 18.99 29.91 -1.09
N THR A 468 18.29 30.92 -0.55
CA THR A 468 16.89 30.78 -0.20
C THR A 468 16.03 30.53 -1.44
N LYS A 469 16.27 31.28 -2.51
CA LYS A 469 15.50 31.12 -3.74
C LYS A 469 15.74 29.75 -4.37
N THR A 470 17.00 29.30 -4.39
CA THR A 470 17.32 27.99 -4.97
C THR A 470 16.67 26.87 -4.17
N LEU A 471 16.72 26.96 -2.83
CA LEU A 471 16.08 25.95 -2.00
C LEU A 471 14.57 25.96 -2.19
N HIS A 472 13.98 27.15 -2.35
CA HIS A 472 12.55 27.27 -2.59
C HIS A 472 12.14 26.64 -3.92
N TYR A 473 12.92 26.86 -4.98
CA TYR A 473 12.61 26.24 -6.27
C TYR A 473 12.79 24.74 -6.22
N LEU A 474 13.86 24.27 -5.56
CA LEU A 474 14.08 22.83 -5.44
C LEU A 474 12.95 22.16 -4.66
N SER A 475 12.47 22.83 -3.61
CA SER A 475 11.34 22.32 -2.84
C SER A 475 10.08 22.26 -3.69
N MET A 476 9.82 23.31 -4.46
CA MET A 476 8.61 23.36 -5.28
C MET A 476 8.62 22.25 -6.34
N ILE A 477 9.75 22.06 -7.02
CA ILE A 477 9.79 21.00 -8.03
C ILE A 477 9.78 19.62 -7.39
N THR A 478 10.44 19.46 -6.24
CA THR A 478 10.50 18.15 -5.58
C THR A 478 9.13 17.70 -5.09
N VAL A 479 8.35 18.61 -4.51
CA VAL A 479 7.08 18.15 -3.94
C VAL A 479 5.91 18.33 -4.88
N ASN A 480 5.98 19.23 -5.86
CA ASN A 480 4.84 19.51 -6.71
C ASN A 480 5.07 19.16 -8.17
N GLY A 481 6.31 18.88 -8.57
CA GLY A 481 6.59 18.52 -9.94
C GLY A 481 6.73 19.74 -10.84
N PHE A 482 7.37 19.52 -11.97
CA PHE A 482 7.47 20.56 -12.98
C PHE A 482 6.10 20.74 -13.65
N PRO A 483 5.71 21.98 -13.94
CA PRO A 483 4.43 22.20 -14.62
C PRO A 483 4.44 21.66 -16.04
N GLY A 484 3.35 20.97 -16.39
CA GLY A 484 3.16 20.50 -17.74
C GLY A 484 3.74 19.14 -18.06
N ILE A 485 4.51 18.54 -17.15
CA ILE A 485 5.05 17.20 -17.38
C ILE A 485 4.67 16.32 -16.20
N GLU A 486 4.75 15.01 -16.43
CA GLU A 486 4.38 14.04 -15.41
C GLU A 486 5.43 14.00 -14.31
N ASN A 487 4.98 14.00 -13.06
CA ASN A 487 5.86 14.05 -11.89
C ASN A 487 6.53 12.70 -11.72
N THR A 488 7.59 12.48 -12.48
CA THR A 488 8.37 11.25 -12.40
C THR A 488 9.58 11.46 -11.50
N GLU A 489 10.14 10.34 -11.03
CA GLU A 489 11.33 10.38 -10.20
C GLU A 489 12.56 10.69 -11.06
N LYS A 490 13.50 11.44 -10.49
CA LYS A 490 14.69 11.85 -11.22
C LYS A 490 15.60 10.66 -11.45
N ARG A 491 15.87 10.35 -12.72
CA ARG A 491 16.83 9.33 -13.06
C ARG A 491 18.25 9.84 -12.85
N HIS A 492 19.16 8.92 -12.54
CA HIS A 492 20.56 9.27 -12.45
C HIS A 492 21.14 9.33 -13.85
N PHE A 493 21.88 10.40 -14.14
CA PHE A 493 22.50 10.59 -15.44
C PHE A 493 24.01 10.71 -15.28
N GLU A 494 24.74 10.06 -16.18
CA GLU A 494 26.16 10.30 -16.25
C GLU A 494 26.44 11.69 -16.82
N GLU A 495 27.65 12.17 -16.58
CA GLU A 495 28.06 13.43 -17.18
C GLU A 495 28.12 13.27 -18.69
N PRO A 496 27.68 14.28 -19.45
CA PRO A 496 27.73 14.17 -20.92
C PRO A 496 29.16 14.09 -21.42
N ARG A 497 29.34 13.33 -22.49
CA ARG A 497 30.68 13.10 -23.03
C ARG A 497 31.23 14.39 -23.62
N GLN A 498 32.42 14.74 -23.21
CA GLN A 498 33.09 15.94 -23.69
C GLN A 498 33.89 15.61 -24.95
N PRO A 499 33.79 16.43 -25.99
CA PRO A 499 34.45 16.10 -27.25
C PRO A 499 35.97 16.14 -27.16
N LEU A 500 36.60 15.28 -27.95
CA LEU A 500 38.04 15.30 -28.16
C LEU A 500 38.27 15.92 -29.54
N LEU A 501 38.54 17.21 -29.57
CA LEU A 501 38.59 17.98 -30.80
C LEU A 501 40.03 18.08 -31.31
N ASN A 502 40.15 18.19 -32.63
CA ASN A 502 41.41 18.49 -33.29
C ASN A 502 41.27 19.91 -33.84
N LEU A 503 41.76 20.87 -33.07
CA LEU A 503 41.54 22.28 -33.37
C LEU A 503 42.44 22.75 -34.49
N GLU A 504 41.84 23.38 -35.50
CA GLU A 504 42.58 24.01 -36.59
C GLU A 504 42.12 25.46 -36.67
N LYS A 505 43.02 26.39 -36.35
CA LYS A 505 42.66 27.80 -36.35
C LYS A 505 42.53 28.33 -37.77
N LYS A 506 41.42 29.02 -38.03
CA LYS A 506 41.20 29.63 -39.33
C LYS A 506 40.27 30.82 -39.15
N LYS A 507 40.32 31.72 -40.12
CA LYS A 507 39.50 32.92 -40.07
C LYS A 507 38.07 32.59 -40.47
N THR A 508 37.13 32.95 -39.60
CA THR A 508 35.73 32.64 -39.82
C THR A 508 35.01 33.84 -40.43
N ALA A 509 33.73 33.63 -40.76
CA ALA A 509 32.92 34.72 -41.30
C ALA A 509 32.62 35.78 -40.24
N LYS A 510 32.59 35.38 -38.97
CA LYS A 510 32.46 36.35 -37.90
C LYS A 510 33.65 37.29 -37.85
N ASN A 511 34.86 36.76 -38.08
CA ASN A 511 36.05 37.60 -38.11
C ASN A 511 36.01 38.59 -39.27
N ILE A 512 35.51 38.14 -40.43
CA ILE A 512 35.38 39.03 -41.58
C ILE A 512 34.34 40.11 -41.30
N LEU A 513 33.25 39.75 -40.62
CA LEU A 513 32.25 40.75 -40.25
C LEU A 513 32.78 41.72 -39.20
N ASP A 514 33.68 41.27 -38.33
CA ASP A 514 34.26 42.15 -37.33
C ASP A 514 35.24 43.14 -37.97
N GLU A 515 36.23 42.63 -38.69
CA GLU A 515 37.23 43.46 -39.33
C GLU A 515 36.63 44.27 -40.49
N GLN A 516 36.16 43.58 -41.51
CA GLN A 516 35.58 44.23 -42.69
C GLN A 516 34.07 44.28 -42.55
N GLY A 517 33.37 44.66 -43.63
CA GLY A 517 31.93 44.82 -43.58
C GLY A 517 31.17 43.55 -43.87
N ALA A 518 29.85 43.71 -43.98
CA ALA A 518 28.99 42.59 -44.37
C ALA A 518 29.16 42.24 -45.83
N ASP A 519 29.51 43.23 -46.67
CA ASP A 519 29.76 42.97 -48.08
C ASP A 519 30.96 42.07 -48.27
N ALA A 520 31.97 42.20 -47.41
CA ALA A 520 33.10 41.28 -47.46
C ALA A 520 32.70 39.88 -47.04
N VAL A 521 31.74 39.75 -46.13
CA VAL A 521 31.20 38.44 -45.78
C VAL A 521 30.50 37.83 -46.99
N VAL A 522 29.74 38.65 -47.72
CA VAL A 522 29.06 38.18 -48.92
C VAL A 522 30.07 37.73 -49.98
N ASP A 523 31.15 38.50 -50.14
CA ASP A 523 32.20 38.11 -51.07
C ASP A 523 32.90 36.83 -50.64
N TYR A 524 33.08 36.65 -49.33
CA TYR A 524 33.64 35.41 -48.81
C TYR A 524 32.74 34.22 -49.11
N VAL A 525 31.42 34.40 -48.97
CA VAL A 525 30.48 33.35 -49.31
C VAL A 525 30.48 33.10 -50.82
N LYS A 526 30.51 34.18 -51.61
CA LYS A 526 30.48 34.04 -53.06
C LYS A 526 31.74 33.38 -53.61
N ASN A 527 32.88 33.60 -52.97
CA ASN A 527 34.14 33.03 -53.44
C ASN A 527 34.44 31.67 -52.83
N THR A 528 33.54 31.14 -52.00
CA THR A 528 33.72 29.82 -51.42
C THR A 528 33.12 28.78 -52.36
N LYS A 529 33.95 27.83 -52.80
CA LYS A 529 33.48 26.79 -53.69
C LYS A 529 32.66 25.73 -52.95
N GLU A 530 33.04 25.44 -51.71
CA GLU A 530 32.29 24.49 -50.90
C GLU A 530 30.95 25.09 -50.51
N VAL A 531 30.03 24.21 -50.15
CA VAL A 531 28.76 24.67 -49.58
C VAL A 531 28.96 24.92 -48.09
N LEU A 532 28.45 26.05 -47.62
CA LEU A 532 28.61 26.43 -46.23
C LEU A 532 27.46 25.88 -45.39
N LEU A 533 27.72 25.69 -44.10
CA LEU A 533 26.76 25.10 -43.20
C LEU A 533 26.37 26.08 -42.10
N THR A 534 25.08 26.15 -41.80
CA THR A 534 24.57 26.89 -40.66
C THR A 534 24.00 25.89 -39.66
N ASP A 535 24.53 25.90 -38.44
CA ASP A 535 24.11 24.97 -37.41
C ASP A 535 22.83 25.47 -36.76
N THR A 536 21.75 24.70 -36.90
CA THR A 536 20.46 25.03 -36.31
C THR A 536 20.21 24.26 -35.03
N THR A 537 21.25 23.69 -34.43
CA THR A 537 21.09 22.91 -33.20
C THR A 537 20.57 23.77 -32.06
N LEU A 538 21.08 24.99 -31.94
CA LEU A 538 20.76 25.83 -30.80
C LEU A 538 19.38 26.47 -30.90
N ARG A 539 18.78 26.54 -32.09
CA ARG A 539 17.42 27.06 -32.20
C ARG A 539 16.45 26.03 -32.78
N ASP A 540 16.62 25.65 -34.03
CA ASP A 540 15.52 25.02 -34.77
C ASP A 540 15.44 23.52 -34.53
N ALA A 541 16.59 22.87 -34.29
CA ALA A 541 16.60 21.44 -34.04
C ALA A 541 15.84 21.09 -32.77
N HIS A 542 16.04 21.87 -31.71
CA HIS A 542 15.29 21.62 -30.48
C HIS A 542 13.95 22.32 -30.44
N GLN A 543 13.72 23.33 -31.30
CA GLN A 543 12.36 23.82 -31.48
C GLN A 543 11.47 22.76 -32.11
N SER A 544 11.99 22.05 -33.11
CA SER A 544 11.20 21.03 -33.78
C SER A 544 11.04 19.77 -32.94
N LEU A 545 12.09 19.34 -32.27
CA LEU A 545 12.09 18.04 -31.58
C LEU A 545 11.74 18.14 -30.11
N LEU A 546 12.33 19.09 -29.39
CA LEU A 546 12.23 19.15 -27.94
C LEU A 546 11.26 20.23 -27.47
N ALA A 547 10.39 20.72 -28.35
CA ALA A 547 9.43 21.79 -28.06
C ALA A 547 10.13 23.04 -27.52
N THR A 548 11.29 23.35 -28.10
CA THR A 548 12.09 24.54 -27.83
C THR A 548 12.61 24.59 -26.38
N ARG A 549 12.56 23.47 -25.66
CA ARG A 549 12.83 23.48 -24.23
C ARG A 549 14.30 23.39 -23.87
N LEU A 550 15.20 23.34 -24.86
CA LEU A 550 16.62 23.19 -24.57
C LEU A 550 17.15 24.43 -23.86
N ARG A 551 17.82 24.21 -22.74
CA ARG A 551 18.22 25.29 -21.85
C ARG A 551 19.64 25.76 -22.13
N LEU A 552 19.95 26.95 -21.64
CA LEU A 552 21.28 27.53 -21.80
C LEU A 552 22.33 26.73 -21.05
N GLN A 553 21.95 26.05 -19.97
CA GLN A 553 22.91 25.30 -19.18
C GLN A 553 23.48 24.13 -19.97
N ASP A 554 22.65 23.48 -20.79
CA ASP A 554 23.17 22.45 -21.68
C ASP A 554 23.91 23.06 -22.87
N MET A 555 23.49 24.25 -23.30
CA MET A 555 24.16 24.92 -24.42
C MET A 555 25.59 25.29 -24.08
N LYS A 556 25.82 25.80 -22.87
CA LYS A 556 27.10 26.38 -22.50
C LYS A 556 28.16 25.33 -22.23
N GLY A 557 27.79 24.08 -22.00
CA GLY A 557 28.79 23.05 -21.87
C GLY A 557 29.46 22.66 -23.18
N ILE A 558 28.91 23.10 -24.31
CA ILE A 558 29.40 22.72 -25.63
C ILE A 558 29.56 23.92 -26.56
N ALA A 559 29.16 25.12 -26.13
CA ALA A 559 29.25 26.28 -27.02
C ALA A 559 30.69 26.58 -27.44
N GLN A 560 31.63 26.53 -26.49
CA GLN A 560 33.02 26.77 -26.82
C GLN A 560 33.60 25.67 -27.70
N ALA A 561 33.12 24.44 -27.53
CA ALA A 561 33.57 23.35 -28.38
C ALA A 561 33.03 23.48 -29.80
N ILE A 562 31.81 24.00 -29.95
CA ILE A 562 31.29 24.26 -31.29
C ILE A 562 32.06 25.41 -31.92
N ASP A 563 32.39 26.44 -31.14
CA ASP A 563 33.12 27.59 -31.66
C ASP A 563 34.51 27.21 -32.13
N GLN A 564 35.25 26.44 -31.33
CA GLN A 564 36.62 26.09 -31.67
C GLN A 564 36.71 24.90 -32.62
N GLY A 565 35.92 23.86 -32.39
CA GLY A 565 36.00 22.66 -33.19
C GLY A 565 35.33 22.75 -34.54
N LEU A 566 34.41 23.69 -34.73
CA LEU A 566 33.74 23.87 -36.02
C LEU A 566 33.86 25.33 -36.46
N PRO A 567 35.07 25.78 -36.83
CA PRO A 567 35.21 27.15 -37.30
C PRO A 567 34.72 27.36 -38.72
N GLU A 568 34.51 26.29 -39.48
CA GLU A 568 34.06 26.39 -40.86
C GLU A 568 32.59 26.72 -40.99
N LEU A 569 31.84 26.72 -39.89
CA LEU A 569 30.42 27.06 -39.92
C LEU A 569 30.25 28.50 -40.36
N PHE A 570 29.30 28.73 -41.27
CA PHE A 570 28.96 30.09 -41.68
C PHE A 570 28.35 30.85 -40.51
N SER A 571 27.37 30.25 -39.84
CA SER A 571 26.73 30.88 -38.70
C SER A 571 26.09 29.79 -37.86
N ALA A 572 25.68 30.19 -36.64
CA ALA A 572 24.94 29.31 -35.76
C ALA A 572 23.61 29.96 -35.42
N GLU A 573 22.52 29.30 -35.80
CA GLU A 573 21.19 29.81 -35.48
C GLU A 573 20.91 29.49 -34.02
N MET A 574 20.90 30.51 -33.17
CA MET A 574 20.79 30.34 -31.73
C MET A 574 19.73 31.22 -31.10
N TRP A 575 19.01 32.01 -31.90
CA TRP A 575 18.04 32.95 -31.38
C TRP A 575 16.86 33.05 -32.35
N GLY A 576 15.84 33.76 -31.91
CA GLY A 576 14.66 33.97 -32.72
C GLY A 576 13.71 32.79 -32.66
N GLY A 577 12.64 32.91 -33.45
CA GLY A 577 11.63 31.88 -33.46
C GLY A 577 10.88 31.81 -32.15
N ALA A 578 10.62 30.58 -31.70
CA ALA A 578 9.91 30.36 -30.44
C ALA A 578 10.82 30.40 -29.23
N THR A 579 12.14 30.56 -29.42
CA THR A 579 13.07 30.56 -28.28
C THR A 579 12.80 31.73 -27.35
N PHE A 580 12.50 32.91 -27.91
CA PHE A 580 12.31 34.12 -27.12
C PHE A 580 11.12 33.97 -26.17
N ASP A 581 9.99 33.48 -26.69
CA ASP A 581 8.82 33.27 -25.85
C ASP A 581 9.03 32.11 -24.89
N VAL A 582 9.60 31.01 -25.39
CA VAL A 582 9.64 29.77 -24.62
C VAL A 582 10.58 29.89 -23.44
N ALA A 583 11.73 30.56 -23.62
CA ALA A 583 12.67 30.75 -22.52
C ALA A 583 12.02 31.49 -21.35
N TYR A 584 11.42 32.64 -21.63
CA TYR A 584 10.73 33.44 -20.63
C TYR A 584 9.59 32.67 -19.98
N ARG A 585 8.77 31.98 -20.79
CA ARG A 585 7.55 31.38 -20.27
C ARG A 585 7.83 30.09 -19.50
N PHE A 586 8.43 29.11 -20.17
CA PHE A 586 8.60 27.79 -19.60
C PHE A 586 9.97 27.55 -19.00
N LEU A 587 11.03 28.18 -19.52
CA LEU A 587 12.34 27.90 -18.97
C LEU A 587 12.74 28.87 -17.87
N ASN A 588 12.01 29.98 -17.73
CA ASN A 588 12.26 31.01 -16.73
C ASN A 588 13.69 31.53 -16.81
N GLU A 589 14.18 31.71 -18.03
CA GLU A 589 15.46 32.35 -18.28
C GLU A 589 15.29 33.38 -19.37
N SER A 590 16.11 34.41 -19.31
CA SER A 590 16.01 35.47 -20.29
C SER A 590 16.73 35.07 -21.57
N PRO A 591 16.10 35.22 -22.73
CA PRO A 591 16.83 35.01 -23.99
C PRO A 591 17.99 35.96 -24.19
N TRP A 592 17.92 37.17 -23.62
CA TRP A 592 19.05 38.09 -23.67
C TRP A 592 20.23 37.56 -22.88
N TYR A 593 19.97 36.98 -21.70
CA TYR A 593 21.03 36.39 -20.91
C TYR A 593 21.67 35.21 -21.63
N ARG A 594 20.85 34.38 -22.29
CA ARG A 594 21.37 33.29 -23.11
C ARG A 594 22.24 33.81 -24.24
N LEU A 595 21.79 34.89 -24.90
CA LEU A 595 22.56 35.48 -25.99
C LEU A 595 23.90 36.03 -25.49
N ARG A 596 23.91 36.68 -24.33
CA ARG A 596 25.15 37.21 -23.79
C ARG A 596 26.13 36.11 -23.41
N LYS A 597 25.64 35.07 -22.73
CA LYS A 597 26.52 33.97 -22.33
C LYS A 597 27.06 33.22 -23.54
N LEU A 598 26.22 32.95 -24.54
CA LEU A 598 26.68 32.28 -25.75
C LEU A 598 27.63 33.15 -26.56
N ARG A 599 27.40 34.47 -26.59
CA ARG A 599 28.30 35.37 -27.29
C ARG A 599 29.67 35.39 -26.64
N LYS A 600 29.72 35.39 -25.31
CA LYS A 600 31.01 35.28 -24.63
C LYS A 600 31.67 33.94 -24.91
N LEU A 601 30.89 32.87 -24.95
CA LEU A 601 31.47 31.54 -25.16
C LEU A 601 31.80 31.26 -26.62
N MET A 602 31.24 32.00 -27.57
CA MET A 602 31.41 31.75 -29.00
C MET A 602 31.85 33.04 -29.67
N PRO A 603 33.10 33.46 -29.49
CA PRO A 603 33.52 34.76 -30.06
C PRO A 603 33.70 34.73 -31.57
N ASN A 604 34.15 33.61 -32.13
CA ASN A 604 34.43 33.52 -33.56
C ASN A 604 33.30 32.87 -34.34
N THR A 605 32.15 32.66 -33.71
CA THR A 605 31.02 32.01 -34.37
C THR A 605 29.95 33.07 -34.64
N MET A 606 29.57 33.19 -35.91
CA MET A 606 28.60 34.19 -36.30
C MET A 606 27.20 33.76 -35.85
N PHE A 607 26.46 34.69 -35.26
CA PHE A 607 25.18 34.39 -34.62
C PHE A 607 24.03 34.77 -35.54
N GLN A 608 23.07 33.88 -35.66
CA GLN A 608 21.91 34.07 -36.53
C GLN A 608 20.62 33.94 -35.74
N MET A 609 19.68 34.83 -35.99
CA MET A 609 18.36 34.77 -35.38
C MET A 609 17.29 34.70 -36.47
N LEU A 610 16.14 34.16 -36.10
CA LEU A 610 14.98 34.14 -36.98
C LEU A 610 14.10 35.33 -36.64
N PHE A 611 13.95 36.23 -37.60
CA PHE A 611 13.23 37.48 -37.44
C PHE A 611 11.97 37.45 -38.30
N ARG A 612 10.82 37.69 -37.68
CA ARG A 612 9.55 37.62 -38.41
C ARG A 612 9.12 38.95 -39.01
N GLY A 613 10.09 39.83 -39.31
CA GLY A 613 9.76 41.06 -40.01
C GLY A 613 9.06 42.05 -39.12
N SER A 614 7.78 42.30 -39.42
CA SER A 614 7.02 43.26 -38.65
C SER A 614 6.63 42.72 -37.28
N ASN A 615 6.66 41.39 -37.12
CA ASN A 615 6.30 40.80 -35.85
C ASN A 615 7.50 40.65 -34.92
N ALA A 616 8.72 40.72 -35.46
CA ALA A 616 9.99 40.54 -34.74
C ALA A 616 9.97 39.15 -34.10
N VAL A 617 9.97 39.03 -32.77
CA VAL A 617 9.84 37.73 -32.14
C VAL A 617 8.45 37.49 -31.58
N GLY A 618 7.53 38.44 -31.73
CA GLY A 618 6.17 38.26 -31.26
C GLY A 618 5.30 37.56 -32.28
N TYR A 619 4.03 37.41 -31.91
CA TYR A 619 3.03 36.82 -32.80
C TYR A 619 2.09 37.86 -33.38
N GLN A 620 2.37 39.14 -33.15
CA GLN A 620 1.50 40.23 -33.59
C GLN A 620 2.35 41.33 -34.21
N ASN A 621 1.68 42.25 -34.87
CA ASN A 621 2.37 43.38 -35.49
C ASN A 621 2.74 44.42 -34.44
N TYR A 622 3.91 45.03 -34.61
CA TYR A 622 4.41 46.09 -33.74
C TYR A 622 4.72 47.33 -34.56
N PRO A 623 4.73 48.50 -33.94
CA PRO A 623 5.13 49.73 -34.67
C PRO A 623 6.58 49.67 -35.10
N ASP A 624 6.92 50.53 -36.07
CA ASP A 624 8.20 50.44 -36.76
C ASP A 624 9.38 50.73 -35.84
N ASN A 625 9.24 51.72 -34.95
CA ASN A 625 10.35 52.08 -34.08
C ASN A 625 10.65 50.97 -33.07
N VAL A 626 9.64 50.20 -32.67
CA VAL A 626 9.87 49.04 -31.81
C VAL A 626 10.71 48.00 -32.53
N ILE A 627 10.40 47.75 -33.80
CA ILE A 627 11.18 46.80 -34.60
C ILE A 627 12.61 47.27 -34.77
N GLU A 628 12.80 48.56 -35.04
CA GLU A 628 14.16 49.10 -35.20
C GLU A 628 14.93 49.03 -33.89
N GLU A 629 14.26 49.28 -32.77
CA GLU A 629 14.93 49.22 -31.47
C GLU A 629 15.31 47.78 -31.12
N PHE A 630 14.44 46.81 -31.40
CA PHE A 630 14.78 45.42 -31.20
C PHE A 630 15.97 45.03 -32.06
N ILE A 631 15.99 45.47 -33.31
CA ILE A 631 17.09 45.14 -34.21
C ILE A 631 18.40 45.75 -33.71
N ARG A 632 18.34 47.00 -33.25
CA ARG A 632 19.54 47.67 -32.74
C ARG A 632 20.09 46.97 -31.50
N VAL A 633 19.21 46.63 -30.56
CA VAL A 633 19.67 46.02 -29.32
C VAL A 633 20.15 44.58 -29.57
N ALA A 634 19.45 43.84 -30.44
CA ALA A 634 19.89 42.48 -30.77
C ALA A 634 21.23 42.49 -31.49
N ALA A 635 21.44 43.45 -32.40
CA ALA A 635 22.72 43.54 -33.10
C ALA A 635 23.83 43.97 -32.15
N HIS A 636 23.53 44.86 -31.20
CA HIS A 636 24.53 45.30 -30.24
C HIS A 636 24.89 44.19 -29.27
N GLU A 637 23.92 43.37 -28.87
CA GLU A 637 24.18 42.30 -27.92
C GLU A 637 24.78 41.05 -28.57
N GLY A 638 24.86 41.01 -29.90
CA GLY A 638 25.64 39.96 -30.52
C GLY A 638 25.03 39.21 -31.68
N ILE A 639 23.81 39.55 -32.08
CA ILE A 639 23.20 38.91 -33.25
C ILE A 639 23.83 39.51 -34.50
N ASP A 640 24.40 38.66 -35.34
CA ASP A 640 25.11 39.08 -36.53
C ASP A 640 24.34 38.89 -37.82
N VAL A 641 23.55 37.81 -37.92
CA VAL A 641 22.76 37.53 -39.10
C VAL A 641 21.29 37.57 -38.72
N PHE A 642 20.52 38.33 -39.48
CA PHE A 642 19.07 38.45 -39.25
C PHE A 642 18.35 37.81 -40.43
N ARG A 643 17.78 36.64 -40.21
CA ARG A 643 16.94 36.00 -41.22
C ARG A 643 15.55 36.61 -41.11
N ILE A 644 15.24 37.54 -42.01
CA ILE A 644 14.01 38.31 -41.96
C ILE A 644 13.04 37.70 -42.96
N PHE A 645 11.94 37.14 -42.46
CA PHE A 645 10.90 36.59 -43.30
C PHE A 645 9.55 37.20 -42.94
N ASP A 646 8.57 36.94 -43.80
CA ASP A 646 7.19 37.33 -43.57
C ASP A 646 6.31 36.12 -43.78
N SER A 647 5.24 36.04 -42.99
CA SER A 647 4.35 34.89 -43.03
C SER A 647 3.62 34.76 -44.36
N LEU A 648 3.44 35.87 -45.08
CA LEU A 648 2.75 35.86 -46.37
C LEU A 648 3.66 36.30 -47.51
N ASN A 649 4.98 36.31 -47.28
CA ASN A 649 5.99 36.70 -48.28
C ASN A 649 5.74 38.10 -48.82
N TRP A 650 5.38 39.02 -47.94
CA TRP A 650 5.02 40.38 -48.30
C TRP A 650 6.23 41.29 -48.06
N LEU A 651 6.74 41.89 -49.14
CA LEU A 651 7.88 42.81 -49.03
C LEU A 651 7.67 44.03 -48.12
N PRO A 652 6.51 44.71 -48.09
CA PRO A 652 6.37 45.86 -47.17
C PRO A 652 6.60 45.51 -45.71
N GLN A 653 6.23 44.31 -45.27
CA GLN A 653 6.43 43.94 -43.88
C GLN A 653 7.85 43.45 -43.58
N MET A 654 8.73 43.41 -44.59
CA MET A 654 10.12 43.05 -44.39
C MET A 654 11.10 44.18 -44.69
N GLU A 655 10.67 45.20 -45.44
CA GLU A 655 11.59 46.22 -45.93
C GLU A 655 12.21 47.03 -44.80
N LYS A 656 11.38 47.45 -43.83
CA LYS A 656 11.89 48.26 -42.71
C LYS A 656 12.87 47.48 -41.85
N SER A 657 12.58 46.21 -41.60
CA SER A 657 13.49 45.38 -40.83
C SER A 657 14.81 45.16 -41.56
N ILE A 658 14.75 44.94 -42.88
CA ILE A 658 15.97 44.78 -43.66
C ILE A 658 16.81 46.05 -43.62
N GLN A 659 16.14 47.20 -43.73
CA GLN A 659 16.85 48.48 -43.67
C GLN A 659 17.50 48.72 -42.32
N ALA A 660 16.79 48.37 -41.24
CA ALA A 660 17.35 48.56 -39.90
C ALA A 660 18.56 47.65 -39.67
N VAL A 661 18.47 46.40 -40.14
CA VAL A 661 19.60 45.47 -40.01
C VAL A 661 20.80 45.98 -40.81
N ARG A 662 20.55 46.53 -42.00
CA ARG A 662 21.63 47.13 -42.77
C ARG A 662 22.23 48.34 -42.06
N ASP A 663 21.38 49.16 -41.43
CA ASP A 663 21.86 50.34 -40.74
C ASP A 663 22.68 49.99 -39.50
N ASN A 664 22.44 48.82 -38.92
CA ASN A 664 23.19 48.39 -37.74
C ASN A 664 24.49 47.67 -38.10
N GLY A 665 24.84 47.59 -39.38
CA GLY A 665 26.09 46.99 -39.78
C GLY A 665 26.14 45.48 -39.68
N LYS A 666 24.99 44.82 -39.82
CA LYS A 666 24.92 43.36 -39.77
C LYS A 666 24.41 42.83 -41.10
N ILE A 667 24.32 41.51 -41.20
CA ILE A 667 23.92 40.85 -42.44
C ILE A 667 22.42 40.62 -42.41
N ALA A 668 21.73 41.14 -43.42
CA ALA A 668 20.29 40.98 -43.56
C ALA A 668 20.00 39.87 -44.55
N GLU A 669 19.25 38.86 -44.10
CA GLU A 669 18.86 37.75 -44.96
C GLU A 669 17.39 37.93 -45.29
N ALA A 670 17.10 38.46 -46.48
CA ALA A 670 15.75 38.46 -46.99
C ALA A 670 15.34 37.03 -47.30
N THR A 671 14.13 36.65 -46.91
CA THR A 671 13.75 35.25 -46.89
C THR A 671 12.46 35.04 -47.68
N ILE A 672 12.49 34.05 -48.57
CA ILE A 672 11.30 33.61 -49.29
C ILE A 672 10.80 32.34 -48.63
N CYS A 673 9.55 32.36 -48.17
CA CYS A 673 8.92 31.17 -47.62
C CYS A 673 8.40 30.31 -48.77
N TYR A 674 8.97 29.11 -48.91
CA TYR A 674 8.56 28.21 -49.97
C TYR A 674 7.30 27.46 -49.58
N THR A 675 6.41 27.30 -50.56
CA THR A 675 5.19 26.53 -50.36
C THR A 675 4.74 25.99 -51.71
N GLY A 676 3.82 25.02 -51.67
CA GLY A 676 3.31 24.46 -52.90
C GLY A 676 4.32 23.56 -53.58
N ASP A 677 4.32 23.57 -54.91
CA ASP A 677 5.18 22.70 -55.70
C ASP A 677 5.42 23.39 -57.04
N ILE A 678 6.67 23.80 -57.29
CA ILE A 678 6.97 24.53 -58.52
C ILE A 678 6.92 23.61 -59.73
N LEU A 679 7.17 22.31 -59.54
CA LEU A 679 7.18 21.36 -60.65
C LEU A 679 5.82 20.72 -60.88
N ASP A 680 4.80 21.13 -60.15
CA ASP A 680 3.45 20.62 -60.34
C ASP A 680 2.60 21.67 -61.04
N PRO A 681 2.18 21.43 -62.29
CA PRO A 681 1.40 22.46 -63.01
C PRO A 681 0.00 22.64 -62.49
N SER A 682 -0.51 21.71 -61.68
CA SER A 682 -1.87 21.83 -61.13
C SER A 682 -1.99 22.89 -60.06
N ARG A 683 -0.87 23.43 -59.56
CA ARG A 683 -0.86 24.45 -58.53
C ARG A 683 -0.01 25.62 -59.03
N PRO A 684 -0.56 26.48 -59.88
CA PRO A 684 0.23 27.54 -60.49
C PRO A 684 0.35 28.81 -59.69
N LYS A 685 -0.25 28.87 -58.49
CA LYS A 685 -0.19 30.09 -57.69
C LYS A 685 1.23 30.40 -57.24
N TYR A 686 1.96 29.39 -56.77
CA TYR A 686 3.36 29.54 -56.41
C TYR A 686 4.18 28.74 -57.40
N ASN A 687 4.50 29.36 -58.52
CA ASN A 687 5.29 28.76 -59.57
C ASN A 687 6.68 29.37 -59.54
N ILE A 688 7.51 28.99 -60.53
CA ILE A 688 8.90 29.43 -60.58
C ILE A 688 8.97 30.94 -60.78
N GLN A 689 8.08 31.49 -61.61
CA GLN A 689 8.11 32.92 -61.90
C GLN A 689 7.75 33.76 -60.67
N TYR A 690 6.85 33.26 -59.82
CA TYR A 690 6.50 33.97 -58.59
C TYR A 690 7.72 34.11 -57.69
N TYR A 691 8.47 33.03 -57.52
CA TYR A 691 9.67 33.09 -56.70
C TYR A 691 10.76 33.93 -57.35
N LYS A 692 10.86 33.91 -58.68
CA LYS A 692 11.84 34.75 -59.36
C LYS A 692 11.53 36.23 -59.19
N ASP A 693 10.26 36.61 -59.33
CA ASP A 693 9.87 38.00 -59.13
C ASP A 693 10.07 38.43 -57.68
N LEU A 694 9.73 37.55 -56.73
CA LEU A 694 9.95 37.87 -55.32
C LEU A 694 11.43 38.03 -55.01
N ALA A 695 12.28 37.19 -55.62
CA ALA A 695 13.72 37.31 -55.42
C ALA A 695 14.25 38.61 -56.01
N LYS A 696 13.73 39.01 -57.18
CA LYS A 696 14.13 40.29 -57.76
C LYS A 696 13.74 41.45 -56.87
N GLU A 697 12.53 41.41 -56.31
CA GLU A 697 12.08 42.46 -55.40
C GLU A 697 12.88 42.48 -54.11
N LEU A 698 13.31 41.31 -53.63
CA LEU A 698 14.13 41.26 -52.43
C LEU A 698 15.54 41.78 -52.70
N GLU A 699 16.08 41.49 -53.89
CA GLU A 699 17.36 42.05 -54.29
C GLU A 699 17.28 43.55 -54.57
N ALA A 700 16.08 44.07 -54.82
CA ALA A 700 15.91 45.52 -54.92
C ALA A 700 16.23 46.19 -53.61
N THR A 701 15.83 45.59 -52.49
CA THR A 701 16.32 46.01 -51.19
C THR A 701 17.78 45.62 -51.04
N GLY A 702 18.45 46.23 -50.08
CA GLY A 702 19.87 46.01 -49.93
C GLY A 702 20.25 44.77 -49.14
N ALA A 703 19.38 43.77 -49.14
CA ALA A 703 19.63 42.57 -48.36
C ALA A 703 20.82 41.80 -48.91
N HIS A 704 21.67 41.32 -48.01
CA HIS A 704 22.94 40.73 -48.38
C HIS A 704 22.78 39.33 -48.96
N ILE A 705 21.92 38.51 -48.34
CA ILE A 705 21.79 37.11 -48.69
C ILE A 705 20.32 36.80 -48.92
N LEU A 706 20.01 36.14 -50.02
CA LEU A 706 18.66 35.65 -50.25
C LEU A 706 18.49 34.31 -49.54
N ALA A 707 17.43 34.18 -48.76
CA ALA A 707 17.16 32.97 -48.00
C ALA A 707 15.91 32.28 -48.55
N VAL A 708 15.96 30.96 -48.65
CA VAL A 708 14.81 30.18 -49.05
C VAL A 708 14.35 29.33 -47.87
N ASP A 710 12.00 26.72 -46.19
CA ASP A 710 11.09 25.60 -46.41
C ASP A 710 10.66 25.07 -45.06
N MET A 711 9.59 25.65 -44.51
CA MET A 711 9.25 25.42 -43.11
C MET A 711 8.66 24.04 -42.88
N ALA A 712 8.11 23.43 -43.92
CA ALA A 712 7.44 22.15 -43.79
C ALA A 712 8.18 21.03 -44.50
N GLY A 713 9.36 21.30 -45.04
CA GLY A 713 10.07 20.29 -45.81
C GLY A 713 9.37 19.96 -47.11
N LEU A 714 8.77 20.96 -47.76
CA LEU A 714 8.02 20.74 -48.99
C LEU A 714 8.88 20.72 -50.23
N LEU A 715 10.14 21.12 -50.15
CA LEU A 715 10.98 21.29 -51.32
C LEU A 715 11.51 19.92 -51.75
N LYS A 716 10.98 19.40 -52.85
CA LYS A 716 11.45 18.15 -53.42
C LYS A 716 12.81 18.38 -54.11
N PRO A 717 13.64 17.33 -54.24
CA PRO A 717 15.01 17.54 -54.75
C PRO A 717 15.09 18.07 -56.17
N GLN A 718 14.26 17.56 -57.09
CA GLN A 718 14.23 18.14 -58.43
C GLN A 718 13.72 19.57 -58.40
N ALA A 719 12.70 19.83 -57.58
CA ALA A 719 12.22 21.18 -57.36
C ALA A 719 13.30 22.05 -56.74
N ALA A 720 14.09 21.48 -55.82
CA ALA A 720 15.19 22.23 -55.22
C ALA A 720 16.21 22.64 -56.27
N TYR A 721 16.61 21.71 -57.13
CA TYR A 721 17.58 22.02 -58.18
C TYR A 721 17.03 23.08 -59.12
N ARG A 722 15.78 22.93 -59.55
CA ARG A 722 15.20 23.88 -60.49
C ARG A 722 15.06 25.27 -59.87
N LEU A 723 14.57 25.33 -58.62
CA LEU A 723 14.36 26.62 -57.97
C LEU A 723 15.68 27.33 -57.71
N ILE A 724 16.68 26.60 -57.19
CA ILE A 724 17.95 27.23 -56.89
C ILE A 724 18.66 27.67 -58.16
N SER A 725 18.55 26.87 -59.24
CA SER A 725 19.13 27.27 -60.52
C SER A 725 18.47 28.53 -61.07
N GLU A 726 17.15 28.61 -60.98
CA GLU A 726 16.44 29.78 -61.49
C GLU A 726 16.75 31.02 -60.66
N LEU A 727 16.89 30.86 -59.33
CA LEU A 727 17.26 32.00 -58.50
C LEU A 727 18.71 32.43 -58.73
N LYS A 728 19.60 31.47 -59.00
CA LYS A 728 20.98 31.81 -59.35
C LYS A 728 21.04 32.58 -60.66
N ASP A 729 20.17 32.23 -61.61
CA ASP A 729 20.12 32.98 -62.86
C ASP A 729 19.40 34.30 -62.71
N THR A 730 18.66 34.51 -61.62
CA THR A 730 17.90 35.74 -61.44
C THR A 730 18.66 36.80 -60.69
N VAL A 731 19.10 36.50 -59.46
CA VAL A 731 19.71 37.48 -58.58
C VAL A 731 21.19 37.15 -58.41
N ASP A 732 21.91 38.09 -57.83
CA ASP A 732 23.34 37.93 -57.58
C ASP A 732 23.65 37.58 -56.13
N LEU A 733 22.67 37.71 -55.23
CA LEU A 733 22.88 37.42 -53.83
C LEU A 733 23.14 35.93 -53.62
N PRO A 734 23.98 35.57 -52.65
CA PRO A 734 24.12 34.15 -52.29
C PRO A 734 22.83 33.60 -51.72
N ILE A 735 22.58 32.33 -52.00
CA ILE A 735 21.34 31.67 -51.61
C ILE A 735 21.58 30.87 -50.35
N HIS A 736 20.69 31.03 -49.38
CA HIS A 736 20.72 30.28 -48.12
C HIS A 736 19.46 29.43 -48.05
N LEU A 737 19.63 28.12 -48.12
CA LEU A 737 18.49 27.20 -48.11
C LEU A 737 18.31 26.61 -46.72
N HIS A 738 17.07 26.60 -46.24
CA HIS A 738 16.71 26.05 -44.95
C HIS A 738 15.50 25.15 -45.15
N THR A 739 15.66 23.85 -44.91
CA THR A 739 14.57 22.90 -45.07
C THR A 739 14.49 22.01 -43.84
N HIS A 740 13.38 21.29 -43.73
CA HIS A 740 13.17 20.28 -42.71
C HIS A 740 13.16 18.91 -43.37
N ASP A 741 13.50 17.88 -42.59
CA ASP A 741 13.61 16.52 -43.09
C ASP A 741 12.36 15.70 -42.80
N THR A 742 11.20 16.35 -42.77
CA THR A 742 9.96 15.69 -42.32
C THR A 742 9.58 14.55 -43.25
N SER A 743 9.74 14.73 -44.55
CA SER A 743 9.42 13.70 -45.52
C SER A 743 10.53 12.69 -45.71
N GLY A 744 11.66 12.85 -45.02
CA GLY A 744 12.79 11.99 -45.23
C GLY A 744 13.62 12.33 -46.45
N ASN A 745 13.41 13.50 -47.05
CA ASN A 745 14.09 13.89 -48.28
C ASN A 745 14.96 15.13 -48.10
N GLY A 746 15.33 15.47 -46.87
CA GLY A 746 16.09 16.69 -46.65
C GLY A 746 17.51 16.62 -47.19
N ILE A 747 18.18 15.48 -47.01
CA ILE A 747 19.56 15.32 -47.45
C ILE A 747 19.65 15.39 -48.97
N ILE A 748 18.75 14.70 -49.67
CA ILE A 748 18.80 14.69 -51.12
C ILE A 748 18.37 16.05 -51.67
N THR A 749 17.45 16.74 -51.00
CA THR A 749 17.09 18.11 -51.40
C THR A 749 18.29 19.04 -51.27
N TYR A 750 19.05 18.90 -50.18
CA TYR A 750 20.25 19.70 -50.00
C TYR A 750 21.30 19.36 -51.06
N SER A 751 21.43 18.08 -51.40
CA SER A 751 22.39 17.68 -52.43
C SER A 751 22.00 18.23 -53.79
N GLY A 752 20.70 18.22 -54.11
CA GLY A 752 20.24 18.79 -55.36
C GLY A 752 20.43 20.30 -55.42
N ALA A 753 20.24 20.97 -54.29
CA ALA A 753 20.51 22.41 -54.24
C ALA A 753 22.01 22.70 -54.34
N THR A 754 22.84 21.83 -53.78
CA THR A 754 24.29 21.95 -53.92
C THR A 754 24.71 21.78 -55.37
N GLN A 755 24.06 20.86 -56.09
CA GLN A 755 24.31 20.74 -57.53
C GLN A 755 23.90 22.00 -58.27
N ALA A 756 22.78 22.61 -57.88
CA ALA A 756 22.32 23.83 -58.52
C ALA A 756 23.11 25.07 -58.11
N GLY A 757 23.96 24.98 -57.10
CA GLY A 757 24.82 26.07 -56.71
C GLY A 757 24.38 26.85 -55.50
N VAL A 758 23.73 26.21 -54.53
CA VAL A 758 23.36 26.91 -53.30
C VAL A 758 24.62 27.19 -52.49
N ASP A 759 24.58 28.27 -51.71
CA ASP A 759 25.76 28.72 -50.97
C ASP A 759 25.80 28.21 -49.54
N ILE A 760 24.71 28.37 -48.79
CA ILE A 760 24.65 27.96 -47.39
C ILE A 760 23.40 27.11 -47.19
N ILE A 761 23.53 26.04 -46.41
CA ILE A 761 22.39 25.18 -46.09
C ILE A 761 22.31 25.00 -44.58
N ASP A 762 21.09 24.94 -44.07
CA ASP A 762 20.83 24.84 -42.63
C ASP A 762 20.84 23.38 -42.21
N VAL A 763 21.76 23.02 -41.31
CA VAL A 763 21.88 21.65 -40.83
C VAL A 763 21.83 21.65 -39.32
N ALA A 764 21.49 20.49 -38.76
CA ALA A 764 21.49 20.26 -37.33
C ALA A 764 22.51 19.18 -36.99
N THR A 765 22.89 19.10 -35.72
CA THR A 765 23.73 17.99 -35.30
C THR A 765 22.91 16.70 -35.36
N ALA A 766 23.63 15.59 -35.51
CA ALA A 766 23.00 14.32 -35.86
C ALA A 766 22.04 13.85 -34.77
N SER A 767 22.38 14.09 -33.50
CA SER A 767 21.53 13.66 -32.40
C SER A 767 20.25 14.48 -32.31
N LEU A 768 20.20 15.66 -32.92
CA LEU A 768 19.01 16.48 -32.95
C LEU A 768 18.53 16.71 -34.38
N ALA A 769 18.83 15.77 -35.27
CA ALA A 769 18.47 15.86 -36.67
C ALA A 769 17.39 14.83 -37.03
N GLY A 770 16.89 14.94 -38.26
CA GLY A 770 15.88 14.04 -38.74
C GLY A 770 14.51 14.37 -38.19
N GLY A 771 13.50 13.69 -38.74
CA GLY A 771 12.14 13.97 -38.35
C GLY A 771 11.77 15.39 -38.75
N THR A 772 11.12 16.11 -37.84
CA THR A 772 10.72 17.48 -38.14
C THR A 772 11.89 18.46 -38.11
N SER A 773 13.07 18.04 -37.70
CA SER A 773 14.22 18.91 -37.59
C SER A 773 15.00 18.96 -38.92
N GLN A 774 16.16 19.59 -38.90
CA GLN A 774 16.99 19.74 -40.08
C GLN A 774 17.74 18.45 -40.40
N PRO A 775 18.24 18.30 -41.64
CA PRO A 775 19.14 17.19 -41.93
C PRO A 775 20.44 17.30 -41.16
N SER A 776 21.05 16.14 -40.91
CA SER A 776 22.28 16.07 -40.12
C SER A 776 23.47 16.67 -40.87
N MET A 777 24.32 17.39 -40.14
CA MET A 777 25.50 17.98 -40.77
C MET A 777 26.55 16.92 -41.08
N GLN A 778 26.64 15.86 -40.27
CA GLN A 778 27.54 14.76 -40.56
C GLN A 778 27.07 13.98 -41.79
N SER A 779 25.75 13.76 -41.87
CA SER A 779 25.17 13.10 -43.03
C SER A 779 25.34 13.92 -44.29
N ILE A 780 25.20 15.25 -44.20
CA ILE A 780 25.40 16.08 -45.38
C ILE A 780 26.88 16.21 -45.74
N TYR A 781 27.80 16.00 -44.79
CA TYR A 781 29.20 15.89 -45.17
C TYR A 781 29.43 14.63 -45.98
N TYR A 782 28.95 13.49 -45.48
CA TYR A 782 29.23 12.24 -46.18
C TYR A 782 28.41 12.06 -47.44
N ALA A 783 27.34 12.84 -47.61
CA ALA A 783 26.58 12.80 -48.85
C ALA A 783 27.32 13.46 -49.99
N LEU A 784 28.20 14.41 -49.69
CA LEU A 784 28.93 15.18 -50.70
C LEU A 784 30.44 14.97 -50.62
N GLU A 785 30.89 13.83 -50.06
CA GLU A 785 32.31 13.67 -49.73
C GLU A 785 33.18 13.59 -50.98
N HIS A 786 32.68 13.04 -52.08
CA HIS A 786 33.48 12.90 -53.28
C HIS A 786 32.80 13.51 -54.50
N GLY A 787 31.85 14.41 -54.29
CA GLY A 787 31.23 15.10 -55.40
C GLY A 787 32.03 16.31 -55.82
N PRO A 788 31.47 17.06 -56.77
CA PRO A 788 32.12 18.31 -57.20
C PRO A 788 32.24 19.35 -56.10
N ARG A 789 31.27 19.41 -55.18
CA ARG A 789 31.28 20.37 -54.09
C ARG A 789 31.22 19.63 -52.77
N HIS A 790 32.10 19.99 -51.85
CA HIS A 790 32.12 19.39 -50.52
C HIS A 790 31.41 20.31 -49.52
N ALA A 791 31.11 19.73 -48.36
CA ALA A 791 30.59 20.50 -47.25
C ALA A 791 31.76 20.97 -46.40
N SER A 792 31.82 22.28 -46.16
CA SER A 792 32.92 22.88 -45.38
C SER A 792 32.64 22.68 -43.91
N ILE A 793 33.17 21.60 -43.35
CA ILE A 793 33.02 21.28 -41.93
C ILE A 793 34.10 20.29 -41.55
N ASN A 794 34.47 20.31 -40.27
CA ASN A 794 35.30 19.26 -39.69
C ASN A 794 34.34 18.19 -39.16
N VAL A 795 34.21 17.08 -39.91
CA VAL A 795 33.19 16.10 -39.58
C VAL A 795 33.61 15.24 -38.38
N LYS A 796 34.91 15.10 -38.13
CA LYS A 796 35.36 14.39 -36.93
C LYS A 796 35.01 15.18 -35.68
N ASN A 797 35.25 16.50 -35.72
CA ASN A 797 34.88 17.36 -34.60
C ASN A 797 33.37 17.39 -34.42
N ALA A 798 32.62 17.44 -35.52
CA ALA A 798 31.16 17.44 -35.43
C ALA A 798 30.64 16.14 -34.84
N GLU A 799 31.23 15.01 -35.23
CA GLU A 799 30.87 13.73 -34.64
C GLU A 799 31.23 13.67 -33.16
N GLN A 800 32.27 14.39 -32.75
CA GLN A 800 32.59 14.47 -31.32
C GLN A 800 31.57 15.33 -30.57
N ILE A 801 31.12 16.43 -31.17
CA ILE A 801 30.08 17.28 -30.56
C ILE A 801 28.78 16.50 -30.44
N ASP A 802 28.50 15.63 -31.40
CA ASP A 802 27.25 14.88 -31.41
C ASP A 802 27.13 13.94 -30.22
N HIS A 803 28.24 13.52 -29.63
CA HIS A 803 28.18 12.70 -28.42
C HIS A 803 27.59 13.49 -27.25
N TYR A 804 28.05 14.73 -27.07
CA TYR A 804 27.48 15.60 -26.04
C TYR A 804 26.01 15.84 -26.30
N TRP A 805 25.65 16.10 -27.56
CA TRP A 805 24.25 16.38 -27.85
C TRP A 805 23.37 15.15 -27.62
N GLU A 806 23.89 13.96 -27.95
CA GLU A 806 23.18 12.71 -27.67
C GLU A 806 22.98 12.52 -26.18
N ASP A 807 24.00 12.82 -25.37
CA ASP A 807 23.88 12.64 -23.94
C ASP A 807 22.89 13.63 -23.32
N VAL A 808 22.94 14.90 -23.74
CA VAL A 808 22.04 15.88 -23.14
C VAL A 808 20.64 15.83 -23.70
N ARG A 809 20.41 15.13 -24.82
CA ARG A 809 19.04 14.93 -25.27
C ARG A 809 18.24 14.08 -24.29
N LYS A 810 18.91 13.15 -23.60
CA LYS A 810 18.23 12.29 -22.64
C LYS A 810 17.67 13.05 -21.44
N TYR A 811 18.18 14.25 -21.17
CA TYR A 811 17.59 15.08 -20.12
C TYR A 811 16.18 15.54 -20.46
N TYR A 812 15.83 15.59 -21.74
CA TYR A 812 14.58 16.17 -22.20
C TYR A 812 13.59 15.11 -22.65
N ALA A 813 13.63 13.94 -22.02
CA ALA A 813 12.67 12.89 -22.30
C ALA A 813 11.20 13.30 -22.13
N PRO A 814 10.78 14.07 -21.12
CA PRO A 814 9.36 14.48 -21.07
C PRO A 814 8.90 15.35 -22.22
N PHE A 815 9.81 15.98 -22.96
CA PHE A 815 9.43 16.85 -24.07
C PHE A 815 9.56 16.18 -25.43
N GLU A 816 9.83 14.88 -25.47
CA GLU A 816 10.00 14.18 -26.74
C GLU A 816 8.66 13.89 -27.40
N ALA A 817 8.65 13.95 -28.72
CA ALA A 817 7.42 13.68 -29.48
C ALA A 817 7.05 12.21 -29.44
N GLY A 818 8.02 11.32 -29.58
CA GLY A 818 7.75 9.89 -29.56
C GLY A 818 8.44 9.15 -30.68
N ILE A 819 7.84 8.04 -31.14
CA ILE A 819 8.37 7.32 -32.28
C ILE A 819 8.22 8.18 -33.53
N THR A 820 9.32 8.44 -34.20
CA THR A 820 9.35 9.37 -35.33
C THR A 820 9.83 8.63 -36.57
N SER A 821 9.04 8.70 -37.62
CA SER A 821 9.31 8.10 -38.91
C SER A 821 9.09 9.16 -39.98
N PRO A 822 9.74 9.03 -41.14
CA PRO A 822 9.47 9.98 -42.23
C PRO A 822 8.02 9.86 -42.68
N GLN A 823 7.42 11.01 -42.98
CA GLN A 823 6.02 11.07 -43.40
C GLN A 823 5.92 11.97 -44.62
N THR A 824 5.55 11.38 -45.75
CA THR A 824 5.34 12.15 -46.97
C THR A 824 3.96 12.77 -47.04
N GLU A 825 3.11 12.55 -46.02
CA GLU A 825 1.83 13.23 -45.94
C GLU A 825 2.00 14.73 -45.69
N VAL A 826 3.20 15.17 -45.31
CA VAL A 826 3.48 16.61 -45.22
C VAL A 826 3.40 17.27 -46.58
N TYR A 827 3.58 16.51 -47.67
CA TYR A 827 3.34 17.07 -49.00
C TYR A 827 1.87 17.36 -49.24
N MET A 828 0.97 16.76 -48.47
CA MET A 828 -0.45 16.99 -48.62
C MET A 828 -0.96 18.15 -47.75
N HIS A 829 -0.79 18.04 -46.44
CA HIS A 829 -1.35 19.07 -45.56
C HIS A 829 -0.43 20.25 -45.34
N GLU A 830 0.87 20.09 -45.62
CA GLU A 830 1.87 21.17 -45.56
C GLU A 830 1.95 21.82 -44.18
N MET A 831 1.73 21.04 -43.13
CA MET A 831 1.80 21.57 -41.79
C MET A 831 3.27 21.65 -41.35
N PRO A 832 3.73 22.80 -40.88
CA PRO A 832 5.06 22.86 -40.28
C PRO A 832 5.14 22.02 -39.02
N GLY A 833 6.37 21.64 -38.66
CA GLY A 833 6.55 20.71 -37.56
C GLY A 833 6.06 21.24 -36.23
N GLY A 834 6.37 22.50 -35.93
CA GLY A 834 5.83 23.12 -34.73
C GLY A 834 4.33 23.25 -34.78
N GLN A 835 3.79 23.60 -35.95
CA GLN A 835 2.35 23.63 -36.14
C GLN A 835 1.75 22.24 -35.97
N TYR A 836 2.44 21.21 -36.47
CA TYR A 836 1.98 19.84 -36.32
C TYR A 836 1.90 19.44 -34.85
N THR A 837 2.98 19.68 -34.10
CA THR A 837 3.01 19.29 -32.69
C THR A 837 2.00 20.07 -31.87
N ASN A 838 1.86 21.38 -32.12
CA ASN A 838 0.94 22.19 -31.34
C ASN A 838 -0.51 21.86 -31.67
N LEU A 839 -0.80 21.61 -32.95
CA LEU A 839 -2.16 21.22 -33.33
C LEU A 839 -2.51 19.86 -32.76
N LYS A 840 -1.56 18.92 -32.76
CA LYS A 840 -1.79 17.62 -32.18
C LYS A 840 -2.03 17.71 -30.67
N SER A 841 -1.26 18.55 -29.99
CA SER A 841 -1.43 18.73 -28.55
C SER A 841 -2.78 19.37 -28.24
N GLN A 842 -3.15 20.43 -28.96
CA GLN A 842 -4.39 21.12 -28.69
C GLN A 842 -5.62 20.37 -29.20
N ALA A 843 -5.43 19.37 -30.08
CA ALA A 843 -6.55 18.55 -30.54
C ALA A 843 -6.69 17.25 -29.76
N ALA A 844 -5.63 16.78 -29.11
CA ALA A 844 -5.71 15.60 -28.27
C ALA A 844 -5.92 15.93 -26.80
N ALA A 845 -5.66 17.17 -26.39
CA ALA A 845 -6.03 17.59 -25.04
C ALA A 845 -7.54 17.56 -24.86
N VAL A 846 -8.28 18.09 -25.83
CA VAL A 846 -9.72 17.92 -25.88
C VAL A 846 -10.02 16.63 -26.64
N GLY A 847 -11.26 16.15 -26.55
CA GLY A 847 -11.61 14.87 -27.13
C GLY A 847 -11.76 14.89 -28.64
N LEU A 848 -10.66 15.08 -29.36
CA LEU A 848 -10.69 15.10 -30.81
C LEU A 848 -9.52 14.35 -31.44
N GLY A 849 -8.68 13.69 -30.65
CA GLY A 849 -7.46 13.09 -31.17
C GLY A 849 -7.67 11.87 -32.03
N HIS A 850 -8.81 11.20 -31.90
CA HIS A 850 -9.05 9.99 -32.68
C HIS A 850 -9.42 10.29 -34.13
N ARG A 851 -9.70 11.55 -34.46
CA ARG A 851 -9.97 11.96 -35.83
C ARG A 851 -8.91 12.93 -36.35
N PHE A 852 -7.66 12.74 -35.94
CA PHE A 852 -6.59 13.66 -36.33
C PHE A 852 -6.28 13.55 -37.83
N ASP A 853 -6.55 12.41 -38.45
CA ASP A 853 -6.43 12.31 -39.89
C ASP A 853 -7.44 13.22 -40.59
N GLU A 854 -8.68 13.22 -40.10
CA GLU A 854 -9.68 14.15 -40.62
C GLU A 854 -9.32 15.59 -40.30
N ILE A 855 -8.64 15.82 -39.17
CA ILE A 855 -8.14 17.16 -38.85
C ILE A 855 -7.10 17.61 -39.88
N LYS A 856 -6.20 16.72 -40.27
CA LYS A 856 -5.20 17.06 -41.28
C LYS A 856 -5.84 17.30 -42.64
N GLN A 857 -6.84 16.48 -43.00
CA GLN A 857 -7.59 16.73 -44.24
C GLN A 857 -8.32 18.07 -44.20
N MET A 858 -8.89 18.40 -43.04
CA MET A 858 -9.55 19.69 -42.88
C MET A 858 -8.56 20.84 -42.94
N TYR A 859 -7.34 20.62 -42.44
CA TYR A 859 -6.28 21.63 -42.57
C TYR A 859 -5.96 21.88 -44.03
N ARG A 860 -5.84 20.81 -44.81
CA ARG A 860 -5.56 20.96 -46.24
C ARG A 860 -6.71 21.68 -46.96
N LYS A 861 -7.94 21.31 -46.64
CA LYS A 861 -9.09 21.94 -47.30
C LYS A 861 -9.26 23.39 -46.85
N VAL A 862 -8.92 23.70 -45.60
CA VAL A 862 -8.99 25.07 -45.11
C VAL A 862 -7.93 25.93 -45.78
N ASN A 863 -6.73 25.37 -45.98
CA ASN A 863 -5.71 26.08 -46.72
C ASN A 863 -6.15 26.33 -48.16
N MET A 864 -6.84 25.37 -48.77
CA MET A 864 -7.44 25.60 -50.08
C MET A 864 -8.50 26.69 -50.04
N MET A 865 -9.33 26.71 -48.98
CA MET A 865 -10.43 27.67 -48.91
C MET A 865 -9.92 29.08 -48.64
N PHE A 866 -8.76 29.22 -48.00
CA PHE A 866 -8.23 30.54 -47.72
C PHE A 866 -7.54 31.16 -48.94
N GLY A 867 -7.39 30.40 -50.02
CA GLY A 867 -6.78 30.92 -51.22
C GLY A 867 -5.37 30.41 -51.40
N ASP A 868 -5.06 29.25 -50.81
CA ASP A 868 -3.74 28.61 -50.84
C ASP A 868 -2.68 29.56 -50.27
N ILE A 869 -2.79 29.81 -48.97
CA ILE A 869 -1.90 30.76 -48.32
C ILE A 869 -0.61 30.07 -47.89
N ILE A 870 0.40 30.89 -47.59
CA ILE A 870 1.66 30.39 -47.07
C ILE A 870 1.47 30.10 -45.58
N LYS A 871 1.78 28.87 -45.19
CA LYS A 871 1.52 28.39 -43.83
C LYS A 871 2.85 28.34 -43.08
N VAL A 872 3.11 29.39 -42.31
CA VAL A 872 4.27 29.48 -41.43
C VAL A 872 3.85 30.41 -40.30
N THR A 873 4.65 30.46 -39.24
CA THR A 873 4.31 31.27 -38.08
C THR A 873 4.26 32.76 -38.45
N PRO A 874 3.17 33.46 -38.12
CA PRO A 874 1.95 33.02 -37.43
C PRO A 874 0.79 32.62 -38.34
N SER A 875 0.97 32.59 -39.66
CA SER A 875 -0.15 32.27 -40.55
C SER A 875 -0.56 30.81 -40.49
N SER A 876 0.35 29.91 -40.07
CA SER A 876 -0.02 28.51 -39.90
C SER A 876 -0.97 28.33 -38.72
N LYS A 877 -0.84 29.18 -37.70
CA LYS A 877 -1.76 29.13 -36.56
C LYS A 877 -3.19 29.44 -36.99
N VAL A 878 -3.35 30.32 -37.97
CA VAL A 878 -4.67 30.68 -38.48
C VAL A 878 -5.34 29.46 -39.11
N VAL A 879 -4.61 28.75 -39.96
CA VAL A 879 -5.14 27.56 -40.62
C VAL A 879 -5.40 26.47 -39.60
N GLY A 880 -4.52 26.32 -38.61
CA GLY A 880 -4.73 25.31 -37.58
C GLY A 880 -5.97 25.57 -36.75
N ASP A 881 -6.16 26.83 -36.34
CA ASP A 881 -7.34 27.18 -35.55
C ASP A 881 -8.62 27.07 -36.37
N MET A 882 -8.57 27.42 -37.67
CA MET A 882 -9.76 27.26 -38.51
C MET A 882 -10.12 25.80 -38.70
N ALA A 883 -9.13 24.94 -38.93
CA ALA A 883 -9.39 23.51 -39.08
C ALA A 883 -9.92 22.90 -37.79
N LEU A 884 -9.34 23.29 -36.65
CA LEU A 884 -9.83 22.81 -35.36
C LEU A 884 -11.25 23.30 -35.09
N PHE A 885 -11.56 24.53 -35.50
CA PHE A 885 -12.90 25.07 -35.33
C PHE A 885 -13.91 24.30 -36.18
N MET A 886 -13.57 24.04 -37.44
CA MET A 886 -14.53 23.35 -38.30
C MET A 886 -14.61 21.86 -38.04
N ILE A 887 -13.63 21.28 -37.33
CA ILE A 887 -13.76 19.89 -36.91
C ILE A 887 -14.51 19.76 -35.58
N GLN A 888 -14.20 20.65 -34.63
CA GLN A 888 -14.81 20.59 -33.31
C GLN A 888 -16.30 20.87 -33.37
N ASN A 889 -16.72 21.81 -34.20
CA ASN A 889 -18.13 22.16 -34.34
C ASN A 889 -18.78 21.55 -35.57
N ASP A 890 -18.09 20.62 -36.24
CA ASP A 890 -18.64 19.81 -37.34
C ASP A 890 -19.13 20.68 -38.49
N LEU A 891 -18.20 21.41 -39.09
CA LEU A 891 -18.51 22.28 -40.21
C LEU A 891 -18.08 21.65 -41.52
N THR A 892 -18.37 22.36 -42.61
CA THR A 892 -18.07 21.92 -43.96
C THR A 892 -17.84 23.20 -44.76
N GLU A 893 -17.14 23.09 -45.88
CA GLU A 893 -16.85 24.25 -46.73
C GLU A 893 -18.13 24.93 -47.21
N GLU A 894 -19.13 24.14 -47.60
CA GLU A 894 -20.43 24.71 -47.95
C GLU A 894 -21.10 25.34 -46.73
N ASP A 895 -20.97 24.72 -45.56
CA ASP A 895 -21.64 25.24 -44.37
C ASP A 895 -21.08 26.58 -43.94
N VAL A 896 -19.75 26.74 -43.96
CA VAL A 896 -19.20 28.05 -43.64
C VAL A 896 -19.44 29.04 -44.79
N TYR A 897 -19.45 28.55 -46.03
CA TYR A 897 -19.60 29.45 -47.18
C TYR A 897 -21.01 29.99 -47.32
N ALA A 898 -22.02 29.28 -46.82
CA ALA A 898 -23.39 29.76 -46.88
C ALA A 898 -23.98 30.03 -45.50
N ARG A 899 -23.99 29.03 -44.62
CA ARG A 899 -24.54 29.18 -43.27
C ARG A 899 -23.70 30.10 -42.40
N GLY A 900 -22.40 30.22 -42.68
CA GLY A 900 -21.45 30.82 -41.76
C GLY A 900 -21.60 32.28 -41.36
N ASN A 901 -22.66 32.95 -41.82
CA ASN A 901 -22.88 34.33 -41.44
C ASN A 901 -23.29 34.49 -39.98
N GLU A 902 -23.77 33.42 -39.35
CA GLU A 902 -24.09 33.45 -37.93
C GLU A 902 -23.02 32.77 -37.07
N LEU A 903 -21.92 32.32 -37.68
CA LEU A 903 -20.91 31.55 -36.98
C LEU A 903 -19.99 32.46 -36.16
N ASN A 904 -19.46 31.92 -35.07
CA ASN A 904 -18.52 32.62 -34.21
C ASN A 904 -17.13 32.07 -34.48
N PHE A 905 -16.40 32.71 -35.39
CA PHE A 905 -15.11 32.24 -35.84
C PHE A 905 -14.03 32.54 -34.79
N PRO A 906 -12.95 31.76 -34.79
CA PRO A 906 -11.82 32.06 -33.89
C PRO A 906 -11.18 33.40 -34.24
N GLU A 907 -10.61 34.05 -33.22
CA GLU A 907 -10.14 35.41 -33.38
C GLU A 907 -8.89 35.48 -34.26
N SER A 908 -8.11 34.41 -34.34
CA SER A 908 -6.92 34.41 -35.18
C SER A 908 -7.30 34.42 -36.66
N VAL A 909 -8.34 33.67 -37.02
CA VAL A 909 -8.86 33.70 -38.38
C VAL A 909 -9.42 35.08 -38.69
N VAL A 910 -10.13 35.66 -37.72
CA VAL A 910 -10.67 37.01 -37.87
C VAL A 910 -9.54 38.02 -38.04
N SER A 911 -8.51 37.93 -37.20
CA SER A 911 -7.39 38.87 -37.29
C SER A 911 -6.62 38.70 -38.58
N PHE A 912 -6.53 37.48 -39.11
CA PHE A 912 -5.90 37.28 -40.41
C PHE A 912 -6.73 37.91 -41.52
N PHE A 913 -8.04 37.74 -41.46
CA PHE A 913 -8.89 38.28 -42.53
C PHE A 913 -9.11 39.78 -42.42
N ARG A 914 -8.78 40.40 -41.29
CA ARG A 914 -8.79 41.85 -41.17
C ARG A 914 -7.52 42.49 -41.70
N GLY A 915 -6.53 41.70 -42.13
CA GLY A 915 -5.29 42.25 -42.61
C GLY A 915 -4.28 42.58 -41.53
N ASP A 916 -4.50 42.13 -40.29
CA ASP A 916 -3.51 42.33 -39.24
C ASP A 916 -2.24 41.54 -39.49
N LEU A 917 -2.35 40.39 -40.13
CA LEU A 917 -1.16 39.64 -40.51
C LEU A 917 -0.50 40.22 -41.74
N GLY A 918 -1.26 40.86 -42.62
CA GLY A 918 -0.77 41.43 -43.85
C GLY A 918 -1.67 41.04 -45.00
N GLN A 919 -1.16 41.24 -46.21
CA GLN A 919 -1.93 40.97 -47.42
C GLN A 919 -1.40 39.71 -48.08
N PRO A 920 -2.23 38.68 -48.24
CA PRO A 920 -1.78 37.46 -48.90
C PRO A 920 -1.54 37.67 -50.39
N VAL A 921 -0.77 36.76 -50.97
CA VAL A 921 -0.57 36.75 -52.41
C VAL A 921 -1.90 36.41 -53.08
N GLY A 922 -2.30 37.22 -54.05
CA GLY A 922 -3.56 37.03 -54.73
C GLY A 922 -4.77 37.55 -53.99
N GLY A 923 -4.59 38.12 -52.80
CA GLY A 923 -5.68 38.69 -52.06
C GLY A 923 -6.52 37.65 -51.33
N PHE A 924 -7.43 38.15 -50.51
CA PHE A 924 -8.35 37.31 -49.78
C PHE A 924 -9.41 36.73 -50.72
N PRO A 925 -10.08 35.64 -50.32
CA PRO A 925 -11.17 35.10 -51.15
C PRO A 925 -12.43 35.95 -51.19
N GLU A 926 -12.43 37.13 -50.55
CA GLU A 926 -13.28 38.32 -50.76
C GLU A 926 -14.79 38.07 -50.67
N LYS A 927 -15.21 36.85 -50.36
CA LYS A 927 -16.58 36.57 -49.95
C LYS A 927 -16.62 35.86 -48.61
N LEU A 928 -15.73 34.88 -48.43
CA LEU A 928 -15.50 34.31 -47.11
C LEU A 928 -14.97 35.36 -46.14
N GLN A 929 -14.19 36.32 -46.66
CA GLN A 929 -13.77 37.45 -45.84
C GLN A 929 -14.96 38.26 -45.36
N LYS A 930 -15.89 38.56 -46.26
CA LYS A 930 -17.09 39.31 -45.86
C LYS A 930 -17.97 38.51 -44.91
N ILE A 931 -17.92 37.18 -44.99
CA ILE A 931 -18.61 36.36 -44.01
C ILE A 931 -17.93 36.44 -42.65
N ILE A 932 -16.59 36.39 -42.63
CA ILE A 932 -15.87 36.19 -41.38
C ILE A 932 -15.74 37.49 -40.60
N VAL A 933 -15.30 38.57 -41.25
CA VAL A 933 -14.95 39.80 -40.54
C VAL A 933 -15.96 40.90 -40.82
N LYS A 934 -17.21 40.52 -41.02
CA LYS A 934 -18.29 41.50 -41.23
C LYS A 934 -18.46 42.44 -40.04
N ASP A 935 -18.09 41.99 -38.83
CA ASP A 935 -18.35 42.78 -37.63
C ASP A 935 -17.39 43.96 -37.52
N LYS A 936 -16.12 43.75 -37.85
CA LYS A 936 -15.09 44.77 -37.62
C LYS A 936 -14.52 45.27 -38.93
N ALA A 937 -13.73 46.34 -38.84
CA ALA A 937 -13.22 47.00 -40.03
C ALA A 937 -11.90 46.38 -40.47
N VAL A 938 -11.78 46.16 -41.78
CA VAL A 938 -10.61 45.53 -42.38
C VAL A 938 -9.62 46.62 -42.77
N ILE A 939 -8.37 46.24 -42.96
CA ILE A 939 -7.36 47.12 -43.52
C ILE A 939 -6.78 46.44 -44.75
N THR A 940 -6.09 47.23 -45.57
CA THR A 940 -5.52 46.72 -46.80
C THR A 940 -4.06 47.10 -46.99
N ASP A 941 -3.46 47.79 -46.02
CA ASP A 941 -2.08 48.22 -46.09
C ASP A 941 -1.30 47.56 -44.95
N ARG A 942 -0.07 48.02 -44.75
CA ARG A 942 0.78 47.49 -43.69
C ARG A 942 0.15 47.77 -42.32
N PRO A 943 -0.07 46.76 -41.50
CA PRO A 943 -0.63 46.99 -40.17
C PRO A 943 0.27 47.78 -39.25
N GLY A 944 1.57 47.89 -39.55
CA GLY A 944 2.46 48.71 -38.75
C GLY A 944 2.20 50.19 -38.87
N LEU A 945 1.59 50.63 -39.98
CA LEU A 945 1.20 52.03 -40.09
C LEU A 945 0.06 52.37 -39.14
N HIS A 946 -0.84 51.41 -38.89
CA HIS A 946 -1.97 51.62 -37.98
C HIS A 946 -1.64 51.23 -36.55
N ALA A 947 -0.40 50.86 -36.26
CA ALA A 947 -0.01 50.50 -34.91
C ALA A 947 0.11 51.73 -34.05
N GLU A 948 -0.33 51.61 -32.79
CA GLU A 948 -0.22 52.70 -31.83
C GLU A 948 1.25 52.97 -31.52
N LYS A 949 1.62 54.25 -31.52
CA LYS A 949 3.00 54.63 -31.30
C LYS A 949 3.42 54.33 -29.85
N VAL A 950 4.63 53.82 -29.68
CA VAL A 950 5.18 53.50 -28.37
C VAL A 950 6.39 54.39 -28.16
N ASP A 951 6.38 55.13 -27.06
CA ASP A 951 7.53 55.93 -26.66
C ASP A 951 8.29 55.17 -25.57
N PHE A 952 9.61 55.05 -25.74
CA PHE A 952 10.39 54.18 -24.89
C PHE A 952 10.62 54.73 -23.50
N GLU A 953 10.56 56.06 -23.31
CA GLU A 953 10.82 56.62 -21.99
C GLU A 953 9.65 56.38 -21.05
N THR A 954 8.42 56.55 -21.52
CA THR A 954 7.26 56.32 -20.66
C THR A 954 7.11 54.84 -20.32
N VAL A 955 7.33 53.96 -21.29
CA VAL A 955 7.24 52.53 -21.00
C VAL A 955 8.43 52.10 -20.14
N LYS A 956 9.57 52.79 -20.26
CA LYS A 956 10.71 52.51 -19.40
C LYS A 956 10.42 52.88 -17.95
N ALA A 957 9.79 54.04 -17.74
CA ALA A 957 9.40 54.43 -16.38
C ALA A 957 8.32 53.51 -15.81
N ASP A 958 7.38 53.10 -16.66
CA ASP A 958 6.35 52.16 -16.21
C ASP A 958 6.95 50.80 -15.85
N LEU A 959 7.93 50.34 -16.62
CA LEU A 959 8.63 49.12 -16.27
C LEU A 959 9.45 49.28 -15.00
N GLU A 960 10.05 50.46 -14.81
CA GLU A 960 10.79 50.75 -13.59
C GLU A 960 9.90 50.66 -12.36
N GLN A 961 8.68 51.19 -12.47
CA GLN A 961 7.75 51.08 -11.36
C GLN A 961 7.17 49.67 -11.23
N LYS A 962 7.16 48.88 -12.32
CA LYS A 962 6.57 47.55 -12.23
C LYS A 962 7.55 46.52 -11.70
N ILE A 963 8.85 46.73 -11.90
CA ILE A 963 9.87 45.82 -11.38
C ILE A 963 10.65 46.56 -10.31
N GLY A 964 11.63 45.91 -9.71
CA GLY A 964 12.31 46.54 -8.60
C GLY A 964 13.49 47.43 -8.94
N TYR A 965 13.74 47.73 -10.21
CA TYR A 965 14.99 48.35 -10.58
C TYR A 965 14.85 49.05 -11.92
N GLU A 966 15.94 49.69 -12.34
CA GLU A 966 15.99 50.35 -13.65
C GLU A 966 16.29 49.32 -14.72
N PRO A 967 15.42 49.16 -15.72
CA PRO A 967 15.64 48.13 -16.74
C PRO A 967 16.59 48.62 -17.83
N GLY A 968 17.23 47.64 -18.48
CA GLY A 968 18.00 47.91 -19.66
C GLY A 968 17.10 48.05 -20.86
N ASP A 969 17.73 48.38 -22.00
CA ASP A 969 16.98 48.51 -23.25
C ASP A 969 16.36 47.18 -23.65
N HIS A 970 17.10 46.09 -23.48
CA HIS A 970 16.60 44.77 -23.84
C HIS A 970 15.39 44.38 -22.99
N GLU A 971 15.42 44.74 -21.71
CA GLU A 971 14.27 44.49 -20.85
C GLU A 971 13.07 45.32 -21.29
N VAL A 972 13.32 46.56 -21.74
CA VAL A 972 12.24 47.42 -22.22
C VAL A 972 11.57 46.81 -23.45
N ILE A 973 12.38 46.32 -24.40
CA ILE A 973 11.80 45.72 -25.60
C ILE A 973 11.07 44.42 -25.26
N SER A 974 11.64 43.61 -24.37
CA SER A 974 10.97 42.38 -23.96
C SER A 974 9.65 42.66 -23.27
N TYR A 975 9.57 43.76 -22.52
CA TYR A 975 8.31 44.18 -21.94
C TYR A 975 7.34 44.66 -23.01
N ILE A 976 7.84 45.30 -24.05
CA ILE A 976 6.97 45.78 -25.12
C ILE A 976 6.38 44.61 -25.90
N MET A 977 7.22 43.65 -26.30
CA MET A 977 6.75 42.55 -27.13
C MET A 977 5.91 41.56 -26.33
N TYR A 978 6.35 41.21 -25.13
CA TYR A 978 5.67 40.23 -24.29
C TYR A 978 5.43 40.86 -22.93
N PRO A 979 4.37 41.65 -22.77
CA PRO A 979 4.13 42.35 -21.51
C PRO A 979 3.89 41.44 -20.32
N GLN A 980 2.88 40.57 -20.42
CA GLN A 980 2.55 39.70 -19.29
C GLN A 980 3.61 38.63 -19.08
N VAL A 981 4.22 38.14 -20.16
CA VAL A 981 5.22 37.10 -20.06
C VAL A 981 6.47 37.61 -19.36
N PHE A 982 6.90 38.84 -19.69
CA PHE A 982 8.06 39.42 -19.03
C PHE A 982 7.79 39.70 -17.56
N LEU A 983 6.58 40.13 -17.22
CA LEU A 983 6.24 40.38 -15.83
C LEU A 983 6.16 39.10 -15.03
N ASP A 984 5.63 38.03 -15.62
CA ASP A 984 5.63 36.73 -14.95
C ASP A 984 7.05 36.20 -14.79
N TYR A 985 7.91 36.44 -15.77
CA TYR A 985 9.31 36.08 -15.64
C TYR A 985 9.99 36.85 -14.53
N GLN A 986 9.66 38.14 -14.40
CA GLN A 986 10.21 38.95 -13.31
C GLN A 986 9.73 38.46 -11.96
N LYS A 987 8.45 38.08 -11.86
CA LYS A 987 7.93 37.53 -10.61
C LYS A 987 8.62 36.23 -10.25
N MET A 988 8.83 35.35 -11.24
CA MET A 988 9.54 34.11 -10.97
C MET A 988 11.01 34.35 -10.67
N GLN A 989 11.60 35.41 -11.21
CA GLN A 989 12.97 35.75 -10.83
C GLN A 989 13.02 36.24 -9.39
N ARG A 990 12.03 37.01 -8.97
CA ARG A 990 11.98 37.47 -7.58
C ARG A 990 11.66 36.35 -6.61
N GLU A 991 11.00 35.29 -7.05
CA GLU A 991 10.64 34.21 -6.16
C GLU A 991 11.65 33.06 -6.15
N PHE A 992 12.06 32.58 -7.33
CA PHE A 992 12.91 31.41 -7.44
C PHE A 992 14.36 31.73 -7.82
N GLY A 993 14.65 32.95 -8.25
CA GLY A 993 15.99 33.29 -8.64
C GLY A 993 16.37 32.71 -9.98
N ALA A 994 17.67 32.73 -10.25
CA ALA A 994 18.21 32.28 -11.53
C ALA A 994 18.19 30.76 -11.56
N VAL A 995 17.05 30.20 -11.95
CA VAL A 995 16.94 28.75 -12.11
C VAL A 995 17.65 28.23 -13.34
N THR A 996 18.12 29.14 -14.22
CA THR A 996 18.88 28.75 -15.39
C THR A 996 20.24 28.15 -15.04
N LEU A 997 20.72 28.36 -13.82
CA LEU A 997 22.01 27.83 -13.41
C LEU A 997 21.95 26.37 -13.00
N LEU A 998 20.76 25.85 -12.74
CA LEU A 998 20.61 24.45 -12.39
C LEU A 998 20.84 23.56 -13.62
N ASP A 999 21.30 22.34 -13.36
CA ASP A 999 21.35 21.36 -14.44
C ASP A 999 19.93 20.88 -14.77
N THR A 1000 19.78 20.41 -16.01
CA THR A 1000 18.44 20.10 -16.52
C THR A 1000 17.70 18.99 -15.77
N PRO A 1001 18.29 17.84 -15.39
CA PRO A 1001 17.53 16.91 -14.54
C PRO A 1001 17.10 17.50 -13.22
N THR A 1002 17.95 18.32 -12.61
CA THR A 1002 17.56 19.01 -11.38
C THR A 1002 16.50 20.07 -11.67
N PHE A 1003 16.63 20.76 -12.80
CA PHE A 1003 15.67 21.80 -13.16
C PHE A 1003 14.28 21.22 -13.37
N LEU A 1004 14.19 20.04 -13.97
CA LEU A 1004 12.90 19.44 -14.29
C LEU A 1004 12.34 18.57 -13.17
N HIS A 1005 13.18 17.92 -12.38
CA HIS A 1005 12.70 16.93 -11.43
C HIS A 1005 13.03 17.26 -9.98
N GLY A 1006 13.72 18.36 -9.72
CA GLY A 1006 13.98 18.76 -8.35
C GLY A 1006 15.14 17.98 -7.77
N MET A 1007 14.92 17.38 -6.61
CA MET A 1007 15.97 16.63 -5.92
C MET A 1007 15.41 15.31 -5.42
N ARG A 1008 16.27 14.31 -5.38
CA ARG A 1008 15.94 13.04 -4.77
C ARG A 1008 16.34 13.05 -3.29
N LEU A 1009 15.82 12.08 -2.55
CA LEU A 1009 16.24 11.90 -1.17
C LEU A 1009 17.69 11.45 -1.12
N ASN A 1010 18.45 12.06 -0.20
CA ASN A 1010 19.89 11.86 0.01
C ASN A 1010 20.73 12.27 -1.19
N GLU A 1011 20.16 12.95 -2.17
CA GLU A 1011 20.93 13.42 -3.31
C GLU A 1011 21.75 14.64 -2.91
N LYS A 1012 22.96 14.73 -3.44
CA LYS A 1012 23.83 15.88 -3.23
C LYS A 1012 24.10 16.53 -4.58
N ILE A 1013 23.81 17.82 -4.69
CA ILE A 1013 24.06 18.57 -5.92
C ILE A 1013 24.86 19.82 -5.59
N GLU A 1014 25.53 20.34 -6.61
CA GLU A 1014 26.29 21.58 -6.52
C GLU A 1014 25.77 22.56 -7.56
N VAL A 1015 25.40 23.75 -7.12
CA VAL A 1015 24.89 24.79 -7.99
C VAL A 1015 25.88 25.94 -7.96
N GLN A 1016 26.52 26.20 -9.09
CA GLN A 1016 27.43 27.33 -9.22
C GLN A 1016 26.61 28.57 -9.55
N ILE A 1017 26.47 29.47 -8.58
CA ILE A 1017 25.72 30.70 -8.80
C ILE A 1017 26.60 31.83 -9.30
N GLU A 1018 27.91 31.73 -9.14
CA GLU A 1018 28.85 32.75 -9.57
C GLU A 1018 30.22 32.09 -9.70
N LYS A 1019 31.16 32.83 -10.28
CA LYS A 1019 32.54 32.39 -10.28
C LYS A 1019 33.08 32.38 -8.86
N GLY A 1020 33.50 31.21 -8.38
CA GLY A 1020 33.97 31.08 -7.03
C GLY A 1020 32.91 30.85 -5.99
N LYS A 1021 31.63 30.83 -6.36
CA LYS A 1021 30.54 30.59 -5.43
C LYS A 1021 29.77 29.37 -5.92
N THR A 1022 29.80 28.29 -5.14
CA THR A 1022 29.11 27.06 -5.47
C THR A 1022 28.32 26.61 -4.26
N LEU A 1023 27.00 26.53 -4.41
CA LEU A 1023 26.13 26.09 -3.32
C LEU A 1023 26.18 24.57 -3.24
N SER A 1024 26.52 24.03 -2.07
CA SER A 1024 26.41 22.61 -1.81
C SER A 1024 25.04 22.35 -1.20
N ILE A 1025 24.18 21.64 -1.93
CA ILE A 1025 22.80 21.39 -1.53
C ILE A 1025 22.60 19.89 -1.45
N ARG A 1026 22.03 19.45 -0.33
CA ARG A 1026 21.75 18.03 -0.13
C ARG A 1026 20.40 17.90 0.57
N LEU A 1027 19.49 17.14 -0.03
CA LEU A 1027 18.17 16.91 0.55
C LEU A 1027 18.24 15.74 1.52
N ASP A 1028 18.02 16.01 2.80
CA ASP A 1028 18.16 14.97 3.80
C ASP A 1028 16.86 14.25 4.11
N GLU A 1029 15.74 14.97 4.18
CA GLU A 1029 14.48 14.37 4.57
C GLU A 1029 13.33 15.22 4.06
N ILE A 1030 12.27 14.56 3.60
CA ILE A 1030 11.04 15.23 3.20
C ILE A 1030 9.99 14.93 4.26
N GLY A 1031 9.52 15.97 4.92
CA GLY A 1031 8.55 15.79 5.98
C GLY A 1031 7.16 15.48 5.46
N GLU A 1032 6.36 14.87 6.32
CA GLU A 1032 4.96 14.61 6.01
C GLU A 1032 4.19 15.92 5.94
N PRO A 1033 3.17 16.00 5.09
CA PRO A 1033 2.36 17.22 5.04
C PRO A 1033 1.55 17.40 6.32
N ASP A 1034 1.44 18.63 6.76
CA ASP A 1034 0.70 18.94 7.97
C ASP A 1034 -0.76 19.20 7.61
N LEU A 1035 -1.54 19.73 8.56
CA LEU A 1035 -2.96 19.97 8.31
C LEU A 1035 -3.18 21.14 7.36
N ALA A 1036 -2.22 22.06 7.28
CA ALA A 1036 -2.29 23.17 6.34
C ALA A 1036 -1.77 22.82 4.96
N GLY A 1037 -1.33 21.58 4.75
CA GLY A 1037 -0.83 21.15 3.46
C GLY A 1037 0.61 21.48 3.18
N ASN A 1038 1.36 21.97 4.16
CA ASN A 1038 2.76 22.31 3.95
C ASN A 1038 3.66 21.15 4.32
N ARG A 1039 4.77 21.04 3.60
CA ARG A 1039 5.79 20.04 3.87
C ARG A 1039 7.07 20.75 4.30
N VAL A 1040 7.77 20.17 5.26
CA VAL A 1040 9.08 20.67 5.67
C VAL A 1040 10.13 19.81 4.98
N LEU A 1041 11.00 20.44 4.22
CA LEU A 1041 12.08 19.76 3.54
C LEU A 1041 13.39 20.06 4.26
N PHE A 1042 14.13 19.01 4.60
CA PHE A 1042 15.32 19.13 5.43
C PHE A 1042 16.52 19.17 4.48
N PHE A 1043 16.95 20.37 4.16
CA PHE A 1043 18.10 20.56 3.28
C PHE A 1043 19.36 20.75 4.11
N ASN A 1044 20.49 20.44 3.49
CA ASN A 1044 21.80 20.76 4.03
C ASN A 1044 22.46 21.71 3.04
N LEU A 1045 22.26 23.00 3.24
CA LEU A 1045 22.83 24.02 2.38
C LEU A 1045 24.16 24.49 2.96
N ASN A 1046 25.24 24.26 2.21
CA ASN A 1046 26.58 24.72 2.55
C ASN A 1046 27.02 24.20 3.91
N GLY A 1047 26.75 22.92 4.17
CA GLY A 1047 27.13 22.30 5.43
C GLY A 1047 26.09 22.44 6.51
N GLN A 1048 25.30 23.50 6.47
CA GLN A 1048 24.36 23.82 7.54
C GLN A 1048 22.97 23.27 7.22
N ARG A 1049 22.27 22.84 8.26
CA ARG A 1049 20.90 22.39 8.11
C ARG A 1049 19.99 23.59 7.86
N ARG A 1050 19.12 23.49 6.87
CA ARG A 1050 18.11 24.50 6.61
C ARG A 1050 16.79 23.81 6.30
N GLU A 1051 15.76 24.15 7.05
CA GLU A 1051 14.44 23.55 6.87
C GLU A 1051 13.58 24.50 6.04
N VAL A 1052 13.12 24.02 4.89
CA VAL A 1052 12.35 24.80 3.95
C VAL A 1052 10.91 24.31 3.98
N VAL A 1053 9.97 25.24 4.15
CA VAL A 1053 8.55 24.93 4.19
C VAL A 1053 7.97 25.18 2.80
N ILE A 1054 7.32 24.17 2.23
CA ILE A 1054 6.72 24.26 0.92
C ILE A 1054 5.33 23.65 0.96
N ASN A 1055 4.38 24.30 0.29
CA ASN A 1055 3.00 23.81 0.27
C ASN A 1055 2.86 22.65 -0.71
N ASP A 1056 2.39 21.52 -0.22
CA ASP A 1056 2.09 20.39 -1.09
C ASP A 1056 0.77 20.65 -1.81
N GLN A 1057 0.83 20.78 -3.13
CA GLN A 1057 -0.35 21.13 -3.90
C GLN A 1057 -1.38 20.00 -3.93
N SER A 1058 -0.94 18.75 -3.91
CA SER A 1058 -1.86 17.62 -3.92
C SER A 1058 -2.24 17.20 -2.50
N VAL A 1059 -2.60 18.17 -1.67
CA VAL A 1059 -3.14 17.90 -0.35
C VAL A 1059 -4.44 18.69 -0.21
N GLN A 1060 -4.37 19.99 -0.51
CA GLN A 1060 -5.49 20.92 -0.51
C GLN A 1060 -6.19 21.01 0.85
N ALA A 1061 -5.43 20.93 1.93
CA ALA A 1061 -6.00 21.03 3.26
C ALA A 1061 -5.48 22.27 3.99
N HIS B 6 -25.50 -35.95 -51.84
CA HIS B 6 -25.35 -34.65 -52.47
C HIS B 6 -25.34 -33.52 -51.42
N MET B 7 -26.22 -33.59 -50.44
CA MET B 7 -26.21 -32.61 -49.36
C MET B 7 -25.16 -33.02 -48.33
N LYS B 8 -24.25 -32.12 -48.02
CA LYS B 8 -23.20 -32.37 -47.05
C LYS B 8 -23.15 -31.35 -45.93
N LYS B 9 -23.65 -30.14 -46.13
CA LYS B 9 -23.57 -29.09 -45.13
C LYS B 9 -24.93 -28.40 -45.04
N LEU B 10 -25.42 -28.21 -43.82
CA LEU B 10 -26.73 -27.62 -43.60
C LEU B 10 -26.62 -26.44 -42.65
N LEU B 11 -27.10 -25.28 -43.09
CA LEU B 11 -27.24 -24.13 -42.22
C LEU B 11 -28.58 -24.20 -41.50
N VAL B 12 -28.60 -23.72 -40.26
CA VAL B 12 -29.83 -23.56 -39.51
C VAL B 12 -30.09 -22.08 -39.35
N ALA B 13 -31.19 -21.61 -39.92
CA ALA B 13 -31.57 -20.20 -39.85
C ALA B 13 -32.50 -19.98 -38.66
N ASN B 14 -31.99 -20.32 -37.49
CA ASN B 14 -32.76 -20.21 -36.26
C ASN B 14 -31.77 -20.12 -35.09
N ARG B 15 -32.30 -20.26 -33.88
CA ARG B 15 -31.51 -20.11 -32.66
C ARG B 15 -32.10 -21.03 -31.61
N GLY B 16 -31.47 -21.02 -30.43
CA GLY B 16 -32.04 -21.70 -29.29
C GLY B 16 -31.99 -23.21 -29.41
N GLU B 17 -32.99 -23.85 -28.79
CA GLU B 17 -32.98 -25.30 -28.68
C GLU B 17 -33.29 -25.99 -30.02
N ILE B 18 -34.06 -25.34 -30.89
CA ILE B 18 -34.40 -25.98 -32.16
C ILE B 18 -33.17 -26.05 -33.07
N ALA B 19 -32.28 -25.06 -32.99
CA ALA B 19 -31.03 -25.11 -33.75
C ALA B 19 -30.17 -26.27 -33.29
N VAL B 20 -30.10 -26.49 -31.96
CA VAL B 20 -29.35 -27.62 -31.44
C VAL B 20 -30.01 -28.93 -31.83
N ARG B 21 -31.34 -28.96 -31.86
CA ARG B 21 -32.08 -30.15 -32.28
C ARG B 21 -31.73 -30.54 -33.72
N VAL B 22 -31.73 -29.55 -34.62
CA VAL B 22 -31.37 -29.82 -36.01
C VAL B 22 -29.89 -30.16 -36.13
N PHE B 23 -29.02 -29.55 -35.31
CA PHE B 23 -27.60 -29.89 -35.33
C PHE B 23 -27.37 -31.35 -34.92
N ARG B 24 -28.08 -31.80 -33.90
CA ARG B 24 -27.96 -33.19 -33.46
C ARG B 24 -28.47 -34.15 -34.53
N ALA B 25 -29.59 -33.81 -35.18
CA ALA B 25 -30.07 -34.65 -36.28
C ALA B 25 -29.08 -34.68 -37.44
N CYS B 26 -28.49 -33.53 -37.77
CA CYS B 26 -27.52 -33.46 -38.85
C CYS B 26 -26.26 -34.27 -38.55
N ASN B 27 -25.79 -34.21 -37.31
CA ASN B 27 -24.62 -34.99 -36.92
C ASN B 27 -24.92 -36.48 -36.94
N GLU B 28 -26.13 -36.87 -36.55
CA GLU B 28 -26.51 -38.27 -36.70
C GLU B 28 -26.60 -38.69 -38.17
N LEU B 29 -26.94 -37.74 -39.05
CA LEU B 29 -27.01 -38.04 -40.47
C LEU B 29 -25.69 -37.78 -41.20
N GLY B 30 -24.64 -37.39 -40.49
CA GLY B 30 -23.34 -37.22 -41.12
C GLY B 30 -23.14 -35.94 -41.89
N LEU B 31 -23.96 -34.92 -41.64
CA LEU B 31 -23.84 -33.65 -42.34
C LEU B 31 -23.14 -32.62 -41.46
N SER B 32 -22.36 -31.76 -42.11
CA SER B 32 -21.76 -30.62 -41.43
C SER B 32 -22.83 -29.58 -41.13
N THR B 33 -22.59 -28.78 -40.09
CA THR B 33 -23.56 -27.84 -39.57
C THR B 33 -23.01 -26.42 -39.61
N VAL B 34 -23.89 -25.46 -39.88
CA VAL B 34 -23.56 -24.05 -39.82
C VAL B 34 -24.60 -23.34 -38.97
N ALA B 35 -24.15 -22.61 -37.97
CA ALA B 35 -25.02 -21.77 -37.16
C ALA B 35 -24.92 -20.31 -37.60
N VAL B 36 -25.97 -19.56 -37.33
CA VAL B 36 -25.96 -18.11 -37.45
C VAL B 36 -26.38 -17.55 -36.10
N TYR B 37 -25.88 -16.37 -35.77
CA TYR B 37 -26.19 -15.77 -34.49
C TYR B 37 -26.11 -14.26 -34.60
N ALA B 38 -26.99 -13.58 -33.88
CA ALA B 38 -26.89 -12.14 -33.74
C ALA B 38 -25.86 -11.79 -32.67
N ARG B 39 -25.51 -10.50 -32.61
CA ARG B 39 -24.53 -10.04 -31.63
C ARG B 39 -25.04 -10.21 -30.21
N GLU B 40 -26.32 -9.93 -29.97
CA GLU B 40 -26.90 -10.06 -28.64
C GLU B 40 -27.18 -11.51 -28.28
N ASP B 41 -27.04 -12.43 -29.24
CA ASP B 41 -27.17 -13.86 -29.00
C ASP B 41 -25.82 -14.56 -29.01
N GLU B 42 -24.74 -13.82 -28.74
CA GLU B 42 -23.39 -14.35 -28.88
C GLU B 42 -23.08 -15.45 -27.86
N TYR B 43 -23.80 -15.51 -26.75
CA TYR B 43 -23.56 -16.53 -25.73
C TYR B 43 -24.56 -17.66 -25.79
N SER B 44 -25.34 -17.75 -26.87
CA SER B 44 -26.28 -18.85 -27.03
C SER B 44 -25.52 -20.15 -27.26
N VAL B 45 -26.08 -21.25 -26.75
CA VAL B 45 -25.43 -22.54 -26.82
C VAL B 45 -25.32 -23.03 -28.27
N HIS B 46 -26.35 -22.75 -29.08
CA HIS B 46 -26.39 -23.24 -30.45
C HIS B 46 -25.27 -22.69 -31.32
N ARG B 47 -24.71 -21.54 -30.97
CA ARG B 47 -23.58 -21.00 -31.71
C ARG B 47 -22.38 -21.92 -31.62
N PHE B 48 -22.13 -22.47 -30.43
CA PHE B 48 -20.97 -23.31 -30.18
C PHE B 48 -21.25 -24.79 -30.40
N LYS B 49 -22.45 -25.16 -30.80
CA LYS B 49 -22.78 -26.54 -31.09
C LYS B 49 -22.61 -26.88 -32.57
N ALA B 50 -22.29 -25.91 -33.41
CA ALA B 50 -22.14 -26.14 -34.84
C ALA B 50 -20.68 -26.15 -35.22
N ASP B 51 -20.40 -26.70 -36.41
CA ASP B 51 -19.04 -26.74 -36.92
C ASP B 51 -18.56 -25.35 -37.31
N GLU B 52 -19.45 -24.51 -37.86
CA GLU B 52 -19.14 -23.14 -38.19
C GLU B 52 -20.26 -22.24 -37.71
N SER B 53 -19.91 -21.08 -37.18
CA SER B 53 -20.88 -20.09 -36.75
C SER B 53 -20.52 -18.74 -37.35
N TYR B 54 -21.53 -17.98 -37.76
CA TYR B 54 -21.31 -16.70 -38.42
C TYR B 54 -22.26 -15.66 -37.86
N LEU B 55 -21.73 -14.48 -37.60
CA LEU B 55 -22.54 -13.36 -37.15
C LEU B 55 -23.42 -12.84 -38.29
N ILE B 56 -24.69 -12.60 -37.99
CA ILE B 56 -25.64 -12.07 -38.96
C ILE B 56 -26.31 -10.83 -38.37
N GLY B 57 -26.76 -9.95 -39.27
CA GLY B 57 -27.44 -8.73 -38.87
C GLY B 57 -26.57 -7.81 -38.03
N GLN B 58 -25.43 -7.39 -38.59
CA GLN B 58 -24.35 -6.78 -37.82
C GLN B 58 -24.71 -5.42 -37.24
N GLY B 59 -25.82 -4.81 -37.64
CA GLY B 59 -26.25 -3.58 -37.01
C GLY B 59 -27.69 -3.60 -36.58
N LYS B 60 -28.42 -4.64 -36.99
CA LYS B 60 -29.85 -4.69 -36.77
C LYS B 60 -30.19 -5.05 -35.33
N LYS B 61 -31.47 -4.95 -34.99
CA LYS B 61 -31.98 -5.52 -33.77
C LYS B 61 -31.92 -7.04 -33.87
N PRO B 62 -31.76 -7.75 -32.74
CA PRO B 62 -31.51 -9.21 -32.81
C PRO B 62 -32.62 -10.01 -33.47
N ILE B 63 -33.88 -9.69 -33.20
CA ILE B 63 -34.99 -10.37 -33.86
C ILE B 63 -34.97 -10.08 -35.35
N ASP B 64 -34.75 -8.82 -35.72
CA ASP B 64 -34.62 -8.47 -37.14
C ASP B 64 -33.34 -9.04 -37.74
N ALA B 65 -32.30 -9.24 -36.92
CA ALA B 65 -31.11 -9.92 -37.40
C ALA B 65 -31.42 -11.38 -37.77
N TYR B 66 -32.24 -12.05 -36.98
CA TYR B 66 -32.63 -13.42 -37.31
C TYR B 66 -33.67 -13.48 -38.41
N LEU B 67 -34.24 -12.35 -38.83
CA LEU B 67 -35.14 -12.30 -39.98
C LEU B 67 -34.47 -11.71 -41.22
N ASP B 68 -33.15 -11.56 -41.20
CA ASP B 68 -32.41 -11.01 -42.33
C ASP B 68 -32.24 -12.11 -43.38
N ILE B 69 -33.13 -12.12 -44.38
CA ILE B 69 -33.13 -13.17 -45.39
C ILE B 69 -31.85 -13.13 -46.22
N ASP B 70 -31.47 -11.93 -46.66
CA ASP B 70 -30.32 -11.79 -47.55
C ASP B 70 -29.01 -12.14 -46.84
N ASP B 71 -28.86 -11.71 -45.58
CA ASP B 71 -27.66 -12.04 -44.82
C ASP B 71 -27.55 -13.54 -44.55
N ILE B 72 -28.69 -14.18 -44.22
CA ILE B 72 -28.69 -15.61 -43.95
C ILE B 72 -28.33 -16.39 -45.20
N ILE B 73 -28.88 -15.99 -46.35
CA ILE B 73 -28.57 -16.66 -47.61
C ILE B 73 -27.12 -16.41 -48.00
N ARG B 74 -26.60 -15.21 -47.75
CA ARG B 74 -25.21 -14.91 -48.04
C ARG B 74 -24.27 -15.76 -47.20
N VAL B 75 -24.61 -15.95 -45.91
CA VAL B 75 -23.81 -16.81 -45.03
C VAL B 75 -23.87 -18.26 -45.51
N ALA B 76 -25.05 -18.72 -45.90
CA ALA B 76 -25.19 -20.08 -46.41
C ALA B 76 -24.39 -20.30 -47.70
N LEU B 77 -24.32 -19.26 -48.55
CA LEU B 77 -23.56 -19.38 -49.78
C LEU B 77 -22.06 -19.36 -49.52
N GLU B 78 -21.59 -18.45 -48.66
CA GLU B 78 -20.16 -18.35 -48.40
C GLU B 78 -19.63 -19.48 -47.53
N SER B 79 -20.51 -20.15 -46.77
CA SER B 79 -20.08 -21.31 -46.00
C SER B 79 -20.15 -22.60 -46.77
N GLY B 80 -20.70 -22.58 -47.98
CA GLY B 80 -20.85 -23.80 -48.75
C GLY B 80 -21.91 -24.73 -48.24
N ALA B 81 -22.94 -24.19 -47.58
CA ALA B 81 -24.04 -25.01 -47.10
C ALA B 81 -24.96 -25.38 -48.25
N ASP B 82 -25.26 -26.66 -48.38
CA ASP B 82 -26.14 -27.12 -49.45
C ASP B 82 -27.62 -26.97 -49.10
N ALA B 83 -27.94 -26.75 -47.83
CA ALA B 83 -29.33 -26.74 -47.40
C ALA B 83 -29.50 -25.73 -46.26
N ILE B 84 -30.75 -25.33 -46.04
CA ILE B 84 -31.10 -24.42 -44.95
C ILE B 84 -32.32 -25.00 -44.24
N HIS B 85 -32.18 -25.26 -42.94
CA HIS B 85 -33.31 -25.64 -42.10
C HIS B 85 -33.78 -24.42 -41.32
N PRO B 86 -35.05 -24.02 -41.41
CA PRO B 86 -35.50 -22.81 -40.72
C PRO B 86 -36.00 -23.03 -39.30
N GLY B 87 -36.21 -24.27 -38.87
CA GLY B 87 -36.70 -24.51 -37.52
C GLY B 87 -38.18 -24.20 -37.41
N TYR B 88 -38.55 -23.58 -36.29
CA TYR B 88 -39.89 -23.05 -36.10
C TYR B 88 -39.78 -21.59 -35.71
N GLY B 89 -40.86 -20.85 -35.95
CA GLY B 89 -40.81 -19.42 -35.75
C GLY B 89 -39.95 -18.74 -36.79
N LEU B 90 -39.78 -17.44 -36.60
CA LEU B 90 -38.97 -16.57 -37.45
C LEU B 90 -39.34 -16.69 -38.92
N LEU B 91 -38.49 -17.33 -39.72
CA LEU B 91 -38.70 -17.46 -41.16
C LEU B 91 -39.11 -18.87 -41.57
N SER B 92 -39.63 -19.68 -40.64
CA SER B 92 -39.98 -21.05 -40.98
C SER B 92 -41.20 -21.13 -41.89
N GLU B 93 -42.12 -20.19 -41.77
CA GLU B 93 -43.29 -20.11 -42.64
C GLU B 93 -43.25 -18.89 -43.55
N ASN B 94 -42.06 -18.38 -43.84
CA ASN B 94 -41.91 -17.18 -44.64
C ASN B 94 -41.72 -17.57 -46.10
N LEU B 95 -42.70 -17.23 -46.93
CA LEU B 95 -42.67 -17.60 -48.35
C LEU B 95 -41.54 -16.89 -49.08
N GLU B 96 -41.29 -15.63 -48.75
CA GLU B 96 -40.19 -14.89 -49.38
C GLU B 96 -38.86 -15.55 -49.10
N PHE B 97 -38.64 -15.97 -47.86
CA PHE B 97 -37.39 -16.61 -47.48
C PHE B 97 -37.18 -17.92 -48.21
N ALA B 98 -38.21 -18.78 -48.25
CA ALA B 98 -38.07 -20.07 -48.88
C ALA B 98 -37.92 -19.94 -50.39
N THR B 99 -38.62 -18.96 -50.97
CA THR B 99 -38.48 -18.71 -52.41
C THR B 99 -37.06 -18.26 -52.74
N LYS B 100 -36.51 -17.35 -51.95
CA LYS B 100 -35.15 -16.88 -52.23
C LYS B 100 -34.11 -17.96 -51.95
N VAL B 101 -34.36 -18.83 -50.97
CA VAL B 101 -33.44 -19.92 -50.67
C VAL B 101 -33.43 -20.92 -51.83
N ARG B 102 -34.61 -21.32 -52.29
CA ARG B 102 -34.67 -22.26 -53.40
C ARG B 102 -34.19 -21.63 -54.70
N ALA B 103 -34.31 -20.31 -54.84
CA ALA B 103 -33.79 -19.63 -56.01
C ALA B 103 -32.28 -19.50 -55.97
N ALA B 104 -31.69 -19.47 -54.78
CA ALA B 104 -30.24 -19.39 -54.66
C ALA B 104 -29.55 -20.72 -54.87
N GLY B 105 -30.28 -21.78 -55.19
CA GLY B 105 -29.70 -23.08 -55.44
C GLY B 105 -29.65 -24.00 -54.24
N LEU B 106 -30.00 -23.52 -53.06
CA LEU B 106 -29.94 -24.30 -51.84
C LEU B 106 -31.23 -25.06 -51.60
N VAL B 107 -31.13 -26.16 -50.87
CA VAL B 107 -32.29 -26.95 -50.49
C VAL B 107 -32.97 -26.29 -49.30
N PHE B 108 -34.28 -26.12 -49.38
CA PHE B 108 -35.06 -25.62 -48.26
C PHE B 108 -35.70 -26.80 -47.56
N VAL B 109 -35.35 -26.99 -46.28
CA VAL B 109 -35.93 -28.09 -45.52
C VAL B 109 -37.32 -27.66 -45.05
N GLY B 110 -38.32 -27.94 -45.86
CA GLY B 110 -39.68 -27.56 -45.60
C GLY B 110 -40.57 -28.03 -46.73
N PRO B 111 -41.84 -27.63 -46.72
CA PRO B 111 -42.74 -28.00 -47.80
C PRO B 111 -42.48 -27.14 -49.03
N GLU B 112 -43.30 -27.35 -50.06
CA GLU B 112 -43.15 -26.59 -51.28
C GLU B 112 -43.63 -25.15 -51.09
N LEU B 113 -43.32 -24.31 -52.07
CA LEU B 113 -43.68 -22.90 -52.00
C LEU B 113 -45.20 -22.72 -51.99
N HIS B 114 -45.92 -23.50 -52.79
CA HIS B 114 -47.37 -23.36 -52.81
C HIS B 114 -47.99 -23.82 -51.50
N HIS B 115 -47.37 -24.75 -50.79
CA HIS B 115 -47.84 -25.12 -49.46
C HIS B 115 -47.66 -23.95 -48.48
N LEU B 116 -46.53 -23.26 -48.56
CA LEU B 116 -46.30 -22.10 -47.70
C LEU B 116 -47.30 -21.00 -48.01
N ASP B 117 -47.58 -20.77 -49.29
CA ASP B 117 -48.54 -19.75 -49.68
C ASP B 117 -49.96 -20.11 -49.24
N ILE B 118 -50.35 -21.37 -49.43
CA ILE B 118 -51.71 -21.80 -49.12
C ILE B 118 -51.94 -21.78 -47.61
N PHE B 119 -51.02 -22.38 -46.85
CA PHE B 119 -51.22 -22.52 -45.41
C PHE B 119 -50.67 -21.35 -44.61
N GLY B 120 -50.04 -20.38 -45.25
CA GLY B 120 -49.70 -19.15 -44.57
C GLY B 120 -50.81 -18.15 -44.49
N ASP B 121 -51.87 -18.35 -45.27
CA ASP B 121 -53.07 -17.52 -45.24
C ASP B 121 -54.20 -18.36 -44.71
N LYS B 122 -54.84 -17.90 -43.62
CA LYS B 122 -55.80 -18.74 -42.92
C LYS B 122 -57.07 -18.94 -43.72
N ILE B 123 -57.54 -17.90 -44.42
CA ILE B 123 -58.74 -18.05 -45.24
C ILE B 123 -58.45 -18.93 -46.45
N LYS B 124 -57.24 -18.81 -47.02
CA LYS B 124 -56.85 -19.69 -48.13
C LYS B 124 -56.66 -21.12 -47.65
N ALA B 125 -56.16 -21.30 -46.44
CA ALA B 125 -56.03 -22.64 -45.86
C ALA B 125 -57.40 -23.27 -45.62
N LYS B 126 -58.37 -22.49 -45.13
CA LYS B 126 -59.71 -23.01 -44.95
C LYS B 126 -60.38 -23.30 -46.29
N ALA B 127 -60.06 -22.51 -47.32
CA ALA B 127 -60.55 -22.81 -48.66
C ALA B 127 -60.02 -24.14 -49.15
N ALA B 128 -58.72 -24.38 -49.00
CA ALA B 128 -58.16 -25.68 -49.38
C ALA B 128 -58.69 -26.81 -48.50
N ALA B 129 -59.05 -26.50 -47.26
CA ALA B 129 -59.60 -27.52 -46.38
C ALA B 129 -60.99 -27.95 -46.83
N ASP B 130 -61.87 -26.99 -47.12
CA ASP B 130 -63.20 -27.39 -47.60
C ASP B 130 -63.12 -27.97 -49.01
N GLU B 131 -62.14 -27.56 -49.81
CA GLU B 131 -61.88 -28.22 -51.08
C GLU B 131 -61.39 -29.64 -50.89
N ALA B 132 -60.76 -29.93 -49.75
CA ALA B 132 -60.37 -31.28 -49.38
C ALA B 132 -61.48 -32.04 -48.67
N LYS B 133 -62.63 -31.39 -48.45
CA LYS B 133 -63.81 -31.96 -47.77
C LYS B 133 -63.50 -32.38 -46.33
N VAL B 134 -62.59 -31.69 -45.66
CA VAL B 134 -62.43 -31.88 -44.22
C VAL B 134 -63.18 -30.73 -43.54
N PRO B 135 -64.00 -31.01 -42.53
CA PRO B 135 -64.86 -29.97 -41.95
C PRO B 135 -64.06 -28.90 -41.23
N GLY B 136 -64.46 -27.64 -41.43
CA GLY B 136 -63.90 -26.52 -40.73
C GLY B 136 -64.91 -25.89 -39.79
N ILE B 137 -64.48 -24.83 -39.13
CA ILE B 137 -65.40 -24.07 -38.28
C ILE B 137 -66.38 -23.32 -39.18
N PRO B 138 -67.69 -23.38 -38.91
CA PRO B 138 -68.62 -22.62 -39.75
C PRO B 138 -68.48 -21.12 -39.51
N GLY B 139 -67.86 -20.44 -40.48
CA GLY B 139 -67.56 -19.04 -40.36
C GLY B 139 -67.75 -18.34 -41.70
N THR B 140 -67.30 -17.09 -41.75
CA THR B 140 -67.38 -16.31 -42.98
C THR B 140 -66.47 -16.91 -44.05
N ASN B 141 -66.81 -16.66 -45.30
CA ASN B 141 -66.05 -17.18 -46.43
C ASN B 141 -65.15 -16.07 -46.96
N GLY B 142 -63.95 -15.99 -46.38
CA GLY B 142 -62.97 -15.01 -46.78
C GLY B 142 -62.96 -13.82 -45.84
N ALA B 143 -62.06 -12.89 -46.14
CA ALA B 143 -61.92 -11.69 -45.33
C ALA B 143 -63.14 -10.79 -45.49
N VAL B 144 -63.70 -10.35 -44.37
CA VAL B 144 -64.92 -9.56 -44.36
C VAL B 144 -64.65 -8.25 -43.66
N ASP B 145 -65.50 -7.26 -43.89
CA ASP B 145 -65.39 -5.98 -43.22
C ASP B 145 -66.02 -6.05 -41.83
N ILE B 146 -66.02 -4.91 -41.15
CA ILE B 146 -66.65 -4.82 -39.84
C ILE B 146 -68.15 -5.04 -39.95
N ASP B 147 -68.79 -4.44 -40.96
CA ASP B 147 -70.21 -4.61 -41.16
C ASP B 147 -70.55 -6.06 -41.52
N GLY B 148 -69.75 -6.68 -42.39
CA GLY B 148 -69.98 -8.08 -42.73
C GLY B 148 -69.80 -9.01 -41.55
N ALA B 149 -68.86 -8.70 -40.66
CA ALA B 149 -68.73 -9.45 -39.42
C ALA B 149 -69.95 -9.24 -38.53
N LEU B 150 -70.52 -8.04 -38.53
CA LEU B 150 -71.74 -7.80 -37.76
C LEU B 150 -72.91 -8.61 -38.31
N GLU B 151 -73.04 -8.70 -39.64
CA GLU B 151 -74.10 -9.54 -40.20
C GLU B 151 -73.85 -11.01 -39.94
N PHE B 152 -72.58 -11.42 -39.89
CA PHE B 152 -72.28 -12.79 -39.47
C PHE B 152 -72.72 -13.04 -38.04
N ALA B 153 -72.47 -12.08 -37.15
CA ALA B 153 -72.95 -12.21 -35.78
C ALA B 153 -74.46 -12.21 -35.71
N LYS B 154 -75.12 -11.55 -36.67
CA LYS B 154 -76.58 -11.54 -36.71
C LYS B 154 -77.15 -12.88 -37.14
N THR B 155 -76.82 -13.34 -38.36
CA THR B 155 -77.48 -14.52 -38.89
C THR B 155 -76.97 -15.82 -38.25
N TYR B 156 -75.77 -15.80 -37.66
CA TYR B 156 -75.28 -16.95 -36.93
C TYR B 156 -75.34 -16.68 -35.43
N GLY B 157 -75.13 -17.75 -34.65
CA GLY B 157 -75.32 -17.69 -33.22
C GLY B 157 -74.12 -17.13 -32.49
N TYR B 158 -74.37 -16.14 -31.63
CA TYR B 158 -73.35 -15.66 -30.71
C TYR B 158 -72.99 -16.77 -29.73
N PRO B 159 -71.73 -16.83 -29.26
CA PRO B 159 -70.60 -15.93 -29.51
C PRO B 159 -69.82 -16.24 -30.78
N VAL B 160 -69.09 -15.23 -31.27
CA VAL B 160 -68.20 -15.36 -32.42
C VAL B 160 -66.86 -14.75 -32.03
N MET B 161 -65.83 -15.08 -32.79
CA MET B 161 -64.49 -14.60 -32.47
C MET B 161 -63.80 -14.04 -33.70
N ILE B 162 -63.19 -12.87 -33.54
CA ILE B 162 -62.50 -12.17 -34.61
C ILE B 162 -61.09 -12.72 -34.74
N LYS B 163 -60.70 -13.10 -35.97
CA LYS B 163 -59.40 -13.70 -36.21
C LYS B 163 -58.75 -13.10 -37.44
N ALA B 164 -57.50 -12.69 -37.32
CA ALA B 164 -56.74 -12.24 -38.48
C ALA B 164 -56.32 -13.43 -39.33
N ALA B 165 -56.17 -13.20 -40.63
CA ALA B 165 -55.82 -14.26 -41.57
C ALA B 165 -54.32 -14.51 -41.65
N LEU B 166 -53.50 -13.69 -41.00
CA LEU B 166 -52.06 -13.91 -40.98
C LEU B 166 -51.48 -13.99 -39.58
N GLY B 167 -52.25 -13.71 -38.54
CA GLY B 167 -51.71 -13.68 -37.19
C GLY B 167 -51.34 -15.06 -36.68
N GLY B 168 -50.36 -15.07 -35.80
CA GLY B 168 -49.88 -16.31 -35.21
C GLY B 168 -49.58 -16.12 -33.75
N GLY B 169 -49.71 -17.20 -32.98
CA GLY B 169 -49.50 -17.15 -31.55
C GLY B 169 -50.53 -16.34 -30.80
N GLY B 170 -51.78 -16.35 -31.26
CA GLY B 170 -52.85 -15.64 -30.57
C GLY B 170 -52.73 -14.14 -30.60
N ARG B 171 -52.04 -13.57 -31.60
CA ARG B 171 -51.87 -12.13 -31.66
C ARG B 171 -53.12 -11.44 -32.17
N GLY B 172 -53.49 -11.72 -33.41
CA GLY B 172 -54.68 -11.12 -34.00
C GLY B 172 -55.92 -11.95 -33.72
N MET B 173 -56.40 -11.92 -32.48
CA MET B 173 -57.49 -12.80 -32.08
C MET B 173 -58.18 -12.24 -30.84
N ARG B 174 -59.50 -12.18 -30.89
CA ARG B 174 -60.28 -11.65 -29.78
C ARG B 174 -61.67 -12.28 -29.83
N VAL B 175 -62.36 -12.25 -28.69
CA VAL B 175 -63.64 -12.92 -28.52
C VAL B 175 -64.74 -11.88 -28.40
N ALA B 176 -65.82 -12.05 -29.16
CA ALA B 176 -66.94 -11.12 -29.18
C ALA B 176 -68.21 -11.83 -28.73
N ARG B 177 -68.90 -11.24 -27.75
CA ARG B 177 -70.19 -11.75 -27.30
C ARG B 177 -71.32 -10.76 -27.51
N ASN B 178 -71.08 -9.46 -27.34
CA ASN B 178 -72.07 -8.43 -27.62
C ASN B 178 -71.60 -7.59 -28.80
N ASP B 179 -72.47 -6.66 -29.22
CA ASP B 179 -72.22 -5.91 -30.44
C ASP B 179 -71.08 -4.92 -30.30
N ALA B 180 -70.96 -4.28 -29.13
CA ALA B 180 -69.84 -3.35 -28.91
C ALA B 180 -68.53 -4.11 -28.82
N GLU B 181 -68.56 -5.32 -28.24
CA GLU B 181 -67.37 -6.15 -28.20
C GLU B 181 -66.94 -6.57 -29.60
N MET B 182 -67.89 -6.70 -30.52
CA MET B 182 -67.55 -7.02 -31.91
C MET B 182 -66.75 -5.89 -32.55
N HIS B 183 -67.22 -4.65 -32.38
CA HIS B 183 -66.50 -3.49 -32.92
C HIS B 183 -65.13 -3.35 -32.27
N ASP B 184 -65.06 -3.52 -30.95
CA ASP B 184 -63.79 -3.40 -30.23
C ASP B 184 -62.81 -4.48 -30.66
N GLY B 185 -63.26 -5.73 -30.75
CA GLY B 185 -62.39 -6.81 -31.14
C GLY B 185 -61.91 -6.69 -32.57
N TYR B 186 -62.80 -6.24 -33.47
CA TYR B 186 -62.38 -5.99 -34.85
C TYR B 186 -61.33 -4.90 -34.92
N ALA B 187 -61.50 -3.82 -34.14
CA ALA B 187 -60.54 -2.73 -34.16
C ALA B 187 -59.18 -3.18 -33.62
N ARG B 188 -59.17 -3.91 -32.50
CA ARG B 188 -57.89 -4.37 -31.96
C ARG B 188 -57.21 -5.39 -32.86
N ALA B 189 -57.98 -6.32 -33.44
CA ALA B 189 -57.37 -7.31 -34.32
C ALA B 189 -56.84 -6.67 -35.60
N LYS B 190 -57.56 -5.67 -36.14
CA LYS B 190 -57.07 -4.96 -37.32
C LYS B 190 -55.80 -4.20 -37.01
N SER B 191 -55.75 -3.53 -35.84
CA SER B 191 -54.54 -2.80 -35.45
C SER B 191 -53.36 -3.73 -35.25
N GLU B 192 -53.60 -4.90 -34.64
CA GLU B 192 -52.52 -5.86 -34.44
C GLU B 192 -52.04 -6.46 -35.75
N ALA B 193 -52.95 -6.65 -36.71
CA ALA B 193 -52.54 -7.21 -38.00
C ALA B 193 -51.80 -6.19 -38.85
N ILE B 194 -52.21 -4.93 -38.80
CA ILE B 194 -51.47 -3.88 -39.53
C ILE B 194 -50.10 -3.65 -38.90
N GLY B 195 -50.06 -3.53 -37.58
CA GLY B 195 -48.83 -3.12 -36.91
C GLY B 195 -47.73 -4.16 -37.00
N ALA B 196 -48.09 -5.44 -36.94
CA ALA B 196 -47.10 -6.50 -36.85
C ALA B 196 -46.95 -7.32 -38.12
N PHE B 197 -47.99 -7.42 -38.95
CA PHE B 197 -47.91 -8.26 -40.14
C PHE B 197 -48.17 -7.48 -41.44
N GLY B 198 -48.31 -6.17 -41.37
CA GLY B 198 -48.46 -5.37 -42.58
C GLY B 198 -49.87 -5.33 -43.12
N SER B 199 -50.30 -6.40 -43.77
CA SER B 199 -51.63 -6.48 -44.37
C SER B 199 -52.57 -7.21 -43.41
N GLY B 200 -53.74 -6.64 -43.19
CA GLY B 200 -54.70 -7.22 -42.29
C GLY B 200 -55.97 -7.71 -42.95
N GLU B 201 -56.15 -9.02 -42.99
CA GLU B 201 -57.39 -9.64 -43.44
C GLU B 201 -58.01 -10.36 -42.26
N ILE B 202 -59.28 -10.09 -42.00
CA ILE B 202 -59.95 -10.57 -40.80
C ILE B 202 -61.14 -11.43 -41.21
N TYR B 203 -61.19 -12.64 -40.68
CA TYR B 203 -62.34 -13.51 -40.81
C TYR B 203 -62.87 -13.87 -39.43
N VAL B 204 -64.18 -14.02 -39.34
CA VAL B 204 -64.86 -14.32 -38.07
C VAL B 204 -65.50 -15.69 -38.20
N GLU B 205 -65.48 -16.45 -37.10
CA GLU B 205 -66.04 -17.79 -37.13
C GLU B 205 -66.80 -18.05 -35.84
N LYS B 206 -67.28 -19.28 -35.70
CA LYS B 206 -68.11 -19.66 -34.58
C LYS B 206 -67.26 -20.03 -33.38
N TYR B 207 -67.55 -19.40 -32.25
CA TYR B 207 -66.92 -19.76 -30.98
C TYR B 207 -67.42 -21.10 -30.50
N ILE B 208 -66.51 -22.03 -30.25
CA ILE B 208 -66.84 -23.32 -29.66
C ILE B 208 -66.65 -23.21 -28.16
N GLU B 209 -67.55 -23.86 -27.41
CA GLU B 209 -67.58 -23.76 -25.95
C GLU B 209 -66.76 -24.89 -25.35
N ASN B 210 -65.60 -24.55 -24.78
CA ASN B 210 -64.63 -25.48 -24.18
C ASN B 210 -64.23 -26.61 -25.13
N PRO B 211 -63.53 -26.32 -26.24
CA PRO B 211 -63.11 -27.40 -27.13
C PRO B 211 -61.80 -28.04 -26.68
N LYS B 212 -61.53 -29.20 -27.25
CA LYS B 212 -60.20 -29.78 -27.20
C LYS B 212 -59.41 -29.34 -28.41
N HIS B 213 -58.11 -29.17 -28.22
CA HIS B 213 -57.21 -28.79 -29.31
C HIS B 213 -56.37 -30.01 -29.66
N ILE B 214 -56.57 -30.55 -30.86
CA ILE B 214 -55.88 -31.75 -31.31
C ILE B 214 -55.06 -31.41 -32.54
N GLU B 215 -53.77 -31.70 -32.49
CA GLU B 215 -52.85 -31.51 -33.61
C GLU B 215 -52.44 -32.87 -34.14
N VAL B 216 -52.40 -33.01 -35.46
CA VAL B 216 -51.95 -34.25 -36.10
C VAL B 216 -50.63 -33.96 -36.80
N GLN B 217 -49.65 -34.81 -36.60
CA GLN B 217 -48.34 -34.68 -37.22
C GLN B 217 -48.32 -35.43 -38.54
N ILE B 218 -47.85 -34.77 -39.60
CA ILE B 218 -47.86 -35.33 -40.95
C ILE B 218 -46.42 -35.37 -41.48
N LEU B 219 -46.04 -36.50 -42.05
CA LEU B 219 -44.79 -36.62 -42.80
C LEU B 219 -45.11 -36.99 -44.24
N GLY B 220 -44.68 -36.15 -45.17
CA GLY B 220 -44.85 -36.43 -46.58
C GLY B 220 -43.55 -36.24 -47.34
N ASP B 221 -43.34 -37.06 -48.36
CA ASP B 221 -42.10 -36.98 -49.12
C ASP B 221 -42.37 -36.46 -50.54
N ARG B 222 -41.32 -36.49 -51.36
CA ARG B 222 -41.44 -36.05 -52.74
C ARG B 222 -42.24 -37.04 -53.57
N HIS B 223 -42.13 -38.34 -53.26
CA HIS B 223 -42.81 -39.41 -53.98
C HIS B 223 -44.28 -39.58 -53.61
N GLY B 224 -44.88 -38.62 -52.91
CA GLY B 224 -46.31 -38.65 -52.66
C GLY B 224 -46.76 -39.49 -51.49
N ASN B 225 -45.86 -40.22 -50.84
CA ASN B 225 -46.23 -40.95 -49.63
C ASN B 225 -46.48 -39.96 -48.50
N ILE B 226 -47.60 -40.12 -47.80
CA ILE B 226 -47.96 -39.26 -46.69
C ILE B 226 -48.45 -40.13 -45.54
N ILE B 227 -47.81 -39.99 -44.38
CA ILE B 227 -48.22 -40.71 -43.18
C ILE B 227 -48.52 -39.70 -42.08
N HIS B 228 -49.35 -40.11 -41.14
CA HIS B 228 -49.52 -39.35 -39.91
C HIS B 228 -48.78 -40.05 -38.79
N LEU B 229 -48.13 -39.26 -37.94
CA LEU B 229 -47.48 -39.79 -36.74
C LEU B 229 -48.37 -39.59 -35.52
N HIS B 230 -49.60 -40.10 -35.61
CA HIS B 230 -50.67 -39.99 -34.61
C HIS B 230 -50.93 -38.51 -34.32
N GLU B 231 -51.41 -38.20 -33.12
CA GLU B 231 -51.88 -36.86 -32.83
C GLU B 231 -51.41 -36.39 -31.46
N ARG B 232 -51.58 -35.09 -31.23
CA ARG B 232 -51.18 -34.44 -29.99
C ARG B 232 -52.35 -33.66 -29.41
N ASP B 233 -52.50 -33.72 -28.10
CA ASP B 233 -53.52 -32.95 -27.39
C ASP B 233 -52.85 -31.74 -26.76
N CYS B 234 -53.08 -30.56 -27.33
CA CYS B 234 -52.51 -29.31 -26.87
C CYS B 234 -53.58 -28.41 -26.27
N SER B 235 -54.52 -29.00 -25.55
CA SER B 235 -55.67 -28.28 -25.02
C SER B 235 -55.30 -27.38 -23.85
N VAL B 236 -54.28 -27.74 -23.07
CA VAL B 236 -53.94 -26.97 -21.88
C VAL B 236 -53.28 -25.66 -22.31
N GLN B 237 -54.08 -24.59 -22.34
CA GLN B 237 -53.63 -23.31 -22.86
C GLN B 237 -54.03 -22.19 -21.91
N ARG B 238 -53.26 -21.11 -21.96
CA ARG B 238 -53.52 -19.91 -21.16
C ARG B 238 -53.48 -18.73 -22.11
N ARG B 239 -54.59 -17.98 -22.18
CA ARG B 239 -54.79 -16.90 -23.15
C ARG B 239 -54.55 -17.41 -24.57
N ASN B 240 -55.07 -18.61 -24.85
CA ASN B 240 -54.93 -19.30 -26.12
C ASN B 240 -53.47 -19.53 -26.51
N GLN B 241 -52.58 -19.59 -25.52
CA GLN B 241 -51.17 -19.90 -25.74
C GLN B 241 -50.86 -21.23 -25.06
N LYS B 242 -50.18 -22.11 -25.79
CA LYS B 242 -49.95 -23.47 -25.32
C LYS B 242 -49.07 -23.47 -24.07
N VAL B 243 -49.40 -24.37 -23.15
CA VAL B 243 -48.69 -24.48 -21.87
C VAL B 243 -48.11 -25.87 -21.75
N ILE B 244 -48.97 -26.88 -21.75
CA ILE B 244 -48.57 -28.28 -21.64
C ILE B 244 -49.23 -29.06 -22.76
N GLU B 245 -48.44 -29.78 -23.53
CA GLU B 245 -48.93 -30.61 -24.62
C GLU B 245 -48.71 -32.07 -24.27
N ILE B 246 -49.71 -32.90 -24.56
CA ILE B 246 -49.61 -34.33 -24.29
C ILE B 246 -49.87 -35.07 -25.60
N ALA B 247 -49.40 -36.32 -25.64
CA ALA B 247 -49.53 -37.13 -26.82
C ALA B 247 -49.57 -38.58 -26.34
N PRO B 248 -50.51 -39.39 -26.82
CA PRO B 248 -51.61 -39.04 -27.72
C PRO B 248 -52.75 -38.37 -26.96
N ALA B 249 -53.91 -38.15 -27.59
CA ALA B 249 -55.06 -37.61 -26.88
C ALA B 249 -55.63 -38.73 -26.02
N VAL B 250 -55.09 -38.88 -24.81
CA VAL B 250 -55.51 -39.97 -23.94
C VAL B 250 -56.93 -39.77 -23.44
N GLY B 251 -57.46 -38.56 -23.50
CA GLY B 251 -58.84 -38.30 -23.16
C GLY B 251 -59.83 -38.55 -24.27
N LEU B 252 -59.37 -38.97 -25.43
CA LEU B 252 -60.23 -39.27 -26.57
C LEU B 252 -60.14 -40.74 -26.93
N SER B 253 -61.19 -41.24 -27.55
CA SER B 253 -61.26 -42.64 -27.96
C SER B 253 -60.30 -42.90 -29.12
N PRO B 254 -59.72 -44.11 -29.18
CA PRO B 254 -58.81 -44.42 -30.30
C PRO B 254 -59.45 -44.33 -31.68
N ASP B 255 -60.72 -44.69 -31.80
CA ASP B 255 -61.38 -44.61 -33.10
C ASP B 255 -61.59 -43.16 -33.54
N PHE B 256 -61.98 -42.31 -32.60
CA PHE B 256 -62.13 -40.88 -32.91
C PHE B 256 -60.77 -40.26 -33.24
N ARG B 257 -59.72 -40.69 -32.55
CA ARG B 257 -58.38 -40.21 -32.85
C ARG B 257 -57.94 -40.64 -34.24
N ASN B 258 -58.23 -41.89 -34.62
CA ASN B 258 -57.93 -42.36 -35.97
C ASN B 258 -58.72 -41.59 -37.01
N GLU B 259 -59.96 -41.22 -36.68
CA GLU B 259 -60.77 -40.40 -37.60
C GLU B 259 -60.14 -39.04 -37.82
N ILE B 260 -59.67 -38.40 -36.75
CA ILE B 260 -59.01 -37.09 -36.85
C ILE B 260 -57.72 -37.21 -37.67
N CYS B 261 -56.94 -38.26 -37.41
CA CYS B 261 -55.69 -38.47 -38.13
C CYS B 261 -55.94 -38.72 -39.61
N GLU B 262 -56.97 -39.51 -39.94
CA GLU B 262 -57.28 -39.78 -41.33
C GLU B 262 -57.81 -38.54 -42.05
N ALA B 263 -58.53 -37.67 -41.34
CA ALA B 263 -58.93 -36.40 -41.92
C ALA B 263 -57.71 -35.55 -42.27
N ALA B 264 -56.75 -35.46 -41.36
CA ALA B 264 -55.53 -34.70 -41.64
C ALA B 264 -54.75 -35.29 -42.80
N VAL B 265 -54.66 -36.62 -42.85
CA VAL B 265 -53.97 -37.29 -43.96
C VAL B 265 -54.67 -36.99 -45.27
N LYS B 266 -56.00 -37.03 -45.29
CA LYS B 266 -56.76 -36.75 -46.50
C LYS B 266 -56.53 -35.33 -46.99
N LEU B 267 -56.51 -34.36 -46.07
CA LEU B 267 -56.25 -32.98 -46.47
C LEU B 267 -54.84 -32.81 -47.04
N CYS B 268 -53.84 -33.43 -46.38
CA CYS B 268 -52.46 -33.29 -46.85
C CYS B 268 -52.24 -34.02 -48.17
N LYS B 269 -52.97 -35.12 -48.41
CA LYS B 269 -52.94 -35.76 -49.71
C LYS B 269 -53.58 -34.88 -50.77
N ASN B 270 -54.66 -34.19 -50.40
CA ASN B 270 -55.36 -33.32 -51.35
C ASN B 270 -54.47 -32.16 -51.78
N VAL B 271 -53.63 -31.63 -50.88
CA VAL B 271 -52.70 -30.59 -51.29
C VAL B 271 -51.33 -31.12 -51.70
N GLY B 272 -51.10 -32.42 -51.56
CA GLY B 272 -49.81 -33.01 -51.91
C GLY B 272 -48.65 -32.56 -51.04
N TYR B 273 -48.85 -32.58 -49.72
CA TYR B 273 -47.90 -31.99 -48.78
C TYR B 273 -46.58 -32.76 -48.75
N VAL B 274 -45.48 -32.01 -48.64
CA VAL B 274 -44.14 -32.55 -48.54
C VAL B 274 -43.53 -32.07 -47.24
N ASN B 275 -42.65 -32.90 -46.64
CA ASN B 275 -41.93 -32.67 -45.39
C ASN B 275 -42.89 -32.68 -44.20
N ALA B 276 -42.46 -32.13 -43.07
CA ALA B 276 -43.25 -32.19 -41.85
C ALA B 276 -44.23 -31.03 -41.77
N GLY B 277 -45.42 -31.33 -41.27
CA GLY B 277 -46.40 -30.30 -41.03
C GLY B 277 -47.42 -30.80 -40.05
N THR B 278 -48.15 -29.86 -39.46
CA THR B 278 -49.11 -30.18 -38.41
C THR B 278 -50.47 -29.60 -38.79
N VAL B 279 -51.50 -30.43 -38.70
CA VAL B 279 -52.88 -30.00 -38.92
C VAL B 279 -53.54 -29.87 -37.55
N GLU B 280 -53.94 -28.65 -37.21
CA GLU B 280 -54.60 -28.39 -35.94
C GLU B 280 -56.11 -28.59 -36.09
N PHE B 281 -56.70 -29.27 -35.11
CA PHE B 281 -58.13 -29.59 -35.12
C PHE B 281 -58.74 -29.17 -33.79
N LEU B 282 -59.96 -28.67 -33.84
CA LEU B 282 -60.75 -28.37 -32.64
C LEU B 282 -61.81 -29.44 -32.47
N VAL B 283 -61.85 -30.05 -31.30
CA VAL B 283 -62.67 -31.22 -31.05
C VAL B 283 -63.70 -30.87 -29.98
N LYS B 284 -64.95 -31.23 -30.23
CA LYS B 284 -66.03 -31.03 -29.26
C LYS B 284 -67.15 -32.01 -29.57
N ASP B 285 -67.38 -32.96 -28.65
CA ASP B 285 -68.45 -33.96 -28.74
C ASP B 285 -68.43 -34.71 -30.08
N ASP B 286 -67.39 -35.54 -30.23
CA ASP B 286 -67.21 -36.52 -31.31
C ASP B 286 -67.28 -35.92 -32.71
N LYS B 287 -67.06 -34.61 -32.81
CA LYS B 287 -66.90 -33.93 -34.09
C LYS B 287 -65.71 -32.99 -34.01
N PHE B 288 -65.07 -32.78 -35.16
CA PHE B 288 -63.83 -32.00 -35.21
C PHE B 288 -63.90 -30.98 -36.34
N TYR B 289 -63.16 -29.89 -36.19
CA TYR B 289 -63.10 -28.84 -37.19
C TYR B 289 -61.65 -28.45 -37.44
N PHE B 290 -61.31 -28.29 -38.72
CA PHE B 290 -60.00 -27.74 -39.10
C PHE B 290 -59.91 -26.29 -38.66
N ILE B 291 -58.72 -25.86 -38.26
CA ILE B 291 -58.41 -24.45 -38.05
C ILE B 291 -57.32 -23.97 -39.00
N GLU B 292 -56.14 -24.56 -38.92
CA GLU B 292 -55.00 -24.11 -39.70
C GLU B 292 -54.01 -25.26 -39.79
N VAL B 293 -53.08 -25.12 -40.73
CA VAL B 293 -51.98 -26.05 -40.91
C VAL B 293 -50.69 -25.28 -40.65
N ASN B 294 -49.85 -25.82 -39.77
CA ASN B 294 -48.52 -25.26 -39.56
C ASN B 294 -47.56 -25.92 -40.53
N PRO B 295 -47.04 -25.21 -41.52
CA PRO B 295 -46.20 -25.84 -42.55
C PRO B 295 -44.73 -25.86 -42.16
N ARG B 296 -44.46 -26.45 -41.00
CA ARG B 296 -43.13 -26.47 -40.41
C ARG B 296 -43.13 -27.51 -39.30
N VAL B 297 -41.94 -27.79 -38.78
CA VAL B 297 -41.82 -28.60 -37.57
C VAL B 297 -42.37 -27.80 -36.40
N GLN B 298 -42.96 -28.49 -35.44
CA GLN B 298 -43.53 -27.85 -34.27
C GLN B 298 -42.59 -27.98 -33.08
N VAL B 299 -42.80 -27.11 -32.09
CA VAL B 299 -42.04 -27.17 -30.85
C VAL B 299 -42.30 -28.49 -30.12
N GLU B 300 -43.52 -29.01 -30.22
CA GLU B 300 -43.93 -30.20 -29.50
C GLU B 300 -43.83 -31.46 -30.36
N HIS B 301 -42.98 -31.46 -31.38
CA HIS B 301 -42.71 -32.69 -32.12
C HIS B 301 -42.02 -33.75 -31.27
N THR B 302 -41.45 -33.34 -30.14
CA THR B 302 -40.70 -34.24 -29.28
C THR B 302 -41.59 -35.35 -28.71
N ILE B 303 -42.81 -35.01 -28.26
CA ILE B 303 -43.67 -36.03 -27.71
C ILE B 303 -44.18 -36.97 -28.80
N THR B 304 -44.38 -36.44 -30.01
CA THR B 304 -44.77 -37.28 -31.14
C THR B 304 -43.68 -38.30 -31.45
N GLU B 305 -42.43 -37.85 -31.51
CA GLU B 305 -41.36 -38.80 -31.79
C GLU B 305 -41.07 -39.70 -30.61
N LEU B 306 -41.46 -39.32 -29.40
CA LEU B 306 -41.34 -40.23 -28.28
C LEU B 306 -42.40 -41.34 -28.33
N ILE B 307 -43.64 -41.00 -28.71
CA ILE B 307 -44.68 -42.02 -28.74
C ILE B 307 -44.63 -42.86 -30.01
N THR B 308 -43.98 -42.38 -31.07
CA THR B 308 -43.87 -43.15 -32.30
C THR B 308 -42.50 -43.78 -32.52
N GLY B 309 -41.44 -43.18 -32.00
CA GLY B 309 -40.09 -43.63 -32.27
C GLY B 309 -39.50 -43.10 -33.55
N VAL B 310 -40.17 -42.15 -34.20
CA VAL B 310 -39.81 -41.71 -35.54
C VAL B 310 -39.17 -40.33 -35.42
N ASP B 311 -37.88 -40.24 -35.74
CA ASP B 311 -37.15 -38.99 -35.68
C ASP B 311 -37.70 -38.02 -36.72
N ILE B 312 -38.41 -36.98 -36.26
CA ILE B 312 -39.10 -36.08 -37.16
C ILE B 312 -38.10 -35.16 -37.88
N VAL B 313 -37.11 -34.64 -37.15
CA VAL B 313 -36.14 -33.73 -37.78
C VAL B 313 -35.23 -34.48 -38.74
N GLN B 314 -34.82 -35.69 -38.37
CA GLN B 314 -34.03 -36.53 -39.28
C GLN B 314 -34.82 -36.86 -40.55
N ALA B 315 -36.09 -37.22 -40.39
CA ALA B 315 -36.94 -37.47 -41.54
C ALA B 315 -37.16 -36.21 -42.37
N GLN B 316 -37.25 -35.04 -41.71
CA GLN B 316 -37.36 -33.78 -42.42
C GLN B 316 -36.17 -33.57 -43.35
N ILE B 317 -34.97 -33.80 -42.82
CA ILE B 317 -33.76 -33.61 -43.62
C ILE B 317 -33.67 -34.65 -44.73
N LEU B 318 -34.05 -35.90 -44.44
CA LEU B 318 -33.99 -36.94 -45.44
C LEU B 318 -35.04 -36.75 -46.54
N ILE B 319 -36.21 -36.19 -46.20
CA ILE B 319 -37.20 -35.83 -47.21
C ILE B 319 -36.69 -34.68 -48.05
N ALA B 320 -36.04 -33.70 -47.43
CA ALA B 320 -35.39 -32.64 -48.19
C ALA B 320 -34.24 -33.15 -49.05
N GLN B 321 -33.73 -34.34 -48.76
CA GLN B 321 -32.77 -35.00 -49.62
C GLN B 321 -33.44 -35.76 -50.77
N GLY B 322 -34.77 -35.75 -50.82
CA GLY B 322 -35.49 -36.46 -51.85
C GLY B 322 -35.66 -37.93 -51.60
N LYS B 323 -35.41 -38.41 -50.39
CA LYS B 323 -35.52 -39.82 -50.10
C LYS B 323 -36.98 -40.23 -49.91
N ASP B 324 -37.23 -41.52 -50.10
CA ASP B 324 -38.57 -42.08 -49.97
C ASP B 324 -38.83 -42.44 -48.51
N LEU B 325 -40.07 -42.22 -48.07
CA LEU B 325 -40.43 -42.39 -46.66
C LEU B 325 -40.25 -43.82 -46.19
N HIS B 326 -40.67 -44.80 -47.00
CA HIS B 326 -40.67 -46.18 -46.56
C HIS B 326 -39.54 -47.00 -47.15
N ARG B 327 -38.91 -46.54 -48.22
CA ARG B 327 -37.82 -47.26 -48.85
C ARG B 327 -36.45 -46.84 -48.33
N GLU B 328 -36.16 -45.54 -48.34
CA GLU B 328 -34.86 -45.03 -47.95
C GLU B 328 -34.83 -44.55 -46.51
N ILE B 329 -35.83 -43.77 -46.09
CA ILE B 329 -35.91 -43.35 -44.69
C ILE B 329 -36.17 -44.55 -43.78
N GLY B 330 -37.06 -45.43 -44.19
CA GLY B 330 -37.29 -46.66 -43.47
C GLY B 330 -38.48 -46.67 -42.54
N LEU B 331 -39.34 -45.65 -42.60
CA LEU B 331 -40.54 -45.66 -41.78
C LEU B 331 -41.49 -46.74 -42.28
N PRO B 332 -42.21 -47.41 -41.39
CA PRO B 332 -43.16 -48.43 -41.81
C PRO B 332 -44.43 -47.79 -42.35
N ALA B 333 -45.35 -48.64 -42.80
CA ALA B 333 -46.62 -48.18 -43.33
C ALA B 333 -47.47 -47.56 -42.22
N GLN B 334 -48.59 -46.97 -42.63
CA GLN B 334 -49.41 -46.19 -41.70
C GLN B 334 -49.98 -47.07 -40.58
N SER B 335 -50.38 -48.29 -40.90
CA SER B 335 -50.91 -49.19 -39.88
C SER B 335 -49.82 -49.76 -38.98
N GLU B 336 -48.55 -49.58 -39.31
CA GLU B 336 -47.45 -50.09 -38.51
C GLU B 336 -46.73 -48.99 -37.74
N ILE B 337 -47.25 -47.75 -37.76
CA ILE B 337 -46.67 -46.67 -36.98
C ILE B 337 -46.97 -46.93 -35.51
N PRO B 338 -45.96 -47.09 -34.67
CA PRO B 338 -46.20 -47.55 -33.29
C PRO B 338 -46.79 -46.46 -32.41
N LEU B 339 -47.41 -46.90 -31.33
CA LEU B 339 -47.89 -46.04 -30.25
C LEU B 339 -47.22 -46.52 -28.98
N LEU B 340 -46.04 -45.96 -28.70
CA LEU B 340 -45.23 -46.38 -27.56
C LEU B 340 -45.60 -45.55 -26.32
N GLY B 341 -46.77 -45.87 -25.77
CA GLY B 341 -47.18 -45.21 -24.54
C GLY B 341 -47.61 -43.77 -24.76
N SER B 342 -47.48 -42.98 -23.70
CA SER B 342 -47.89 -41.59 -23.72
C SER B 342 -46.72 -40.69 -23.37
N ALA B 343 -46.80 -39.43 -23.78
CA ALA B 343 -45.75 -38.47 -23.49
C ALA B 343 -46.36 -37.11 -23.20
N ILE B 344 -45.63 -36.31 -22.41
CA ILE B 344 -46.04 -34.99 -21.98
C ILE B 344 -44.87 -34.04 -22.20
N GLN B 345 -45.10 -32.92 -22.86
CA GLN B 345 -44.10 -31.88 -22.98
C GLN B 345 -44.48 -30.69 -22.11
N CYS B 346 -43.55 -30.27 -21.26
CA CYS B 346 -43.65 -29.02 -20.53
C CYS B 346 -42.53 -28.11 -20.99
N ARG B 347 -42.87 -26.87 -21.29
CA ARG B 347 -41.89 -25.86 -21.67
C ARG B 347 -41.63 -24.96 -20.48
N ILE B 348 -40.42 -25.04 -19.92
CA ILE B 348 -40.05 -24.19 -18.81
C ILE B 348 -39.55 -22.86 -19.37
N THR B 349 -40.22 -21.79 -19.02
CA THR B 349 -39.93 -20.45 -19.52
C THR B 349 -39.60 -19.54 -18.36
N THR B 350 -39.29 -18.28 -18.68
CA THR B 350 -39.03 -17.26 -17.68
C THR B 350 -40.26 -16.45 -17.32
N GLU B 351 -41.44 -16.88 -17.76
CA GLU B 351 -42.67 -16.18 -17.40
C GLU B 351 -42.96 -16.37 -15.93
N ASP B 352 -43.08 -15.26 -15.19
CA ASP B 352 -43.31 -15.32 -13.76
C ASP B 352 -44.82 -15.37 -13.51
N PRO B 353 -45.37 -16.50 -13.07
CA PRO B 353 -46.82 -16.59 -12.86
C PRO B 353 -47.34 -15.69 -11.74
N GLN B 354 -46.47 -15.28 -10.82
CA GLN B 354 -46.82 -14.29 -9.81
C GLN B 354 -46.56 -12.88 -10.28
N ASN B 355 -46.32 -12.69 -11.58
CA ASN B 355 -46.16 -11.37 -12.17
C ASN B 355 -46.91 -11.27 -13.50
N GLY B 356 -48.06 -11.93 -13.60
CA GLY B 356 -48.83 -11.89 -14.83
C GLY B 356 -48.21 -12.63 -15.98
N PHE B 357 -47.35 -13.62 -15.70
CA PHE B 357 -46.59 -14.40 -16.69
C PHE B 357 -45.72 -13.50 -17.56
N LEU B 358 -45.21 -12.43 -16.98
CA LEU B 358 -44.26 -11.59 -17.70
C LEU B 358 -42.92 -12.30 -17.78
N PRO B 359 -42.21 -12.19 -18.90
CA PRO B 359 -40.90 -12.85 -19.02
C PRO B 359 -39.85 -12.20 -18.14
N ASP B 360 -39.38 -12.92 -17.12
CA ASP B 360 -38.33 -12.39 -16.28
C ASP B 360 -36.99 -12.41 -17.01
N THR B 361 -36.14 -11.45 -16.67
CA THR B 361 -34.78 -11.40 -17.18
C THR B 361 -33.82 -11.33 -16.01
N GLY B 362 -32.57 -11.61 -16.27
CA GLY B 362 -31.56 -11.55 -15.24
C GLY B 362 -30.53 -12.65 -15.45
N LYS B 363 -29.67 -12.79 -14.46
CA LYS B 363 -28.56 -13.72 -14.52
C LYS B 363 -28.97 -15.05 -13.88
N ILE B 364 -28.85 -16.14 -14.62
CA ILE B 364 -29.07 -17.46 -14.07
C ILE B 364 -27.84 -17.84 -13.26
N ASP B 365 -28.02 -18.09 -11.96
CA ASP B 365 -26.91 -18.47 -11.11
C ASP B 365 -26.93 -19.94 -10.71
N THR B 366 -28.03 -20.64 -10.94
CA THR B 366 -28.12 -22.06 -10.61
C THR B 366 -28.86 -22.77 -11.73
N TYR B 367 -28.31 -23.91 -12.18
CA TYR B 367 -29.01 -24.76 -13.13
C TYR B 367 -28.70 -26.22 -12.84
N ARG B 368 -29.72 -26.97 -12.47
CA ARG B 368 -29.61 -28.42 -12.30
C ARG B 368 -30.71 -29.07 -13.12
N SER B 369 -30.32 -29.97 -14.00
CA SER B 369 -31.30 -30.61 -14.84
C SER B 369 -31.50 -32.06 -14.42
N PRO B 370 -32.72 -32.56 -14.43
CA PRO B 370 -32.96 -33.96 -14.08
C PRO B 370 -32.61 -34.89 -15.22
N GLY B 371 -32.61 -36.18 -14.91
CA GLY B 371 -32.38 -37.20 -15.91
C GLY B 371 -33.11 -38.48 -15.57
N GLY B 372 -32.63 -39.61 -16.06
CA GLY B 372 -33.19 -40.88 -15.69
C GLY B 372 -34.16 -41.43 -16.70
N PHE B 373 -34.90 -42.44 -16.25
CA PHE B 373 -35.80 -43.18 -17.13
C PHE B 373 -37.00 -42.34 -17.52
N GLY B 374 -37.30 -42.31 -18.82
CA GLY B 374 -38.48 -41.66 -19.32
C GLY B 374 -38.38 -40.16 -19.47
N ILE B 375 -37.19 -39.58 -19.35
CA ILE B 375 -37.02 -38.14 -19.35
C ILE B 375 -36.27 -37.74 -20.60
N ARG B 376 -36.77 -36.71 -21.30
CA ARG B 376 -36.10 -36.15 -22.45
C ARG B 376 -35.94 -34.65 -22.26
N LEU B 377 -34.74 -34.14 -22.54
CA LEU B 377 -34.42 -32.73 -22.36
C LEU B 377 -34.00 -32.13 -23.69
N ASP B 378 -34.62 -31.01 -24.04
CA ASP B 378 -34.19 -30.19 -25.17
C ASP B 378 -33.97 -28.79 -24.61
N VAL B 379 -32.78 -28.56 -24.09
CA VAL B 379 -32.48 -27.30 -23.42
C VAL B 379 -32.17 -26.22 -24.45
N GLY B 380 -32.65 -25.02 -24.19
CA GLY B 380 -32.25 -23.87 -24.97
C GLY B 380 -31.04 -23.21 -24.36
N ASN B 381 -31.18 -21.94 -23.96
CA ASN B 381 -30.10 -21.24 -23.28
C ASN B 381 -30.42 -21.18 -21.80
N ALA B 382 -30.10 -22.27 -21.11
CA ALA B 382 -30.33 -22.38 -19.67
C ALA B 382 -29.10 -23.07 -19.07
N TYR B 383 -28.18 -22.28 -18.56
CA TYR B 383 -27.03 -22.79 -17.85
C TYR B 383 -26.61 -21.76 -16.82
N ALA B 384 -25.79 -22.19 -15.88
CA ALA B 384 -25.30 -21.28 -14.86
C ALA B 384 -24.42 -20.21 -15.49
N GLY B 385 -24.72 -18.95 -15.17
CA GLY B 385 -24.02 -17.82 -15.74
C GLY B 385 -24.67 -17.22 -16.97
N TYR B 386 -25.69 -17.84 -17.54
CA TYR B 386 -26.33 -17.28 -18.71
C TYR B 386 -27.18 -16.08 -18.33
N GLU B 387 -26.96 -14.97 -19.04
CA GLU B 387 -27.72 -13.75 -18.82
C GLU B 387 -28.94 -13.76 -19.73
N VAL B 388 -30.12 -13.95 -19.16
CA VAL B 388 -31.35 -13.95 -19.94
C VAL B 388 -31.67 -12.53 -20.36
N THR B 389 -31.72 -12.31 -21.66
CA THR B 389 -32.01 -11.05 -22.30
C THR B 389 -33.51 -10.95 -22.62
N PRO B 390 -34.07 -9.73 -22.69
CA PRO B 390 -35.46 -9.59 -23.10
C PRO B 390 -35.69 -9.67 -24.60
N TYR B 391 -34.64 -9.90 -25.38
CA TYR B 391 -34.77 -9.85 -26.84
C TYR B 391 -35.53 -11.04 -27.38
N PHE B 392 -35.20 -12.24 -26.92
CA PHE B 392 -35.66 -13.46 -27.55
C PHE B 392 -36.81 -14.09 -26.78
N ASP B 393 -37.18 -15.29 -27.19
CA ASP B 393 -38.26 -16.03 -26.55
C ASP B 393 -37.87 -16.40 -25.12
N SER B 394 -38.90 -16.58 -24.29
CA SER B 394 -38.69 -16.81 -22.87
C SER B 394 -38.33 -18.24 -22.54
N LEU B 395 -38.28 -19.13 -23.53
CA LEU B 395 -38.04 -20.55 -23.29
C LEU B 395 -36.66 -20.79 -22.68
N LEU B 396 -36.62 -21.63 -21.65
CA LEU B 396 -35.38 -22.06 -21.04
C LEU B 396 -35.01 -23.48 -21.43
N VAL B 397 -35.92 -24.42 -21.20
CA VAL B 397 -35.67 -25.83 -21.48
C VAL B 397 -37.01 -26.52 -21.70
N LYS B 398 -37.09 -27.30 -22.77
CA LYS B 398 -38.21 -28.21 -22.98
C LYS B 398 -37.89 -29.53 -22.30
N VAL B 399 -38.80 -30.01 -21.47
CA VAL B 399 -38.65 -31.31 -20.83
C VAL B 399 -39.85 -32.16 -21.22
N CYS B 400 -39.57 -33.39 -21.63
CA CYS B 400 -40.61 -34.33 -21.99
C CYS B 400 -40.48 -35.58 -21.14
N THR B 401 -41.59 -36.03 -20.58
CA THR B 401 -41.64 -37.30 -19.87
C THR B 401 -42.50 -38.26 -20.67
N PHE B 402 -42.03 -39.49 -20.81
CA PHE B 402 -42.75 -40.51 -21.56
C PHE B 402 -42.77 -41.80 -20.76
N ALA B 403 -43.87 -42.54 -20.88
CA ALA B 403 -44.04 -43.79 -20.15
C ALA B 403 -45.09 -44.62 -20.86
N ASN B 404 -45.20 -45.89 -20.44
CA ASN B 404 -46.22 -46.77 -20.98
C ASN B 404 -47.62 -46.29 -20.61
N GLU B 405 -47.80 -45.81 -19.39
CA GLU B 405 -49.07 -45.30 -18.91
C GLU B 405 -49.00 -43.79 -18.76
N PHE B 406 -50.15 -43.14 -18.96
CA PHE B 406 -50.20 -41.69 -18.81
C PHE B 406 -49.99 -41.26 -17.36
N SER B 407 -50.46 -42.05 -16.39
CA SER B 407 -50.27 -41.70 -14.99
C SER B 407 -48.78 -41.72 -14.61
N ASP B 408 -48.03 -42.68 -15.16
CA ASP B 408 -46.59 -42.70 -14.91
C ASP B 408 -45.89 -41.50 -15.55
N SER B 409 -46.37 -41.07 -16.73
CA SER B 409 -45.83 -39.86 -17.34
C SER B 409 -46.10 -38.64 -16.48
N VAL B 410 -47.30 -38.55 -15.90
CA VAL B 410 -47.63 -37.44 -15.01
C VAL B 410 -46.74 -37.46 -13.76
N ARG B 411 -46.54 -38.64 -13.18
CA ARG B 411 -45.70 -38.76 -11.99
C ARG B 411 -44.25 -38.36 -12.30
N LYS B 412 -43.74 -38.81 -13.45
CA LYS B 412 -42.38 -38.42 -13.85
C LYS B 412 -42.27 -36.93 -14.09
N MET B 413 -43.31 -36.32 -14.66
CA MET B 413 -43.22 -34.88 -14.91
C MET B 413 -43.29 -34.08 -13.61
N ASP B 414 -44.09 -34.53 -12.65
CA ASP B 414 -44.07 -33.90 -11.33
C ASP B 414 -42.70 -34.03 -10.69
N ARG B 415 -42.08 -35.22 -10.80
CA ARG B 415 -40.75 -35.43 -10.27
C ARG B 415 -39.72 -34.49 -10.92
N VAL B 416 -39.76 -34.34 -12.25
CA VAL B 416 -38.72 -33.54 -12.90
C VAL B 416 -38.98 -32.06 -12.70
N LEU B 417 -40.24 -31.66 -12.50
CA LEU B 417 -40.51 -30.26 -12.20
C LEU B 417 -40.04 -29.91 -10.81
N HIS B 418 -40.10 -30.87 -9.87
CA HIS B 418 -39.55 -30.59 -8.55
C HIS B 418 -38.02 -30.70 -8.55
N GLU B 419 -37.46 -31.58 -9.37
CA GLU B 419 -36.01 -31.76 -9.42
C GLU B 419 -35.31 -30.62 -10.16
N PHE B 420 -36.00 -29.98 -11.10
CA PHE B 420 -35.44 -28.83 -11.81
C PHE B 420 -35.12 -27.72 -10.83
N ARG B 421 -33.94 -27.13 -10.97
CA ARG B 421 -33.54 -25.99 -10.15
C ARG B 421 -32.97 -24.91 -11.05
N ILE B 422 -33.72 -23.82 -11.20
CA ILE B 422 -33.25 -22.63 -11.91
C ILE B 422 -33.42 -21.46 -10.96
N ARG B 423 -32.32 -20.84 -10.59
CA ARG B 423 -32.34 -19.70 -9.69
C ARG B 423 -31.68 -18.50 -10.36
N GLY B 424 -32.15 -17.31 -10.01
CA GLY B 424 -31.72 -16.07 -10.59
C GLY B 424 -32.75 -15.42 -11.47
N VAL B 425 -33.58 -16.21 -12.13
CA VAL B 425 -34.75 -15.71 -12.85
C VAL B 425 -35.94 -16.53 -12.41
N LYS B 426 -37.10 -15.88 -12.38
CA LYS B 426 -38.35 -16.58 -12.09
C LYS B 426 -38.73 -17.47 -13.26
N THR B 427 -39.35 -18.60 -12.96
CA THR B 427 -39.82 -19.53 -13.98
C THR B 427 -41.31 -19.79 -13.79
N ASN B 428 -41.90 -20.43 -14.79
CA ASN B 428 -43.29 -20.89 -14.75
C ASN B 428 -43.42 -22.27 -14.13
N ILE B 429 -42.36 -22.76 -13.48
CA ILE B 429 -42.41 -24.10 -12.86
C ILE B 429 -43.51 -24.26 -11.82
N PRO B 430 -43.74 -23.32 -10.87
CA PRO B 430 -44.87 -23.52 -9.94
C PRO B 430 -46.22 -23.65 -10.62
N PHE B 431 -46.45 -22.88 -11.68
CA PHE B 431 -47.69 -22.99 -12.44
C PHE B 431 -47.81 -24.35 -13.12
N LEU B 432 -46.71 -24.85 -13.68
CA LEU B 432 -46.71 -26.17 -14.31
C LEU B 432 -46.97 -27.25 -13.28
N ILE B 433 -46.41 -27.12 -12.08
CA ILE B 433 -46.65 -28.08 -11.01
C ILE B 433 -48.12 -28.10 -10.65
N ASN B 434 -48.74 -26.92 -10.55
CA ASN B 434 -50.18 -26.83 -10.26
C ASN B 434 -51.00 -27.50 -11.36
N VAL B 435 -50.65 -27.25 -12.63
CA VAL B 435 -51.42 -27.80 -13.75
C VAL B 435 -51.28 -29.33 -13.78
N ILE B 436 -50.08 -29.83 -13.55
CA ILE B 436 -49.83 -31.28 -13.51
C ILE B 436 -50.60 -31.91 -12.36
N ALA B 437 -50.72 -31.22 -11.24
CA ALA B 437 -51.43 -31.75 -10.09
C ALA B 437 -52.94 -31.85 -10.31
N ASN B 438 -53.50 -31.09 -11.26
CA ASN B 438 -54.95 -31.00 -11.39
C ASN B 438 -55.56 -32.27 -11.96
N GLU B 439 -56.74 -32.63 -11.45
CA GLU B 439 -57.43 -33.84 -11.89
C GLU B 439 -58.02 -33.69 -13.28
N ASN B 440 -58.32 -32.45 -13.70
CA ASN B 440 -58.79 -32.23 -15.07
C ASN B 440 -57.70 -32.56 -16.08
N PHE B 441 -56.45 -32.22 -15.76
CA PHE B 441 -55.35 -32.54 -16.66
C PHE B 441 -55.03 -34.04 -16.63
N THR B 442 -54.98 -34.64 -15.45
CA THR B 442 -54.51 -36.02 -15.34
C THR B 442 -55.51 -37.01 -15.93
N SER B 443 -56.79 -36.66 -15.96
CA SER B 443 -57.79 -37.51 -16.61
C SER B 443 -57.70 -37.45 -18.13
N GLY B 444 -56.93 -36.52 -18.68
CA GLY B 444 -56.88 -36.32 -20.11
C GLY B 444 -58.01 -35.48 -20.67
N GLN B 445 -58.94 -35.03 -19.83
CA GLN B 445 -60.13 -34.34 -20.29
C GLN B 445 -60.01 -32.82 -20.18
N ALA B 446 -58.79 -32.30 -20.26
CA ALA B 446 -58.62 -30.85 -20.23
C ALA B 446 -59.06 -30.25 -21.56
N THR B 447 -59.64 -29.06 -21.49
CA THR B 447 -60.08 -28.29 -22.64
C THR B 447 -59.30 -26.98 -22.68
N THR B 448 -59.54 -26.19 -23.71
CA THR B 448 -58.79 -24.94 -23.87
C THR B 448 -59.26 -23.84 -22.92
N THR B 449 -60.32 -24.06 -22.16
CA THR B 449 -60.78 -23.11 -21.16
C THR B 449 -60.43 -23.53 -19.74
N PHE B 450 -59.69 -24.63 -19.58
CA PHE B 450 -59.45 -25.22 -18.26
C PHE B 450 -58.61 -24.30 -17.39
N ILE B 451 -57.58 -23.66 -17.96
CA ILE B 451 -56.72 -22.81 -17.15
C ILE B 451 -57.45 -21.53 -16.75
N ASP B 452 -58.18 -20.93 -17.69
CA ASP B 452 -58.86 -19.66 -17.41
C ASP B 452 -60.03 -19.80 -16.46
N ASN B 453 -60.52 -21.03 -16.22
CA ASN B 453 -61.66 -21.26 -15.36
C ASN B 453 -61.29 -22.06 -14.12
N THR B 454 -60.00 -22.08 -13.77
CA THR B 454 -59.54 -22.78 -12.57
C THR B 454 -58.60 -21.85 -11.80
N PRO B 455 -59.14 -21.02 -10.91
CA PRO B 455 -58.28 -20.11 -10.13
C PRO B 455 -57.34 -20.81 -9.18
N SER B 456 -57.60 -22.06 -8.81
CA SER B 456 -56.71 -22.81 -7.93
C SER B 456 -55.38 -23.15 -8.58
N LEU B 457 -55.23 -22.97 -9.90
CA LEU B 457 -53.94 -23.14 -10.54
C LEU B 457 -52.97 -22.04 -10.18
N PHE B 458 -53.46 -20.91 -9.68
CA PHE B 458 -52.64 -19.73 -9.43
C PHE B 458 -52.32 -19.54 -7.95
N ASN B 459 -52.57 -20.57 -7.14
CA ASN B 459 -52.13 -20.60 -5.75
C ASN B 459 -50.77 -21.28 -5.70
N PHE B 460 -49.77 -20.55 -5.24
CA PHE B 460 -48.42 -21.07 -5.23
C PHE B 460 -47.88 -21.16 -3.81
N PRO B 461 -47.39 -22.33 -3.40
CA PRO B 461 -46.82 -22.46 -2.06
C PRO B 461 -45.56 -21.61 -1.91
N ARG B 462 -45.30 -21.18 -0.68
CA ARG B 462 -44.08 -20.44 -0.41
C ARG B 462 -42.89 -21.37 -0.46
N LEU B 463 -41.85 -20.95 -1.17
CA LEU B 463 -40.62 -21.70 -1.28
C LEU B 463 -39.58 -21.06 -0.38
N ARG B 464 -38.89 -21.88 0.40
CA ARG B 464 -37.94 -21.35 1.39
C ARG B 464 -36.73 -20.72 0.71
N ASP B 465 -36.13 -21.42 -0.25
CA ASP B 465 -34.94 -20.99 -0.98
C ASP B 465 -33.81 -20.60 -0.03
N ARG B 466 -33.48 -21.55 0.84
CA ARG B 466 -32.59 -21.24 1.96
C ARG B 466 -31.13 -21.19 1.58
N GLY B 467 -30.72 -21.84 0.48
CA GLY B 467 -29.36 -21.68 0.01
C GLY B 467 -29.08 -20.27 -0.48
N THR B 468 -30.01 -19.71 -1.26
CA THR B 468 -29.86 -18.37 -1.81
C THR B 468 -29.80 -17.32 -0.70
N LYS B 469 -30.72 -17.41 0.26
CA LYS B 469 -30.78 -16.43 1.33
C LYS B 469 -29.56 -16.52 2.24
N THR B 470 -29.09 -17.73 2.53
CA THR B 470 -27.89 -17.90 3.35
C THR B 470 -26.68 -17.32 2.65
N LEU B 471 -26.53 -17.58 1.34
CA LEU B 471 -25.42 -17.02 0.58
C LEU B 471 -25.50 -15.49 0.54
N HIS B 472 -26.72 -14.97 0.42
CA HIS B 472 -26.92 -13.52 0.41
C HIS B 472 -26.51 -12.89 1.73
N TYR B 473 -26.88 -13.51 2.86
CA TYR B 473 -26.48 -12.99 4.16
C TYR B 473 -24.98 -13.09 4.37
N LEU B 474 -24.38 -14.21 3.96
CA LEU B 474 -22.94 -14.38 4.09
C LEU B 474 -22.19 -13.34 3.27
N SER B 475 -22.66 -13.07 2.06
CA SER B 475 -22.04 -12.05 1.22
C SER B 475 -22.20 -10.66 1.83
N MET B 476 -23.38 -10.36 2.37
CA MET B 476 -23.62 -9.05 2.96
C MET B 476 -22.70 -8.81 4.15
N ILE B 477 -22.58 -9.80 5.04
CA ILE B 477 -21.71 -9.61 6.21
C ILE B 477 -20.24 -9.62 5.79
N THR B 478 -19.87 -10.45 4.81
CA THR B 478 -18.47 -10.54 4.38
C THR B 478 -17.99 -9.23 3.75
N VAL B 479 -18.80 -8.61 2.91
CA VAL B 479 -18.30 -7.42 2.23
C VAL B 479 -18.68 -6.11 2.93
N ASN B 480 -19.74 -6.10 3.73
CA ASN B 480 -20.20 -4.87 4.34
C ASN B 480 -20.08 -4.84 5.85
N GLY B 481 -19.80 -5.97 6.48
CA GLY B 481 -19.65 -6.02 7.91
C GLY B 481 -20.98 -6.10 8.63
N PHE B 482 -20.93 -6.58 9.86
CA PHE B 482 -22.10 -6.58 10.71
C PHE B 482 -22.42 -5.16 11.16
N PRO B 483 -23.68 -4.76 11.18
CA PRO B 483 -24.02 -3.40 11.60
C PRO B 483 -23.73 -3.18 13.08
N GLY B 484 -23.15 -2.02 13.38
CA GLY B 484 -22.94 -1.60 14.74
C GLY B 484 -21.63 -2.05 15.37
N ILE B 485 -20.85 -2.89 14.70
CA ILE B 485 -19.57 -3.34 15.22
C ILE B 485 -18.49 -3.07 14.17
N GLU B 486 -17.23 -3.16 14.62
CA GLU B 486 -16.09 -3.02 13.74
C GLU B 486 -16.05 -4.15 12.72
N ASN B 487 -15.58 -3.82 11.52
CA ASN B 487 -15.50 -4.78 10.42
C ASN B 487 -14.17 -5.53 10.44
N THR B 488 -13.93 -6.20 11.56
CA THR B 488 -12.70 -6.96 11.74
C THR B 488 -12.78 -8.30 11.00
N GLU B 489 -11.63 -8.94 10.88
CA GLU B 489 -11.58 -10.26 10.28
C GLU B 489 -12.13 -11.30 11.24
N LYS B 490 -12.51 -12.45 10.69
CA LYS B 490 -13.02 -13.54 11.50
C LYS B 490 -11.85 -14.34 12.07
N ARG B 491 -11.74 -14.37 13.39
CA ARG B 491 -10.75 -15.20 14.04
C ARG B 491 -11.12 -16.66 13.93
N HIS B 492 -10.12 -17.52 13.89
CA HIS B 492 -10.36 -18.95 13.99
C HIS B 492 -10.69 -19.29 15.44
N PHE B 493 -11.72 -20.09 15.64
CA PHE B 493 -12.16 -20.45 16.98
C PHE B 493 -12.18 -21.96 17.12
N GLU B 494 -11.70 -22.44 18.27
CA GLU B 494 -11.87 -23.84 18.59
C GLU B 494 -13.33 -24.13 18.92
N GLU B 495 -13.70 -25.40 18.78
CA GLU B 495 -15.02 -25.81 19.20
C GLU B 495 -15.16 -25.65 20.71
N PRO B 496 -16.31 -25.17 21.20
CA PRO B 496 -16.47 -24.99 22.65
C PRO B 496 -16.42 -26.32 23.38
N ARG B 497 -15.82 -26.31 24.56
CA ARG B 497 -15.63 -27.54 25.31
C ARG B 497 -16.97 -28.08 25.79
N GLN B 498 -17.20 -29.34 25.55
CA GLN B 498 -18.44 -29.99 25.94
C GLN B 498 -18.29 -30.55 27.36
N PRO B 499 -19.28 -30.36 28.22
CA PRO B 499 -19.15 -30.81 29.61
C PRO B 499 -19.13 -32.32 29.74
N LEU B 500 -18.42 -32.78 30.75
CA LEU B 500 -18.45 -34.19 31.19
C LEU B 500 -19.25 -34.18 32.48
N LEU B 501 -20.49 -34.66 32.38
CA LEU B 501 -21.45 -34.53 33.48
C LEU B 501 -21.62 -35.85 34.21
N ASN B 502 -21.84 -35.75 35.51
CA ASN B 502 -22.25 -36.88 36.35
C ASN B 502 -23.74 -36.71 36.61
N LEU B 503 -24.55 -37.33 35.76
CA LEU B 503 -25.99 -37.13 35.80
C LEU B 503 -26.61 -37.87 36.97
N GLU B 504 -27.45 -37.17 37.73
CA GLU B 504 -28.24 -37.75 38.81
C GLU B 504 -29.69 -37.37 38.60
N LYS B 505 -30.53 -38.37 38.36
CA LYS B 505 -31.94 -38.10 38.13
C LYS B 505 -32.64 -37.72 39.44
N LYS B 506 -33.44 -36.67 39.38
CA LYS B 506 -34.26 -36.27 40.52
C LYS B 506 -35.45 -35.49 40.00
N LYS B 507 -36.51 -35.46 40.81
CA LYS B 507 -37.72 -34.74 40.44
C LYS B 507 -37.48 -33.24 40.59
N THR B 508 -37.63 -32.50 39.49
CA THR B 508 -37.39 -31.07 39.51
C THR B 508 -38.69 -30.33 39.82
N ALA B 509 -38.56 -29.02 39.96
CA ALA B 509 -39.74 -28.18 40.21
C ALA B 509 -40.62 -28.10 38.98
N LYS B 510 -40.05 -28.28 37.78
CA LYS B 510 -40.85 -28.34 36.56
C LYS B 510 -41.77 -29.55 36.59
N ASN B 511 -41.28 -30.69 37.07
CA ASN B 511 -42.12 -31.89 37.16
C ASN B 511 -43.26 -31.67 38.14
N ILE B 512 -42.99 -31.05 39.28
CA ILE B 512 -44.02 -30.79 40.28
C ILE B 512 -45.05 -29.82 39.73
N LEU B 513 -44.61 -28.84 38.94
CA LEU B 513 -45.57 -27.97 38.25
C LEU B 513 -46.34 -28.73 37.18
N ASP B 514 -45.74 -29.77 36.59
CA ASP B 514 -46.40 -30.50 35.53
C ASP B 514 -47.55 -31.35 36.06
N GLU B 515 -47.26 -32.24 37.03
CA GLU B 515 -48.34 -33.09 37.53
C GLU B 515 -49.21 -32.34 38.54
N GLN B 516 -48.62 -31.89 39.63
CA GLN B 516 -49.34 -31.11 40.63
C GLN B 516 -49.34 -29.64 40.18
N GLY B 517 -49.83 -28.75 41.03
CA GLY B 517 -50.01 -27.36 40.65
C GLY B 517 -48.89 -26.45 41.08
N ALA B 518 -49.14 -25.14 40.93
CA ALA B 518 -48.19 -24.14 41.40
C ALA B 518 -48.06 -24.12 42.91
N ASP B 519 -49.15 -24.43 43.63
CA ASP B 519 -49.09 -24.45 45.08
C ASP B 519 -48.21 -25.58 45.59
N ALA B 520 -48.17 -26.71 44.88
CA ALA B 520 -47.24 -27.76 45.25
C ALA B 520 -45.79 -27.36 44.99
N VAL B 521 -45.54 -26.53 43.96
CA VAL B 521 -44.21 -25.98 43.76
C VAL B 521 -43.84 -25.07 44.92
N VAL B 522 -44.79 -24.24 45.38
CA VAL B 522 -44.55 -23.36 46.53
C VAL B 522 -44.26 -24.18 47.78
N ASP B 523 -44.99 -25.27 47.97
CA ASP B 523 -44.72 -26.15 49.11
C ASP B 523 -43.35 -26.82 48.99
N TYR B 524 -42.95 -27.18 47.78
CA TYR B 524 -41.63 -27.73 47.56
C TYR B 524 -40.54 -26.72 47.90
N VAL B 525 -40.76 -25.45 47.57
CA VAL B 525 -39.78 -24.42 47.91
C VAL B 525 -39.76 -24.19 49.41
N LYS B 526 -40.93 -24.17 50.06
CA LYS B 526 -41.00 -23.95 51.50
C LYS B 526 -40.33 -25.07 52.27
N ASN B 527 -40.48 -26.30 51.82
CA ASN B 527 -39.96 -27.46 52.54
C ASN B 527 -38.51 -27.78 52.18
N THR B 528 -37.90 -27.00 51.29
CA THR B 528 -36.49 -27.18 50.97
C THR B 528 -35.66 -26.37 51.96
N LYS B 529 -34.72 -27.05 52.63
CA LYS B 529 -33.87 -26.36 53.60
C LYS B 529 -32.71 -25.66 52.93
N GLU B 530 -32.24 -26.18 51.80
CA GLU B 530 -31.21 -25.51 51.03
C GLU B 530 -31.77 -24.26 50.37
N VAL B 531 -30.88 -23.35 50.01
CA VAL B 531 -31.29 -22.22 49.18
C VAL B 531 -31.31 -22.66 47.73
N LEU B 532 -32.37 -22.29 47.02
CA LEU B 532 -32.52 -22.67 45.63
C LEU B 532 -31.87 -21.62 44.72
N LEU B 533 -31.51 -22.05 43.52
CA LEU B 533 -30.80 -21.20 42.58
C LEU B 533 -31.60 -21.06 41.28
N THR B 534 -31.66 -19.83 40.79
CA THR B 534 -32.24 -19.54 39.49
C THR B 534 -31.11 -19.05 38.57
N ASP B 535 -30.90 -19.77 37.47
CA ASP B 535 -29.84 -19.45 36.53
C ASP B 535 -30.26 -18.28 35.65
N THR B 536 -29.50 -17.19 35.70
CA THR B 536 -29.75 -16.02 34.86
C THR B 536 -28.82 -15.97 33.66
N THR B 537 -28.13 -17.05 33.36
CA THR B 537 -27.17 -17.07 32.25
C THR B 537 -27.86 -16.81 30.92
N LEU B 538 -29.04 -17.38 30.73
CA LEU B 538 -29.72 -17.28 29.44
C LEU B 538 -30.39 -15.93 29.22
N ARG B 539 -30.66 -15.16 30.27
CA ARG B 539 -31.23 -13.83 30.07
C ARG B 539 -30.34 -12.72 30.65
N ASP B 540 -30.20 -12.64 31.97
CA ASP B 540 -29.75 -11.40 32.57
C ASP B 540 -28.23 -11.27 32.54
N ALA B 541 -27.52 -12.39 32.61
CA ALA B 541 -26.06 -12.36 32.58
C ALA B 541 -25.54 -11.79 31.27
N HIS B 542 -26.12 -12.19 30.15
CA HIS B 542 -25.70 -11.64 28.88
C HIS B 542 -26.41 -10.35 28.53
N GLN B 543 -27.55 -10.06 29.16
CA GLN B 543 -28.11 -8.71 29.05
C GLN B 543 -27.18 -7.68 29.69
N SER B 544 -26.60 -8.02 30.84
CA SER B 544 -25.71 -7.10 31.54
C SER B 544 -24.35 -7.00 30.86
N LEU B 545 -23.78 -8.13 30.44
CA LEU B 545 -22.40 -8.14 29.97
C LEU B 545 -22.28 -8.06 28.46
N LEU B 546 -23.11 -8.78 27.71
CA LEU B 546 -22.93 -8.91 26.27
C LEU B 546 -23.96 -8.12 25.47
N ALA B 547 -24.60 -7.12 26.10
CA ALA B 547 -25.64 -6.28 25.50
C ALA B 547 -26.78 -7.11 24.93
N THR B 548 -27.13 -8.18 25.65
CA THR B 548 -28.25 -9.09 25.35
C THR B 548 -28.05 -9.83 24.02
N ARG B 549 -26.84 -9.83 23.47
CA ARG B 549 -26.61 -10.32 22.12
C ARG B 549 -26.42 -11.82 22.03
N LEU B 550 -26.49 -12.55 23.15
CA LEU B 550 -26.26 -13.98 23.12
C LEU B 550 -27.34 -14.70 22.33
N ARG B 551 -26.92 -15.53 21.38
CA ARG B 551 -27.81 -16.09 20.40
C ARG B 551 -28.30 -17.47 20.80
N LEU B 552 -29.39 -17.89 20.17
CA LEU B 552 -29.95 -19.21 20.40
C LEU B 552 -28.98 -20.32 19.99
N GLN B 553 -28.17 -20.08 18.95
CA GLN B 553 -27.24 -21.09 18.47
C GLN B 553 -26.21 -21.45 19.53
N ASP B 554 -25.82 -20.50 20.37
CA ASP B 554 -24.93 -20.79 21.47
C ASP B 554 -25.66 -21.41 22.65
N MET B 555 -26.93 -21.04 22.86
CA MET B 555 -27.71 -21.64 23.93
C MET B 555 -27.99 -23.12 23.66
N LYS B 556 -28.15 -23.48 22.38
CA LYS B 556 -28.58 -24.83 22.00
C LYS B 556 -27.51 -25.86 22.29
N GLY B 557 -26.24 -25.49 22.20
CA GLY B 557 -25.17 -26.45 22.44
C GLY B 557 -25.04 -26.88 23.89
N ILE B 558 -25.70 -26.18 24.82
CA ILE B 558 -25.53 -26.42 26.24
C ILE B 558 -26.86 -26.50 26.99
N ALA B 559 -27.99 -26.28 26.31
CA ALA B 559 -29.27 -26.29 27.01
C ALA B 559 -29.59 -27.65 27.61
N GLN B 560 -29.34 -28.73 26.85
CA GLN B 560 -29.58 -30.07 27.36
C GLN B 560 -28.63 -30.38 28.52
N ALA B 561 -27.38 -29.93 28.43
CA ALA B 561 -26.43 -30.14 29.50
C ALA B 561 -26.85 -29.41 30.77
N ILE B 562 -27.42 -28.21 30.64
CA ILE B 562 -27.91 -27.50 31.82
C ILE B 562 -29.12 -28.21 32.41
N ASP B 563 -30.03 -28.67 31.53
CA ASP B 563 -31.24 -29.34 31.99
C ASP B 563 -30.94 -30.64 32.71
N GLN B 564 -30.00 -31.42 32.21
CA GLN B 564 -29.69 -32.72 32.80
C GLN B 564 -28.67 -32.62 33.92
N GLY B 565 -27.58 -31.86 33.71
CA GLY B 565 -26.52 -31.77 34.69
C GLY B 565 -26.81 -30.87 35.87
N LEU B 566 -27.80 -30.00 35.76
CA LEU B 566 -28.21 -29.15 36.88
C LEU B 566 -29.72 -29.26 37.09
N PRO B 567 -30.19 -30.42 37.57
CA PRO B 567 -31.64 -30.55 37.84
C PRO B 567 -32.08 -29.87 39.12
N GLU B 568 -31.14 -29.51 39.99
CA GLU B 568 -31.46 -28.86 41.24
C GLU B 568 -31.86 -27.39 41.08
N LEU B 569 -31.70 -26.83 39.88
CA LEU B 569 -32.10 -25.45 39.63
C LEU B 569 -33.60 -25.30 39.81
N PHE B 570 -34.00 -24.25 40.52
CA PHE B 570 -35.42 -23.93 40.65
C PHE B 570 -36.02 -23.54 39.31
N SER B 571 -35.32 -22.72 38.55
CA SER B 571 -35.77 -22.26 37.25
C SER B 571 -34.58 -21.72 36.48
N ALA B 572 -34.76 -21.54 35.18
CA ALA B 572 -33.78 -20.88 34.34
C ALA B 572 -34.41 -19.65 33.72
N GLU B 573 -33.85 -18.48 34.03
CA GLU B 573 -34.35 -17.24 33.46
C GLU B 573 -33.83 -17.16 32.03
N MET B 574 -34.72 -17.35 31.07
CA MET B 574 -34.32 -17.47 29.67
C MET B 574 -35.09 -16.51 28.76
N TRP B 575 -36.02 -15.74 29.31
CA TRP B 575 -36.88 -14.91 28.49
C TRP B 575 -37.17 -13.60 29.20
N GLY B 576 -37.84 -12.71 28.49
CA GLY B 576 -38.23 -11.44 29.05
C GLY B 576 -37.09 -10.45 29.06
N GLY B 577 -37.36 -9.31 29.69
CA GLY B 577 -36.39 -8.25 29.71
C GLY B 577 -36.16 -7.67 28.33
N ALA B 578 -34.90 -7.40 28.02
CA ALA B 578 -34.52 -6.86 26.73
C ALA B 578 -34.32 -7.94 25.67
N THR B 579 -34.45 -9.23 26.03
CA THR B 579 -34.22 -10.30 25.06
C THR B 579 -35.23 -10.25 23.92
N PHE B 580 -36.48 -9.95 24.25
CA PHE B 580 -37.56 -9.94 23.26
C PHE B 580 -37.29 -8.91 22.16
N ASP B 581 -36.98 -7.68 22.55
CA ASP B 581 -36.65 -6.64 21.58
C ASP B 581 -35.33 -6.95 20.86
N VAL B 582 -34.31 -7.37 21.61
CA VAL B 582 -32.98 -7.47 21.05
C VAL B 582 -32.90 -8.59 20.02
N ALA B 583 -33.54 -9.72 20.28
CA ALA B 583 -33.53 -10.84 19.34
C ALA B 583 -34.08 -10.42 17.99
N TYR B 584 -35.29 -9.85 17.98
CA TYR B 584 -35.93 -9.36 16.76
C TYR B 584 -35.11 -8.29 16.08
N ARG B 585 -34.60 -7.32 16.84
CA ARG B 585 -34.02 -6.12 16.24
C ARG B 585 -32.60 -6.37 15.75
N PHE B 586 -31.73 -6.88 16.62
CA PHE B 586 -30.32 -7.02 16.31
C PHE B 586 -29.90 -8.44 15.96
N LEU B 587 -30.59 -9.47 16.48
CA LEU B 587 -30.16 -10.81 16.20
C LEU B 587 -30.93 -11.45 15.06
N ASN B 588 -32.04 -10.82 14.65
CA ASN B 588 -32.90 -11.30 13.55
C ASN B 588 -33.38 -12.72 13.80
N GLU B 589 -33.70 -13.02 15.05
CA GLU B 589 -34.31 -14.29 15.41
C GLU B 589 -35.52 -14.01 16.29
N SER B 590 -36.50 -14.87 16.18
CA SER B 590 -37.71 -14.69 16.96
C SER B 590 -37.46 -15.15 18.40
N PRO B 591 -37.85 -14.34 19.39
CA PRO B 591 -37.84 -14.83 20.79
C PRO B 591 -38.75 -16.03 21.00
N TRP B 592 -39.85 -16.11 20.27
CA TRP B 592 -40.73 -17.26 20.34
C TRP B 592 -40.05 -18.53 19.84
N TYR B 593 -39.28 -18.40 18.75
CA TYR B 593 -38.54 -19.55 18.23
C TYR B 593 -37.48 -20.01 19.23
N ARG B 594 -36.80 -19.06 19.86
CA ARG B 594 -35.84 -19.39 20.91
C ARG B 594 -36.51 -20.11 22.07
N LEU B 595 -37.68 -19.62 22.48
CA LEU B 595 -38.41 -20.26 23.58
C LEU B 595 -38.82 -21.67 23.21
N ARG B 596 -39.29 -21.89 21.97
CA ARG B 596 -39.70 -23.22 21.55
C ARG B 596 -38.53 -24.19 21.51
N LYS B 597 -37.41 -23.78 20.91
CA LYS B 597 -36.25 -24.65 20.82
C LYS B 597 -35.69 -24.97 22.19
N LEU B 598 -35.61 -23.97 23.08
CA LEU B 598 -35.10 -24.21 24.42
C LEU B 598 -36.05 -25.08 25.23
N ARG B 599 -37.36 -24.92 25.03
CA ARG B 599 -38.33 -25.76 25.73
C ARG B 599 -38.21 -27.21 25.29
N LYS B 600 -37.99 -27.45 24.01
CA LYS B 600 -37.74 -28.81 23.55
C LYS B 600 -36.46 -29.36 24.14
N LEU B 601 -35.41 -28.53 24.20
CA LEU B 601 -34.13 -29.00 24.71
C LEU B 601 -34.08 -29.13 26.22
N MET B 602 -34.98 -28.46 26.95
CA MET B 602 -34.94 -28.41 28.41
C MET B 602 -36.29 -28.81 28.98
N PRO B 603 -36.62 -30.10 28.95
CA PRO B 603 -37.97 -30.50 29.38
C PRO B 603 -38.20 -30.45 30.88
N ASN B 604 -37.16 -30.66 31.70
CA ASN B 604 -37.31 -30.76 33.14
C ASN B 604 -36.81 -29.51 33.87
N THR B 605 -36.76 -28.37 33.19
CA THR B 605 -36.28 -27.14 33.78
C THR B 605 -37.37 -26.08 33.67
N MET B 606 -37.70 -25.44 34.80
CA MET B 606 -38.65 -24.35 34.76
C MET B 606 -38.08 -23.16 33.99
N PHE B 607 -38.92 -22.55 33.17
CA PHE B 607 -38.55 -21.40 32.37
C PHE B 607 -39.12 -20.15 33.01
N GLN B 608 -38.27 -19.17 33.26
CA GLN B 608 -38.67 -17.94 33.91
C GLN B 608 -38.46 -16.76 32.98
N MET B 609 -39.43 -15.85 32.95
CA MET B 609 -39.28 -14.63 32.18
C MET B 609 -39.46 -13.43 33.09
N LEU B 610 -38.86 -12.32 32.69
CA LEU B 610 -39.02 -11.04 33.38
C LEU B 610 -40.16 -10.29 32.71
N PHE B 611 -41.30 -10.26 33.39
CA PHE B 611 -42.50 -9.62 32.90
C PHE B 611 -42.64 -8.24 33.55
N ARG B 612 -42.81 -7.20 32.74
CA ARG B 612 -42.86 -5.83 33.24
C ARG B 612 -44.29 -5.41 33.59
N GLY B 613 -45.16 -6.35 33.92
CA GLY B 613 -46.48 -6.02 34.41
C GLY B 613 -47.38 -5.47 33.31
N SER B 614 -47.67 -4.18 33.39
CA SER B 614 -48.52 -3.55 32.39
C SER B 614 -47.77 -3.33 31.08
N ASN B 615 -46.44 -3.28 31.14
CA ASN B 615 -45.65 -3.06 29.93
C ASN B 615 -45.34 -4.38 29.23
N ALA B 616 -45.39 -5.49 29.97
CA ALA B 616 -45.09 -6.85 29.50
C ALA B 616 -43.64 -6.91 29.02
N VAL B 617 -43.36 -7.02 27.71
CA VAL B 617 -41.98 -6.93 27.27
C VAL B 617 -41.71 -5.65 26.48
N GLY B 618 -42.67 -4.73 26.41
CA GLY B 618 -42.47 -3.45 25.78
C GLY B 618 -41.96 -2.40 26.75
N TYR B 619 -41.91 -1.16 26.26
CA TYR B 619 -41.54 -0.02 27.09
C TYR B 619 -42.71 0.92 27.35
N GLN B 620 -43.74 0.87 26.53
CA GLN B 620 -44.95 1.65 26.72
C GLN B 620 -45.97 0.82 27.49
N ASN B 621 -47.21 1.28 27.55
CA ASN B 621 -48.30 0.57 28.20
C ASN B 621 -49.23 -0.01 27.14
N TYR B 622 -49.88 -1.11 27.49
CA TYR B 622 -50.76 -1.83 26.59
C TYR B 622 -52.08 -2.11 27.26
N PRO B 623 -53.17 -2.26 26.50
CA PRO B 623 -54.46 -2.62 27.10
C PRO B 623 -54.41 -3.98 27.77
N ASP B 624 -55.41 -4.22 28.63
CA ASP B 624 -55.39 -5.36 29.53
C ASP B 624 -55.47 -6.68 28.77
N ASN B 625 -56.28 -6.73 27.71
CA ASN B 625 -56.44 -7.98 26.96
C ASN B 625 -55.17 -8.34 26.20
N VAL B 626 -54.38 -7.34 25.80
CA VAL B 626 -53.08 -7.60 25.18
C VAL B 626 -52.15 -8.30 26.17
N ILE B 627 -52.12 -7.81 27.41
CA ILE B 627 -51.28 -8.40 28.44
C ILE B 627 -51.74 -9.82 28.77
N GLU B 628 -53.06 -10.03 28.86
CA GLU B 628 -53.57 -11.37 29.15
C GLU B 628 -53.29 -12.34 28.00
N GLU B 629 -53.42 -11.87 26.75
CA GLU B 629 -53.11 -12.73 25.61
C GLU B 629 -51.63 -13.06 25.55
N PHE B 630 -50.75 -12.09 25.85
CA PHE B 630 -49.32 -12.38 25.92
C PHE B 630 -49.03 -13.43 26.98
N ILE B 631 -49.65 -13.31 28.15
CA ILE B 631 -49.42 -14.28 29.21
C ILE B 631 -49.93 -15.65 28.81
N ARG B 632 -51.09 -15.71 28.14
CA ARG B 632 -51.63 -16.99 27.71
C ARG B 632 -50.72 -17.67 26.69
N VAL B 633 -50.26 -16.91 25.70
CA VAL B 633 -49.39 -17.49 24.66
C VAL B 633 -48.04 -17.89 25.24
N ALA B 634 -47.47 -17.05 26.12
CA ALA B 634 -46.19 -17.37 26.72
C ALA B 634 -46.27 -18.58 27.64
N ALA B 635 -47.36 -18.70 28.39
CA ALA B 635 -47.55 -19.87 29.25
C ALA B 635 -47.77 -21.13 28.43
N HIS B 636 -48.49 -21.01 27.30
CA HIS B 636 -48.71 -22.15 26.44
C HIS B 636 -47.43 -22.59 25.76
N GLU B 637 -46.59 -21.64 25.36
CA GLU B 637 -45.34 -21.99 24.67
C GLU B 637 -44.24 -22.42 25.62
N GLY B 638 -44.42 -22.29 26.93
CA GLY B 638 -43.51 -22.94 27.85
C GLY B 638 -42.92 -22.12 28.96
N ILE B 639 -43.39 -20.90 29.18
CA ILE B 639 -42.92 -20.11 30.31
C ILE B 639 -43.63 -20.60 31.57
N ASP B 640 -42.87 -21.02 32.56
CA ASP B 640 -43.41 -21.57 33.79
C ASP B 640 -43.51 -20.55 34.92
N VAL B 641 -42.53 -19.67 35.05
CA VAL B 641 -42.50 -18.68 36.12
C VAL B 641 -42.52 -17.30 35.49
N PHE B 642 -43.43 -16.46 35.96
CA PHE B 642 -43.53 -15.07 35.51
C PHE B 642 -43.10 -14.17 36.64
N ARG B 643 -41.94 -13.54 36.51
CA ARG B 643 -41.51 -12.53 37.45
C ARG B 643 -42.12 -11.20 37.02
N ILE B 644 -43.13 -10.76 37.76
CA ILE B 644 -43.93 -9.60 37.39
C ILE B 644 -43.53 -8.44 38.29
N PHE B 645 -43.04 -7.36 37.68
CA PHE B 645 -42.67 -6.18 38.42
C PHE B 645 -43.25 -4.94 37.76
N ASP B 646 -43.46 -3.91 38.57
CA ASP B 646 -43.76 -2.58 38.07
C ASP B 646 -42.54 -1.70 38.29
N SER B 647 -42.30 -0.79 37.35
CA SER B 647 -41.12 0.05 37.41
C SER B 647 -41.20 1.08 38.53
N LEU B 648 -42.39 1.34 39.08
CA LEU B 648 -42.54 2.23 40.23
C LEU B 648 -43.17 1.51 41.42
N ASN B 649 -43.15 0.18 41.41
CA ASN B 649 -43.69 -0.66 42.50
C ASN B 649 -45.17 -0.38 42.75
N TRP B 650 -45.91 0.01 41.71
CA TRP B 650 -47.34 0.32 41.80
C TRP B 650 -48.13 -0.96 41.58
N LEU B 651 -48.74 -1.47 42.64
CA LEU B 651 -49.54 -2.69 42.57
C LEU B 651 -50.67 -2.70 41.54
N PRO B 652 -51.41 -1.58 41.28
CA PRO B 652 -52.40 -1.61 40.19
C PRO B 652 -51.84 -1.99 38.83
N GLN B 653 -50.59 -1.64 38.53
CA GLN B 653 -50.00 -2.04 37.27
C GLN B 653 -49.43 -3.46 37.29
N MET B 654 -49.76 -4.26 38.30
CA MET B 654 -49.31 -5.63 38.38
C MET B 654 -50.42 -6.63 38.68
N GLU B 655 -51.57 -6.19 39.23
CA GLU B 655 -52.62 -7.11 39.66
C GLU B 655 -53.15 -7.98 38.53
N LYS B 656 -53.43 -7.38 37.37
CA LYS B 656 -54.04 -8.13 36.27
C LYS B 656 -53.08 -9.14 35.69
N SER B 657 -51.80 -8.79 35.58
CA SER B 657 -50.80 -9.74 35.12
C SER B 657 -50.67 -10.91 36.09
N ILE B 658 -50.69 -10.62 37.40
CA ILE B 658 -50.62 -11.69 38.39
C ILE B 658 -51.82 -12.63 38.25
N GLN B 659 -53.01 -12.05 38.06
CA GLN B 659 -54.21 -12.86 37.92
C GLN B 659 -54.18 -13.71 36.66
N ALA B 660 -53.70 -13.14 35.55
CA ALA B 660 -53.63 -13.89 34.30
C ALA B 660 -52.66 -15.06 34.40
N VAL B 661 -51.51 -14.83 35.05
CA VAL B 661 -50.54 -15.90 35.26
C VAL B 661 -51.14 -17.00 36.15
N ARG B 662 -51.88 -16.61 37.19
CA ARG B 662 -52.56 -17.59 38.02
C ARG B 662 -53.60 -18.37 37.23
N ASP B 663 -54.33 -17.70 36.35
CA ASP B 663 -55.38 -18.35 35.57
C ASP B 663 -54.81 -19.33 34.56
N ASN B 664 -53.60 -19.07 34.06
CA ASN B 664 -52.99 -19.94 33.08
C ASN B 664 -52.24 -21.11 33.70
N GLY B 665 -52.38 -21.33 35.01
CA GLY B 665 -51.76 -22.47 35.65
C GLY B 665 -50.27 -22.35 35.88
N LYS B 666 -49.74 -21.14 35.96
CA LYS B 666 -48.31 -20.91 36.13
C LYS B 666 -48.05 -20.21 37.46
N ILE B 667 -46.77 -20.02 37.75
CA ILE B 667 -46.34 -19.40 39.00
C ILE B 667 -46.18 -17.90 38.75
N ALA B 668 -46.87 -17.09 39.56
CA ALA B 668 -46.75 -15.64 39.49
C ALA B 668 -45.81 -15.18 40.58
N GLU B 669 -44.77 -14.45 40.18
CA GLU B 669 -43.80 -13.89 41.12
C GLU B 669 -44.06 -12.40 41.19
N ALA B 670 -44.75 -11.97 42.23
CA ALA B 670 -44.85 -10.54 42.49
C ALA B 670 -43.49 -10.03 42.96
N THR B 671 -43.10 -8.88 42.44
CA THR B 671 -41.74 -8.42 42.60
C THR B 671 -41.73 -7.03 43.22
N ILE B 672 -40.94 -6.89 44.28
CA ILE B 672 -40.62 -5.60 44.86
C ILE B 672 -39.29 -5.14 44.28
N CYS B 673 -39.28 -3.97 43.67
CA CYS B 673 -38.03 -3.37 43.20
C CYS B 673 -37.38 -2.63 44.37
N TYR B 674 -36.17 -3.06 44.73
CA TYR B 674 -35.45 -2.46 45.84
C TYR B 674 -34.70 -1.23 45.37
N THR B 675 -34.77 -0.16 46.16
CA THR B 675 -34.00 1.05 45.91
C THR B 675 -33.69 1.70 47.24
N GLY B 676 -32.76 2.66 47.21
CA GLY B 676 -32.41 3.35 48.42
C GLY B 676 -31.60 2.48 49.37
N ASP B 677 -31.83 2.68 50.66
CA ASP B 677 -31.05 2.01 51.70
C ASP B 677 -31.90 1.95 52.95
N ILE B 678 -32.36 0.75 53.30
CA ILE B 678 -33.25 0.60 54.45
C ILE B 678 -32.54 0.85 55.77
N LEU B 679 -31.22 0.74 55.82
CA LEU B 679 -30.47 0.98 57.03
C LEU B 679 -29.92 2.39 57.11
N ASP B 680 -30.29 3.25 56.17
CA ASP B 680 -29.87 4.64 56.20
C ASP B 680 -31.04 5.52 56.64
N PRO B 681 -31.02 6.07 57.84
CA PRO B 681 -32.14 6.90 58.32
C PRO B 681 -32.31 8.20 57.55
N SER B 682 -31.29 8.67 56.85
CA SER B 682 -31.36 9.89 56.06
C SER B 682 -32.23 9.74 54.81
N ARG B 683 -32.63 8.51 54.47
CA ARG B 683 -33.46 8.25 53.28
C ARG B 683 -34.67 7.44 53.73
N PRO B 684 -35.70 8.09 54.29
CA PRO B 684 -36.83 7.36 54.85
C PRO B 684 -37.96 7.05 53.87
N LYS B 685 -37.85 7.47 52.62
CA LYS B 685 -38.92 7.20 51.65
C LYS B 685 -39.07 5.71 51.39
N TYR B 686 -37.97 4.99 51.23
CA TYR B 686 -38.00 3.54 51.07
C TYR B 686 -37.29 2.95 52.28
N ASN B 687 -38.05 2.77 53.36
CA ASN B 687 -37.56 2.15 54.57
C ASN B 687 -38.16 0.76 54.67
N ILE B 688 -37.89 0.11 55.81
CA ILE B 688 -38.29 -1.27 56.01
C ILE B 688 -39.81 -1.40 55.99
N GLN B 689 -40.51 -0.41 56.56
CA GLN B 689 -41.98 -0.45 56.62
C GLN B 689 -42.61 -0.33 55.24
N TYR B 690 -42.01 0.46 54.34
CA TYR B 690 -42.52 0.56 52.98
C TYR B 690 -42.50 -0.80 52.30
N TYR B 691 -41.40 -1.53 52.44
CA TYR B 691 -41.28 -2.85 51.84
C TYR B 691 -42.19 -3.85 52.51
N LYS B 692 -42.41 -3.72 53.82
CA LYS B 692 -43.34 -4.62 54.51
C LYS B 692 -44.78 -4.39 54.05
N ASP B 693 -45.19 -3.13 53.91
CA ASP B 693 -46.53 -2.81 53.42
C ASP B 693 -46.71 -3.27 51.98
N LEU B 694 -45.72 -3.05 51.14
CA LEU B 694 -45.80 -3.53 49.76
C LEU B 694 -45.86 -5.06 49.73
N ALA B 695 -45.14 -5.72 50.65
CA ALA B 695 -45.14 -7.17 50.69
C ALA B 695 -46.50 -7.72 51.07
N LYS B 696 -47.17 -7.14 52.07
CA LYS B 696 -48.49 -7.70 52.40
C LYS B 696 -49.51 -7.34 51.34
N GLU B 697 -49.34 -6.20 50.65
CA GLU B 697 -50.19 -5.90 49.51
C GLU B 697 -50.01 -6.90 48.38
N LEU B 698 -48.78 -7.35 48.15
CA LEU B 698 -48.52 -8.33 47.10
C LEU B 698 -49.01 -9.72 47.50
N GLU B 699 -48.90 -10.06 48.79
CA GLU B 699 -49.49 -11.31 49.26
C GLU B 699 -51.02 -11.26 49.27
N ALA B 700 -51.61 -10.07 49.29
CA ALA B 700 -53.06 -9.97 49.14
C ALA B 700 -53.51 -10.46 47.78
N THR B 701 -52.74 -10.17 46.73
CA THR B 701 -52.93 -10.85 45.46
C THR B 701 -52.46 -12.30 45.59
N GLY B 702 -52.92 -13.14 44.67
CA GLY B 702 -52.62 -14.55 44.80
C GLY B 702 -51.25 -14.97 44.30
N ALA B 703 -50.28 -14.06 44.34
CA ALA B 703 -48.94 -14.35 43.83
C ALA B 703 -48.26 -15.42 44.67
N HIS B 704 -47.59 -16.34 44.00
CA HIS B 704 -47.07 -17.52 44.67
C HIS B 704 -45.76 -17.24 45.40
N ILE B 705 -44.90 -16.40 44.83
CA ILE B 705 -43.56 -16.15 45.36
C ILE B 705 -43.36 -14.64 45.39
N LEU B 706 -42.82 -14.14 46.49
CA LEU B 706 -42.43 -12.74 46.58
C LEU B 706 -41.01 -12.60 46.06
N ALA B 707 -40.80 -11.70 45.11
CA ALA B 707 -39.50 -11.46 44.52
C ALA B 707 -38.96 -10.12 44.98
N VAL B 708 -37.68 -10.10 45.36
CA VAL B 708 -37.02 -8.85 45.68
C VAL B 708 -36.00 -8.55 44.59
N ASP B 710 -33.23 -6.34 42.97
CA ASP B 710 -32.22 -5.34 43.21
C ASP B 710 -31.49 -5.07 41.91
N MET B 711 -32.04 -4.16 41.11
CA MET B 711 -31.63 -4.04 39.71
C MET B 711 -30.26 -3.39 39.59
N ALA B 712 -29.86 -2.59 40.58
CA ALA B 712 -28.58 -1.89 40.53
C ALA B 712 -27.57 -2.47 41.50
N GLY B 713 -27.90 -3.57 42.17
CA GLY B 713 -27.01 -4.10 43.19
C GLY B 713 -26.87 -3.21 44.40
N LEU B 714 -27.97 -2.54 44.79
CA LEU B 714 -27.95 -1.60 45.91
C LEU B 714 -28.09 -2.27 47.27
N LEU B 715 -28.48 -3.54 47.32
CA LEU B 715 -28.80 -4.18 48.59
C LEU B 715 -27.52 -4.61 49.29
N LYS B 716 -27.18 -3.92 50.37
CA LYS B 716 -26.03 -4.24 51.18
C LYS B 716 -26.30 -5.50 52.01
N PRO B 717 -25.25 -6.20 52.46
CA PRO B 717 -25.48 -7.48 53.16
C PRO B 717 -26.25 -7.38 54.46
N GLN B 718 -25.93 -6.39 55.31
CA GLN B 718 -26.71 -6.18 56.52
C GLN B 718 -28.14 -5.77 56.18
N ALA B 719 -28.30 -4.92 55.17
CA ALA B 719 -29.61 -4.56 54.67
C ALA B 719 -30.33 -5.78 54.11
N ALA B 720 -29.60 -6.68 53.44
CA ALA B 720 -30.22 -7.89 52.92
C ALA B 720 -30.75 -8.76 54.04
N TYR B 721 -29.94 -8.98 55.09
CA TYR B 721 -30.40 -9.78 56.22
C TYR B 721 -31.62 -9.15 56.89
N ARG B 722 -31.57 -7.83 57.11
CA ARG B 722 -32.67 -7.14 57.77
C ARG B 722 -33.94 -7.18 56.93
N LEU B 723 -33.83 -6.90 55.62
CA LEU B 723 -34.98 -6.87 54.75
C LEU B 723 -35.62 -8.24 54.61
N ILE B 724 -34.80 -9.29 54.39
CA ILE B 724 -35.34 -10.62 54.23
C ILE B 724 -35.95 -11.12 55.53
N SER B 725 -35.34 -10.80 56.68
CA SER B 725 -35.92 -11.19 57.96
C SER B 725 -37.27 -10.53 58.19
N GLU B 726 -37.38 -9.23 57.89
CA GLU B 726 -38.64 -8.52 58.09
C GLU B 726 -39.72 -9.02 57.13
N LEU B 727 -39.33 -9.37 55.89
CA LEU B 727 -40.32 -9.91 54.96
C LEU B 727 -40.77 -11.31 55.36
N LYS B 728 -39.85 -12.12 55.88
CA LYS B 728 -40.23 -13.46 56.35
C LYS B 728 -41.11 -13.37 57.58
N ASP B 729 -40.97 -12.30 58.37
CA ASP B 729 -41.93 -12.10 59.46
C ASP B 729 -43.27 -11.60 58.94
N THR B 730 -43.30 -10.92 57.80
CA THR B 730 -44.52 -10.29 57.32
C THR B 730 -45.39 -11.27 56.55
N VAL B 731 -44.85 -11.91 55.52
CA VAL B 731 -45.64 -12.71 54.59
C VAL B 731 -45.22 -14.17 54.70
N ASP B 732 -46.10 -15.04 54.23
CA ASP B 732 -45.83 -16.47 54.19
C ASP B 732 -45.30 -16.94 52.85
N LEU B 733 -45.22 -16.06 51.85
CA LEU B 733 -44.70 -16.45 50.55
C LEU B 733 -43.20 -16.74 50.63
N PRO B 734 -42.71 -17.67 49.81
CA PRO B 734 -41.27 -17.81 49.67
C PRO B 734 -40.68 -16.56 49.03
N ILE B 735 -39.45 -16.23 49.42
CA ILE B 735 -38.77 -15.03 48.94
C ILE B 735 -37.76 -15.42 47.88
N HIS B 736 -37.77 -14.71 46.77
CA HIS B 736 -36.82 -14.89 45.67
C HIS B 736 -36.01 -13.61 45.54
N LEU B 737 -34.73 -13.67 45.90
CA LEU B 737 -33.88 -12.49 45.84
C LEU B 737 -33.08 -12.48 44.55
N HIS B 738 -33.07 -11.32 43.89
CA HIS B 738 -32.33 -11.11 42.65
C HIS B 738 -31.48 -9.86 42.81
N THR B 739 -30.17 -10.00 42.73
CA THR B 739 -29.27 -8.86 42.83
C THR B 739 -28.21 -8.93 41.74
N HIS B 740 -27.56 -7.78 41.51
CA HIS B 740 -26.40 -7.68 40.64
C HIS B 740 -25.15 -7.50 41.51
N ASP B 741 -24.00 -7.85 40.92
CA ASP B 741 -22.73 -7.83 41.62
C ASP B 741 -21.91 -6.58 41.31
N THR B 742 -22.58 -5.47 41.00
CA THR B 742 -21.91 -4.27 40.49
C THR B 742 -20.93 -3.71 41.49
N SER B 743 -21.31 -3.68 42.77
CA SER B 743 -20.44 -3.17 43.82
C SER B 743 -19.44 -4.20 44.31
N GLY B 744 -19.47 -5.42 43.79
CA GLY B 744 -18.63 -6.47 44.31
C GLY B 744 -19.13 -7.12 45.58
N ASN B 745 -20.36 -6.83 46.00
CA ASN B 745 -20.91 -7.35 47.24
C ASN B 745 -22.07 -8.30 47.02
N GLY B 746 -22.19 -8.89 45.82
CA GLY B 746 -23.33 -9.74 45.54
C GLY B 746 -23.31 -11.05 46.31
N ILE B 747 -22.14 -11.69 46.41
CA ILE B 747 -22.02 -12.97 47.09
C ILE B 747 -22.32 -12.81 48.57
N ILE B 748 -21.77 -11.77 49.20
CA ILE B 748 -21.98 -11.57 50.62
C ILE B 748 -23.43 -11.14 50.90
N THR B 749 -24.05 -10.40 49.98
CA THR B 749 -25.46 -10.06 50.12
C THR B 749 -26.33 -11.31 50.04
N TYR B 750 -26.02 -12.21 49.11
CA TYR B 750 -26.75 -13.47 49.01
C TYR B 750 -26.56 -14.32 50.25
N SER B 751 -25.34 -14.34 50.80
CA SER B 751 -25.09 -15.08 52.02
C SER B 751 -25.85 -14.50 53.20
N GLY B 752 -25.92 -13.18 53.29
CA GLY B 752 -26.70 -12.56 54.36
C GLY B 752 -28.18 -12.84 54.23
N ALA B 753 -28.70 -12.87 52.99
CA ALA B 753 -30.09 -13.25 52.79
C ALA B 753 -30.32 -14.72 53.08
N THR B 754 -29.34 -15.57 52.80
CA THR B 754 -29.43 -16.99 53.14
C THR B 754 -29.47 -17.20 54.64
N GLN B 755 -28.72 -16.39 55.39
CA GLN B 755 -28.83 -16.41 56.85
C GLN B 755 -30.22 -15.97 57.31
N ALA B 756 -30.79 -14.97 56.65
CA ALA B 756 -32.11 -14.48 56.99
C ALA B 756 -33.23 -15.40 56.52
N GLY B 757 -32.92 -16.40 55.72
CA GLY B 757 -33.91 -17.37 55.29
C GLY B 757 -34.50 -17.15 53.91
N VAL B 758 -33.74 -16.60 52.98
CA VAL B 758 -34.24 -16.47 51.61
C VAL B 758 -34.34 -17.84 50.98
N ASP B 759 -35.29 -18.00 50.06
CA ASP B 759 -35.60 -19.30 49.47
C ASP B 759 -34.87 -19.54 48.16
N ILE B 760 -34.91 -18.58 47.23
CA ILE B 760 -34.29 -18.71 45.92
C ILE B 760 -33.47 -17.46 45.66
N ILE B 761 -32.29 -17.63 45.06
CA ILE B 761 -31.42 -16.52 44.68
C ILE B 761 -31.02 -16.67 43.22
N ASP B 762 -30.92 -15.54 42.53
CA ASP B 762 -30.59 -15.51 41.11
C ASP B 762 -29.08 -15.49 40.93
N VAL B 763 -28.54 -16.51 40.28
CA VAL B 763 -27.11 -16.61 40.02
C VAL B 763 -26.88 -16.78 38.54
N ALA B 764 -25.65 -16.50 38.12
CA ALA B 764 -25.21 -16.70 36.75
C ALA B 764 -24.05 -17.70 36.75
N THR B 765 -23.77 -18.26 35.58
CA THR B 765 -22.58 -19.08 35.46
C THR B 765 -21.35 -18.19 35.60
N ALA B 766 -20.25 -18.80 36.06
CA ALA B 766 -19.08 -18.04 36.48
C ALA B 766 -18.48 -17.23 35.34
N SER B 767 -18.51 -17.78 34.12
CA SER B 767 -17.93 -17.12 32.96
C SER B 767 -18.76 -15.92 32.50
N LEU B 768 -20.01 -15.82 32.95
CA LEU B 768 -20.87 -14.68 32.64
C LEU B 768 -21.36 -14.01 33.92
N ALA B 769 -20.57 -14.07 34.99
CA ALA B 769 -20.92 -13.51 36.28
C ALA B 769 -19.99 -12.37 36.65
N GLY B 770 -20.32 -11.71 37.75
CA GLY B 770 -19.53 -10.58 38.23
C GLY B 770 -19.79 -9.34 37.41
N GLY B 771 -19.24 -8.23 37.90
CA GLY B 771 -19.51 -6.94 37.28
C GLY B 771 -20.98 -6.61 37.36
N THR B 772 -21.53 -6.15 36.25
CA THR B 772 -22.96 -5.79 36.24
C THR B 772 -23.89 -7.00 36.25
N SER B 773 -23.35 -8.22 36.10
CA SER B 773 -24.16 -9.42 36.06
C SER B 773 -24.41 -9.96 37.47
N GLN B 774 -25.01 -11.14 37.57
CA GLN B 774 -25.35 -11.77 38.83
C GLN B 774 -24.12 -12.40 39.46
N PRO B 775 -24.16 -12.67 40.78
CA PRO B 775 -23.07 -13.44 41.41
C PRO B 775 -22.97 -14.84 40.85
N SER B 776 -21.76 -15.39 40.89
CA SER B 776 -21.48 -16.69 40.30
C SER B 776 -22.14 -17.83 41.07
N MET B 777 -22.67 -18.80 40.32
CA MET B 777 -23.32 -19.96 40.91
C MET B 777 -22.33 -20.86 41.64
N GLN B 778 -21.16 -21.09 41.02
CA GLN B 778 -20.12 -21.88 41.66
C GLN B 778 -19.58 -21.17 42.90
N SER B 779 -19.41 -19.86 42.81
CA SER B 779 -18.93 -19.08 43.95
C SER B 779 -19.93 -19.10 45.09
N ILE B 780 -21.23 -19.02 44.78
CA ILE B 780 -22.22 -19.09 45.86
C ILE B 780 -22.35 -20.50 46.41
N TYR B 781 -22.00 -21.53 45.65
CA TYR B 781 -21.92 -22.85 46.26
C TYR B 781 -20.79 -22.91 47.28
N TYR B 782 -19.61 -22.45 46.90
CA TYR B 782 -18.47 -22.54 47.82
C TYR B 782 -18.55 -21.53 48.95
N ALA B 783 -19.36 -20.48 48.80
CA ALA B 783 -19.55 -19.53 49.88
C ALA B 783 -20.37 -20.13 51.02
N LEU B 784 -21.33 -21.00 50.69
CA LEU B 784 -22.24 -21.59 51.66
C LEU B 784 -21.94 -23.07 51.90
N GLU B 785 -20.74 -23.53 51.58
CA GLU B 785 -20.46 -24.96 51.50
C GLU B 785 -20.57 -25.65 52.86
N HIS B 786 -20.09 -25.03 53.92
CA HIS B 786 -20.10 -25.65 55.24
C HIS B 786 -20.92 -24.85 56.25
N GLY B 787 -21.82 -23.99 55.78
CA GLY B 787 -22.68 -23.25 56.66
C GLY B 787 -23.92 -24.03 57.04
N PRO B 788 -24.86 -23.38 57.73
CA PRO B 788 -26.11 -24.07 58.09
C PRO B 788 -26.99 -24.36 56.89
N ARG B 789 -26.92 -23.57 55.82
CA ARG B 789 -27.72 -23.78 54.62
C ARG B 789 -26.79 -23.89 53.42
N HIS B 790 -26.95 -24.96 52.66
CA HIS B 790 -26.15 -25.16 51.47
C HIS B 790 -26.88 -24.62 50.24
N ALA B 791 -26.15 -24.50 49.15
CA ALA B 791 -26.73 -24.19 47.85
C ALA B 791 -27.05 -25.49 47.14
N SER B 792 -28.29 -25.62 46.66
CA SER B 792 -28.74 -26.83 45.99
C SER B 792 -28.30 -26.78 44.53
N ILE B 793 -27.14 -27.36 44.26
CA ILE B 793 -26.58 -27.39 42.90
C ILE B 793 -25.51 -28.47 42.86
N ASN B 794 -25.29 -29.03 41.68
CA ASN B 794 -24.15 -29.90 41.41
C ASN B 794 -23.03 -29.02 40.88
N VAL B 795 -22.04 -28.73 41.72
CA VAL B 795 -21.08 -27.68 41.38
C VAL B 795 -20.06 -28.18 40.35
N LYS B 796 -19.77 -29.49 40.32
CA LYS B 796 -18.85 -30.00 39.32
C LYS B 796 -19.45 -29.91 37.92
N ASN B 797 -20.74 -30.26 37.82
CA ASN B 797 -21.46 -30.10 36.56
C ASN B 797 -21.54 -28.63 36.16
N ALA B 798 -21.73 -27.74 37.15
CA ALA B 798 -21.78 -26.31 36.87
C ALA B 798 -20.46 -25.80 36.30
N GLU B 799 -19.33 -26.26 36.87
CA GLU B 799 -18.03 -25.87 36.34
C GLU B 799 -17.81 -26.42 34.93
N GLN B 800 -18.26 -27.66 34.69
CA GLN B 800 -18.15 -28.23 33.36
C GLN B 800 -18.96 -27.43 32.33
N ILE B 801 -20.17 -26.99 32.70
CA ILE B 801 -20.96 -26.15 31.81
C ILE B 801 -20.30 -24.78 31.63
N ASP B 802 -19.68 -24.27 32.69
CA ASP B 802 -19.01 -22.98 32.62
C ASP B 802 -17.83 -22.99 31.66
N HIS B 803 -17.23 -24.16 31.44
CA HIS B 803 -16.20 -24.26 30.39
C HIS B 803 -16.76 -23.89 29.03
N TYR B 804 -17.94 -24.44 28.70
CA TYR B 804 -18.61 -24.08 27.44
C TYR B 804 -18.93 -22.60 27.40
N TRP B 805 -19.45 -22.07 28.50
CA TRP B 805 -19.83 -20.65 28.51
C TRP B 805 -18.61 -19.75 28.34
N GLU B 806 -17.48 -20.12 28.96
CA GLU B 806 -16.22 -19.42 28.75
C GLU B 806 -15.80 -19.44 27.29
N ASP B 807 -15.92 -20.59 26.64
CA ASP B 807 -15.53 -20.68 25.25
C ASP B 807 -16.43 -19.83 24.35
N VAL B 808 -17.74 -19.89 24.54
CA VAL B 808 -18.63 -19.15 23.64
C VAL B 808 -18.70 -17.66 23.97
N ARG B 809 -18.20 -17.23 25.14
CA ARG B 809 -18.11 -15.81 25.39
C ARG B 809 -17.14 -15.13 24.45
N LYS B 810 -16.09 -15.84 24.02
CA LYS B 810 -15.11 -15.28 23.09
C LYS B 810 -15.71 -14.90 21.75
N TYR B 811 -16.84 -15.50 21.36
CA TYR B 811 -17.51 -15.13 20.12
C TYR B 811 -18.08 -13.71 20.17
N TYR B 812 -18.32 -13.18 21.37
CA TYR B 812 -19.02 -11.91 21.54
C TYR B 812 -18.08 -10.81 21.99
N ALA B 813 -16.81 -10.90 21.59
CA ALA B 813 -15.85 -9.83 21.84
C ALA B 813 -16.27 -8.44 21.35
N PRO B 814 -16.91 -8.26 20.17
CA PRO B 814 -17.36 -6.90 19.82
C PRO B 814 -18.42 -6.31 20.74
N PHE B 815 -19.10 -7.12 21.55
CA PHE B 815 -20.14 -6.62 22.45
C PHE B 815 -19.68 -6.50 23.89
N GLU B 816 -18.40 -6.73 24.16
CA GLU B 816 -17.90 -6.65 25.52
C GLU B 816 -17.82 -5.20 26.01
N ALA B 817 -18.10 -5.02 27.30
CA ALA B 817 -18.02 -3.68 27.88
C ALA B 817 -16.58 -3.21 28.01
N GLY B 818 -15.66 -4.10 28.38
CA GLY B 818 -14.27 -3.73 28.53
C GLY B 818 -13.68 -4.20 29.84
N ILE B 819 -12.68 -3.48 30.35
CA ILE B 819 -12.10 -3.82 31.64
C ILE B 819 -13.13 -3.50 32.72
N THR B 820 -13.41 -4.49 33.57
CA THR B 820 -14.43 -4.36 34.58
C THR B 820 -13.82 -4.50 35.97
N SER B 821 -14.48 -3.90 36.94
CA SER B 821 -14.02 -3.87 38.33
C SER B 821 -15.23 -3.58 39.21
N PRO B 822 -15.18 -3.94 40.49
CA PRO B 822 -16.24 -3.52 41.40
C PRO B 822 -16.28 -2.00 41.49
N GLN B 823 -17.50 -1.46 41.49
CA GLN B 823 -17.67 -0.01 41.62
C GLN B 823 -18.76 0.24 42.66
N THR B 824 -18.35 0.82 43.79
CA THR B 824 -19.30 1.17 44.84
C THR B 824 -19.97 2.51 44.58
N GLU B 825 -19.60 3.21 43.50
CA GLU B 825 -20.30 4.42 43.09
C GLU B 825 -21.73 4.14 42.67
N VAL B 826 -22.07 2.88 42.39
CA VAL B 826 -23.45 2.50 42.14
C VAL B 826 -24.33 2.75 43.36
N TYR B 827 -23.75 2.75 44.57
CA TYR B 827 -24.52 3.14 45.75
C TYR B 827 -24.91 4.61 45.71
N MET B 828 -24.18 5.43 44.96
CA MET B 828 -24.48 6.86 44.84
C MET B 828 -25.49 7.13 43.74
N HIS B 829 -25.17 6.77 42.50
CA HIS B 829 -26.05 7.15 41.39
C HIS B 829 -27.16 6.15 41.13
N GLU B 830 -27.03 4.91 41.62
CA GLU B 830 -28.06 3.87 41.54
C GLU B 830 -28.48 3.57 40.11
N MET B 831 -27.55 3.72 39.17
CA MET B 831 -27.84 3.43 37.78
C MET B 831 -27.79 1.92 37.58
N PRO B 832 -28.87 1.29 37.09
CA PRO B 832 -28.78 -0.13 36.77
C PRO B 832 -27.83 -0.35 35.60
N GLY B 833 -27.29 -1.57 35.52
CA GLY B 833 -26.20 -1.83 34.60
C GLY B 833 -26.56 -1.63 33.15
N GLY B 834 -27.78 -2.02 32.76
CA GLY B 834 -28.26 -1.73 31.42
C GLY B 834 -28.37 -0.25 31.16
N GLN B 835 -28.91 0.49 32.14
CA GLN B 835 -28.95 1.94 32.03
C GLN B 835 -27.56 2.54 32.02
N TYR B 836 -26.62 1.92 32.75
CA TYR B 836 -25.23 2.39 32.73
C TYR B 836 -24.63 2.26 31.34
N THR B 837 -24.77 1.08 30.72
CA THR B 837 -24.19 0.86 29.41
C THR B 837 -24.86 1.71 28.34
N ASN B 838 -26.19 1.83 28.38
CA ASN B 838 -26.88 2.64 27.38
C ASN B 838 -26.59 4.12 27.57
N LEU B 839 -26.47 4.59 28.81
CA LEU B 839 -26.11 5.98 29.02
C LEU B 839 -24.68 6.26 28.60
N LYS B 840 -23.78 5.29 28.81
CA LYS B 840 -22.41 5.44 28.34
C LYS B 840 -22.36 5.50 26.82
N SER B 841 -23.14 4.65 26.15
CA SER B 841 -23.17 4.65 24.68
C SER B 841 -23.77 5.94 24.15
N GLN B 842 -24.87 6.40 24.74
CA GLN B 842 -25.50 7.64 24.30
C GLN B 842 -24.67 8.86 24.62
N ALA B 843 -23.84 8.81 25.66
CA ALA B 843 -22.99 9.93 26.02
C ALA B 843 -21.71 9.98 25.22
N ALA B 844 -21.16 8.82 24.85
CA ALA B 844 -19.95 8.79 24.04
C ALA B 844 -20.25 8.91 22.55
N ALA B 845 -21.46 8.55 22.12
CA ALA B 845 -21.82 8.72 20.72
C ALA B 845 -21.87 10.21 20.35
N VAL B 846 -22.42 11.04 21.23
CA VAL B 846 -22.35 12.47 21.05
C VAL B 846 -21.04 12.88 21.74
N GLY B 847 -20.57 14.10 21.51
CA GLY B 847 -19.22 14.45 21.90
C GLY B 847 -19.00 14.90 23.33
N LEU B 848 -19.96 14.72 24.23
CA LEU B 848 -19.82 15.20 25.60
C LEU B 848 -19.49 14.10 26.60
N GLY B 849 -19.04 12.94 26.13
CA GLY B 849 -18.79 11.82 27.02
C GLY B 849 -17.60 11.94 27.96
N HIS B 850 -16.78 12.99 27.79
CA HIS B 850 -15.60 13.15 28.64
C HIS B 850 -15.95 13.63 30.05
N ARG B 851 -17.18 14.04 30.31
CA ARG B 851 -17.62 14.40 31.66
C ARG B 851 -18.69 13.43 32.17
N PHE B 852 -18.46 12.13 31.97
CA PHE B 852 -19.41 11.11 32.40
C PHE B 852 -19.54 11.06 33.92
N ASP B 853 -18.52 11.50 34.65
CA ASP B 853 -18.66 11.63 36.09
C ASP B 853 -19.68 12.70 36.45
N GLU B 854 -19.63 13.85 35.77
CA GLU B 854 -20.66 14.86 35.93
C GLU B 854 -22.00 14.36 35.44
N ILE B 855 -22.01 13.45 34.46
CA ILE B 855 -23.24 12.87 33.97
C ILE B 855 -23.89 12.00 35.03
N LYS B 856 -23.08 11.21 35.73
CA LYS B 856 -23.59 10.36 36.81
C LYS B 856 -24.06 11.20 37.99
N GLN B 857 -23.34 12.29 38.28
CA GLN B 857 -23.79 13.20 39.34
C GLN B 857 -25.10 13.88 38.95
N MET B 858 -25.25 14.23 37.67
CA MET B 858 -26.52 14.74 37.15
C MET B 858 -27.62 13.72 37.29
N TYR B 859 -27.32 12.44 37.03
CA TYR B 859 -28.30 11.37 37.20
C TYR B 859 -28.76 11.28 38.64
N ARG B 860 -27.82 11.35 39.59
CA ARG B 860 -28.17 11.29 41.00
C ARG B 860 -29.03 12.48 41.41
N LYS B 861 -28.65 13.69 40.98
CA LYS B 861 -29.41 14.86 41.36
C LYS B 861 -30.77 14.93 40.65
N VAL B 862 -30.86 14.39 39.43
CA VAL B 862 -32.14 14.31 38.74
C VAL B 862 -33.06 13.34 39.44
N ASN B 863 -32.53 12.20 39.90
CA ASN B 863 -33.33 11.26 40.68
C ASN B 863 -33.83 11.89 41.97
N MET B 864 -32.97 12.66 42.65
CA MET B 864 -33.40 13.36 43.84
C MET B 864 -34.45 14.43 43.52
N MET B 865 -34.30 15.09 42.37
CA MET B 865 -35.22 16.14 41.96
C MET B 865 -36.60 15.58 41.64
N PHE B 866 -36.65 14.40 41.00
CA PHE B 866 -37.92 13.77 40.67
C PHE B 866 -38.64 13.23 41.89
N GLY B 867 -38.00 13.23 43.06
CA GLY B 867 -38.64 12.78 44.26
C GLY B 867 -38.18 11.42 44.71
N ASP B 868 -36.93 11.06 44.34
CA ASP B 868 -36.30 9.78 44.68
C ASP B 868 -37.13 8.60 44.18
N ILE B 869 -37.17 8.48 42.86
CA ILE B 869 -38.02 7.48 42.23
C ILE B 869 -37.26 6.17 42.09
N ILE B 870 -38.01 5.10 41.88
CA ILE B 870 -37.43 3.78 41.64
C ILE B 870 -36.93 3.73 40.20
N LYS B 871 -35.64 3.42 40.04
CA LYS B 871 -34.98 3.52 38.74
C LYS B 871 -34.74 2.11 38.21
N VAL B 872 -35.64 1.67 37.33
CA VAL B 872 -35.55 0.41 36.61
C VAL B 872 -36.29 0.63 35.31
N THR B 873 -36.18 -0.33 34.39
CA THR B 873 -36.79 -0.22 33.07
C THR B 873 -38.31 -0.11 33.18
N PRO B 874 -38.94 0.92 32.60
CA PRO B 874 -38.34 2.03 31.85
C PRO B 874 -38.17 3.35 32.60
N SER B 875 -38.39 3.43 33.91
CA SER B 875 -38.19 4.72 34.59
C SER B 875 -36.73 5.09 34.76
N SER B 876 -35.82 4.11 34.67
CA SER B 876 -34.40 4.45 34.62
C SER B 876 -34.06 5.23 33.36
N LYS B 877 -34.73 4.90 32.24
CA LYS B 877 -34.57 5.67 31.02
C LYS B 877 -35.03 7.11 31.18
N VAL B 878 -36.05 7.33 32.00
CA VAL B 878 -36.56 8.69 32.21
C VAL B 878 -35.50 9.55 32.89
N VAL B 879 -34.92 9.04 33.99
CA VAL B 879 -33.88 9.75 34.71
C VAL B 879 -32.65 9.93 33.83
N GLY B 880 -32.31 8.90 33.06
CA GLY B 880 -31.16 8.99 32.18
C GLY B 880 -31.32 10.03 31.10
N ASP B 881 -32.50 10.08 30.46
CA ASP B 881 -32.74 11.06 29.42
C ASP B 881 -32.82 12.47 29.99
N MET B 882 -33.38 12.62 31.18
CA MET B 882 -33.43 13.93 31.82
C MET B 882 -32.02 14.44 32.14
N ALA B 883 -31.17 13.58 32.72
CA ALA B 883 -29.80 13.98 33.01
C ALA B 883 -29.01 14.26 31.75
N LEU B 884 -29.21 13.42 30.71
CA LEU B 884 -28.54 13.61 29.44
C LEU B 884 -28.91 14.94 28.80
N PHE B 885 -30.20 15.30 28.85
CA PHE B 885 -30.62 16.61 28.36
C PHE B 885 -30.03 17.72 29.20
N MET B 886 -30.00 17.55 30.53
CA MET B 886 -29.59 18.64 31.41
C MET B 886 -28.10 18.96 31.32
N ILE B 887 -27.24 17.97 31.07
CA ILE B 887 -25.85 18.32 30.80
C ILE B 887 -25.55 18.50 29.31
N GLN B 888 -26.45 18.05 28.43
CA GLN B 888 -26.23 18.26 27.00
C GLN B 888 -26.49 19.72 26.63
N ASN B 889 -27.48 20.34 27.26
CA ASN B 889 -27.79 21.74 27.02
C ASN B 889 -27.50 22.61 28.24
N ASP B 890 -26.70 22.10 29.18
CA ASP B 890 -26.16 22.86 30.31
C ASP B 890 -27.25 23.46 31.20
N LEU B 891 -28.03 22.59 31.81
CA LEU B 891 -29.07 23.02 32.73
C LEU B 891 -28.61 22.85 34.18
N THR B 892 -29.50 23.22 35.10
CA THR B 892 -29.24 23.18 36.53
C THR B 892 -30.58 22.88 37.19
N GLU B 893 -30.53 22.46 38.46
CA GLU B 893 -31.77 22.23 39.22
C GLU B 893 -32.60 23.50 39.31
N GLU B 894 -31.96 24.62 39.66
CA GLU B 894 -32.69 25.89 39.72
C GLU B 894 -33.09 26.37 38.33
N ASP B 895 -32.30 26.01 37.31
CA ASP B 895 -32.65 26.35 35.93
C ASP B 895 -34.00 25.76 35.53
N VAL B 896 -34.16 24.45 35.75
CA VAL B 896 -35.43 23.81 35.44
C VAL B 896 -36.52 24.30 36.40
N TYR B 897 -36.16 24.50 37.68
CA TYR B 897 -37.16 24.84 38.67
C TYR B 897 -37.70 26.26 38.51
N ALA B 898 -36.97 27.13 37.84
CA ALA B 898 -37.41 28.51 37.64
C ALA B 898 -37.77 28.81 36.19
N ARG B 899 -36.86 28.60 35.25
CA ARG B 899 -37.10 28.93 33.85
C ARG B 899 -37.26 27.69 32.98
N GLY B 900 -37.80 26.61 33.53
CA GLY B 900 -37.93 25.37 32.78
C GLY B 900 -39.12 25.33 31.84
N ASN B 901 -39.96 26.36 31.84
CA ASN B 901 -41.17 26.35 31.01
C ASN B 901 -40.87 26.62 29.55
N GLU B 902 -39.65 26.98 29.20
CA GLU B 902 -39.32 27.32 27.83
C GLU B 902 -38.58 26.22 27.09
N LEU B 903 -37.84 25.37 27.81
CA LEU B 903 -37.14 24.28 27.17
C LEU B 903 -38.10 23.20 26.68
N ASN B 904 -37.73 22.57 25.56
CA ASN B 904 -38.44 21.42 25.06
C ASN B 904 -37.88 20.18 25.76
N PHE B 905 -38.60 19.67 26.72
CA PHE B 905 -38.13 18.56 27.53
C PHE B 905 -38.17 17.26 26.73
N PRO B 906 -37.30 16.30 27.06
CA PRO B 906 -37.35 15.01 26.35
C PRO B 906 -38.66 14.28 26.58
N GLU B 907 -39.07 13.52 25.57
CA GLU B 907 -40.42 12.99 25.53
C GLU B 907 -40.65 11.89 26.56
N SER B 908 -39.59 11.21 27.00
CA SER B 908 -39.76 10.19 28.03
C SER B 908 -40.07 10.83 29.39
N VAL B 909 -39.47 12.00 29.65
CA VAL B 909 -39.73 12.69 30.91
C VAL B 909 -41.15 13.20 30.96
N VAL B 910 -41.64 13.78 29.85
CA VAL B 910 -43.01 14.30 29.86
C VAL B 910 -44.01 13.15 29.88
N SER B 911 -43.67 12.00 29.28
CA SER B 911 -44.56 10.85 29.37
C SER B 911 -44.60 10.28 30.77
N PHE B 912 -43.46 10.28 31.47
CA PHE B 912 -43.45 9.84 32.86
C PHE B 912 -44.25 10.78 33.74
N PHE B 913 -44.09 12.09 33.54
CA PHE B 913 -44.81 13.07 34.35
C PHE B 913 -46.28 13.17 33.99
N ARG B 914 -46.67 12.69 32.81
CA ARG B 914 -48.06 12.63 32.43
C ARG B 914 -48.78 11.40 32.98
N GLY B 915 -48.08 10.54 33.71
CA GLY B 915 -48.69 9.35 34.26
C GLY B 915 -48.75 8.16 33.34
N ASP B 916 -47.99 8.16 32.25
CA ASP B 916 -47.99 7.02 31.33
C ASP B 916 -47.27 5.82 31.93
N LEU B 917 -46.35 6.04 32.86
CA LEU B 917 -45.67 4.95 33.55
C LEU B 917 -46.31 4.59 34.88
N GLY B 918 -47.41 5.21 35.23
CA GLY B 918 -48.05 4.95 36.50
C GLY B 918 -47.76 6.03 37.52
N GLN B 919 -48.12 5.73 38.76
CA GLN B 919 -48.02 6.71 39.83
C GLN B 919 -46.84 6.39 40.72
N PRO B 920 -45.92 7.32 40.92
CA PRO B 920 -44.76 7.05 41.79
C PRO B 920 -45.18 6.98 43.25
N VAL B 921 -44.25 6.47 44.06
CA VAL B 921 -44.42 6.48 45.50
C VAL B 921 -44.37 7.93 45.99
N GLY B 922 -45.34 8.30 46.82
CA GLY B 922 -45.36 9.66 47.32
C GLY B 922 -45.81 10.70 46.33
N GLY B 923 -46.28 10.30 45.16
CA GLY B 923 -46.77 11.23 44.16
C GLY B 923 -45.67 11.98 43.45
N PHE B 924 -46.07 12.70 42.40
CA PHE B 924 -45.15 13.48 41.62
C PHE B 924 -44.70 14.73 42.38
N PRO B 925 -43.59 15.33 41.97
CA PRO B 925 -43.28 16.70 42.40
C PRO B 925 -44.19 17.68 41.68
N GLU B 926 -45.36 17.95 42.28
CA GLU B 926 -46.53 18.45 41.56
C GLU B 926 -46.30 19.79 40.87
N LYS B 927 -45.64 20.74 41.53
CA LYS B 927 -45.38 22.02 40.87
C LYS B 927 -44.26 21.88 39.84
N LEU B 928 -43.26 21.06 40.16
CA LEU B 928 -42.26 20.68 39.17
C LEU B 928 -42.90 19.91 38.02
N GLN B 929 -43.85 19.03 38.33
CA GLN B 929 -44.64 18.35 37.31
C GLN B 929 -45.35 19.35 36.40
N LYS B 930 -45.88 20.43 36.98
CA LYS B 930 -46.47 21.49 36.18
C LYS B 930 -45.43 22.24 35.35
N ILE B 931 -44.16 22.26 35.77
CA ILE B 931 -43.12 22.82 34.90
C ILE B 931 -42.84 21.89 33.71
N ILE B 932 -42.70 20.58 33.97
CA ILE B 932 -42.45 19.63 32.86
C ILE B 932 -43.61 19.60 31.88
N VAL B 933 -44.83 19.40 32.36
CA VAL B 933 -45.96 19.21 31.46
C VAL B 933 -46.57 20.58 31.16
N LYS B 934 -46.83 20.83 29.88
CA LYS B 934 -47.42 22.08 29.41
C LYS B 934 -48.41 21.76 28.31
N ASP B 935 -49.71 21.96 28.61
CA ASP B 935 -50.82 21.80 27.68
C ASP B 935 -51.02 20.36 27.23
N LYS B 936 -50.37 19.40 27.89
CA LYS B 936 -50.66 18.01 27.65
C LYS B 936 -51.47 17.42 28.80
N ALA B 937 -52.24 16.39 28.49
CA ALA B 937 -53.15 15.80 29.46
C ALA B 937 -52.39 14.96 30.47
N VAL B 938 -52.67 15.19 31.75
CA VAL B 938 -52.07 14.45 32.84
C VAL B 938 -53.11 13.49 33.40
N ILE B 939 -52.77 12.21 33.44
CA ILE B 939 -53.67 11.20 33.99
C ILE B 939 -53.06 10.69 35.29
N THR B 940 -53.93 10.27 36.21
CA THR B 940 -53.51 9.91 37.55
C THR B 940 -53.93 8.50 37.95
N ASP B 941 -54.53 7.75 37.04
CA ASP B 941 -54.96 6.39 37.28
C ASP B 941 -54.07 5.44 36.48
N ARG B 942 -54.46 4.17 36.44
CA ARG B 942 -53.77 3.19 35.65
C ARG B 942 -53.80 3.58 34.17
N PRO B 943 -52.65 3.68 33.51
CA PRO B 943 -52.65 4.04 32.08
C PRO B 943 -53.28 2.99 31.18
N GLY B 944 -53.43 1.75 31.66
CA GLY B 944 -54.08 0.72 30.88
C GLY B 944 -55.57 0.91 30.72
N LEU B 945 -56.21 1.64 31.63
CA LEU B 945 -57.61 1.99 31.46
C LEU B 945 -57.81 2.97 30.32
N HIS B 946 -56.83 3.83 30.06
CA HIS B 946 -56.90 4.84 29.01
C HIS B 946 -56.27 4.37 27.71
N ALA B 947 -56.23 3.07 27.47
CA ALA B 947 -55.55 2.51 26.30
C ALA B 947 -56.57 2.14 25.24
N GLU B 948 -56.26 2.52 23.99
CA GLU B 948 -57.12 2.19 22.86
C GLU B 948 -57.26 0.69 22.70
N LYS B 949 -58.49 0.23 22.48
CA LYS B 949 -58.78 -1.19 22.43
C LYS B 949 -58.11 -1.84 21.22
N VAL B 950 -57.71 -3.10 21.40
CA VAL B 950 -57.10 -3.89 20.36
C VAL B 950 -57.97 -5.10 20.12
N ASP B 951 -58.37 -5.30 18.86
CA ASP B 951 -59.11 -6.48 18.46
C ASP B 951 -58.17 -7.43 17.74
N PHE B 952 -58.13 -8.68 18.22
CA PHE B 952 -57.12 -9.61 17.72
C PHE B 952 -57.42 -10.12 16.33
N GLU B 953 -58.70 -10.21 15.95
CA GLU B 953 -59.03 -10.62 14.60
C GLU B 953 -58.68 -9.53 13.59
N THR B 954 -58.94 -8.28 13.94
CA THR B 954 -58.59 -7.15 13.08
C THR B 954 -57.08 -7.06 12.88
N VAL B 955 -56.33 -7.19 13.99
CA VAL B 955 -54.88 -7.14 13.93
C VAL B 955 -54.34 -8.33 13.15
N LYS B 956 -54.91 -9.51 13.36
CA LYS B 956 -54.45 -10.71 12.68
C LYS B 956 -54.68 -10.63 11.17
N ALA B 957 -55.85 -10.11 10.75
CA ALA B 957 -56.10 -9.92 9.32
C ALA B 957 -55.16 -8.88 8.73
N ASP B 958 -54.92 -7.80 9.46
CA ASP B 958 -53.98 -6.78 8.99
C ASP B 958 -52.57 -7.35 8.85
N LEU B 959 -52.15 -8.19 9.80
CA LEU B 959 -50.82 -8.79 9.75
C LEU B 959 -50.71 -9.80 8.62
N GLU B 960 -51.78 -10.58 8.40
CA GLU B 960 -51.82 -11.50 7.26
C GLU B 960 -51.76 -10.74 5.94
N GLN B 961 -52.22 -9.49 5.92
CA GLN B 961 -51.94 -8.67 4.76
C GLN B 961 -50.47 -8.25 4.70
N LYS B 962 -49.91 -7.82 5.84
CA LYS B 962 -48.56 -7.25 5.82
C LYS B 962 -47.49 -8.31 5.55
N ILE B 963 -47.57 -9.44 6.23
CA ILE B 963 -46.66 -10.56 6.01
C ILE B 963 -47.38 -11.53 5.09
N GLY B 964 -46.61 -12.38 4.42
CA GLY B 964 -47.22 -13.15 3.36
C GLY B 964 -47.94 -14.42 3.74
N TYR B 965 -48.43 -14.51 4.98
CA TYR B 965 -49.06 -15.75 5.44
C TYR B 965 -49.94 -15.44 6.64
N GLU B 966 -50.62 -16.46 7.13
CA GLU B 966 -51.49 -16.29 8.30
C GLU B 966 -50.67 -16.43 9.58
N PRO B 967 -50.60 -15.41 10.42
CA PRO B 967 -49.73 -15.46 11.58
C PRO B 967 -50.31 -16.30 12.71
N GLY B 968 -49.41 -16.82 13.54
CA GLY B 968 -49.80 -17.45 14.78
C GLY B 968 -50.16 -16.41 15.83
N ASP B 969 -50.64 -16.91 16.97
CA ASP B 969 -50.98 -16.03 18.08
C ASP B 969 -49.74 -15.31 18.61
N HIS B 970 -48.61 -16.01 18.65
CA HIS B 970 -47.37 -15.38 19.08
C HIS B 970 -46.94 -14.27 18.12
N GLU B 971 -47.12 -14.49 16.83
CA GLU B 971 -46.78 -13.46 15.86
C GLU B 971 -47.70 -12.25 15.99
N VAL B 972 -48.99 -12.50 16.23
CA VAL B 972 -49.95 -11.41 16.40
C VAL B 972 -49.60 -10.59 17.64
N ILE B 973 -49.33 -11.27 18.74
CA ILE B 973 -49.06 -10.55 19.98
C ILE B 973 -47.72 -9.82 19.89
N SER B 974 -46.71 -10.38 19.23
CA SER B 974 -45.46 -9.66 19.09
C SER B 974 -45.56 -8.51 18.10
N TYR B 975 -46.45 -8.63 17.11
CA TYR B 975 -46.73 -7.50 16.22
C TYR B 975 -47.44 -6.38 16.95
N ILE B 976 -48.25 -6.70 17.97
CA ILE B 976 -48.90 -5.65 18.74
C ILE B 976 -47.87 -4.84 19.52
N MET B 977 -46.95 -5.51 20.23
CA MET B 977 -46.01 -4.77 21.08
C MET B 977 -44.96 -4.04 20.27
N TYR B 978 -44.36 -4.71 19.28
CA TYR B 978 -43.26 -4.15 18.51
C TYR B 978 -43.66 -4.23 17.04
N PRO B 979 -44.51 -3.30 16.57
CA PRO B 979 -45.03 -3.40 15.20
C PRO B 979 -43.96 -3.24 14.14
N GLN B 980 -43.20 -2.15 14.20
CA GLN B 980 -42.18 -1.91 13.20
C GLN B 980 -41.01 -2.87 13.35
N VAL B 981 -40.69 -3.26 14.58
CA VAL B 981 -39.62 -4.23 14.81
C VAL B 981 -40.00 -5.60 14.25
N PHE B 982 -41.25 -6.02 14.44
CA PHE B 982 -41.70 -7.30 13.90
C PHE B 982 -41.74 -7.27 12.37
N LEU B 983 -42.17 -6.16 11.78
CA LEU B 983 -42.22 -6.07 10.33
C LEU B 983 -40.82 -6.01 9.73
N ASP B 984 -39.89 -5.32 10.38
CA ASP B 984 -38.50 -5.33 9.94
C ASP B 984 -37.89 -6.71 10.07
N TYR B 985 -38.24 -7.44 11.14
CA TYR B 985 -37.80 -8.82 11.28
C TYR B 985 -38.36 -9.71 10.18
N GLN B 986 -39.63 -9.50 9.81
CA GLN B 986 -40.22 -10.27 8.73
C GLN B 986 -39.55 -9.97 7.39
N LYS B 987 -39.22 -8.69 7.16
CA LYS B 987 -38.51 -8.33 5.94
C LYS B 987 -37.12 -8.95 5.90
N MET B 988 -36.42 -8.96 7.03
CA MET B 988 -35.12 -9.60 7.08
C MET B 988 -35.22 -11.12 6.95
N GLN B 989 -36.31 -11.71 7.44
CA GLN B 989 -36.55 -13.14 7.22
C GLN B 989 -36.76 -13.43 5.75
N ARG B 990 -37.50 -12.56 5.05
CA ARG B 990 -37.74 -12.78 3.63
C ARG B 990 -36.47 -12.54 2.82
N GLU B 991 -35.56 -11.70 3.30
CA GLU B 991 -34.35 -11.42 2.54
C GLU B 991 -33.21 -12.39 2.84
N PHE B 992 -32.87 -12.57 4.12
CA PHE B 992 -31.72 -13.36 4.51
C PHE B 992 -32.08 -14.73 5.07
N GLY B 993 -33.34 -14.99 5.38
CA GLY B 993 -33.71 -16.29 5.91
C GLY B 993 -33.35 -16.43 7.38
N ALA B 994 -33.37 -17.67 7.84
CA ALA B 994 -33.13 -17.99 9.24
C ALA B 994 -31.63 -17.89 9.52
N VAL B 995 -31.17 -16.67 9.77
CA VAL B 995 -29.77 -16.46 10.15
C VAL B 995 -29.45 -16.96 11.55
N THR B 996 -30.48 -17.36 12.32
CA THR B 996 -30.27 -17.91 13.65
C THR B 996 -29.56 -19.25 13.63
N LEU B 997 -29.54 -19.93 12.49
CA LEU B 997 -28.91 -21.23 12.39
C LEU B 997 -27.41 -21.15 12.17
N LEU B 998 -26.89 -19.99 11.79
CA LEU B 998 -25.46 -19.81 11.64
C LEU B 998 -24.77 -19.78 12.99
N ASP B 999 -23.51 -20.17 13.00
CA ASP B 999 -22.71 -20.03 14.21
C ASP B 999 -22.32 -18.57 14.40
N THR B 1000 -22.09 -18.19 15.66
CA THR B 1000 -21.88 -16.79 16.00
C THR B 1000 -20.68 -16.12 15.32
N PRO B 1001 -19.48 -16.72 15.21
CA PRO B 1001 -18.43 -16.06 14.41
C PRO B 1001 -18.83 -15.85 12.96
N THR B 1002 -19.51 -16.83 12.35
CA THR B 1002 -20.01 -16.66 11.00
C THR B 1002 -21.14 -15.63 10.96
N PHE B 1003 -21.99 -15.61 11.99
CA PHE B 1003 -23.10 -14.67 12.04
C PHE B 1003 -22.60 -13.23 12.09
N LEU B 1004 -21.54 -12.98 12.85
CA LEU B 1004 -21.03 -11.63 13.04
C LEU B 1004 -19.99 -11.20 12.01
N HIS B 1005 -19.25 -12.14 11.43
CA HIS B 1005 -18.11 -11.78 10.59
C HIS B 1005 -18.19 -12.31 9.17
N GLY B 1006 -19.18 -13.12 8.83
CA GLY B 1006 -19.30 -13.60 7.47
C GLY B 1006 -18.38 -14.77 7.24
N MET B 1007 -17.59 -14.71 6.18
CA MET B 1007 -16.68 -15.78 5.82
C MET B 1007 -15.35 -15.19 5.38
N ARG B 1008 -14.28 -15.92 5.65
CA ARG B 1008 -12.99 -15.59 5.06
C ARG B 1008 -12.81 -16.32 3.73
N LEU B 1009 -11.73 -15.98 3.04
CA LEU B 1009 -11.37 -16.69 1.82
C LEU B 1009 -10.97 -18.12 2.14
N ASN B 1010 -11.42 -19.06 1.31
CA ASN B 1010 -11.14 -20.50 1.37
C ASN B 1010 -11.70 -21.15 2.63
N GLU B 1011 -12.52 -20.46 3.40
CA GLU B 1011 -13.14 -21.06 4.58
C GLU B 1011 -14.26 -22.00 4.15
N LYS B 1012 -14.38 -23.13 4.85
CA LYS B 1012 -15.50 -24.04 4.69
C LYS B 1012 -16.36 -23.98 5.93
N ILE B 1013 -17.64 -23.71 5.76
CA ILE B 1013 -18.60 -23.76 6.86
C ILE B 1013 -19.73 -24.70 6.48
N GLU B 1014 -20.39 -25.23 7.50
CA GLU B 1014 -21.52 -26.13 7.33
C GLU B 1014 -22.68 -25.58 8.12
N VAL B 1015 -23.80 -25.33 7.44
CA VAL B 1015 -24.99 -24.76 8.06
C VAL B 1015 -26.08 -25.81 8.00
N GLN B 1016 -26.47 -26.32 9.17
CA GLN B 1016 -27.56 -27.28 9.25
C GLN B 1016 -28.87 -26.49 9.27
N ILE B 1017 -29.56 -26.47 8.13
CA ILE B 1017 -30.79 -25.69 8.03
C ILE B 1017 -32.00 -26.43 8.57
N GLU B 1018 -31.97 -27.76 8.56
CA GLU B 1018 -32.98 -28.59 9.19
C GLU B 1018 -32.37 -29.96 9.42
N LYS B 1019 -33.17 -30.87 9.97
CA LYS B 1019 -32.70 -32.21 10.25
C LYS B 1019 -32.46 -32.97 8.95
N GLY B 1020 -31.22 -33.39 8.72
CA GLY B 1020 -30.86 -34.11 7.52
C GLY B 1020 -30.40 -33.25 6.37
N LYS B 1021 -30.52 -31.92 6.48
CA LYS B 1021 -30.03 -31.01 5.46
C LYS B 1021 -28.92 -30.15 6.05
N THR B 1022 -27.74 -30.20 5.42
CA THR B 1022 -26.60 -29.40 5.83
C THR B 1022 -26.00 -28.75 4.60
N LEU B 1023 -26.04 -27.42 4.56
CA LEU B 1023 -25.44 -26.68 3.45
C LEU B 1023 -23.93 -26.65 3.62
N SER B 1024 -23.21 -27.13 2.62
CA SER B 1024 -21.76 -26.99 2.58
C SER B 1024 -21.42 -25.75 1.78
N ILE B 1025 -20.94 -24.72 2.47
CA ILE B 1025 -20.66 -23.42 1.87
C ILE B 1025 -19.18 -23.13 1.97
N ARG B 1026 -18.56 -22.76 0.86
CA ARG B 1026 -17.16 -22.41 0.83
C ARG B 1026 -16.97 -21.16 -0.02
N LEU B 1027 -16.28 -20.16 0.51
CA LEU B 1027 -16.01 -18.93 -0.22
C LEU B 1027 -14.69 -19.08 -0.97
N ASP B 1028 -14.77 -19.12 -2.30
CA ASP B 1028 -13.57 -19.35 -3.10
C ASP B 1028 -12.87 -18.07 -3.50
N GLU B 1029 -13.62 -17.03 -3.87
CA GLU B 1029 -13.02 -15.79 -4.34
C GLU B 1029 -14.00 -14.65 -4.10
N ILE B 1030 -13.45 -13.49 -3.77
CA ILE B 1030 -14.20 -12.25 -3.66
C ILE B 1030 -13.80 -11.36 -4.82
N GLY B 1031 -14.76 -11.05 -5.68
CA GLY B 1031 -14.47 -10.25 -6.84
C GLY B 1031 -14.25 -8.78 -6.51
N GLU B 1032 -13.51 -8.12 -7.38
CA GLU B 1032 -13.30 -6.69 -7.25
C GLU B 1032 -14.61 -5.95 -7.55
N PRO B 1033 -14.86 -4.82 -6.89
CA PRO B 1033 -16.10 -4.08 -7.15
C PRO B 1033 -16.08 -3.44 -8.52
N ASP B 1034 -17.22 -3.49 -9.20
CA ASP B 1034 -17.34 -2.93 -10.53
C ASP B 1034 -17.72 -1.45 -10.43
N LEU B 1035 -18.08 -0.84 -11.56
CA LEU B 1035 -18.44 0.57 -11.56
C LEU B 1035 -19.77 0.80 -10.86
N ALA B 1036 -20.64 -0.20 -10.81
CA ALA B 1036 -21.91 -0.09 -10.12
C ALA B 1036 -21.79 -0.34 -8.62
N GLY B 1037 -20.59 -0.65 -8.12
CA GLY B 1037 -20.39 -0.90 -6.72
C GLY B 1037 -20.67 -2.30 -6.25
N ASN B 1038 -20.96 -3.23 -7.16
CA ASN B 1038 -21.27 -4.59 -6.78
C ASN B 1038 -20.02 -5.47 -6.83
N ARG B 1039 -19.97 -6.43 -5.91
CA ARG B 1039 -18.93 -7.44 -5.90
C ARG B 1039 -19.55 -8.79 -6.23
N VAL B 1040 -18.84 -9.61 -6.97
CA VAL B 1040 -19.25 -10.98 -7.24
C VAL B 1040 -18.48 -11.87 -6.28
N LEU B 1041 -19.19 -12.63 -5.47
CA LEU B 1041 -18.56 -13.54 -4.52
C LEU B 1041 -18.70 -14.96 -5.05
N PHE B 1042 -17.59 -15.67 -5.11
CA PHE B 1042 -17.53 -16.97 -5.76
C PHE B 1042 -17.67 -18.02 -4.66
N PHE B 1043 -18.90 -18.49 -4.47
CA PHE B 1043 -19.19 -19.49 -3.48
C PHE B 1043 -19.18 -20.88 -4.11
N ASN B 1044 -18.98 -21.88 -3.26
CA ASN B 1044 -19.15 -23.28 -3.64
C ASN B 1044 -20.23 -23.84 -2.73
N LEU B 1045 -21.49 -23.74 -3.15
CA LEU B 1045 -22.61 -24.23 -2.37
C LEU B 1045 -22.93 -25.65 -2.78
N ASN B 1046 -22.80 -26.58 -1.84
CA ASN B 1046 -23.14 -28.00 -2.01
C ASN B 1046 -22.38 -28.62 -3.19
N GLY B 1047 -21.10 -28.27 -3.30
CA GLY B 1047 -20.27 -28.78 -4.36
C GLY B 1047 -20.30 -27.99 -5.64
N GLN B 1048 -21.35 -27.20 -5.86
CA GLN B 1048 -21.53 -26.46 -7.11
C GLN B 1048 -21.09 -25.02 -6.95
N ARG B 1049 -20.48 -24.48 -8.00
CA ARG B 1049 -20.12 -23.08 -8.00
C ARG B 1049 -21.37 -22.22 -8.11
N ARG B 1050 -21.48 -21.24 -7.21
CA ARG B 1050 -22.55 -20.26 -7.29
C ARG B 1050 -21.94 -18.88 -7.13
N GLU B 1051 -22.24 -17.99 -8.06
CA GLU B 1051 -21.72 -16.62 -8.03
C GLU B 1051 -22.81 -15.70 -7.48
N VAL B 1052 -22.50 -15.05 -6.37
CA VAL B 1052 -23.45 -14.18 -5.67
C VAL B 1052 -22.99 -12.74 -5.86
N VAL B 1053 -23.89 -11.89 -6.31
CA VAL B 1053 -23.63 -10.48 -6.51
C VAL B 1053 -24.13 -9.71 -5.30
N ILE B 1054 -23.24 -8.94 -4.68
CA ILE B 1054 -23.58 -8.16 -3.49
C ILE B 1054 -23.04 -6.75 -3.66
N ASN B 1055 -23.83 -5.76 -3.26
CA ASN B 1055 -23.43 -4.36 -3.36
C ASN B 1055 -22.48 -4.00 -2.24
N ASP B 1056 -21.27 -3.55 -2.60
CA ASP B 1056 -20.33 -3.06 -1.62
C ASP B 1056 -20.71 -1.63 -1.26
N GLN B 1057 -21.02 -1.39 0.02
CA GLN B 1057 -21.47 -0.08 0.45
C GLN B 1057 -20.32 0.92 0.59
N SER B 1058 -19.08 0.44 0.65
CA SER B 1058 -17.95 1.36 0.82
C SER B 1058 -17.64 2.11 -0.45
N VAL B 1059 -17.69 1.43 -1.60
CA VAL B 1059 -17.29 2.08 -2.85
C VAL B 1059 -18.31 3.10 -3.32
N GLN B 1060 -19.60 2.83 -3.07
CA GLN B 1060 -20.72 3.75 -3.35
C GLN B 1060 -20.80 4.08 -4.84
N ALA B 1061 -21.02 3.04 -5.64
CA ALA B 1061 -21.26 3.13 -7.09
C ALA B 1061 -20.14 3.86 -7.83
N HIS C 6 46.81 49.27 -3.84
CA HIS C 6 47.24 48.40 -4.91
C HIS C 6 46.78 46.95 -4.68
N MET C 7 46.79 46.50 -3.43
CA MET C 7 46.24 45.18 -3.11
C MET C 7 44.74 45.29 -2.93
N LYS C 8 43.99 44.46 -3.65
CA LYS C 8 42.55 44.47 -3.57
C LYS C 8 41.93 43.12 -3.29
N LYS C 9 42.65 42.03 -3.50
CA LYS C 9 42.11 40.68 -3.30
C LYS C 9 43.17 39.82 -2.65
N LEU C 10 42.79 39.08 -1.62
CA LEU C 10 43.72 38.26 -0.86
C LEU C 10 43.22 36.82 -0.81
N LEU C 11 44.06 35.88 -1.20
CA LEU C 11 43.79 34.47 -1.01
C LEU C 11 44.35 34.03 0.33
N VAL C 12 43.62 33.15 1.00
CA VAL C 12 44.12 32.50 2.21
C VAL C 12 44.45 31.07 1.87
N ALA C 13 45.72 30.71 1.98
CA ALA C 13 46.19 29.36 1.69
C ALA C 13 46.15 28.50 2.96
N ASN C 14 44.96 28.43 3.54
CA ASN C 14 44.76 27.72 4.79
C ASN C 14 43.29 27.33 4.91
N ARG C 15 42.89 26.93 6.11
CA ARG C 15 41.55 26.43 6.35
C ARG C 15 41.18 26.73 7.80
N GLY C 16 39.96 26.35 8.17
CA GLY C 16 39.55 26.39 9.56
C GLY C 16 39.36 27.81 10.07
N GLU C 17 39.63 27.98 11.37
CA GLU C 17 39.34 29.26 12.02
C GLU C 17 40.30 30.36 11.60
N ILE C 18 41.55 30.01 11.26
CA ILE C 18 42.51 31.05 10.89
C ILE C 18 42.16 31.67 9.54
N ALA C 19 41.60 30.87 8.63
CA ALA C 19 41.12 31.41 7.37
C ALA C 19 40.00 32.41 7.60
N VAL C 20 39.06 32.08 8.50
CA VAL C 20 37.98 33.01 8.85
C VAL C 20 38.54 34.26 9.51
N ARG C 21 39.57 34.10 10.35
CA ARG C 21 40.22 35.23 11.00
C ARG C 21 40.80 36.20 9.99
N VAL C 22 41.52 35.67 9.00
CA VAL C 22 42.08 36.53 7.96
C VAL C 22 40.99 37.12 7.08
N PHE C 23 39.91 36.37 6.83
CA PHE C 23 38.79 36.89 6.04
C PHE C 23 38.13 38.08 6.73
N ARG C 24 37.95 37.99 8.06
CA ARG C 24 37.38 39.09 8.82
C ARG C 24 38.30 40.30 8.80
N ALA C 25 39.62 40.08 8.95
CA ALA C 25 40.57 41.18 8.88
C ALA C 25 40.56 41.84 7.49
N CYS C 26 40.49 41.02 6.44
CA CYS C 26 40.46 41.54 5.07
C CYS C 26 39.19 42.34 4.80
N ASN C 27 38.05 41.86 5.29
CA ASN C 27 36.80 42.60 5.11
C ASN C 27 36.82 43.90 5.88
N GLU C 28 37.42 43.91 7.07
CA GLU C 28 37.59 45.19 7.78
C GLU C 28 38.52 46.12 7.03
N LEU C 29 39.53 45.57 6.34
CA LEU C 29 40.44 46.38 5.54
C LEU C 29 39.93 46.66 4.14
N GLY C 30 38.76 46.13 3.78
CA GLY C 30 38.16 46.44 2.50
C GLY C 30 38.67 45.63 1.32
N LEU C 31 39.33 44.51 1.55
CA LEU C 31 39.82 43.68 0.46
C LEU C 31 38.89 42.50 0.21
N SER C 32 38.85 42.07 -1.04
CA SER C 32 38.14 40.86 -1.40
C SER C 32 38.90 39.63 -0.91
N THR C 33 38.17 38.54 -0.72
CA THR C 33 38.70 37.33 -0.10
C THR C 33 38.53 36.14 -1.02
N VAL C 34 39.54 35.27 -1.05
CA VAL C 34 39.49 34.02 -1.81
C VAL C 34 39.85 32.88 -0.87
N ALA C 35 38.99 31.87 -0.81
CA ALA C 35 39.24 30.67 -0.05
C ALA C 35 39.67 29.53 -0.97
N VAL C 36 40.42 28.60 -0.42
CA VAL C 36 40.71 27.33 -1.06
C VAL C 36 40.26 26.23 -0.13
N TYR C 37 39.82 25.11 -0.71
CA TYR C 37 39.35 24.01 0.11
C TYR C 37 39.58 22.70 -0.61
N ALA C 38 39.95 21.67 0.16
CA ALA C 38 40.00 20.31 -0.35
C ALA C 38 38.59 19.75 -0.45
N ARG C 39 38.47 18.63 -1.17
CA ARG C 39 37.17 17.99 -1.34
C ARG C 39 36.62 17.48 -0.02
N GLU C 40 37.47 16.92 0.82
CA GLU C 40 37.05 16.43 2.12
C GLU C 40 36.80 17.56 3.12
N ASP C 41 37.17 18.79 2.77
CA ASP C 41 36.90 19.97 3.57
C ASP C 41 35.78 20.82 2.97
N GLU C 42 34.91 20.22 2.16
CA GLU C 42 33.89 20.97 1.43
C GLU C 42 32.83 21.57 2.33
N TYR C 43 32.67 21.07 3.56
CA TYR C 43 31.69 21.60 4.48
C TYR C 43 32.31 22.51 5.53
N SER C 44 33.57 22.91 5.34
CA SER C 44 34.21 23.84 6.26
C SER C 44 33.57 25.22 6.16
N VAL C 45 33.51 25.91 7.30
CA VAL C 45 32.88 27.22 7.38
C VAL C 45 33.65 28.25 6.54
N HIS C 46 34.98 28.17 6.55
CA HIS C 46 35.82 29.14 5.87
C HIS C 46 35.60 29.14 4.36
N ARG C 47 35.13 28.03 3.79
CA ARG C 47 34.82 28.00 2.37
C ARG C 47 33.70 28.97 2.04
N PHE C 48 32.68 29.03 2.88
CA PHE C 48 31.52 29.87 2.65
C PHE C 48 31.64 31.25 3.28
N LYS C 49 32.77 31.56 3.91
CA LYS C 49 32.99 32.87 4.48
C LYS C 49 33.73 33.82 3.56
N ALA C 50 34.19 33.33 2.41
CA ALA C 50 34.93 34.16 1.46
C ALA C 50 34.06 34.52 0.27
N ASP C 51 34.51 35.53 -0.47
CA ASP C 51 33.78 35.96 -1.67
C ASP C 51 33.88 34.93 -2.77
N GLU C 52 35.04 34.29 -2.93
CA GLU C 52 35.25 33.23 -3.89
C GLU C 52 35.93 32.05 -3.21
N SER C 53 35.48 30.85 -3.53
CA SER C 53 36.09 29.63 -3.02
C SER C 53 36.43 28.72 -4.18
N TYR C 54 37.55 28.03 -4.08
CA TYR C 54 38.01 27.17 -5.17
C TYR C 54 38.52 25.84 -4.62
N LEU C 55 38.10 24.76 -5.26
CA LEU C 55 38.59 23.43 -4.92
C LEU C 55 40.06 23.30 -5.34
N ILE C 56 40.89 22.75 -4.45
CA ILE C 56 42.30 22.56 -4.72
C ILE C 56 42.68 21.11 -4.42
N GLY C 57 43.75 20.66 -5.08
CA GLY C 57 44.33 19.37 -4.83
C GLY C 57 43.42 18.19 -5.12
N GLN C 58 42.76 18.22 -6.28
CA GLN C 58 41.78 17.20 -6.62
C GLN C 58 42.46 15.84 -6.77
N GLY C 59 41.90 14.84 -6.10
CA GLY C 59 42.45 13.50 -6.08
C GLY C 59 43.50 13.27 -5.01
N LYS C 60 44.02 14.33 -4.39
CA LYS C 60 45.07 14.18 -3.41
C LYS C 60 44.49 13.91 -2.03
N LYS C 61 45.39 13.62 -1.10
CA LYS C 61 45.03 13.63 0.31
C LYS C 61 44.64 15.06 0.71
N PRO C 62 43.66 15.23 1.61
CA PRO C 62 43.25 16.60 2.00
C PRO C 62 44.38 17.47 2.55
N ILE C 63 45.20 16.93 3.45
CA ILE C 63 46.35 17.67 3.94
C ILE C 63 47.33 17.94 2.82
N ASP C 64 47.57 16.94 1.96
CA ASP C 64 48.42 17.14 0.79
C ASP C 64 47.81 18.12 -0.19
N ALA C 65 46.47 18.18 -0.27
CA ALA C 65 45.82 19.19 -1.09
C ALA C 65 46.08 20.58 -0.55
N TYR C 66 46.07 20.74 0.78
CA TYR C 66 46.38 22.04 1.36
C TYR C 66 47.86 22.38 1.32
N LEU C 67 48.73 21.44 0.94
CA LEU C 67 50.14 21.73 0.71
C LEU C 67 50.48 21.75 -0.78
N ASP C 68 49.48 21.73 -1.65
CA ASP C 68 49.70 21.80 -3.10
C ASP C 68 50.06 23.23 -3.46
N ILE C 69 51.36 23.50 -3.52
CA ILE C 69 51.86 24.85 -3.74
C ILE C 69 51.46 25.35 -5.13
N ASP C 70 51.64 24.50 -6.15
CA ASP C 70 51.35 24.92 -7.52
C ASP C 70 49.86 25.16 -7.74
N ASP C 71 49.00 24.32 -7.16
CA ASP C 71 47.56 24.52 -7.29
C ASP C 71 47.12 25.79 -6.58
N ILE C 72 47.68 26.07 -5.40
CA ILE C 72 47.34 27.28 -4.66
C ILE C 72 47.78 28.52 -5.43
N ILE C 73 48.98 28.47 -6.02
CA ILE C 73 49.46 29.56 -6.87
C ILE C 73 48.54 29.75 -8.06
N ARG C 74 48.13 28.64 -8.69
CA ARG C 74 47.28 28.73 -9.87
C ARG C 74 45.92 29.32 -9.54
N VAL C 75 45.35 28.94 -8.39
CA VAL C 75 44.07 29.51 -7.96
C VAL C 75 44.21 30.99 -7.67
N ALA C 76 45.30 31.38 -6.99
CA ALA C 76 45.53 32.79 -6.70
C ALA C 76 45.71 33.61 -7.97
N LEU C 77 46.32 33.01 -9.00
CA LEU C 77 46.51 33.72 -10.25
C LEU C 77 45.21 33.84 -11.04
N GLU C 78 44.44 32.75 -11.11
CA GLU C 78 43.20 32.78 -11.89
C GLU C 78 42.08 33.55 -11.20
N SER C 79 42.15 33.71 -9.88
CA SER C 79 41.17 34.54 -9.19
C SER C 79 41.55 36.02 -9.17
N GLY C 80 42.75 36.36 -9.63
CA GLY C 80 43.22 37.73 -9.55
C GLY C 80 43.48 38.20 -8.13
N ALA C 81 44.03 37.34 -7.29
CA ALA C 81 44.35 37.69 -5.91
C ALA C 81 45.74 38.30 -5.87
N ASP C 82 45.84 39.52 -5.34
CA ASP C 82 47.13 40.21 -5.29
C ASP C 82 48.04 39.68 -4.19
N ALA C 83 47.50 38.96 -3.21
CA ALA C 83 48.28 38.53 -2.05
C ALA C 83 47.86 37.13 -1.63
N ILE C 84 48.72 36.48 -0.86
CA ILE C 84 48.42 35.19 -0.26
C ILE C 84 48.80 35.24 1.22
N HIS C 85 47.81 34.99 2.08
CA HIS C 85 48.09 34.82 3.51
C HIS C 85 48.15 33.34 3.83
N PRO C 86 49.25 32.84 4.41
CA PRO C 86 49.36 31.41 4.68
C PRO C 86 48.79 30.96 6.01
N GLY C 87 48.47 31.87 6.93
CA GLY C 87 47.97 31.50 8.23
C GLY C 87 49.04 30.90 9.13
N TYR C 88 48.68 29.87 9.89
CA TYR C 88 49.64 29.09 10.66
C TYR C 88 49.50 27.64 10.25
N GLY C 89 50.57 26.88 10.44
CA GLY C 89 50.61 25.50 9.99
C GLY C 89 50.69 25.44 8.46
N LEU C 90 50.64 24.20 7.96
CA LEU C 90 50.70 23.90 6.53
C LEU C 90 51.93 24.54 5.87
N LEU C 91 51.70 25.53 5.01
CA LEU C 91 52.76 26.19 4.27
C LEU C 91 53.12 27.56 4.84
N SER C 92 52.82 27.79 6.12
CA SER C 92 53.05 29.11 6.72
C SER C 92 54.55 29.42 6.82
N GLU C 93 55.36 28.42 7.16
CA GLU C 93 56.80 28.58 7.28
C GLU C 93 57.54 27.90 6.13
N ASN C 94 56.85 27.54 5.06
CA ASN C 94 57.47 26.86 3.94
C ASN C 94 58.17 27.88 3.06
N LEU C 95 59.51 27.83 3.06
CA LEU C 95 60.31 28.80 2.31
C LEU C 95 60.07 28.67 0.81
N GLU C 96 59.93 27.44 0.33
CA GLU C 96 59.67 27.21 -1.09
C GLU C 96 58.34 27.82 -1.52
N PHE C 97 57.32 27.70 -0.67
CA PHE C 97 56.01 28.28 -0.99
C PHE C 97 56.09 29.78 -1.11
N ALA C 98 56.72 30.45 -0.14
CA ALA C 98 56.81 31.90 -0.19
C ALA C 98 57.69 32.37 -1.34
N THR C 99 58.72 31.60 -1.67
CA THR C 99 59.56 31.93 -2.82
C THR C 99 58.75 31.89 -4.12
N LYS C 100 57.96 30.84 -4.30
CA LYS C 100 57.14 30.77 -5.50
C LYS C 100 56.02 31.80 -5.49
N VAL C 101 55.52 32.18 -4.32
CA VAL C 101 54.50 33.22 -4.23
C VAL C 101 55.07 34.56 -4.69
N ARG C 102 56.22 34.95 -4.14
CA ARG C 102 56.81 36.22 -4.53
C ARG C 102 57.39 36.18 -5.94
N ALA C 103 57.72 34.99 -6.45
CA ALA C 103 58.14 34.86 -7.84
C ALA C 103 56.97 34.93 -8.80
N ALA C 104 55.77 34.58 -8.36
CA ALA C 104 54.59 34.68 -9.19
C ALA C 104 54.05 36.10 -9.29
N GLY C 105 54.64 37.05 -8.55
CA GLY C 105 54.19 38.42 -8.56
C GLY C 105 53.23 38.78 -7.45
N LEU C 106 52.78 37.81 -6.66
CA LEU C 106 51.83 38.06 -5.58
C LEU C 106 52.57 38.40 -4.29
N VAL C 107 51.92 39.23 -3.48
CA VAL C 107 52.47 39.57 -2.16
C VAL C 107 52.34 38.38 -1.23
N PHE C 108 53.40 38.08 -0.49
CA PHE C 108 53.34 37.07 0.55
C PHE C 108 53.18 37.77 1.89
N VAL C 109 52.13 37.42 2.62
CA VAL C 109 51.88 38.02 3.94
C VAL C 109 52.67 37.19 4.93
N GLY C 110 53.95 37.52 5.04
CA GLY C 110 54.86 36.87 5.95
C GLY C 110 56.18 37.63 5.98
N PRO C 111 57.18 37.10 6.65
CA PRO C 111 58.50 37.72 6.66
C PRO C 111 59.22 37.46 5.35
N GLU C 112 60.44 37.97 5.26
CA GLU C 112 61.25 37.77 4.06
C GLU C 112 61.71 36.32 3.97
N LEU C 113 62.21 35.96 2.79
CA LEU C 113 62.66 34.58 2.55
C LEU C 113 63.86 34.24 3.41
N HIS C 114 64.77 35.20 3.61
CA HIS C 114 65.92 34.93 4.46
C HIS C 114 65.50 34.75 5.91
N HIS C 115 64.47 35.46 6.36
CA HIS C 115 63.90 35.18 7.67
C HIS C 115 63.32 33.77 7.73
N LEU C 116 62.65 33.36 6.64
CA LEU C 116 61.99 32.05 6.63
C LEU C 116 63.00 30.91 6.72
N ASP C 117 64.10 30.97 5.97
CA ASP C 117 65.03 29.86 6.08
C ASP C 117 66.06 30.02 7.19
N ILE C 118 66.26 31.24 7.72
CA ILE C 118 67.07 31.38 8.92
C ILE C 118 66.34 30.78 10.12
N PHE C 119 65.06 31.10 10.26
CA PHE C 119 64.29 30.65 11.41
C PHE C 119 63.56 29.34 11.15
N GLY C 120 63.66 28.78 9.95
CA GLY C 120 63.06 27.48 9.69
C GLY C 120 63.91 26.32 10.17
N ASP C 121 65.22 26.51 10.22
CA ASP C 121 66.14 25.52 10.76
C ASP C 121 66.65 26.03 12.10
N LYS C 122 66.52 25.21 13.14
CA LYS C 122 66.75 25.69 14.49
C LYS C 122 68.22 25.94 14.78
N ILE C 123 69.12 25.26 14.08
CA ILE C 123 70.55 25.52 14.27
C ILE C 123 70.93 26.88 13.70
N LYS C 124 70.36 27.25 12.55
CA LYS C 124 70.61 28.58 12.01
C LYS C 124 69.94 29.66 12.84
N ALA C 125 68.79 29.35 13.42
CA ALA C 125 68.13 30.29 14.33
C ALA C 125 68.97 30.51 15.58
N LYS C 126 69.56 29.44 16.12
CA LYS C 126 70.45 29.58 17.27
C LYS C 126 71.72 30.34 16.89
N ALA C 127 72.23 30.15 15.67
CA ALA C 127 73.36 30.93 15.19
C ALA C 127 73.03 32.41 15.13
N ALA C 128 71.85 32.75 14.59
CA ALA C 128 71.45 34.16 14.53
C ALA C 128 71.18 34.72 15.92
N ALA C 129 70.71 33.89 16.85
CA ALA C 129 70.51 34.34 18.22
C ALA C 129 71.84 34.64 18.90
N ASP C 130 72.84 33.79 18.67
CA ASP C 130 74.19 34.07 19.17
C ASP C 130 74.76 35.33 18.55
N GLU C 131 74.55 35.51 17.24
CA GLU C 131 75.01 36.70 16.56
C GLU C 131 74.30 37.95 17.06
N ALA C 132 73.09 37.80 17.56
CA ALA C 132 72.35 38.90 18.17
C ALA C 132 72.68 39.09 19.65
N LYS C 133 73.56 38.24 20.20
CA LYS C 133 73.90 38.20 21.63
C LYS C 133 72.67 37.98 22.50
N VAL C 134 71.70 37.22 22.00
CA VAL C 134 70.55 36.79 22.78
C VAL C 134 70.87 35.41 23.34
N PRO C 135 70.87 35.23 24.66
CA PRO C 135 71.33 33.95 25.24
C PRO C 135 70.38 32.82 24.92
N GLY C 136 70.94 31.69 24.48
CA GLY C 136 70.19 30.49 24.22
C GLY C 136 70.47 29.41 25.24
N ILE C 137 69.89 28.25 25.00
CA ILE C 137 70.19 27.08 25.83
C ILE C 137 71.60 26.59 25.49
N PRO C 138 72.47 26.38 26.49
CA PRO C 138 73.80 25.83 26.20
C PRO C 138 73.72 24.44 25.64
N GLY C 139 74.06 24.30 24.35
CA GLY C 139 73.93 23.05 23.64
C GLY C 139 75.03 22.91 22.60
N THR C 140 74.92 21.85 21.81
CA THR C 140 75.89 21.60 20.76
C THR C 140 75.82 22.68 19.69
N ASN C 141 76.98 23.01 19.13
CA ASN C 141 77.07 24.04 18.10
C ASN C 141 76.77 23.40 16.74
N GLY C 142 75.49 23.27 16.45
CA GLY C 142 75.05 22.69 15.21
C GLY C 142 74.70 21.22 15.36
N ALA C 143 74.34 20.62 14.22
CA ALA C 143 73.92 19.23 14.20
C ALA C 143 75.08 18.30 14.52
N VAL C 144 74.76 17.20 15.19
CA VAL C 144 75.74 16.25 15.66
C VAL C 144 75.36 14.86 15.16
N ASP C 145 76.14 13.88 15.57
CA ASP C 145 75.91 12.47 15.32
C ASP C 145 75.65 11.79 16.66
N ILE C 146 75.61 10.46 16.64
CA ILE C 146 75.41 9.71 17.88
C ILE C 146 76.55 9.98 18.86
N ASP C 147 77.80 9.91 18.36
CA ASP C 147 78.96 10.13 19.22
C ASP C 147 79.06 11.59 19.67
N GLY C 148 78.70 12.53 18.79
CA GLY C 148 78.71 13.92 19.18
C GLY C 148 77.70 14.23 20.26
N ALA C 149 76.50 13.64 20.15
CA ALA C 149 75.51 13.79 21.22
C ALA C 149 75.96 13.13 22.50
N LEU C 150 76.62 11.96 22.41
CA LEU C 150 77.10 11.29 23.61
C LEU C 150 78.19 12.11 24.30
N GLU C 151 79.13 12.67 23.53
CA GLU C 151 80.18 13.46 24.17
C GLU C 151 79.61 14.78 24.70
N PHE C 152 78.55 15.30 24.08
CA PHE C 152 77.84 16.42 24.69
C PHE C 152 77.24 16.01 26.03
N ALA C 153 76.70 14.78 26.12
CA ALA C 153 76.13 14.31 27.37
C ALA C 153 77.19 14.19 28.46
N LYS C 154 78.38 13.71 28.11
CA LYS C 154 79.45 13.61 29.12
C LYS C 154 80.03 14.96 29.52
N THR C 155 80.50 15.77 28.56
CA THR C 155 81.19 16.99 28.97
C THR C 155 80.28 18.08 29.52
N TYR C 156 78.98 18.04 29.19
CA TYR C 156 78.08 19.04 29.75
C TYR C 156 77.22 18.49 30.88
N GLY C 157 76.86 17.22 30.83
CA GLY C 157 76.12 16.62 31.93
C GLY C 157 74.80 16.02 31.55
N TYR C 158 73.98 15.70 32.56
CA TYR C 158 72.65 15.14 32.39
C TYR C 158 71.68 15.89 33.28
N PRO C 159 70.40 15.99 32.89
CA PRO C 159 69.74 15.46 31.69
C PRO C 159 69.92 16.34 30.45
N VAL C 160 69.73 15.77 29.28
CA VAL C 160 69.78 16.50 28.01
C VAL C 160 68.55 16.13 27.20
N MET C 161 68.27 16.95 26.19
CA MET C 161 67.12 16.73 25.32
C MET C 161 67.55 16.70 23.87
N ILE C 162 67.24 15.59 23.20
CA ILE C 162 67.50 15.45 21.77
C ILE C 162 66.43 16.22 21.01
N LYS C 163 66.86 17.13 20.13
CA LYS C 163 65.94 17.96 19.37
C LYS C 163 66.32 17.98 17.91
N ALA C 164 65.36 17.71 17.04
CA ALA C 164 65.60 17.84 15.60
C ALA C 164 65.68 19.31 15.22
N ALA C 165 66.43 19.58 14.14
CA ALA C 165 66.68 20.96 13.76
C ALA C 165 65.49 21.62 13.07
N LEU C 166 64.49 20.84 12.67
CA LEU C 166 63.33 21.39 11.99
C LEU C 166 62.02 20.75 12.45
N GLY C 167 62.06 20.00 13.55
CA GLY C 167 60.85 19.35 14.04
C GLY C 167 59.86 20.37 14.59
N GLY C 168 58.59 20.18 14.24
CA GLY C 168 57.55 21.08 14.67
C GLY C 168 56.49 20.41 15.52
N GLY C 169 55.95 21.16 16.49
CA GLY C 169 54.88 20.65 17.33
C GLY C 169 55.28 19.50 18.24
N GLY C 170 56.44 19.59 18.88
CA GLY C 170 56.88 18.55 19.78
C GLY C 170 57.24 17.24 19.11
N ARG C 171 57.41 17.25 17.79
CA ARG C 171 57.74 16.02 17.08
C ARG C 171 59.21 15.69 17.20
N GLY C 172 60.08 16.71 17.23
CA GLY C 172 61.50 16.48 17.14
C GLY C 172 62.22 16.20 18.45
N MET C 173 61.48 16.02 19.53
CA MET C 173 62.04 16.08 20.86
C MET C 173 61.80 14.80 21.66
N ARG C 174 62.80 14.45 22.46
CA ARG C 174 62.76 13.33 23.39
C ARG C 174 63.77 13.60 24.49
N VAL C 175 63.41 13.24 25.72
CA VAL C 175 64.27 13.53 26.86
C VAL C 175 65.34 12.45 26.97
N ALA C 176 66.43 12.77 27.66
CA ALA C 176 67.53 11.84 27.86
C ALA C 176 68.15 12.07 29.22
N ARG C 177 68.27 11.00 30.02
CA ARG C 177 68.88 11.07 31.33
C ARG C 177 69.99 10.06 31.55
N ASN C 178 70.14 9.06 30.68
CA ASN C 178 71.25 8.12 30.78
C ASN C 178 71.88 7.88 29.41
N ASP C 179 72.76 6.89 29.31
CA ASP C 179 73.47 6.66 28.06
C ASP C 179 72.64 5.84 27.07
N ALA C 180 71.91 4.83 27.56
CA ALA C 180 71.10 4.01 26.67
C ALA C 180 69.89 4.79 26.15
N GLU C 181 69.25 5.56 27.02
CA GLU C 181 68.13 6.39 26.64
C GLU C 181 68.55 7.50 25.70
N MET C 182 69.83 7.92 25.76
CA MET C 182 70.38 8.85 24.78
C MET C 182 70.34 8.26 23.38
N HIS C 183 70.83 7.03 23.23
CA HIS C 183 70.75 6.34 21.94
C HIS C 183 69.30 6.15 21.51
N ASP C 184 68.43 5.84 22.47
CA ASP C 184 67.02 5.62 22.17
C ASP C 184 66.37 6.88 21.59
N GLY C 185 66.55 8.01 22.28
CA GLY C 185 65.97 9.25 21.82
C GLY C 185 66.55 9.71 20.51
N TYR C 186 67.87 9.53 20.34
CA TYR C 186 68.50 9.95 19.09
C TYR C 186 67.97 9.14 17.91
N ALA C 187 67.84 7.82 18.08
CA ALA C 187 67.37 6.97 16.97
C ALA C 187 65.92 7.27 16.62
N ARG C 188 65.05 7.38 17.63
CA ARG C 188 63.65 7.71 17.36
C ARG C 188 63.47 9.10 16.76
N ALA C 189 64.22 10.09 17.24
CA ALA C 189 64.11 11.44 16.65
C ALA C 189 64.62 11.46 15.22
N LYS C 190 65.72 10.75 14.95
CA LYS C 190 66.25 10.66 13.59
C LYS C 190 65.26 9.98 12.66
N SER C 191 64.64 8.89 13.13
CA SER C 191 63.69 8.15 12.30
C SER C 191 62.45 8.98 11.98
N GLU C 192 61.92 9.71 12.96
CA GLU C 192 60.75 10.53 12.66
C GLU C 192 61.13 11.69 11.75
N ALA C 193 62.33 12.26 11.94
CA ALA C 193 62.69 13.46 11.20
C ALA C 193 63.01 13.14 9.75
N ILE C 194 63.57 11.95 9.49
CA ILE C 194 63.65 11.51 8.11
C ILE C 194 62.28 11.03 7.62
N GLY C 195 61.35 10.73 8.53
CA GLY C 195 60.00 10.44 8.12
C GLY C 195 59.18 11.67 7.75
N ALA C 196 59.03 12.60 8.68
CA ALA C 196 58.11 13.71 8.53
C ALA C 196 58.73 14.95 7.89
N PHE C 197 60.05 15.01 7.74
CA PHE C 197 60.69 16.18 7.15
C PHE C 197 61.74 15.83 6.11
N GLY C 198 62.12 14.57 5.95
CA GLY C 198 63.13 14.20 4.99
C GLY C 198 64.54 14.37 5.51
N SER C 199 65.00 15.61 5.60
CA SER C 199 66.34 15.88 6.11
C SER C 199 66.34 15.81 7.62
N GLY C 200 67.22 15.01 8.19
CA GLY C 200 67.32 14.88 9.62
C GLY C 200 68.61 15.45 10.19
N GLU C 201 68.50 16.56 10.91
CA GLU C 201 69.62 17.15 11.63
C GLU C 201 69.21 17.29 13.09
N ILE C 202 70.08 16.84 14.00
CA ILE C 202 69.74 16.75 15.40
C ILE C 202 70.77 17.52 16.21
N TYR C 203 70.30 18.45 17.05
CA TYR C 203 71.15 19.13 18.01
C TYR C 203 70.61 18.85 19.40
N VAL C 204 71.52 18.70 20.36
CA VAL C 204 71.16 18.36 21.73
C VAL C 204 71.42 19.57 22.62
N GLU C 205 70.57 19.73 23.62
CA GLU C 205 70.58 20.91 24.46
C GLU C 205 70.48 20.49 25.92
N LYS C 206 70.70 21.47 26.80
CA LYS C 206 70.52 21.22 28.24
C LYS C 206 69.04 21.15 28.56
N TYR C 207 68.66 20.14 29.36
CA TYR C 207 67.28 19.97 29.78
C TYR C 207 67.06 20.77 31.06
N ILE C 208 66.25 21.82 30.97
CA ILE C 208 65.94 22.64 32.12
C ILE C 208 64.87 21.97 32.95
N GLU C 209 64.92 22.16 34.26
CA GLU C 209 63.97 21.57 35.19
C GLU C 209 62.88 22.58 35.51
N ASN C 210 61.63 22.21 35.19
CA ASN C 210 60.46 23.05 35.40
C ASN C 210 60.58 24.46 34.83
N PRO C 211 60.75 24.61 33.52
CA PRO C 211 60.88 25.96 32.96
C PRO C 211 59.52 26.60 32.72
N LYS C 212 59.55 27.92 32.51
CA LYS C 212 58.41 28.65 32.02
C LYS C 212 58.61 28.95 30.54
N HIS C 213 57.59 28.63 29.75
CA HIS C 213 57.62 28.91 28.31
C HIS C 213 57.00 30.28 28.08
N ILE C 214 57.82 31.22 27.64
CA ILE C 214 57.39 32.60 27.41
C ILE C 214 57.58 32.92 25.93
N GLU C 215 56.52 33.43 25.31
CA GLU C 215 56.53 33.83 23.91
C GLU C 215 56.38 35.33 23.84
N VAL C 216 57.15 35.98 22.96
CA VAL C 216 57.05 37.42 22.74
C VAL C 216 56.54 37.65 21.33
N GLN C 217 55.53 38.51 21.20
CA GLN C 217 54.96 38.85 19.91
C GLN C 217 55.68 40.05 19.33
N ILE C 218 56.10 39.95 18.07
CA ILE C 218 56.87 40.99 17.40
C ILE C 218 56.13 41.43 16.14
N LEU C 219 56.00 42.75 15.97
CA LEU C 219 55.53 43.34 14.72
C LEU C 219 56.63 44.21 14.12
N GLY C 220 56.97 43.96 12.86
CA GLY C 220 57.95 44.78 12.17
C GLY C 220 57.49 45.07 10.76
N ASP C 221 57.85 46.25 10.27
CA ASP C 221 57.44 46.68 8.94
C ASP C 221 58.64 46.74 7.99
N ARG C 222 58.37 47.22 6.79
CA ARG C 222 59.42 47.37 5.78
C ARG C 222 60.38 48.51 6.10
N HIS C 223 59.97 49.46 6.93
CA HIS C 223 60.78 50.62 7.25
C HIS C 223 61.70 50.41 8.44
N GLY C 224 61.79 49.19 8.96
CA GLY C 224 62.71 48.88 10.04
C GLY C 224 62.17 49.13 11.43
N ASN C 225 60.98 49.69 11.56
CA ASN C 225 60.35 49.82 12.88
C ASN C 225 59.96 48.43 13.39
N ILE C 226 60.33 48.13 14.62
CA ILE C 226 60.01 46.85 15.24
C ILE C 226 59.50 47.12 16.65
N ILE C 227 58.30 46.63 16.95
CA ILE C 227 57.74 46.74 18.29
C ILE C 227 57.41 45.34 18.79
N HIS C 228 57.33 45.20 20.11
CA HIS C 228 56.81 44.01 20.73
C HIS C 228 55.44 44.31 21.33
N LEU C 229 54.50 43.39 21.13
CA LEU C 229 53.19 43.49 21.76
C LEU C 229 53.15 42.64 23.04
N HIS C 230 54.08 42.94 23.93
CA HIS C 230 54.27 42.30 25.24
C HIS C 230 54.53 40.81 25.01
N GLU C 231 54.21 39.97 26.01
CA GLU C 231 54.61 38.58 25.98
C GLU C 231 53.45 37.68 26.38
N ARG C 232 53.63 36.38 26.09
CA ARG C 232 52.63 35.36 26.37
C ARG C 232 53.23 34.24 27.18
N ASP C 233 52.47 33.75 28.16
CA ASP C 233 52.88 32.63 29.00
C ASP C 233 52.17 31.38 28.49
N CYS C 234 52.90 30.53 27.79
CA CYS C 234 52.37 29.29 27.23
C CYS C 234 52.95 28.07 27.95
N SER C 235 53.10 28.18 29.28
CA SER C 235 53.76 27.13 30.05
C SER C 235 52.90 25.88 30.17
N VAL C 236 51.58 26.04 30.25
CA VAL C 236 50.69 24.93 30.55
C VAL C 236 50.63 24.00 29.34
N GLN C 237 51.41 22.92 29.39
CA GLN C 237 51.61 22.04 28.26
C GLN C 237 51.44 20.59 28.68
N ARG C 238 50.93 19.77 27.76
CA ARG C 238 50.79 18.34 27.97
C ARG C 238 51.62 17.63 26.92
N ARG C 239 52.61 16.86 27.38
CA ARG C 239 53.61 16.21 26.53
C ARG C 239 54.27 17.22 25.60
N ASN C 240 54.62 18.38 26.17
CA ASN C 240 55.24 19.50 25.46
C ASN C 240 54.39 19.96 24.29
N GLN C 241 53.07 19.95 24.48
CA GLN C 241 52.12 20.49 23.52
C GLN C 241 51.21 21.46 24.24
N LYS C 242 51.04 22.65 23.66
CA LYS C 242 50.35 23.74 24.32
C LYS C 242 48.89 23.41 24.57
N VAL C 243 48.40 23.76 25.75
CA VAL C 243 47.04 23.45 26.17
C VAL C 243 46.31 24.75 26.44
N ILE C 244 46.78 25.50 27.43
CA ILE C 244 46.21 26.80 27.81
C ILE C 244 47.32 27.83 27.78
N GLU C 245 47.10 28.92 27.07
CA GLU C 245 48.03 30.03 27.01
C GLU C 245 47.40 31.25 27.68
N ILE C 246 48.18 31.96 28.48
CA ILE C 246 47.72 33.18 29.13
C ILE C 246 48.64 34.32 28.74
N ALA C 247 48.14 35.53 28.88
CA ALA C 247 48.88 36.72 28.51
C ALA C 247 48.38 37.85 29.38
N PRO C 248 49.26 38.65 29.99
CA PRO C 248 50.72 38.53 29.99
C PRO C 248 51.19 37.46 30.97
N ALA C 249 52.49 37.32 31.20
CA ALA C 249 52.97 36.37 32.19
C ALA C 249 52.70 36.94 33.59
N VAL C 250 51.51 36.66 34.13
CA VAL C 250 51.14 37.20 35.44
C VAL C 250 51.99 36.64 36.56
N GLY C 251 52.59 35.46 36.36
CA GLY C 251 53.51 34.94 37.35
C GLY C 251 54.81 35.73 37.42
N LEU C 252 55.30 36.18 36.28
CA LEU C 252 56.58 36.86 36.22
C LEU C 252 56.46 38.33 36.63
N SER C 253 57.57 38.88 37.10
CA SER C 253 57.62 40.29 37.45
C SER C 253 57.64 41.15 36.18
N PRO C 254 57.07 42.37 36.24
CA PRO C 254 57.03 43.21 35.04
C PRO C 254 58.39 43.58 34.48
N ASP C 255 59.40 43.78 35.33
CA ASP C 255 60.73 44.14 34.84
C ASP C 255 61.37 42.97 34.09
N PHE C 256 61.20 41.75 34.62
CA PHE C 256 61.73 40.58 33.93
C PHE C 256 61.02 40.34 32.60
N ARG C 257 59.71 40.60 32.57
CA ARG C 257 58.97 40.48 31.32
C ARG C 257 59.44 41.52 30.31
N ASN C 258 59.70 42.74 30.77
CA ASN C 258 60.25 43.77 29.88
C ASN C 258 61.62 43.38 29.37
N GLU C 259 62.43 42.74 30.21
CA GLU C 259 63.74 42.26 29.78
C GLU C 259 63.62 41.21 28.68
N ILE C 260 62.68 40.26 28.84
CA ILE C 260 62.47 39.22 27.83
C ILE C 260 61.98 39.84 26.52
N CYS C 261 61.05 40.78 26.62
CA CYS C 261 60.53 41.44 25.42
C CYS C 261 61.60 42.26 24.72
N GLU C 262 62.46 42.93 25.48
CA GLU C 262 63.55 43.70 24.87
C GLU C 262 64.59 42.81 24.24
N ALA C 263 64.84 41.63 24.81
CA ALA C 263 65.73 40.67 24.16
C ALA C 263 65.16 40.20 22.82
N ALA C 264 63.86 39.92 22.79
CA ALA C 264 63.23 39.51 21.53
C ALA C 264 63.27 40.62 20.50
N VAL C 265 63.04 41.87 20.93
CA VAL C 265 63.13 43.02 20.03
C VAL C 265 64.55 43.17 19.49
N LYS C 266 65.55 42.97 20.35
CA LYS C 266 66.94 43.07 19.92
C LYS C 266 67.27 42.02 18.87
N LEU C 267 66.81 40.78 19.08
CA LEU C 267 67.03 39.73 18.09
C LEU C 267 66.36 40.05 16.76
N CYS C 268 65.11 40.52 16.80
CA CYS C 268 64.38 40.78 15.57
C CYS C 268 64.93 42.00 14.83
N LYS C 269 65.46 42.98 15.57
CA LYS C 269 66.15 44.09 14.91
C LYS C 269 67.48 43.64 14.33
N ASN C 270 68.15 42.70 14.98
CA ASN C 270 69.43 42.19 14.46
C ASN C 270 69.22 41.45 13.14
N VAL C 271 68.13 40.69 13.02
CA VAL C 271 67.86 40.02 11.75
C VAL C 271 67.02 40.87 10.81
N GLY C 272 66.59 42.06 11.22
CA GLY C 272 65.77 42.92 10.38
C GLY C 272 64.39 42.38 10.08
N TYR C 273 63.70 41.86 11.09
CA TYR C 273 62.46 41.13 10.89
C TYR C 273 61.32 42.03 10.40
N VAL C 274 60.48 41.48 9.52
CA VAL C 274 59.30 42.17 9.03
C VAL C 274 58.10 41.26 9.28
N ASN C 275 56.92 41.90 9.32
CA ASN C 275 55.62 41.28 9.62
C ASN C 275 55.59 40.65 11.00
N ALA C 276 54.63 39.77 11.26
CA ALA C 276 54.44 39.23 12.60
C ALA C 276 55.31 38.00 12.83
N GLY C 277 55.84 37.90 14.03
CA GLY C 277 56.63 36.75 14.41
C GLY C 277 56.67 36.62 15.91
N THR C 278 57.01 35.42 16.36
CA THR C 278 57.00 35.10 17.78
C THR C 278 58.34 34.51 18.17
N VAL C 279 58.93 35.05 19.23
CA VAL C 279 60.21 34.57 19.75
C VAL C 279 59.90 33.78 21.01
N GLU C 280 60.14 32.48 20.98
CA GLU C 280 59.88 31.63 22.12
C GLU C 280 61.08 31.64 23.07
N PHE C 281 60.80 31.68 24.37
CA PHE C 281 61.83 31.73 25.40
C PHE C 281 61.54 30.70 26.47
N LEU C 282 62.59 30.09 27.00
CA LEU C 282 62.49 29.21 28.15
C LEU C 282 63.00 29.98 29.37
N VAL C 283 62.20 30.05 30.41
CA VAL C 283 62.45 30.91 31.56
C VAL C 283 62.53 30.05 32.82
N LYS C 284 63.60 30.23 33.59
CA LYS C 284 63.72 29.63 34.92
C LYS C 284 64.66 30.46 35.76
N ASP C 285 64.15 30.96 36.89
CA ASP C 285 64.95 31.63 37.93
C ASP C 285 65.70 32.84 37.37
N ASP C 286 64.93 33.85 36.96
CA ASP C 286 65.36 35.14 36.40
C ASP C 286 66.32 35.00 35.22
N LYS C 287 66.36 33.85 34.56
CA LYS C 287 67.17 33.63 33.37
C LYS C 287 66.26 33.16 32.24
N PHE C 288 66.45 33.72 31.05
CA PHE C 288 65.67 33.34 29.87
C PHE C 288 66.61 32.86 28.78
N TYR C 289 66.17 31.89 28.00
CA TYR C 289 66.95 31.33 26.91
C TYR C 289 66.12 31.25 25.65
N PHE C 290 66.69 31.72 24.54
CA PHE C 290 66.06 31.57 23.24
C PHE C 290 65.95 30.10 22.87
N ILE C 291 64.82 29.71 22.27
CA ILE C 291 64.71 28.35 21.77
C ILE C 291 64.27 28.29 20.31
N GLU C 292 63.50 29.28 19.86
CA GLU C 292 62.87 29.22 18.54
C GLU C 292 62.23 30.56 18.23
N VAL C 293 62.31 30.97 16.97
CA VAL C 293 61.47 32.04 16.43
C VAL C 293 60.46 31.40 15.48
N ASN C 294 59.17 31.67 15.71
CA ASN C 294 58.14 31.25 14.77
C ASN C 294 57.90 32.39 13.78
N PRO C 295 58.23 32.22 12.50
CA PRO C 295 58.11 33.31 11.53
C PRO C 295 56.73 33.42 10.91
N ARG C 296 55.71 33.51 11.76
CA ARG C 296 54.31 33.51 11.31
C ARG C 296 53.45 33.99 12.47
N VAL C 297 52.17 34.19 12.17
CA VAL C 297 51.19 34.40 13.23
C VAL C 297 50.99 33.10 13.98
N GLN C 298 50.70 33.19 15.26
CA GLN C 298 50.44 32.03 16.09
C GLN C 298 48.95 31.85 16.30
N VAL C 299 48.58 30.67 16.79
CA VAL C 299 47.19 30.42 17.16
C VAL C 299 46.77 31.31 18.32
N GLU C 300 47.69 31.55 19.25
CA GLU C 300 47.42 32.32 20.46
C GLU C 300 47.70 33.81 20.30
N HIS C 301 47.69 34.32 19.06
CA HIS C 301 47.83 35.77 18.87
C HIS C 301 46.63 36.53 19.42
N THR C 302 45.50 35.84 19.65
CA THR C 302 44.27 36.50 20.06
C THR C 302 44.39 37.13 21.44
N ILE C 303 45.05 36.45 22.39
CA ILE C 303 45.18 37.03 23.73
C ILE C 303 46.11 38.24 23.71
N THR C 304 47.14 38.22 22.85
CA THR C 304 47.97 39.40 22.67
C THR C 304 47.16 40.56 22.09
N GLU C 305 46.29 40.26 21.11
CA GLU C 305 45.39 41.27 20.57
C GLU C 305 44.48 41.84 21.64
N LEU C 306 44.02 41.00 22.56
CA LEU C 306 43.11 41.46 23.59
C LEU C 306 43.82 42.30 24.64
N ILE C 307 45.02 41.91 25.06
CA ILE C 307 45.70 42.67 26.09
C ILE C 307 46.36 43.93 25.55
N THR C 308 46.62 44.01 24.24
CA THR C 308 47.20 45.21 23.68
C THR C 308 46.20 46.09 22.94
N GLY C 309 45.12 45.52 22.43
CA GLY C 309 44.21 46.26 21.59
C GLY C 309 44.62 46.35 20.14
N VAL C 310 45.65 45.61 19.73
CA VAL C 310 46.26 45.73 18.42
C VAL C 310 45.86 44.53 17.59
N ASP C 311 45.21 44.78 16.46
CA ASP C 311 44.83 43.72 15.54
C ASP C 311 46.06 43.21 14.82
N ILE C 312 46.47 41.98 15.14
CA ILE C 312 47.72 41.44 14.60
C ILE C 312 47.56 41.06 13.13
N VAL C 313 46.42 40.46 12.75
CA VAL C 313 46.24 40.04 11.37
C VAL C 313 46.05 41.24 10.45
N GLN C 314 45.31 42.25 10.91
CA GLN C 314 45.16 43.49 10.16
C GLN C 314 46.50 44.17 9.96
N ALA C 315 47.31 44.24 11.01
CA ALA C 315 48.66 44.79 10.90
C ALA C 315 49.53 43.95 9.98
N GLN C 316 49.34 42.63 9.98
CA GLN C 316 50.08 41.75 9.07
C GLN C 316 49.80 42.11 7.62
N ILE C 317 48.52 42.28 7.29
CA ILE C 317 48.14 42.62 5.93
C ILE C 317 48.62 44.01 5.56
N LEU C 318 48.51 44.97 6.48
CA LEU C 318 48.96 46.33 6.20
C LEU C 318 50.48 46.43 6.07
N ILE C 319 51.22 45.61 6.82
CA ILE C 319 52.68 45.55 6.65
C ILE C 319 53.02 44.94 5.30
N ALA C 320 52.29 43.89 4.91
CA ALA C 320 52.46 43.33 3.57
C ALA C 320 52.07 44.32 2.48
N GLN C 321 51.27 45.33 2.80
CA GLN C 321 51.01 46.42 1.88
C GLN C 321 52.16 47.43 1.82
N GLY C 322 53.16 47.29 2.68
CA GLY C 322 54.25 48.23 2.73
C GLY C 322 53.99 49.45 3.59
N LYS C 323 52.92 49.45 4.38
CA LYS C 323 52.60 50.59 5.20
C LYS C 323 53.54 50.68 6.40
N ASP C 324 53.66 51.89 6.94
CA ASP C 324 54.49 52.13 8.11
C ASP C 324 53.70 51.82 9.37
N LEU C 325 54.41 51.27 10.37
CA LEU C 325 53.76 50.81 11.60
C LEU C 325 53.12 51.96 12.37
N HIS C 326 53.80 53.10 12.44
CA HIS C 326 53.37 54.18 13.32
C HIS C 326 52.68 55.32 12.59
N ARG C 327 52.90 55.50 11.29
CA ARG C 327 52.26 56.57 10.56
C ARG C 327 51.02 56.10 9.80
N GLU C 328 51.11 54.99 9.10
CA GLU C 328 49.99 54.51 8.30
C GLU C 328 49.10 53.53 9.08
N ILE C 329 49.70 52.51 9.68
CA ILE C 329 48.93 51.56 10.48
C ILE C 329 48.38 52.24 11.73
N GLY C 330 49.18 53.09 12.36
CA GLY C 330 48.73 53.86 13.49
C GLY C 330 49.07 53.29 14.86
N LEU C 331 49.91 52.27 14.93
CA LEU C 331 50.32 51.73 16.21
C LEU C 331 51.19 52.76 16.95
N PRO C 332 51.03 52.88 18.25
CA PRO C 332 51.82 53.85 19.02
C PRO C 332 53.24 53.35 19.23
N ALA C 333 54.03 54.15 19.93
CA ALA C 333 55.41 53.80 20.23
C ALA C 333 55.45 52.64 21.22
N GLN C 334 56.66 52.11 21.43
CA GLN C 334 56.83 50.92 22.25
C GLN C 334 56.43 51.16 23.70
N SER C 335 56.74 52.35 24.22
CA SER C 335 56.36 52.66 25.60
C SER C 335 54.86 52.89 25.72
N GLU C 336 54.21 53.24 24.62
CA GLU C 336 52.78 53.53 24.62
C GLU C 336 51.92 52.32 24.27
N ILE C 337 52.52 51.14 24.09
CA ILE C 337 51.75 49.94 23.80
C ILE C 337 51.00 49.55 25.07
N PRO C 338 49.67 49.49 25.03
CA PRO C 338 48.90 49.29 26.27
C PRO C 338 48.96 47.87 26.78
N LEU C 339 48.67 47.73 28.06
CA LEU C 339 48.53 46.43 28.72
C LEU C 339 47.13 46.42 29.34
N LEU C 340 46.15 45.98 28.56
CA LEU C 340 44.75 46.03 28.97
C LEU C 340 44.38 44.73 29.69
N GLY C 341 44.83 44.64 30.94
CA GLY C 341 44.46 43.49 31.76
C GLY C 341 45.14 42.21 31.31
N SER C 342 44.46 41.10 31.56
CA SER C 342 45.00 39.77 31.27
C SER C 342 43.99 38.99 30.45
N ALA C 343 44.51 38.03 29.69
CA ALA C 343 43.67 37.19 28.84
C ALA C 343 44.16 35.76 28.91
N ILE C 344 43.23 34.83 28.68
CA ILE C 344 43.48 33.40 28.72
C ILE C 344 42.89 32.79 27.46
N GLN C 345 43.67 31.97 26.75
CA GLN C 345 43.16 31.25 25.60
C GLN C 345 43.08 29.76 25.90
N CYS C 346 41.93 29.16 25.61
CA CYS C 346 41.75 27.72 25.64
C CYS C 346 41.33 27.26 24.25
N ARG C 347 41.96 26.22 23.74
CA ARG C 347 41.59 25.63 22.46
C ARG C 347 40.79 24.36 22.74
N ILE C 348 39.49 24.41 22.42
CA ILE C 348 38.62 23.26 22.61
C ILE C 348 38.75 22.36 21.39
N THR C 349 39.23 21.15 21.61
CA THR C 349 39.51 20.19 20.56
C THR C 349 38.65 18.94 20.75
N THR C 350 38.82 17.99 19.85
CA THR C 350 38.13 16.71 19.93
C THR C 350 38.95 15.64 20.66
N GLU C 351 40.06 16.02 21.29
CA GLU C 351 40.87 15.07 22.03
C GLU C 351 40.12 14.62 23.27
N ASP C 352 39.92 13.31 23.40
CA ASP C 352 39.19 12.75 24.53
C ASP C 352 40.17 12.48 25.66
N PRO C 353 40.11 13.24 26.76
CA PRO C 353 41.08 13.02 27.85
C PRO C 353 40.92 11.69 28.56
N GLN C 354 39.78 11.04 28.43
CA GLN C 354 39.58 9.70 28.96
C GLN C 354 39.92 8.62 27.94
N ASN C 355 40.51 9.01 26.81
CA ASN C 355 40.98 8.06 25.81
C ASN C 355 42.37 8.43 25.34
N GLY C 356 43.21 8.88 26.28
CA GLY C 356 44.58 9.22 25.94
C GLY C 356 44.74 10.44 25.07
N PHE C 357 43.77 11.36 25.11
CA PHE C 357 43.73 12.58 24.29
C PHE C 357 43.76 12.27 22.80
N LEU C 358 43.18 11.14 22.43
CA LEU C 358 43.03 10.81 21.02
C LEU C 358 41.93 11.66 20.40
N PRO C 359 42.11 12.13 19.16
CA PRO C 359 41.08 12.96 18.53
C PRO C 359 39.84 12.15 18.19
N ASP C 360 38.72 12.50 18.82
CA ASP C 360 37.46 11.84 18.51
C ASP C 360 36.93 12.31 17.18
N THR C 361 36.14 11.45 16.52
CA THR C 361 35.48 11.78 15.28
C THR C 361 34.01 11.40 15.39
N GLY C 362 33.20 12.02 14.54
CA GLY C 362 31.77 11.78 14.53
C GLY C 362 31.03 13.03 14.10
N LYS C 363 29.72 12.98 14.28
CA LYS C 363 28.85 14.08 13.91
C LYS C 363 28.46 14.87 15.15
N ILE C 364 28.71 16.17 15.12
CA ILE C 364 28.26 17.04 16.20
C ILE C 364 26.75 17.23 16.06
N ASP C 365 26.02 16.91 17.13
CA ASP C 365 24.58 17.08 17.11
C ASP C 365 24.11 18.25 17.97
N THR C 366 25.00 18.85 18.76
CA THR C 366 24.63 19.98 19.60
C THR C 366 25.80 20.95 19.65
N TYR C 367 25.54 22.23 19.42
CA TYR C 367 26.56 23.25 19.60
C TYR C 367 25.91 24.50 20.16
N ARG C 368 26.33 24.88 21.36
CA ARG C 368 25.93 26.14 21.98
C ARG C 368 27.18 26.88 22.40
N SER C 369 27.30 28.12 21.96
CA SER C 369 28.47 28.89 22.31
C SER C 369 28.11 30.01 23.28
N PRO C 370 28.98 30.31 24.24
CA PRO C 370 28.72 31.41 25.16
C PRO C 370 29.10 32.76 24.58
N GLY C 371 28.51 33.81 25.14
CA GLY C 371 28.87 35.15 24.77
C GLY C 371 29.05 36.03 26.00
N GLY C 372 28.81 37.33 25.84
CA GLY C 372 28.83 38.23 26.98
C GLY C 372 30.15 38.96 27.13
N PHE C 373 30.29 39.58 28.29
CA PHE C 373 31.43 40.45 28.56
C PHE C 373 32.71 39.64 28.72
N GLY C 374 33.77 40.11 28.06
CA GLY C 374 35.07 39.53 28.21
C GLY C 374 35.30 38.24 27.46
N ILE C 375 34.40 37.85 26.57
CA ILE C 375 34.47 36.56 25.90
C ILE C 375 34.76 36.81 24.42
N ARG C 376 35.75 36.10 23.88
CA ARG C 376 36.05 36.14 22.46
C ARG C 376 36.09 34.72 21.91
N LEU C 377 35.38 34.49 20.81
CA LEU C 377 35.34 33.18 20.16
C LEU C 377 35.92 33.28 18.76
N ASP C 378 36.82 32.34 18.45
CA ASP C 378 37.30 32.12 17.09
C ASP C 378 36.96 30.67 16.76
N VAL C 379 35.76 30.45 16.26
CA VAL C 379 35.28 29.10 16.00
C VAL C 379 35.86 28.59 14.69
N GLY C 380 36.17 27.30 14.66
CA GLY C 380 36.54 26.64 13.43
C GLY C 380 35.34 25.96 12.80
N ASN C 381 35.35 24.64 12.76
CA ASN C 381 34.23 23.86 12.23
C ASN C 381 33.62 23.09 13.40
N ALA C 382 32.63 23.70 14.05
CA ALA C 382 32.03 23.07 15.22
C ALA C 382 30.51 23.22 15.27
N TYR C 383 29.87 23.59 14.17
CA TYR C 383 28.44 23.81 14.17
C TYR C 383 27.68 22.49 14.30
N ALA C 384 26.40 22.59 14.64
CA ALA C 384 25.55 21.42 14.75
C ALA C 384 25.36 20.79 13.37
N GLY C 385 25.53 19.47 13.30
CA GLY C 385 25.49 18.76 12.04
C GLY C 385 26.82 18.58 11.35
N TYR C 386 27.89 19.20 11.86
CA TYR C 386 29.20 19.06 11.24
C TYR C 386 29.78 17.69 11.53
N GLU C 387 30.22 17.00 10.48
CA GLU C 387 30.84 15.69 10.62
C GLU C 387 32.34 15.90 10.79
N VAL C 388 32.84 15.63 11.99
CA VAL C 388 34.26 15.76 12.29
C VAL C 388 35.00 14.59 11.64
N THR C 389 35.94 14.89 10.79
CA THR C 389 36.77 13.97 10.03
C THR C 389 38.13 13.80 10.68
N PRO C 390 38.78 12.65 10.53
CA PRO C 390 40.14 12.48 11.04
C PRO C 390 41.22 13.12 10.18
N TYR C 391 40.86 13.82 9.11
CA TYR C 391 41.85 14.34 8.18
C TYR C 391 42.59 15.54 8.76
N PHE C 392 41.88 16.42 9.44
CA PHE C 392 42.43 17.72 9.83
C PHE C 392 42.68 17.78 11.32
N ASP C 393 43.06 18.96 11.79
CA ASP C 393 43.36 19.18 13.19
C ASP C 393 42.11 19.01 14.04
N SER C 394 42.32 18.63 15.31
CA SER C 394 41.23 18.32 16.21
C SER C 394 40.50 19.55 16.73
N LEU C 395 40.99 20.75 16.42
CA LEU C 395 40.42 21.98 16.96
C LEU C 395 38.97 22.17 16.52
N LEU C 396 38.13 22.55 17.48
CA LEU C 396 36.74 22.90 17.22
C LEU C 396 36.53 24.41 17.29
N VAL C 397 36.89 25.01 18.42
CA VAL C 397 36.74 26.43 18.65
C VAL C 397 37.75 26.84 19.71
N LYS C 398 38.49 27.91 19.47
CA LYS C 398 39.32 28.48 20.52
C LYS C 398 38.58 29.69 21.11
N VAL C 399 38.58 29.78 22.43
CA VAL C 399 37.84 30.81 23.13
C VAL C 399 38.80 31.54 24.06
N CYS C 400 38.78 32.86 24.01
CA CYS C 400 39.63 33.67 24.87
C CYS C 400 38.77 34.49 25.82
N THR C 401 39.11 34.47 27.10
CA THR C 401 38.48 35.29 28.10
C THR C 401 39.47 36.34 28.58
N PHE C 402 39.02 37.59 28.65
CA PHE C 402 39.88 38.70 29.02
C PHE C 402 39.19 39.55 30.07
N ALA C 403 39.99 40.09 30.99
CA ALA C 403 39.46 40.93 32.06
C ALA C 403 40.59 41.79 32.60
N ASN C 404 40.21 42.75 33.46
CA ASN C 404 41.21 43.58 34.13
C ASN C 404 42.09 42.76 35.06
N GLU C 405 41.50 41.82 35.79
CA GLU C 405 42.22 40.98 36.73
C GLU C 405 42.30 39.56 36.19
N PHE C 406 43.39 38.87 36.53
CA PHE C 406 43.57 37.49 36.11
C PHE C 406 42.56 36.56 36.77
N SER C 407 42.19 36.85 38.01
CA SER C 407 41.18 36.05 38.69
C SER C 407 39.84 36.13 37.99
N ASP C 408 39.47 37.33 37.53
CA ASP C 408 38.22 37.47 36.78
C ASP C 408 38.29 36.77 35.43
N SER C 409 39.46 36.76 34.79
CA SER C 409 39.64 36.00 33.56
C SER C 409 39.47 34.50 33.80
N VAL C 410 40.01 34.01 34.92
CA VAL C 410 39.86 32.59 35.27
C VAL C 410 38.40 32.25 35.53
N ARG C 411 37.69 33.12 36.26
CA ARG C 411 36.28 32.90 36.54
C ARG C 411 35.45 32.91 35.27
N LYS C 412 35.75 33.84 34.36
CA LYS C 412 35.03 33.89 33.08
C LYS C 412 35.32 32.66 32.25
N MET C 413 36.55 32.15 32.27
CA MET C 413 36.86 30.96 31.49
C MET C 413 36.20 29.72 32.07
N ASP C 414 36.09 29.63 33.40
CA ASP C 414 35.37 28.53 34.01
C ASP C 414 33.88 28.59 33.65
N ARG C 415 33.30 29.79 33.69
CA ARG C 415 31.92 29.97 33.24
C ARG C 415 31.74 29.55 31.79
N VAL C 416 32.69 29.94 30.93
CA VAL C 416 32.59 29.62 29.50
C VAL C 416 32.70 28.13 29.26
N LEU C 417 33.63 27.46 29.94
CA LEU C 417 33.81 26.04 29.73
C LEU C 417 32.63 25.24 30.27
N HIS C 418 31.95 25.75 31.30
CA HIS C 418 30.71 25.10 31.71
C HIS C 418 29.55 25.43 30.77
N GLU C 419 29.53 26.63 30.21
CA GLU C 419 28.45 27.04 29.31
C GLU C 419 28.54 26.38 27.95
N PHE C 420 29.75 26.06 27.49
CA PHE C 420 29.94 25.39 26.20
C PHE C 420 29.23 24.04 26.19
N ARG C 421 28.60 23.73 25.07
CA ARG C 421 27.92 22.45 24.91
C ARG C 421 28.22 21.92 23.52
N ILE C 422 29.06 20.89 23.46
CA ILE C 422 29.32 20.15 22.24
C ILE C 422 29.00 18.69 22.51
N ARG C 423 28.05 18.15 21.77
CA ARG C 423 27.63 16.76 21.94
C ARG C 423 27.76 16.03 20.60
N GLY C 424 28.02 14.73 20.70
CA GLY C 424 28.26 13.89 19.56
C GLY C 424 29.72 13.51 19.36
N VAL C 425 30.63 14.35 19.84
CA VAL C 425 32.05 14.04 19.87
C VAL C 425 32.59 14.44 21.24
N LYS C 426 33.51 13.64 21.74
CA LYS C 426 34.17 13.97 22.99
C LYS C 426 35.10 15.16 22.80
N THR C 427 35.20 15.99 23.84
CA THR C 427 36.07 17.16 23.81
C THR C 427 37.02 17.12 24.99
N ASN C 428 38.01 18.01 24.96
CA ASN C 428 38.96 18.18 26.05
C ASN C 428 38.45 19.16 27.10
N ILE C 429 37.14 19.48 27.07
CA ILE C 429 36.59 20.45 28.02
C ILE C 429 36.73 20.04 29.48
N PRO C 430 36.46 18.78 29.91
CA PRO C 430 36.69 18.45 31.32
C PRO C 430 38.12 18.61 31.78
N PHE C 431 39.08 18.28 30.91
CA PHE C 431 40.49 18.49 31.23
C PHE C 431 40.80 19.97 31.38
N LEU C 432 40.26 20.80 30.50
CA LEU C 432 40.46 22.25 30.61
C LEU C 432 39.85 22.79 31.90
N ILE C 433 38.69 22.28 32.29
CA ILE C 433 38.04 22.68 33.54
C ILE C 433 38.93 22.33 34.73
N ASN C 434 39.51 21.12 34.71
CA ASN C 434 40.42 20.70 35.78
C ASN C 434 41.66 21.58 35.84
N VAL C 435 42.22 21.93 34.68
CA VAL C 435 43.43 22.77 34.65
C VAL C 435 43.11 24.17 35.14
N ILE C 436 41.95 24.72 34.75
CA ILE C 436 41.53 26.05 35.19
C ILE C 436 41.30 26.06 36.69
N ALA C 437 40.77 24.98 37.24
CA ALA C 437 40.51 24.91 38.67
C ALA C 437 41.78 24.82 39.52
N ASN C 438 42.91 24.45 38.92
CA ASN C 438 44.12 24.22 39.68
C ASN C 438 44.74 25.52 40.17
N GLU C 439 45.22 25.50 41.41
CA GLU C 439 45.81 26.69 42.02
C GLU C 439 47.19 27.01 41.48
N ASN C 440 47.89 26.02 40.90
CA ASN C 440 49.16 26.32 40.25
C ASN C 440 48.94 27.16 38.99
N PHE C 441 47.85 26.90 38.27
CA PHE C 441 47.53 27.70 37.10
C PHE C 441 47.05 29.09 37.50
N THR C 442 46.15 29.18 38.48
CA THR C 442 45.54 30.46 38.82
C THR C 442 46.51 31.40 39.51
N SER C 443 47.58 30.89 40.10
CA SER C 443 48.63 31.74 40.63
C SER C 443 49.55 32.28 39.55
N GLY C 444 49.44 31.79 38.32
CA GLY C 444 50.33 32.20 37.26
C GLY C 444 51.68 31.55 37.29
N GLN C 445 51.93 30.62 38.22
CA GLN C 445 53.23 30.01 38.40
C GLN C 445 53.31 28.61 37.81
N ALA C 446 52.48 28.31 36.82
CA ALA C 446 52.55 27.00 36.18
C ALA C 446 53.80 26.91 35.32
N THR C 447 54.35 25.70 35.24
CA THR C 447 55.51 25.39 34.44
C THR C 447 55.13 24.36 33.39
N THR C 448 56.11 23.96 32.59
CA THR C 448 55.83 23.03 31.49
C THR C 448 55.74 21.59 31.98
N THR C 449 56.08 21.34 33.23
CA THR C 449 55.93 20.02 33.83
C THR C 449 54.70 19.92 34.73
N PHE C 450 53.90 20.98 34.81
CA PHE C 450 52.79 21.02 35.76
C PHE C 450 51.72 19.99 35.42
N ILE C 451 51.40 19.84 34.14
CA ILE C 451 50.40 18.85 33.75
C ILE C 451 50.93 17.45 33.94
N ASP C 452 52.21 17.23 33.65
CA ASP C 452 52.81 15.90 33.77
C ASP C 452 52.91 15.48 35.23
N ASN C 453 53.08 16.43 36.14
CA ASN C 453 53.30 16.11 37.55
C ASN C 453 52.05 16.25 38.40
N THR C 454 50.88 16.50 37.79
CA THR C 454 49.65 16.60 38.56
C THR C 454 48.66 15.55 38.07
N PRO C 455 48.54 14.41 38.74
CA PRO C 455 47.61 13.37 38.28
C PRO C 455 46.17 13.70 38.59
N SER C 456 45.94 14.66 39.50
CA SER C 456 44.60 15.08 39.85
C SER C 456 43.90 15.83 38.73
N LEU C 457 44.63 16.26 37.70
CA LEU C 457 44.01 16.88 36.53
C LEU C 457 43.23 15.88 35.71
N PHE C 458 43.47 14.59 35.88
CA PHE C 458 42.88 13.55 35.04
C PHE C 458 41.73 12.84 35.73
N ASN C 459 41.22 13.38 36.82
CA ASN C 459 40.01 12.88 37.46
C ASN C 459 38.85 13.73 36.97
N PHE C 460 37.88 13.07 36.31
CA PHE C 460 36.75 13.76 35.72
C PHE C 460 35.46 13.26 36.36
N PRO C 461 34.61 14.15 36.86
CA PRO C 461 33.29 13.73 37.32
C PRO C 461 32.46 13.20 36.16
N ARG C 462 31.67 12.16 36.43
CA ARG C 462 30.81 11.61 35.40
C ARG C 462 29.62 12.54 35.17
N LEU C 463 29.42 12.92 33.92
CA LEU C 463 28.38 13.88 33.55
C LEU C 463 27.13 13.12 33.15
N ARG C 464 26.00 13.52 33.73
CA ARG C 464 24.72 12.93 33.37
C ARG C 464 24.21 13.65 32.13
N ASP C 465 24.38 13.04 30.96
CA ASP C 465 23.89 13.63 29.72
C ASP C 465 22.43 13.21 29.56
N ARG C 466 21.56 13.85 30.36
CA ARG C 466 20.20 13.36 30.50
C ARG C 466 19.35 13.66 29.27
N GLY C 467 19.63 14.76 28.57
CA GLY C 467 18.89 15.05 27.35
C GLY C 467 19.20 14.06 26.24
N THR C 468 20.49 13.74 26.06
CA THR C 468 20.90 12.78 25.04
C THR C 468 20.35 11.40 25.34
N LYS C 469 20.44 10.96 26.60
CA LYS C 469 19.94 9.65 26.99
C LYS C 469 18.42 9.56 26.82
N THR C 470 17.70 10.62 27.18
CA THR C 470 16.25 10.61 27.03
C THR C 470 15.86 10.56 25.56
N LEU C 471 16.54 11.33 24.71
CA LEU C 471 16.26 11.28 23.27
C LEU C 471 16.59 9.91 22.70
N HIS C 472 17.67 9.30 23.18
CA HIS C 472 18.06 7.97 22.73
C HIS C 472 17.01 6.93 23.10
N TYR C 473 16.48 6.98 24.32
CA TYR C 473 15.44 6.04 24.72
C TYR C 473 14.14 6.29 23.94
N LEU C 474 13.80 7.56 23.72
CA LEU C 474 12.59 7.88 22.99
C LEU C 474 12.66 7.39 21.55
N SER C 475 13.82 7.55 20.90
CA SER C 475 13.98 7.04 19.55
C SER C 475 13.98 5.51 19.53
N MET C 476 14.60 4.88 20.54
CA MET C 476 14.60 3.43 20.69
C MET C 476 13.18 2.88 20.71
N ILE C 477 12.34 3.41 21.59
CA ILE C 477 10.97 2.91 21.70
C ILE C 477 10.13 3.34 20.50
N THR C 478 10.39 4.52 19.93
CA THR C 478 9.59 5.00 18.81
C THR C 478 9.80 4.14 17.57
N VAL C 479 11.05 3.77 17.26
CA VAL C 479 11.30 3.06 16.02
C VAL C 479 11.38 1.54 16.19
N ASN C 480 11.58 1.04 17.40
CA ASN C 480 11.66 -0.41 17.57
C ASN C 480 10.68 -0.98 18.57
N GLY C 481 9.91 -0.15 19.25
CA GLY C 481 8.88 -0.64 20.15
C GLY C 481 9.44 -1.08 21.49
N PHE C 482 8.53 -1.15 22.46
CA PHE C 482 8.89 -1.69 23.76
C PHE C 482 9.10 -3.20 23.65
N PRO C 483 10.12 -3.75 24.31
CA PRO C 483 10.33 -5.19 24.25
C PRO C 483 9.23 -5.95 24.98
N GLY C 484 8.75 -7.02 24.34
CA GLY C 484 7.79 -7.91 24.94
C GLY C 484 6.34 -7.57 24.71
N ILE C 485 6.04 -6.40 24.14
CA ILE C 485 4.66 -6.02 23.83
C ILE C 485 4.57 -5.69 22.35
N GLU C 486 3.33 -5.60 21.88
CA GLU C 486 3.09 -5.23 20.49
C GLU C 486 3.50 -3.79 20.24
N ASN C 487 3.89 -3.50 19.00
CA ASN C 487 4.36 -2.17 18.61
C ASN C 487 3.18 -1.31 18.13
N THR C 488 2.21 -1.15 19.03
CA THR C 488 1.00 -0.41 18.72
C THR C 488 1.28 1.09 18.72
N GLU C 489 0.33 1.85 18.17
CA GLU C 489 0.44 3.29 18.13
C GLU C 489 0.07 3.88 19.49
N LYS C 490 0.82 4.90 19.90
CA LYS C 490 0.54 5.59 21.15
C LYS C 490 -0.80 6.31 21.07
N ARG C 491 -1.65 6.07 22.06
CA ARG C 491 -2.98 6.67 22.09
C ARG C 491 -2.98 7.95 22.92
N HIS C 492 -3.88 8.85 22.58
CA HIS C 492 -4.06 10.05 23.39
C HIS C 492 -4.75 9.69 24.69
N PHE C 493 -4.19 10.17 25.80
CA PHE C 493 -4.74 9.91 27.12
C PHE C 493 -5.02 11.23 27.81
N GLU C 494 -6.20 11.33 28.44
CA GLU C 494 -6.47 12.44 29.32
C GLU C 494 -5.62 12.31 30.58
N GLU C 495 -5.42 13.44 31.26
CA GLU C 495 -4.73 13.41 32.53
C GLU C 495 -5.56 12.64 33.55
N PRO C 496 -4.93 11.84 34.42
CA PRO C 496 -5.69 11.10 35.42
C PRO C 496 -6.38 12.03 36.41
N ARG C 497 -7.58 11.64 36.81
CA ARG C 497 -8.40 12.49 37.67
C ARG C 497 -7.78 12.59 39.06
N GLN C 498 -7.57 13.82 39.50
CA GLN C 498 -7.02 13.97 40.85
C GLN C 498 -8.15 13.95 41.87
N PRO C 499 -7.94 13.31 43.01
CA PRO C 499 -9.02 13.16 43.99
C PRO C 499 -9.38 14.47 44.67
N LEU C 500 -10.63 14.57 45.07
CA LEU C 500 -11.10 15.65 45.95
C LEU C 500 -11.31 15.03 47.32
N LEU C 501 -10.36 15.27 48.22
CA LEU C 501 -10.29 14.58 49.49
C LEU C 501 -10.82 15.46 50.61
N ASN C 502 -11.69 14.89 51.45
CA ASN C 502 -12.08 15.53 52.70
C ASN C 502 -11.07 15.10 53.74
N LEU C 503 -9.99 15.87 53.86
CA LEU C 503 -8.89 15.50 54.73
C LEU C 503 -9.28 15.63 56.19
N GLU C 504 -8.81 14.69 57.00
CA GLU C 504 -8.92 14.78 58.44
C GLU C 504 -7.65 14.21 59.05
N LYS C 505 -7.20 14.82 60.14
CA LYS C 505 -5.90 14.53 60.70
C LYS C 505 -6.05 13.51 61.83
N LYS C 506 -5.23 12.47 61.79
CA LYS C 506 -5.29 11.41 62.78
C LYS C 506 -3.89 10.87 63.03
N LYS C 507 -3.72 10.26 64.20
CA LYS C 507 -2.46 9.61 64.54
C LYS C 507 -2.46 8.21 63.93
N THR C 508 -1.59 7.99 62.96
CA THR C 508 -1.54 6.72 62.26
C THR C 508 -0.65 5.74 63.01
N ALA C 509 -0.64 4.50 62.53
CA ALA C 509 0.22 3.48 63.13
C ALA C 509 1.68 3.73 62.82
N LYS C 510 1.97 4.42 61.71
CA LYS C 510 3.33 4.84 61.41
C LYS C 510 3.84 5.81 62.46
N ASN C 511 2.98 6.73 62.91
CA ASN C 511 3.35 7.66 63.98
C ASN C 511 3.65 6.92 65.28
N ILE C 512 2.83 5.93 65.63
CA ILE C 512 3.02 5.17 66.85
C ILE C 512 4.32 4.36 66.76
N LEU C 513 4.63 3.82 65.58
CA LEU C 513 5.92 3.18 65.40
C LEU C 513 7.07 4.18 65.47
N ASP C 514 6.82 5.43 65.08
CA ASP C 514 7.88 6.43 65.09
C ASP C 514 8.26 6.83 66.52
N GLU C 515 7.27 7.26 67.32
CA GLU C 515 7.63 7.69 68.68
C GLU C 515 7.76 6.48 69.62
N GLN C 516 6.69 5.72 69.77
CA GLN C 516 6.73 4.52 70.59
C GLN C 516 7.27 3.36 69.75
N GLY C 517 7.21 2.14 70.28
CA GLY C 517 7.81 1.00 69.62
C GLY C 517 6.81 0.17 68.81
N ALA C 518 7.30 -0.98 68.35
CA ALA C 518 6.46 -1.92 67.62
C ALA C 518 5.40 -2.53 68.53
N ASP C 519 5.73 -2.74 69.80
CA ASP C 519 4.76 -3.29 70.75
C ASP C 519 3.59 -2.34 70.96
N ALA C 520 3.82 -1.03 70.93
CA ALA C 520 2.72 -0.10 71.01
C ALA C 520 1.86 -0.12 69.75
N VAL C 521 2.46 -0.41 68.59
CA VAL C 521 1.66 -0.61 67.38
C VAL C 521 0.78 -1.85 67.54
N VAL C 522 1.34 -2.92 68.12
CA VAL C 522 0.56 -4.14 68.36
C VAL C 522 -0.58 -3.86 69.33
N ASP C 523 -0.33 -3.07 70.37
CA ASP C 523 -1.39 -2.71 71.31
C ASP C 523 -2.44 -1.81 70.65
N TYR C 524 -2.03 -0.95 69.73
CA TYR C 524 -2.98 -0.15 68.97
C TYR C 524 -3.86 -1.02 68.09
N VAL C 525 -3.28 -2.06 67.49
CA VAL C 525 -4.07 -2.99 66.69
C VAL C 525 -5.01 -3.80 67.57
N LYS C 526 -4.51 -4.25 68.74
CA LYS C 526 -5.33 -5.04 69.65
C LYS C 526 -6.49 -4.24 70.20
N ASN C 527 -6.30 -2.95 70.46
CA ASN C 527 -7.33 -2.12 71.06
C ASN C 527 -8.23 -1.47 70.02
N THR C 528 -8.08 -1.79 68.74
CA THR C 528 -8.96 -1.28 67.71
C THR C 528 -10.11 -2.25 67.50
N LYS C 529 -11.33 -1.77 67.67
CA LYS C 529 -12.50 -2.62 67.47
C LYS C 529 -12.80 -2.86 66.00
N GLU C 530 -12.57 -1.86 65.16
CA GLU C 530 -12.74 -2.02 63.73
C GLU C 530 -11.66 -2.93 63.17
N VAL C 531 -11.95 -3.52 62.02
CA VAL C 531 -10.93 -4.27 61.29
C VAL C 531 -10.08 -3.28 60.49
N LEU C 532 -8.77 -3.44 60.58
CA LEU C 532 -7.86 -2.55 59.88
C LEU C 532 -7.60 -3.04 58.46
N LEU C 533 -7.20 -2.11 57.60
CA LEU C 533 -7.00 -2.40 56.19
C LEU C 533 -5.54 -2.15 55.80
N THR C 534 -4.99 -3.08 55.03
CA THR C 534 -3.67 -2.91 54.42
C THR C 534 -3.86 -2.82 52.91
N ASP C 535 -3.46 -1.70 52.34
CA ASP C 535 -3.64 -1.46 50.91
C ASP C 535 -2.56 -2.19 50.13
N THR C 536 -2.98 -3.10 49.25
CA THR C 536 -2.07 -3.86 48.40
C THR C 536 -2.02 -3.31 46.98
N THR C 537 -2.48 -2.08 46.77
CA THR C 537 -2.53 -1.51 45.43
C THR C 537 -1.12 -1.34 44.85
N LEU C 538 -0.16 -0.95 45.69
CA LEU C 538 1.17 -0.65 45.20
C LEU C 538 2.03 -1.89 44.98
N ARG C 539 1.68 -3.04 45.54
CA ARG C 539 2.42 -4.27 45.26
C ARG C 539 1.55 -5.34 44.62
N ASP C 540 0.57 -5.88 45.36
CA ASP C 540 0.01 -7.17 44.98
C ASP C 540 -1.09 -7.02 43.94
N ALA C 541 -1.82 -5.90 43.97
CA ALA C 541 -2.90 -5.67 43.02
C ALA C 541 -2.37 -5.60 41.60
N HIS C 542 -1.25 -4.91 41.39
CA HIS C 542 -0.67 -4.85 40.06
C HIS C 542 0.30 -6.00 39.78
N GLN C 543 0.78 -6.70 40.82
CA GLN C 543 1.48 -7.95 40.56
C GLN C 543 0.53 -8.99 39.98
N SER C 544 -0.69 -9.07 40.52
CA SER C 544 -1.66 -10.05 40.03
C SER C 544 -2.25 -9.65 38.69
N LEU C 545 -2.60 -8.39 38.51
CA LEU C 545 -3.36 -7.95 37.35
C LEU C 545 -2.48 -7.43 36.22
N LEU C 546 -1.50 -6.58 36.53
CA LEU C 546 -0.74 -5.86 35.52
C LEU C 546 0.66 -6.44 35.31
N ALA C 547 0.90 -7.68 35.75
CA ALA C 547 2.19 -8.36 35.66
C ALA C 547 3.31 -7.55 36.31
N THR C 548 2.98 -6.92 37.44
CA THR C 548 3.90 -6.16 38.30
C THR C 548 4.48 -4.93 37.58
N ARG C 549 3.88 -4.51 36.47
CA ARG C 549 4.49 -3.49 35.61
C ARG C 549 4.21 -2.07 36.07
N LEU C 550 3.47 -1.87 37.15
CA LEU C 550 3.10 -0.53 37.58
C LEU C 550 4.33 0.27 37.99
N ARG C 551 4.46 1.46 37.45
CA ARG C 551 5.68 2.25 37.57
C ARG C 551 5.56 3.29 38.67
N LEU C 552 6.73 3.74 39.14
CA LEU C 552 6.80 4.75 40.18
C LEU C 552 6.16 6.07 39.74
N GLN C 553 6.22 6.38 38.44
CA GLN C 553 5.65 7.62 37.94
C GLN C 553 4.14 7.65 38.14
N ASP C 554 3.47 6.51 38.08
CA ASP C 554 2.04 6.46 38.34
C ASP C 554 1.72 6.40 39.83
N MET C 555 2.58 5.77 40.63
CA MET C 555 2.35 5.76 42.08
C MET C 555 2.52 7.14 42.68
N LYS C 556 3.51 7.90 42.20
CA LYS C 556 3.85 9.17 42.84
C LYS C 556 2.83 10.26 42.59
N GLY C 557 1.97 10.12 41.58
CA GLY C 557 0.92 11.09 41.39
C GLY C 557 -0.23 10.95 42.38
N ILE C 558 -0.25 9.88 43.16
CA ILE C 558 -1.33 9.59 44.09
C ILE C 558 -0.84 9.18 45.47
N ALA C 559 0.48 9.05 45.67
CA ALA C 559 1.01 8.57 46.95
C ALA C 559 0.67 9.52 48.09
N GLN C 560 0.84 10.82 47.88
CA GLN C 560 0.50 11.79 48.91
C GLN C 560 -1.00 11.80 49.18
N ALA C 561 -1.82 11.64 48.14
CA ALA C 561 -3.26 11.58 48.31
C ALA C 561 -3.69 10.34 49.09
N ILE C 562 -3.00 9.20 48.89
CA ILE C 562 -3.30 8.02 49.70
C ILE C 562 -2.87 8.25 51.15
N ASP C 563 -1.70 8.86 51.35
CA ASP C 563 -1.18 9.08 52.70
C ASP C 563 -2.07 10.02 53.49
N GLN C 564 -2.56 11.09 52.87
CA GLN C 564 -3.38 12.06 53.58
C GLN C 564 -4.86 11.69 53.58
N GLY C 565 -5.37 11.12 52.48
CA GLY C 565 -6.78 10.82 52.38
C GLY C 565 -7.20 9.54 53.05
N LEU C 566 -6.27 8.60 53.24
CA LEU C 566 -6.56 7.34 53.94
C LEU C 566 -5.58 7.14 55.08
N PRO C 567 -5.65 7.95 56.13
CA PRO C 567 -4.76 7.73 57.29
C PRO C 567 -5.18 6.56 58.14
N GLU C 568 -6.40 6.04 57.96
CA GLU C 568 -6.87 4.90 58.73
C GLU C 568 -6.23 3.59 58.33
N LEU C 569 -5.49 3.57 57.22
CA LEU C 569 -4.84 2.34 56.77
C LEU C 569 -3.80 1.90 57.77
N PHE C 570 -3.77 0.60 58.05
CA PHE C 570 -2.71 0.06 58.91
C PHE C 570 -1.36 0.21 58.24
N SER C 571 -1.26 -0.20 56.98
CA SER C 571 -0.02 -0.09 56.22
C SER C 571 -0.35 -0.13 54.74
N ALA C 572 0.64 0.18 53.93
CA ALA C 572 0.54 0.07 52.47
C ALA C 572 1.60 -0.89 51.99
N GLU C 573 1.18 -2.01 51.41
CA GLU C 573 2.13 -2.96 50.85
C GLU C 573 2.64 -2.41 49.53
N MET C 574 3.88 -1.94 49.53
CA MET C 574 4.43 -1.26 48.37
C MET C 574 5.75 -1.88 47.89
N TRP C 575 6.25 -2.90 48.56
CA TRP C 575 7.55 -3.47 48.24
C TRP C 575 7.50 -4.98 48.39
N GLY C 576 8.59 -5.62 47.98
CA GLY C 576 8.71 -7.05 48.10
C GLY C 576 8.01 -7.78 46.97
N GLY C 577 8.01 -9.09 47.09
CA GLY C 577 7.41 -9.91 46.05
C GLY C 577 8.20 -9.85 44.76
N ALA C 578 7.49 -9.77 43.64
CA ALA C 578 8.11 -9.69 42.33
C ALA C 578 8.47 -8.26 41.93
N THR C 579 8.14 -7.26 42.77
CA THR C 579 8.42 -5.87 42.41
C THR C 579 9.91 -5.62 42.30
N PHE C 580 10.70 -6.20 43.19
CA PHE C 580 12.15 -5.99 43.22
C PHE C 580 12.80 -6.47 41.93
N ASP C 581 12.43 -7.65 41.46
CA ASP C 581 12.96 -8.15 40.20
C ASP C 581 12.40 -7.39 39.02
N VAL C 582 11.09 -7.14 39.01
CA VAL C 582 10.43 -6.62 37.82
C VAL C 582 10.86 -5.19 37.54
N ALA C 583 11.01 -4.36 38.60
CA ALA C 583 11.43 -2.97 38.40
C ALA C 583 12.78 -2.90 37.70
N TYR C 584 13.77 -3.60 38.26
CA TYR C 584 15.12 -3.65 37.68
C TYR C 584 15.10 -4.22 36.27
N ARG C 585 14.38 -5.31 36.06
CA ARG C 585 14.48 -6.05 34.80
C ARG C 585 13.70 -5.37 33.69
N PHE C 586 12.39 -5.20 33.88
CA PHE C 586 11.52 -4.69 32.83
C PHE C 586 11.24 -3.20 32.94
N LEU C 587 11.21 -2.63 34.14
CA LEU C 587 10.85 -1.23 34.23
C LEU C 587 12.06 -0.32 34.21
N ASN C 588 13.26 -0.89 34.36
CA ASN C 588 14.54 -0.16 34.35
C ASN C 588 14.55 0.96 35.39
N GLU C 589 13.98 0.68 36.56
CA GLU C 589 14.01 1.58 37.69
C GLU C 589 14.40 0.81 38.93
N SER C 590 15.07 1.48 39.84
CA SER C 590 15.53 0.84 41.05
C SER C 590 14.38 0.72 42.04
N PRO C 591 14.14 -0.46 42.62
CA PRO C 591 13.17 -0.56 43.72
C PRO C 591 13.55 0.28 44.92
N TRP C 592 14.84 0.48 45.17
CA TRP C 592 15.28 1.35 46.25
C TRP C 592 14.90 2.80 45.98
N TYR C 593 15.03 3.24 44.73
CA TYR C 593 14.63 4.60 44.38
C TYR C 593 13.12 4.78 44.54
N ARG C 594 12.34 3.77 44.14
CA ARG C 594 10.90 3.80 44.33
C ARG C 594 10.55 3.88 45.81
N LEU C 595 11.25 3.10 46.64
CA LEU C 595 11.01 3.13 48.08
C LEU C 595 11.34 4.49 48.67
N ARG C 596 12.44 5.11 48.23
CA ARG C 596 12.83 6.42 48.75
C ARG C 596 11.81 7.49 48.35
N LYS C 597 11.40 7.50 47.09
CA LYS C 597 10.44 8.51 46.63
C LYS C 597 9.09 8.34 47.32
N LEU C 598 8.62 7.09 47.45
CA LEU C 598 7.35 6.86 48.12
C LEU C 598 7.43 7.17 49.60
N ARG C 599 8.57 6.89 50.24
CA ARG C 599 8.73 7.23 51.65
C ARG C 599 8.70 8.72 51.88
N LYS C 600 9.32 9.49 50.97
CA LYS C 600 9.25 10.95 51.08
C LYS C 600 7.83 11.43 50.84
N LEU C 601 7.11 10.80 49.91
CA LEU C 601 5.74 11.21 49.61
C LEU C 601 4.72 10.74 50.63
N MET C 602 5.03 9.70 51.41
CA MET C 602 4.07 9.09 52.32
C MET C 602 4.67 9.01 53.71
N PRO C 603 4.75 10.14 54.43
CA PRO C 603 5.43 10.12 55.73
C PRO C 603 4.62 9.44 56.82
N ASN C 604 3.30 9.49 56.77
CA ASN C 604 2.46 8.97 57.86
C ASN C 604 1.82 7.64 57.52
N THR C 605 2.35 6.93 56.53
CA THR C 605 1.80 5.64 56.12
C THR C 605 2.86 4.57 56.33
N MET C 606 2.49 3.50 57.04
CA MET C 606 3.43 2.42 57.27
C MET C 606 3.66 1.65 55.97
N PHE C 607 4.91 1.31 55.72
CA PHE C 607 5.31 0.64 54.49
C PHE C 607 5.53 -0.83 54.78
N GLN C 608 4.83 -1.69 54.03
CA GLN C 608 4.91 -3.12 54.21
C GLN C 608 5.56 -3.76 52.98
N MET C 609 6.45 -4.72 53.22
CA MET C 609 7.06 -5.47 52.15
C MET C 609 6.81 -6.95 52.35
N LEU C 610 6.82 -7.69 51.25
CA LEU C 610 6.69 -9.15 51.28
C LEU C 610 8.10 -9.74 51.29
N PHE C 611 8.45 -10.37 52.40
CA PHE C 611 9.77 -10.94 52.62
C PHE C 611 9.67 -12.45 52.58
N ARG C 612 10.47 -13.09 51.73
CA ARG C 612 10.41 -14.55 51.56
C ARG C 612 11.36 -15.27 52.49
N GLY C 613 11.69 -14.68 53.64
CA GLY C 613 12.46 -15.39 54.64
C GLY C 613 13.91 -15.53 54.26
N SER C 614 14.33 -16.77 53.99
CA SER C 614 15.72 -17.02 53.61
C SER C 614 16.01 -16.56 52.20
N ASN C 615 14.97 -16.39 51.38
CA ASN C 615 15.18 -15.93 50.01
C ASN C 615 15.16 -14.41 49.91
N ALA C 616 14.59 -13.72 50.91
CA ALA C 616 14.40 -12.26 50.94
C ALA C 616 13.55 -11.88 49.74
N VAL C 617 14.09 -11.18 48.73
CA VAL C 617 13.29 -10.88 47.54
C VAL C 617 13.74 -11.69 46.32
N GLY C 618 14.60 -12.68 46.51
CA GLY C 618 15.03 -13.53 45.42
C GLY C 618 14.28 -14.86 45.39
N TYR C 619 14.68 -15.70 44.45
CA TYR C 619 14.19 -17.08 44.37
C TYR C 619 15.26 -18.07 44.82
N GLN C 620 16.47 -17.60 45.08
CA GLN C 620 17.58 -18.41 45.54
C GLN C 620 17.76 -18.19 47.03
N ASN C 621 18.41 -19.13 47.70
CA ASN C 621 18.72 -18.96 49.10
C ASN C 621 20.06 -18.24 49.24
N TYR C 622 20.18 -17.44 50.29
CA TYR C 622 21.34 -16.60 50.53
C TYR C 622 21.85 -16.81 51.94
N PRO C 623 23.14 -16.56 52.19
CA PRO C 623 23.65 -16.67 53.56
C PRO C 623 22.99 -15.68 54.50
N ASP C 624 23.11 -15.97 55.80
CA ASP C 624 22.31 -15.28 56.81
C ASP C 624 22.67 -13.81 56.92
N ASN C 625 23.96 -13.49 56.79
CA ASN C 625 24.38 -12.09 56.90
C ASN C 625 23.84 -11.26 55.74
N VAL C 626 23.66 -11.87 54.57
CA VAL C 626 23.04 -11.19 53.44
C VAL C 626 21.60 -10.82 53.78
N ILE C 627 20.87 -11.75 54.40
CA ILE C 627 19.47 -11.51 54.78
C ILE C 627 19.40 -10.41 55.85
N GLU C 628 20.30 -10.45 56.83
CA GLU C 628 20.31 -9.43 57.87
C GLU C 628 20.66 -8.05 57.29
N GLU C 629 21.59 -8.01 56.34
CA GLU C 629 21.95 -6.75 55.73
C GLU C 629 20.82 -6.20 54.87
N PHE C 630 20.10 -7.07 54.15
CA PHE C 630 18.92 -6.64 53.42
C PHE C 630 17.89 -6.05 54.36
N ILE C 631 17.65 -6.72 55.49
CA ILE C 631 16.65 -6.23 56.45
C ILE C 631 17.08 -4.89 57.03
N ARG C 632 18.37 -4.74 57.32
CA ARG C 632 18.89 -3.49 57.87
C ARG C 632 18.72 -2.33 56.89
N VAL C 633 19.11 -2.55 55.64
CA VAL C 633 19.02 -1.48 54.64
C VAL C 633 17.55 -1.17 54.32
N ALA C 634 16.71 -2.20 54.22
CA ALA C 634 15.30 -1.99 53.92
C ALA C 634 14.59 -1.25 55.06
N ALA C 635 14.92 -1.59 56.30
CA ALA C 635 14.33 -0.91 57.45
C ALA C 635 14.83 0.52 57.55
N HIS C 636 16.10 0.75 57.22
CA HIS C 636 16.64 2.11 57.28
C HIS C 636 16.06 2.98 56.17
N GLU C 637 15.82 2.41 55.00
CA GLU C 637 15.28 3.18 53.89
C GLU C 637 13.77 3.33 53.96
N GLY C 638 13.11 2.70 54.93
CA GLY C 638 11.73 3.06 55.20
C GLY C 638 10.70 1.96 55.25
N ILE C 639 11.12 0.70 55.19
CA ILE C 639 10.18 -0.40 55.32
C ILE C 639 9.86 -0.58 56.80
N ASP C 640 8.57 -0.50 57.14
CA ASP C 640 8.12 -0.56 58.52
C ASP C 640 7.61 -1.93 58.94
N VAL C 641 6.92 -2.64 58.06
CA VAL C 641 6.36 -3.95 58.35
C VAL C 641 7.00 -4.95 57.40
N PHE C 642 7.52 -6.04 57.95
CA PHE C 642 8.10 -7.12 57.16
C PHE C 642 7.20 -8.34 57.28
N ARG C 643 6.50 -8.67 56.19
CA ARG C 643 5.71 -9.88 56.15
C ARG C 643 6.64 -11.02 55.74
N ILE C 644 7.07 -11.81 56.72
CA ILE C 644 8.06 -12.86 56.51
C ILE C 644 7.35 -14.18 56.39
N PHE C 645 7.51 -14.85 55.25
CA PHE C 645 6.92 -16.16 55.03
C PHE C 645 7.96 -17.11 54.47
N ASP C 646 7.60 -18.39 54.45
CA ASP C 646 8.41 -19.43 53.84
C ASP C 646 7.55 -20.20 52.85
N SER C 647 8.17 -20.66 51.78
CA SER C 647 7.43 -21.37 50.73
C SER C 647 6.87 -22.71 51.23
N LEU C 648 7.48 -23.30 52.25
CA LEU C 648 7.02 -24.57 52.80
C LEU C 648 6.61 -24.45 54.26
N ASN C 649 6.38 -23.22 54.73
CA ASN C 649 5.98 -22.94 56.12
C ASN C 649 6.97 -23.52 57.14
N TRP C 650 8.25 -23.44 56.80
CA TRP C 650 9.32 -23.99 57.64
C TRP C 650 9.85 -22.87 58.54
N LEU C 651 9.65 -23.03 59.84
CA LEU C 651 10.12 -22.03 60.81
C LEU C 651 11.62 -21.75 60.80
N PRO C 652 12.53 -22.73 60.67
CA PRO C 652 13.96 -22.39 60.62
C PRO C 652 14.34 -21.42 59.51
N GLN C 653 13.65 -21.46 58.37
CA GLN C 653 13.92 -20.50 57.31
C GLN C 653 13.22 -19.16 57.52
N MET C 654 12.67 -18.91 58.71
CA MET C 654 12.07 -17.62 59.03
C MET C 654 12.57 -17.03 60.34
N GLU C 655 13.17 -17.83 61.24
CA GLU C 655 13.57 -17.33 62.55
C GLU C 655 14.58 -16.19 62.46
N LYS C 656 15.61 -16.35 61.59
CA LYS C 656 16.65 -15.34 61.49
C LYS C 656 16.11 -14.03 60.95
N SER C 657 15.24 -14.10 59.94
CA SER C 657 14.64 -12.89 59.39
C SER C 657 13.75 -12.19 60.42
N ILE C 658 12.98 -12.97 61.19
CA ILE C 658 12.13 -12.39 62.22
C ILE C 658 12.99 -11.69 63.28
N GLN C 659 14.09 -12.33 63.68
CA GLN C 659 14.98 -11.74 64.68
C GLN C 659 15.64 -10.48 64.16
N ALA C 660 16.06 -10.46 62.89
CA ALA C 660 16.69 -9.27 62.33
C ALA C 660 15.71 -8.10 62.24
N VAL C 661 14.46 -8.38 61.85
CA VAL C 661 13.44 -7.34 61.79
C VAL C 661 13.16 -6.80 63.19
N ARG C 662 13.14 -7.69 64.19
CA ARG C 662 12.98 -7.23 65.57
C ARG C 662 14.15 -6.36 66.00
N ASP C 663 15.37 -6.74 65.61
CA ASP C 663 16.56 -6.01 66.00
C ASP C 663 16.61 -4.63 65.37
N ASN C 664 16.05 -4.48 64.17
CA ASN C 664 16.07 -3.19 63.50
C ASN C 664 14.93 -2.28 63.92
N GLY C 665 14.16 -2.64 64.94
CA GLY C 665 13.13 -1.78 65.45
C GLY C 665 11.86 -1.73 64.63
N LYS C 666 11.61 -2.73 63.78
CA LYS C 666 10.43 -2.75 62.93
C LYS C 666 9.50 -3.88 63.37
N ILE C 667 8.43 -4.07 62.59
CA ILE C 667 7.40 -5.04 62.92
C ILE C 667 7.61 -6.28 62.06
N ALA C 668 7.75 -7.43 62.71
CA ALA C 668 7.92 -8.70 62.04
C ALA C 668 6.57 -9.39 61.96
N GLU C 669 6.14 -9.70 60.75
CA GLU C 669 4.89 -10.40 60.51
C GLU C 669 5.22 -11.83 60.10
N ALA C 670 5.24 -12.74 61.07
CA ALA C 670 5.36 -14.15 60.75
C ALA C 670 4.10 -14.61 60.03
N THR C 671 4.29 -15.40 58.99
CA THR C 671 3.21 -15.66 58.05
C THR C 671 3.03 -17.16 57.85
N ILE C 672 1.78 -17.60 57.94
CA ILE C 672 1.40 -18.97 57.62
C ILE C 672 0.77 -18.98 56.24
N CYS C 673 1.35 -19.74 55.32
CA CYS C 673 0.78 -19.90 53.99
C CYS C 673 -0.33 -20.93 54.05
N TYR C 674 -1.56 -20.50 53.80
CA TYR C 674 -2.71 -21.39 53.85
C TYR C 674 -2.82 -22.19 52.56
N THR C 675 -3.13 -23.47 52.70
CA THR C 675 -3.36 -24.33 51.56
C THR C 675 -4.30 -25.46 51.97
N GLY C 676 -4.84 -26.15 50.98
CA GLY C 676 -5.76 -27.24 51.28
C GLY C 676 -7.10 -26.72 51.75
N ASP C 677 -7.69 -27.45 52.69
CA ASP C 677 -9.02 -27.13 53.21
C ASP C 677 -9.14 -27.72 54.61
N ILE C 678 -9.25 -26.86 55.61
CA ILE C 678 -9.33 -27.34 57.00
C ILE C 678 -10.66 -28.05 57.25
N LEU C 679 -11.71 -27.67 56.53
CA LEU C 679 -13.03 -28.26 56.73
C LEU C 679 -13.26 -29.48 55.87
N ASP C 680 -12.25 -29.91 55.10
CA ASP C 680 -12.35 -31.13 54.31
C ASP C 680 -11.66 -32.26 55.05
N PRO C 681 -12.39 -33.28 55.51
CA PRO C 681 -11.73 -34.38 56.24
C PRO C 681 -10.89 -35.28 55.34
N SER C 682 -11.10 -35.24 54.02
CA SER C 682 -10.33 -36.09 53.12
C SER C 682 -8.92 -35.58 52.85
N ARG C 683 -8.58 -34.38 53.34
CA ARG C 683 -7.24 -33.82 53.20
C ARG C 683 -6.77 -33.43 54.59
N PRO C 684 -6.32 -34.39 55.39
CA PRO C 684 -6.05 -34.13 56.81
C PRO C 684 -4.67 -33.59 57.13
N LYS C 685 -3.77 -33.49 56.15
CA LYS C 685 -2.40 -33.04 56.42
C LYS C 685 -2.39 -31.57 56.83
N TYR C 686 -3.11 -30.72 56.10
CA TYR C 686 -3.24 -29.32 56.46
C TYR C 686 -4.60 -29.13 57.14
N ASN C 687 -4.68 -29.59 58.37
CA ASN C 687 -5.88 -29.46 59.18
C ASN C 687 -5.70 -28.31 60.16
N ILE C 688 -6.70 -28.11 61.01
CA ILE C 688 -6.71 -26.96 61.90
C ILE C 688 -5.64 -27.09 62.97
N GLN C 689 -5.31 -28.31 63.39
CA GLN C 689 -4.27 -28.51 64.40
C GLN C 689 -2.89 -28.17 63.87
N TYR C 690 -2.64 -28.44 62.59
CA TYR C 690 -1.36 -28.07 61.98
C TYR C 690 -1.16 -26.57 62.00
N TYR C 691 -2.19 -25.81 61.64
CA TYR C 691 -2.10 -24.36 61.68
C TYR C 691 -2.00 -23.86 63.11
N LYS C 692 -2.66 -24.53 64.06
CA LYS C 692 -2.58 -24.11 65.45
C LYS C 692 -1.17 -24.29 66.02
N ASP C 693 -0.55 -25.44 65.76
CA ASP C 693 0.80 -25.67 66.29
C ASP C 693 1.82 -24.79 65.57
N LEU C 694 1.61 -24.54 64.28
CA LEU C 694 2.47 -23.61 63.56
C LEU C 694 2.35 -22.19 64.10
N ALA C 695 1.13 -21.77 64.46
CA ALA C 695 0.93 -20.47 65.06
C ALA C 695 1.59 -20.37 66.43
N LYS C 696 1.53 -21.45 67.22
CA LYS C 696 2.23 -21.46 68.50
C LYS C 696 3.74 -21.37 68.30
N GLU C 697 4.28 -22.06 67.30
CA GLU C 697 5.71 -22.00 67.01
C GLU C 697 6.10 -20.60 66.55
N LEU C 698 5.25 -19.93 65.78
CA LEU C 698 5.53 -18.58 65.34
C LEU C 698 5.46 -17.59 66.50
N GLU C 699 4.53 -17.82 67.43
CA GLU C 699 4.44 -16.96 68.61
C GLU C 699 5.60 -17.22 69.56
N ALA C 700 6.24 -18.39 69.47
CA ALA C 700 7.46 -18.63 70.24
C ALA C 700 8.56 -17.67 69.83
N THR C 701 8.70 -17.41 68.54
CA THR C 701 9.52 -16.30 68.08
C THR C 701 8.83 -14.99 68.43
N GLY C 702 9.62 -13.93 68.51
CA GLY C 702 9.10 -12.65 68.95
C GLY C 702 8.35 -11.85 67.89
N ALA C 703 7.73 -12.54 66.94
CA ALA C 703 7.01 -11.88 65.87
C ALA C 703 5.81 -11.12 66.42
N HIS C 704 5.62 -9.90 65.91
CA HIS C 704 4.62 -9.01 66.46
C HIS C 704 3.21 -9.38 66.01
N ILE C 705 3.04 -9.74 64.74
CA ILE C 705 1.74 -10.00 64.16
C ILE C 705 1.79 -11.35 63.45
N LEU C 706 0.79 -12.19 63.68
CA LEU C 706 0.64 -13.43 62.93
C LEU C 706 -0.11 -13.14 61.64
N ALA C 707 0.45 -13.60 60.52
CA ALA C 707 -0.14 -13.36 59.21
C ALA C 707 -0.62 -14.68 58.61
N VAL C 708 -1.77 -14.62 57.95
CA VAL C 708 -2.30 -15.78 57.25
C VAL C 708 -2.32 -15.47 55.75
N ASP C 710 -3.22 -16.40 52.21
CA ASP C 710 -4.00 -17.20 51.27
C ASP C 710 -3.62 -16.76 49.86
N MET C 711 -2.51 -17.32 49.36
CA MET C 711 -1.91 -16.84 48.13
C MET C 711 -2.75 -17.19 46.90
N ALA C 712 -3.56 -18.23 46.97
CA ALA C 712 -4.34 -18.69 45.84
C ALA C 712 -5.84 -18.48 46.03
N GLY C 713 -6.24 -17.76 47.07
CA GLY C 713 -7.66 -17.58 47.34
C GLY C 713 -8.38 -18.85 47.73
N LEU C 714 -7.71 -19.75 48.46
CA LEU C 714 -8.27 -21.03 48.83
C LEU C 714 -9.12 -21.00 50.09
N LEU C 715 -9.10 -19.90 50.85
CA LEU C 715 -9.77 -19.85 52.14
C LEU C 715 -11.26 -19.59 51.94
N LYS C 716 -12.07 -20.62 52.16
CA LYS C 716 -13.51 -20.49 52.10
C LYS C 716 -14.02 -19.73 53.33
N PRO C 717 -15.19 -19.09 53.24
CA PRO C 717 -15.65 -18.24 54.37
C PRO C 717 -15.87 -18.98 55.67
N GLN C 718 -16.49 -20.17 55.63
CA GLN C 718 -16.64 -20.96 56.84
C GLN C 718 -15.29 -21.40 57.37
N ALA C 719 -14.40 -21.82 56.45
CA ALA C 719 -13.04 -22.15 56.83
C ALA C 719 -12.31 -20.94 57.38
N ALA C 720 -12.59 -19.75 56.83
CA ALA C 720 -11.99 -18.52 57.35
C ALA C 720 -12.41 -18.26 58.79
N TYR C 721 -13.72 -18.39 59.07
CA TYR C 721 -14.21 -18.18 60.42
C TYR C 721 -13.60 -19.18 61.39
N ARG C 722 -13.56 -20.46 60.99
CA ARG C 722 -13.03 -21.50 61.85
C ARG C 722 -11.54 -21.30 62.12
N LEU C 723 -10.78 -21.01 61.07
CA LEU C 723 -9.33 -20.84 61.21
C LEU C 723 -9.01 -19.62 62.07
N ILE C 724 -9.68 -18.50 61.82
CA ILE C 724 -9.37 -17.29 62.58
C ILE C 724 -9.80 -17.45 64.04
N SER C 725 -10.93 -18.11 64.30
CA SER C 725 -11.34 -18.36 65.67
C SER C 725 -10.35 -19.26 66.41
N GLU C 726 -9.91 -20.34 65.76
CA GLU C 726 -8.97 -21.25 66.40
C GLU C 726 -7.60 -20.63 66.57
N LEU C 727 -7.21 -19.70 65.71
CA LEU C 727 -5.94 -19.00 65.92
C LEU C 727 -6.07 -17.95 67.02
N LYS C 728 -7.22 -17.29 67.11
CA LYS C 728 -7.40 -16.26 68.13
C LYS C 728 -7.53 -16.86 69.53
N ASP C 729 -8.00 -18.09 69.64
CA ASP C 729 -7.99 -18.73 70.95
C ASP C 729 -6.71 -19.50 71.22
N THR C 730 -5.75 -19.47 70.30
CA THR C 730 -4.45 -20.12 70.49
C THR C 730 -3.35 -19.13 70.86
N VAL C 731 -3.15 -18.10 70.04
CA VAL C 731 -2.08 -17.14 70.23
C VAL C 731 -2.67 -15.79 70.60
N ASP C 732 -1.82 -14.94 71.16
CA ASP C 732 -2.23 -13.59 71.53
C ASP C 732 -1.85 -12.54 70.49
N LEU C 733 -1.13 -12.92 69.43
CA LEU C 733 -0.75 -11.97 68.40
C LEU C 733 -1.98 -11.52 67.61
N PRO C 734 -1.98 -10.27 67.15
CA PRO C 734 -3.01 -9.85 66.18
C PRO C 734 -2.86 -10.64 64.89
N ILE C 735 -3.98 -10.89 64.24
CA ILE C 735 -4.03 -11.71 63.04
C ILE C 735 -4.18 -10.80 61.83
N HIS C 736 -3.35 -11.02 60.82
CA HIS C 736 -3.40 -10.29 59.56
C HIS C 736 -3.75 -11.28 58.45
N LEU C 737 -4.92 -11.13 57.85
CA LEU C 737 -5.37 -12.04 56.80
C LEU C 737 -5.12 -11.42 55.43
N HIS C 738 -4.55 -12.21 54.53
CA HIS C 738 -4.31 -11.80 53.15
C HIS C 738 -4.85 -12.88 52.23
N THR C 739 -5.81 -12.52 51.38
CA THR C 739 -6.39 -13.48 50.45
C THR C 739 -6.55 -12.83 49.08
N HIS C 740 -6.76 -13.68 48.08
CA HIS C 740 -7.07 -13.25 46.74
C HIS C 740 -8.53 -13.58 46.43
N ASP C 741 -9.08 -12.88 45.43
CA ASP C 741 -10.49 -12.95 45.10
C ASP C 741 -10.77 -13.78 43.84
N THR C 742 -9.87 -14.72 43.51
CA THR C 742 -9.93 -15.39 42.22
C THR C 742 -11.16 -16.27 42.09
N SER C 743 -11.66 -16.81 43.19
CA SER C 743 -12.88 -17.59 43.18
C SER C 743 -14.13 -16.74 43.37
N GLY C 744 -13.98 -15.42 43.50
CA GLY C 744 -15.11 -14.56 43.75
C GLY C 744 -15.60 -14.53 45.18
N ASN C 745 -14.88 -15.18 46.10
CA ASN C 745 -15.33 -15.29 47.48
C ASN C 745 -14.44 -14.52 48.46
N GLY C 746 -13.68 -13.54 47.97
CA GLY C 746 -12.77 -12.81 48.84
C GLY C 746 -13.46 -11.93 49.85
N ILE C 747 -14.50 -11.21 49.43
CA ILE C 747 -15.21 -10.29 50.32
C ILE C 747 -15.90 -11.07 51.44
N ILE C 748 -16.57 -12.17 51.09
CA ILE C 748 -17.28 -12.93 52.11
C ILE C 748 -16.30 -13.65 53.03
N THR C 749 -15.15 -14.09 52.51
CA THR C 749 -14.11 -14.67 53.36
C THR C 749 -13.58 -13.63 54.36
N TYR C 750 -13.37 -12.40 53.90
CA TYR C 750 -12.94 -11.34 54.79
C TYR C 750 -14.01 -11.02 55.83
N SER C 751 -15.28 -11.02 55.43
CA SER C 751 -16.36 -10.76 56.38
C SER C 751 -16.45 -11.87 57.42
N GLY C 752 -16.29 -13.12 57.00
CA GLY C 752 -16.32 -14.23 57.94
C GLY C 752 -15.15 -14.20 58.91
N ALA C 753 -13.98 -13.80 58.42
CA ALA C 753 -12.84 -13.61 59.32
C ALA C 753 -13.06 -12.41 60.25
N THR C 754 -13.77 -11.38 59.77
CA THR C 754 -14.10 -10.24 60.61
C THR C 754 -15.05 -10.64 61.73
N GLN C 755 -15.98 -11.55 61.45
CA GLN C 755 -16.83 -12.09 62.51
C GLN C 755 -16.00 -12.87 63.54
N ALA C 756 -15.01 -13.62 63.08
CA ALA C 756 -14.17 -14.40 63.98
C ALA C 756 -13.16 -13.57 64.73
N GLY C 757 -12.98 -12.30 64.37
CA GLY C 757 -12.11 -11.41 65.09
C GLY C 757 -10.77 -11.13 64.46
N VAL C 758 -10.67 -11.18 63.12
CA VAL C 758 -9.42 -10.85 62.46
C VAL C 758 -9.15 -9.35 62.64
N ASP C 759 -7.87 -8.99 62.70
CA ASP C 759 -7.48 -7.64 63.03
C ASP C 759 -7.21 -6.78 61.79
N ILE C 760 -6.41 -7.29 60.85
CA ILE C 760 -6.06 -6.56 59.63
C ILE C 760 -6.33 -7.46 58.44
N ILE C 761 -6.88 -6.88 57.37
CA ILE C 761 -7.12 -7.60 56.12
C ILE C 761 -6.51 -6.82 54.98
N ASP C 762 -6.01 -7.56 53.98
CA ASP C 762 -5.34 -6.98 52.83
C ASP C 762 -6.35 -6.69 51.73
N VAL C 763 -6.48 -5.41 51.36
CA VAL C 763 -7.42 -5.00 50.34
C VAL C 763 -6.67 -4.21 49.27
N ALA C 764 -7.29 -4.12 48.10
CA ALA C 764 -6.81 -3.31 47.00
C ALA C 764 -7.85 -2.26 46.67
N THR C 765 -7.43 -1.24 45.92
CA THR C 765 -8.39 -0.28 45.41
C THR C 765 -9.28 -0.96 44.37
N ALA C 766 -10.50 -0.41 44.21
CA ALA C 766 -11.53 -1.10 43.44
C ALA C 766 -11.13 -1.27 41.98
N SER C 767 -10.43 -0.29 41.42
CA SER C 767 -10.02 -0.36 40.02
C SER C 767 -8.91 -1.37 39.78
N LEU C 768 -8.22 -1.82 40.82
CA LEU C 768 -7.20 -2.86 40.72
C LEU C 768 -7.53 -4.06 41.60
N ALA C 769 -8.82 -4.28 41.87
CA ALA C 769 -9.29 -5.37 42.70
C ALA C 769 -10.02 -6.41 41.86
N GLY C 770 -10.42 -7.49 42.53
CA GLY C 770 -11.14 -8.55 41.87
C GLY C 770 -10.23 -9.44 41.04
N GLY C 771 -10.77 -10.58 40.64
CA GLY C 771 -9.97 -11.56 39.93
C GLY C 771 -8.84 -12.05 40.80
N THR C 772 -7.66 -12.17 40.22
CA THR C 772 -6.51 -12.68 40.95
C THR C 772 -5.98 -11.71 42.00
N SER C 773 -6.48 -10.47 42.03
CA SER C 773 -6.04 -9.47 42.99
C SER C 773 -6.84 -9.59 44.28
N GLN C 774 -6.63 -8.64 45.19
CA GLN C 774 -7.30 -8.62 46.49
C GLN C 774 -8.73 -8.12 46.36
N PRO C 775 -9.57 -8.37 47.37
CA PRO C 775 -10.90 -7.74 47.39
C PRO C 775 -10.81 -6.22 47.52
N SER C 776 -11.82 -5.54 46.99
CA SER C 776 -11.85 -4.08 46.99
C SER C 776 -12.05 -3.52 48.39
N MET C 777 -11.34 -2.43 48.69
CA MET C 777 -11.47 -1.80 50.00
C MET C 777 -12.80 -1.05 50.14
N GLN C 778 -13.32 -0.49 49.04
CA GLN C 778 -14.63 0.13 49.07
C GLN C 778 -15.73 -0.90 49.26
N SER C 779 -15.59 -2.04 48.57
CA SER C 779 -16.54 -3.13 48.71
C SER C 779 -16.52 -3.70 50.12
N ILE C 780 -15.34 -3.83 50.72
CA ILE C 780 -15.27 -4.34 52.08
C ILE C 780 -15.74 -3.31 53.10
N TYR C 781 -15.69 -2.01 52.78
CA TYR C 781 -16.34 -1.05 53.65
C TYR C 781 -17.85 -1.24 53.63
N TYR C 782 -18.43 -1.35 52.43
CA TYR C 782 -19.88 -1.44 52.37
C TYR C 782 -20.40 -2.82 52.76
N ALA C 783 -19.55 -3.84 52.75
CA ALA C 783 -19.96 -5.15 53.25
C ALA C 783 -20.12 -5.15 54.76
N LEU C 784 -19.33 -4.36 55.47
CA LEU C 784 -19.34 -4.34 56.93
C LEU C 784 -19.92 -3.03 57.48
N GLU C 785 -20.72 -2.31 56.69
CA GLU C 785 -21.08 -0.94 57.05
C GLU C 785 -21.96 -0.87 58.29
N HIS C 786 -22.90 -1.80 58.44
CA HIS C 786 -23.83 -1.76 59.57
C HIS C 786 -23.72 -3.02 60.43
N GLY C 787 -22.64 -3.77 60.31
CA GLY C 787 -22.43 -4.94 61.12
C GLY C 787 -21.85 -4.59 62.47
N PRO C 788 -21.51 -5.61 63.26
CA PRO C 788 -20.87 -5.34 64.55
C PRO C 788 -19.49 -4.72 64.44
N ARG C 789 -18.73 -5.03 63.40
CA ARG C 789 -17.39 -4.51 63.22
C ARG C 789 -17.32 -3.78 61.88
N HIS C 790 -16.93 -2.52 61.92
CA HIS C 790 -16.81 -1.74 60.69
C HIS C 790 -15.39 -1.82 60.16
N ALA C 791 -15.21 -1.34 58.94
CA ALA C 791 -13.90 -1.19 58.34
C ALA C 791 -13.40 0.22 58.58
N SER C 792 -12.19 0.34 59.10
CA SER C 792 -11.59 1.64 59.40
C SER C 792 -10.99 2.21 58.12
N ILE C 793 -11.77 3.03 57.43
CA ILE C 793 -11.34 3.67 56.18
C ILE C 793 -12.26 4.85 55.93
N ASN C 794 -11.75 5.86 55.22
CA ASN C 794 -12.58 6.93 54.68
C ASN C 794 -12.97 6.49 53.27
N VAL C 795 -14.22 6.04 53.11
CA VAL C 795 -14.60 5.40 51.86
C VAL C 795 -14.82 6.44 50.75
N LYS C 796 -15.18 7.67 51.09
CA LYS C 796 -15.31 8.69 50.07
C LYS C 796 -13.95 9.05 49.51
N ASN C 797 -12.95 9.16 50.38
CA ASN C 797 -11.59 9.42 49.94
C ASN C 797 -11.06 8.27 49.08
N ALA C 798 -11.33 7.03 49.47
CA ALA C 798 -10.90 5.87 48.69
C ALA C 798 -11.57 5.83 47.33
N GLU C 799 -12.86 6.16 47.28
CA GLU C 799 -13.56 6.24 46.00
C GLU C 799 -13.00 7.37 45.13
N GLN C 800 -12.48 8.42 45.75
CA GLN C 800 -11.82 9.46 44.97
C GLN C 800 -10.47 9.00 44.43
N ILE C 801 -9.71 8.23 45.23
CA ILE C 801 -8.43 7.68 44.78
C ILE C 801 -8.64 6.69 43.62
N ASP C 802 -9.76 5.96 43.65
CA ASP C 802 -9.99 4.92 42.66
C ASP C 802 -10.15 5.48 41.25
N HIS C 803 -10.59 6.74 41.12
CA HIS C 803 -10.69 7.36 39.80
C HIS C 803 -9.32 7.51 39.16
N TYR C 804 -8.35 8.00 39.93
CA TYR C 804 -6.97 8.04 39.47
C TYR C 804 -6.48 6.64 39.11
N TRP C 805 -6.83 5.65 39.95
CA TRP C 805 -6.29 4.32 39.72
C TRP C 805 -6.83 3.70 38.43
N GLU C 806 -8.11 3.89 38.10
CA GLU C 806 -8.59 3.37 36.82
C GLU C 806 -8.03 4.16 35.64
N ASP C 807 -7.88 5.48 35.81
CA ASP C 807 -7.31 6.29 34.74
C ASP C 807 -5.89 5.85 34.41
N VAL C 808 -5.08 5.53 35.42
CA VAL C 808 -3.73 5.07 35.14
C VAL C 808 -3.68 3.58 34.82
N ARG C 809 -4.71 2.81 35.17
CA ARG C 809 -4.80 1.44 34.70
C ARG C 809 -4.95 1.38 33.20
N LYS C 810 -5.65 2.37 32.62
CA LYS C 810 -5.76 2.43 31.17
C LYS C 810 -4.41 2.56 30.46
N TYR C 811 -3.36 3.04 31.16
CA TYR C 811 -2.04 3.12 30.55
C TYR C 811 -1.42 1.76 30.31
N TYR C 812 -1.81 0.74 31.09
CA TYR C 812 -1.16 -0.56 31.08
C TYR C 812 -1.97 -1.61 30.33
N ALA C 813 -2.66 -1.20 29.26
CA ALA C 813 -3.39 -2.15 28.43
C ALA C 813 -2.54 -3.28 27.84
N PRO C 814 -1.30 -3.09 27.36
CA PRO C 814 -0.53 -4.25 26.87
C PRO C 814 -0.22 -5.31 27.92
N PHE C 815 -0.23 -4.97 29.20
CA PHE C 815 0.06 -5.94 30.24
C PHE C 815 -1.20 -6.55 30.86
N GLU C 816 -2.38 -6.17 30.37
CA GLU C 816 -3.62 -6.67 30.94
C GLU C 816 -3.88 -8.11 30.53
N ALA C 817 -4.47 -8.87 31.43
CA ALA C 817 -5.01 -10.17 31.07
C ALA C 817 -6.33 -9.99 30.32
N GLY C 818 -6.90 -11.10 29.87
CA GLY C 818 -8.11 -11.07 29.07
C GLY C 818 -9.36 -10.79 29.89
N ILE C 819 -10.48 -11.36 29.42
CA ILE C 819 -11.72 -11.29 30.17
C ILE C 819 -11.55 -12.07 31.46
N THR C 820 -11.83 -11.40 32.58
CA THR C 820 -11.61 -11.96 33.91
C THR C 820 -12.94 -12.21 34.57
N SER C 821 -13.17 -13.44 34.98
CA SER C 821 -14.39 -13.90 35.63
C SER C 821 -13.97 -14.69 36.86
N PRO C 822 -14.85 -14.79 37.86
CA PRO C 822 -14.55 -15.66 39.01
C PRO C 822 -14.39 -17.10 38.57
N GLN C 823 -13.42 -17.77 39.18
CA GLN C 823 -13.07 -19.13 38.78
C GLN C 823 -12.88 -19.97 40.03
N THR C 824 -13.82 -20.87 40.29
CA THR C 824 -13.74 -21.75 41.45
C THR C 824 -12.87 -22.97 41.18
N GLU C 825 -12.34 -23.13 39.96
CA GLU C 825 -11.40 -24.20 39.69
C GLU C 825 -10.06 -24.02 40.40
N VAL C 826 -9.81 -22.83 40.95
CA VAL C 826 -8.65 -22.61 41.80
C VAL C 826 -8.74 -23.45 43.08
N TYR C 827 -9.94 -23.87 43.47
CA TYR C 827 -10.05 -24.78 44.60
C TYR C 827 -9.51 -26.17 44.27
N MET C 828 -9.39 -26.51 42.98
CA MET C 828 -8.82 -27.78 42.56
C MET C 828 -7.31 -27.69 42.35
N HIS C 829 -6.87 -26.87 41.40
CA HIS C 829 -5.45 -26.88 41.04
C HIS C 829 -4.60 -26.04 42.00
N GLU C 830 -5.21 -25.10 42.73
CA GLU C 830 -4.55 -24.31 43.77
C GLU C 830 -3.37 -23.50 43.24
N MET C 831 -3.43 -23.10 41.98
CA MET C 831 -2.39 -22.24 41.44
C MET C 831 -2.55 -20.83 42.01
N PRO C 832 -1.46 -20.20 42.44
CA PRO C 832 -1.50 -18.76 42.66
C PRO C 832 -1.65 -18.04 41.33
N GLY C 833 -2.13 -16.79 41.41
CA GLY C 833 -2.42 -16.04 40.20
C GLY C 833 -1.19 -15.79 39.34
N GLY C 834 -0.07 -15.45 39.98
CA GLY C 834 1.17 -15.31 39.24
C GLY C 834 1.63 -16.61 38.61
N GLN C 835 1.49 -17.71 39.34
CA GLN C 835 1.81 -19.02 38.78
C GLN C 835 0.89 -19.38 37.63
N TYR C 836 -0.40 -19.00 37.74
CA TYR C 836 -1.35 -19.22 36.65
C TYR C 836 -0.95 -18.45 35.40
N THR C 837 -0.59 -17.18 35.56
CA THR C 837 -0.19 -16.36 34.41
C THR C 837 1.11 -16.86 33.79
N ASN C 838 2.08 -17.25 34.62
CA ASN C 838 3.34 -17.72 34.07
C ASN C 838 3.19 -19.08 33.40
N LEU C 839 2.35 -19.96 33.94
CA LEU C 839 2.09 -21.23 33.27
C LEU C 839 1.33 -21.02 31.98
N LYS C 840 0.43 -20.03 31.93
CA LYS C 840 -0.24 -19.70 30.67
C LYS C 840 0.74 -19.15 29.66
N SER C 841 1.69 -18.31 30.10
CA SER C 841 2.70 -17.78 29.19
C SER C 841 3.61 -18.88 28.66
N GLN C 842 3.98 -19.83 29.52
CA GLN C 842 4.79 -20.96 29.07
C GLN C 842 4.00 -21.86 28.11
N ALA C 843 2.70 -22.04 28.37
CA ALA C 843 1.88 -22.86 27.48
C ALA C 843 1.58 -22.15 26.17
N ALA C 844 1.71 -20.82 26.14
CA ALA C 844 1.49 -20.07 24.90
C ALA C 844 2.75 -19.91 24.08
N ALA C 845 3.91 -19.76 24.73
CA ALA C 845 5.17 -19.63 23.99
C ALA C 845 5.52 -20.92 23.26
N VAL C 846 5.29 -22.06 23.89
CA VAL C 846 5.51 -23.36 23.26
C VAL C 846 4.14 -23.88 22.85
N GLY C 847 4.13 -24.86 21.94
CA GLY C 847 2.87 -25.31 21.36
C GLY C 847 2.10 -26.30 22.20
N LEU C 848 1.62 -25.87 23.38
CA LEU C 848 0.82 -26.74 24.24
C LEU C 848 -0.40 -26.03 24.81
N GLY C 849 -0.70 -24.81 24.36
CA GLY C 849 -1.76 -24.02 24.95
C GLY C 849 -3.17 -24.57 24.72
N HIS C 850 -3.34 -25.43 23.73
CA HIS C 850 -4.66 -26.00 23.49
C HIS C 850 -5.02 -27.07 24.52
N ARG C 851 -4.07 -27.51 25.34
CA ARG C 851 -4.35 -28.42 26.45
C ARG C 851 -3.97 -27.80 27.79
N PHE C 852 -4.32 -26.53 27.98
CA PHE C 852 -4.06 -25.89 29.27
C PHE C 852 -4.95 -26.47 30.37
N ASP C 853 -6.11 -27.02 30.01
CA ASP C 853 -6.90 -27.75 30.99
C ASP C 853 -6.15 -28.99 31.46
N GLU C 854 -5.51 -29.70 30.53
CA GLU C 854 -4.65 -30.82 30.89
C GLU C 854 -3.46 -30.36 31.70
N ILE C 855 -2.96 -29.15 31.42
CA ILE C 855 -1.87 -28.59 32.22
C ILE C 855 -2.31 -28.33 33.65
N LYS C 856 -3.52 -27.81 33.84
CA LYS C 856 -4.05 -27.59 35.18
C LYS C 856 -4.26 -28.91 35.93
N GLN C 857 -4.78 -29.92 35.23
CA GLN C 857 -4.94 -31.24 35.85
C GLN C 857 -3.60 -31.86 36.20
N MET C 858 -2.60 -31.68 35.32
CA MET C 858 -1.23 -32.09 35.61
C MET C 858 -0.69 -31.37 36.83
N TYR C 859 -0.98 -30.08 36.96
CA TYR C 859 -0.55 -29.32 38.13
C TYR C 859 -1.15 -29.91 39.39
N ARG C 860 -2.43 -30.27 39.34
CA ARG C 860 -3.09 -30.86 40.51
C ARG C 860 -2.46 -32.19 40.90
N LYS C 861 -2.28 -33.11 39.95
CA LYS C 861 -1.74 -34.40 40.36
C LYS C 861 -0.22 -34.38 40.55
N VAL C 862 0.50 -33.39 40.00
CA VAL C 862 1.90 -33.21 40.36
C VAL C 862 2.01 -32.71 41.80
N ASN C 863 1.14 -31.80 42.20
CA ASN C 863 1.10 -31.38 43.60
C ASN C 863 0.78 -32.56 44.51
N MET C 864 -0.16 -33.41 44.10
CA MET C 864 -0.43 -34.62 44.87
C MET C 864 0.77 -35.58 44.88
N MET C 865 1.49 -35.68 43.76
CA MET C 865 2.63 -36.57 43.65
C MET C 865 3.77 -36.14 44.56
N PHE C 866 4.02 -34.83 44.63
CA PHE C 866 5.10 -34.29 45.45
C PHE C 866 4.83 -34.41 46.95
N GLY C 867 3.62 -34.81 47.33
CA GLY C 867 3.25 -34.93 48.71
C GLY C 867 2.33 -33.86 49.23
N ASP C 868 1.57 -33.20 48.34
CA ASP C 868 0.65 -32.11 48.68
C ASP C 868 1.39 -30.98 49.40
N ILE C 869 2.27 -30.34 48.64
CA ILE C 869 3.14 -29.32 49.20
C ILE C 869 2.44 -27.96 49.13
N ILE C 870 2.96 -27.01 49.90
CA ILE C 870 2.48 -25.64 49.86
C ILE C 870 2.98 -24.98 48.58
N LYS C 871 2.06 -24.47 47.77
CA LYS C 871 2.40 -23.94 46.45
C LYS C 871 2.35 -22.42 46.51
N VAL C 872 3.52 -21.80 46.70
CA VAL C 872 3.70 -20.36 46.64
C VAL C 872 5.13 -20.15 46.16
N THR C 873 5.45 -18.92 45.79
CA THR C 873 6.77 -18.64 45.22
C THR C 873 7.85 -18.88 46.27
N PRO C 874 8.94 -19.59 45.92
CA PRO C 874 9.23 -20.21 44.62
C PRO C 874 8.79 -21.67 44.49
N SER C 875 8.13 -22.25 45.50
CA SER C 875 7.75 -23.65 45.42
C SER C 875 6.62 -23.91 44.44
N SER C 876 5.82 -22.89 44.11
CA SER C 876 4.78 -23.07 43.10
C SER C 876 5.37 -23.26 41.71
N LYS C 877 6.47 -22.58 41.42
CA LYS C 877 7.13 -22.75 40.13
C LYS C 877 7.73 -24.14 39.96
N VAL C 878 8.04 -24.83 41.06
CA VAL C 878 8.50 -26.21 40.98
C VAL C 878 7.40 -27.11 40.43
N VAL C 879 6.20 -26.98 40.99
CA VAL C 879 5.06 -27.78 40.53
C VAL C 879 4.68 -27.38 39.11
N GLY C 880 4.75 -26.09 38.80
CA GLY C 880 4.45 -25.64 37.44
C GLY C 880 5.41 -26.19 36.40
N ASP C 881 6.72 -26.15 36.71
CA ASP C 881 7.72 -26.69 35.79
C ASP C 881 7.59 -28.20 35.65
N MET C 882 7.30 -28.89 36.74
CA MET C 882 7.12 -30.34 36.66
C MET C 882 5.90 -30.71 35.83
N ALA C 883 4.78 -30.00 36.02
CA ALA C 883 3.57 -30.30 35.24
C ALA C 883 3.75 -29.97 33.76
N LEU C 884 4.42 -28.85 33.46
CA LEU C 884 4.71 -28.51 32.08
C LEU C 884 5.65 -29.53 31.43
N PHE C 885 6.64 -30.00 32.20
CA PHE C 885 7.52 -31.06 31.74
C PHE C 885 6.75 -32.34 31.43
N MET C 886 5.82 -32.70 32.30
CA MET C 886 5.11 -33.96 32.15
C MET C 886 4.06 -33.92 31.05
N ILE C 887 3.51 -32.75 30.72
CA ILE C 887 2.65 -32.72 29.54
C ILE C 887 3.48 -32.58 28.27
N GLN C 888 4.61 -31.88 28.34
CA GLN C 888 5.41 -31.63 27.15
C GLN C 888 6.08 -32.90 26.64
N ASN C 889 6.33 -33.85 27.54
CA ASN C 889 6.94 -35.13 27.17
C ASN C 889 5.98 -36.29 27.32
N ASP C 890 4.68 -36.01 27.49
CA ASP C 890 3.61 -37.02 27.53
C ASP C 890 3.84 -38.05 28.63
N LEU C 891 4.24 -37.58 29.80
CA LEU C 891 4.56 -38.47 30.92
C LEU C 891 3.41 -38.46 31.93
N THR C 892 2.92 -39.65 32.26
CA THR C 892 1.97 -39.82 33.34
C THR C 892 2.73 -40.02 34.64
N GLU C 893 2.00 -40.40 35.70
CA GLU C 893 2.64 -40.69 36.98
C GLU C 893 3.57 -41.89 36.87
N GLU C 894 3.11 -42.94 36.18
CA GLU C 894 3.94 -44.13 36.01
C GLU C 894 5.16 -43.86 35.15
N ASP C 895 5.04 -42.98 34.17
CA ASP C 895 6.16 -42.70 33.27
C ASP C 895 7.33 -42.06 34.02
N VAL C 896 7.05 -41.09 34.88
CA VAL C 896 8.13 -40.51 35.67
C VAL C 896 8.50 -41.39 36.85
N TYR C 897 7.61 -42.28 37.28
CA TYR C 897 7.94 -43.16 38.40
C TYR C 897 8.90 -44.27 37.98
N ALA C 898 8.73 -44.81 36.78
CA ALA C 898 9.56 -45.92 36.29
C ALA C 898 10.58 -45.45 35.26
N ARG C 899 10.12 -44.82 34.18
CA ARG C 899 11.01 -44.35 33.13
C ARG C 899 11.85 -43.15 33.58
N GLY C 900 11.52 -42.53 34.72
CA GLY C 900 12.15 -41.30 35.17
C GLY C 900 13.62 -41.41 35.51
N ASN C 901 14.14 -42.63 35.67
CA ASN C 901 15.58 -42.79 35.89
C ASN C 901 16.37 -42.37 34.68
N GLU C 902 15.80 -42.50 33.48
CA GLU C 902 16.43 -42.00 32.27
C GLU C 902 16.02 -40.58 31.93
N LEU C 903 14.90 -40.09 32.49
CA LEU C 903 14.39 -38.78 32.14
C LEU C 903 15.21 -37.68 32.80
N ASN C 904 15.42 -36.60 32.05
CA ASN C 904 16.18 -35.44 32.54
C ASN C 904 15.17 -34.43 33.08
N PHE C 905 14.92 -34.51 34.39
CA PHE C 905 13.94 -33.65 35.03
C PHE C 905 14.42 -32.19 35.05
N PRO C 906 13.50 -31.23 35.08
CA PRO C 906 13.91 -29.82 35.12
C PRO C 906 14.61 -29.48 36.43
N GLU C 907 15.46 -28.47 36.34
CA GLU C 907 16.39 -28.14 37.42
C GLU C 907 15.70 -27.63 38.68
N SER C 908 14.56 -26.96 38.55
CA SER C 908 13.85 -26.47 39.73
C SER C 908 13.28 -27.61 40.55
N VAL C 909 12.81 -28.67 39.88
CA VAL C 909 12.31 -29.85 40.58
C VAL C 909 13.45 -30.54 41.33
N VAL C 910 14.61 -30.66 40.68
CA VAL C 910 15.76 -31.29 41.31
C VAL C 910 16.27 -30.44 42.46
N SER C 911 16.30 -29.11 42.28
CA SER C 911 16.74 -28.23 43.35
C SER C 911 15.78 -28.27 44.54
N PHE C 912 14.48 -28.42 44.27
CA PHE C 912 13.53 -28.58 45.36
C PHE C 912 13.73 -29.90 46.09
N PHE C 913 13.92 -30.98 45.33
CA PHE C 913 14.04 -32.30 45.94
C PHE C 913 15.37 -32.51 46.63
N ARG C 914 16.39 -31.71 46.30
CA ARG C 914 17.67 -31.76 47.00
C ARG C 914 17.67 -30.95 48.27
N GLY C 915 16.57 -30.27 48.59
CA GLY C 915 16.48 -29.54 49.83
C GLY C 915 16.94 -28.10 49.78
N ASP C 916 17.10 -27.53 48.58
CA ASP C 916 17.50 -26.12 48.49
C ASP C 916 16.36 -25.18 48.87
N LEU C 917 15.12 -25.63 48.72
CA LEU C 917 13.97 -24.83 49.14
C LEU C 917 13.58 -25.07 50.60
N GLY C 918 14.21 -26.03 51.26
CA GLY C 918 13.88 -26.36 52.63
C GLY C 918 13.24 -27.72 52.74
N GLN C 919 12.66 -27.98 53.91
CA GLN C 919 12.05 -29.26 54.22
C GLN C 919 10.54 -29.15 54.19
N PRO C 920 9.86 -29.90 53.33
CA PRO C 920 8.40 -29.85 53.30
C PRO C 920 7.80 -30.50 54.54
N VAL C 921 6.52 -30.20 54.76
CA VAL C 921 5.78 -30.81 55.85
C VAL C 921 5.54 -32.28 55.49
N GLY C 922 5.99 -33.18 56.37
CA GLY C 922 5.91 -34.60 56.09
C GLY C 922 7.05 -35.15 55.27
N GLY C 923 7.99 -34.32 54.85
CA GLY C 923 9.14 -34.78 54.11
C GLY C 923 8.84 -35.07 52.65
N PHE C 924 9.90 -35.28 51.89
CA PHE C 924 9.79 -35.62 50.48
C PHE C 924 9.25 -37.04 50.31
N PRO C 925 8.62 -37.33 49.16
CA PRO C 925 8.39 -38.73 48.79
C PRO C 925 9.73 -39.41 48.55
N GLU C 926 10.02 -40.42 49.38
CA GLU C 926 11.37 -40.98 49.47
C GLU C 926 11.79 -41.68 48.18
N LYS C 927 10.87 -42.41 47.56
CA LYS C 927 11.18 -43.09 46.30
C LYS C 927 11.35 -42.08 45.18
N LEU C 928 10.43 -41.11 45.10
CA LEU C 928 10.50 -40.08 44.08
C LEU C 928 11.75 -39.22 44.24
N GLN C 929 12.16 -38.95 45.48
CA GLN C 929 13.37 -38.17 45.72
C GLN C 929 14.59 -38.85 45.13
N LYS C 930 14.71 -40.17 45.31
CA LYS C 930 15.86 -40.88 44.78
C LYS C 930 15.78 -41.00 43.26
N ILE C 931 14.57 -41.06 42.70
CA ILE C 931 14.46 -41.03 41.24
C ILE C 931 14.86 -39.65 40.70
N ILE C 932 14.45 -38.58 41.38
CA ILE C 932 14.63 -37.24 40.85
C ILE C 932 16.09 -36.80 40.98
N VAL C 933 16.66 -36.89 42.17
CA VAL C 933 17.99 -36.31 42.37
C VAL C 933 19.08 -37.21 41.82
N LYS C 934 18.82 -38.52 41.71
CA LYS C 934 19.78 -39.52 41.25
C LYS C 934 21.11 -39.45 42.00
N ASP C 935 22.13 -38.94 41.32
CA ASP C 935 23.49 -38.92 41.88
C ASP C 935 23.73 -37.72 42.79
N LYS C 936 23.01 -36.62 42.58
CA LYS C 936 23.31 -35.37 43.27
C LYS C 936 23.01 -35.46 44.76
N ALA C 937 23.77 -34.71 45.54
CA ALA C 937 23.66 -34.75 46.99
C ALA C 937 22.42 -34.01 47.47
N VAL C 938 21.75 -34.57 48.47
CA VAL C 938 20.59 -33.94 49.10
C VAL C 938 20.99 -33.46 50.47
N ILE C 939 20.29 -32.43 50.95
CA ILE C 939 20.48 -31.91 52.29
C ILE C 939 19.15 -32.01 53.03
N THR C 940 19.23 -31.93 54.35
CA THR C 940 18.05 -32.10 55.20
C THR C 940 17.92 -31.00 56.24
N ASP C 941 18.79 -30.00 56.20
CA ASP C 941 18.77 -28.90 57.15
C ASP C 941 18.53 -27.60 56.39
N ARG C 942 18.69 -26.48 57.09
CA ARG C 942 18.57 -25.17 56.49
C ARG C 942 19.63 -24.97 55.41
N PRO C 943 19.23 -24.64 54.17
CA PRO C 943 20.23 -24.47 53.11
C PRO C 943 21.08 -23.23 53.28
N GLY C 944 20.67 -22.29 54.12
CA GLY C 944 21.50 -21.14 54.42
C GLY C 944 22.72 -21.49 55.26
N LEU C 945 22.69 -22.62 55.97
CA LEU C 945 23.87 -23.11 56.66
C LEU C 945 24.96 -23.51 55.67
N HIS C 946 24.57 -24.05 54.52
CA HIS C 946 25.51 -24.51 53.51
C HIS C 946 25.81 -23.45 52.47
N ALA C 947 25.36 -22.22 52.69
CA ALA C 947 25.58 -21.13 51.74
C ALA C 947 26.99 -20.59 51.90
N GLU C 948 27.63 -20.29 50.77
CA GLU C 948 28.96 -19.72 50.78
C GLU C 948 28.94 -18.31 51.38
N LYS C 949 29.89 -18.03 52.25
CA LYS C 949 29.92 -16.75 52.95
C LYS C 949 30.23 -15.62 51.98
N VAL C 950 29.51 -14.51 52.14
CA VAL C 950 29.68 -13.32 51.32
C VAL C 950 30.28 -12.23 52.19
N ASP C 951 31.40 -11.67 51.75
CA ASP C 951 32.02 -10.55 52.43
C ASP C 951 31.64 -9.27 51.70
N PHE C 952 31.10 -8.30 52.45
CA PHE C 952 30.54 -7.12 51.82
C PHE C 952 31.60 -6.17 51.28
N GLU C 953 32.81 -6.18 51.85
CA GLU C 953 33.86 -5.29 51.37
C GLU C 953 34.37 -5.71 50.00
N THR C 954 34.62 -7.02 49.82
CA THR C 954 35.09 -7.51 48.53
C THR C 954 34.03 -7.35 47.45
N VAL C 955 32.76 -7.62 47.80
CA VAL C 955 31.67 -7.44 46.85
C VAL C 955 31.51 -5.96 46.50
N LYS C 956 31.64 -5.08 47.50
CA LYS C 956 31.53 -3.65 47.25
C LYS C 956 32.65 -3.14 46.34
N ALA C 957 33.88 -3.62 46.57
CA ALA C 957 34.99 -3.21 45.72
C ALA C 957 34.82 -3.73 44.29
N ASP C 958 34.37 -4.97 44.14
CA ASP C 958 34.15 -5.53 42.81
C ASP C 958 33.02 -4.79 42.08
N LEU C 959 31.97 -4.42 42.82
CA LEU C 959 30.87 -3.65 42.23
C LEU C 959 31.31 -2.26 41.82
N GLU C 960 32.12 -1.61 42.66
CA GLU C 960 32.66 -0.29 42.32
C GLU C 960 33.52 -0.36 41.08
N GLN C 961 34.28 -1.45 40.92
CA GLN C 961 34.98 -1.69 39.67
C GLN C 961 34.00 -1.84 38.50
N LYS C 962 32.90 -2.57 38.71
CA LYS C 962 32.01 -2.88 37.61
C LYS C 962 31.16 -1.69 37.17
N ILE C 963 30.63 -0.92 38.12
CA ILE C 963 29.67 0.13 37.80
C ILE C 963 30.31 1.51 37.69
N GLY C 964 31.60 1.64 37.99
CA GLY C 964 32.29 2.88 37.77
C GLY C 964 32.10 3.94 38.83
N TYR C 965 31.46 3.62 39.95
CA TYR C 965 31.34 4.55 41.06
C TYR C 965 31.19 3.76 42.35
N GLU C 966 31.35 4.46 43.46
CA GLU C 966 31.20 3.82 44.77
C GLU C 966 29.74 3.52 45.05
N PRO C 967 29.36 2.27 45.26
CA PRO C 967 27.95 1.95 45.45
C PRO C 967 27.53 2.10 46.91
N GLY C 968 26.23 2.34 47.09
CA GLY C 968 25.65 2.35 48.41
C GLY C 968 25.46 0.94 48.95
N ASP C 969 25.00 0.88 50.20
CA ASP C 969 24.70 -0.42 50.81
C ASP C 969 23.55 -1.11 50.07
N HIS C 970 22.56 -0.32 49.64
CA HIS C 970 21.44 -0.89 48.89
C HIS C 970 21.88 -1.41 47.53
N GLU C 971 22.83 -0.74 46.89
CA GLU C 971 23.30 -1.22 45.59
C GLU C 971 24.12 -2.50 45.73
N VAL C 972 24.95 -2.59 46.77
CA VAL C 972 25.69 -3.81 47.04
C VAL C 972 24.73 -4.96 47.35
N ILE C 973 23.71 -4.67 48.15
CA ILE C 973 22.70 -5.66 48.49
C ILE C 973 21.94 -6.13 47.26
N SER C 974 21.60 -5.21 46.36
CA SER C 974 20.91 -5.59 45.13
C SER C 974 21.80 -6.40 44.20
N TYR C 975 23.10 -6.06 44.16
CA TYR C 975 24.03 -6.82 43.35
C TYR C 975 24.23 -8.23 43.89
N ILE C 976 24.13 -8.42 45.20
CA ILE C 976 24.27 -9.76 45.76
C ILE C 976 23.12 -10.67 45.33
N MET C 977 21.88 -10.19 45.47
CA MET C 977 20.74 -11.04 45.15
C MET C 977 20.56 -11.24 43.65
N TYR C 978 20.65 -10.16 42.88
CA TYR C 978 20.41 -10.19 41.44
C TYR C 978 21.66 -9.64 40.74
N PRO C 979 22.70 -10.46 40.57
CA PRO C 979 23.95 -9.92 39.99
C PRO C 979 23.82 -9.48 38.54
N GLN C 980 23.32 -10.36 37.67
CA GLN C 980 23.21 -9.99 36.26
C GLN C 980 22.11 -8.97 36.03
N VAL C 981 21.03 -9.04 36.80
CA VAL C 981 19.93 -8.09 36.65
C VAL C 981 20.37 -6.69 37.05
N PHE C 982 21.14 -6.56 38.15
CA PHE C 982 21.63 -5.26 38.57
C PHE C 982 22.63 -4.69 37.57
N LEU C 983 23.49 -5.54 37.01
CA LEU C 983 24.46 -5.07 36.03
C LEU C 983 23.78 -4.65 34.73
N ASP C 984 22.76 -5.38 34.31
CA ASP C 984 22.00 -4.97 33.13
C ASP C 984 21.25 -3.67 33.39
N TYR C 985 20.74 -3.50 34.62
CA TYR C 985 20.10 -2.25 35.00
C TYR C 985 21.11 -1.10 34.97
N GLN C 986 22.33 -1.34 35.41
CA GLN C 986 23.37 -0.31 35.36
C GLN C 986 23.74 0.04 33.93
N LYS C 987 23.81 -0.96 33.05
CA LYS C 987 24.06 -0.71 31.64
C LYS C 987 22.95 0.13 31.02
N MET C 988 21.70 -0.21 31.33
CA MET C 988 20.58 0.56 30.82
C MET C 988 20.53 1.96 31.42
N GLN C 989 20.99 2.13 32.65
CA GLN C 989 21.07 3.46 33.23
C GLN C 989 22.14 4.28 32.52
N ARG C 990 23.26 3.66 32.17
CA ARG C 990 24.31 4.37 31.46
C ARG C 990 23.90 4.69 30.03
N GLU C 991 23.04 3.88 29.43
CA GLU C 991 22.65 4.11 28.05
C GLU C 991 21.44 5.04 27.92
N PHE C 992 20.37 4.77 28.66
CA PHE C 992 19.10 5.47 28.52
C PHE C 992 18.79 6.44 29.65
N GLY C 993 19.54 6.41 30.74
CA GLY C 993 19.27 7.30 31.83
C GLY C 993 18.05 6.88 32.64
N ALA C 994 17.58 7.82 33.45
CA ALA C 994 16.45 7.58 34.34
C ALA C 994 15.17 7.60 33.53
N VAL C 995 14.84 6.45 32.93
CA VAL C 995 13.59 6.33 32.19
C VAL C 995 12.37 6.26 33.09
N THR C 996 12.57 6.11 34.40
CA THR C 996 11.48 6.15 35.36
C THR C 996 10.78 7.50 35.44
N LEU C 997 11.41 8.56 34.95
CA LEU C 997 10.82 9.89 35.01
C LEU C 997 9.80 10.14 33.90
N LEU C 998 9.82 9.33 32.85
CA LEU C 998 8.84 9.47 31.78
C LEU C 998 7.47 8.99 32.24
N ASP C 999 6.43 9.54 31.63
CA ASP C 999 5.08 9.03 31.86
C ASP C 999 4.92 7.69 31.16
N THR C 1000 3.97 6.89 31.67
CA THR C 1000 3.81 5.52 31.20
C THR C 1000 3.46 5.37 29.71
N PRO C 1001 2.54 6.14 29.10
CA PRO C 1001 2.36 6.00 27.64
C PRO C 1001 3.61 6.34 26.85
N THR C 1002 4.36 7.36 27.28
CA THR C 1002 5.62 7.68 26.65
C THR C 1002 6.66 6.59 26.90
N PHE C 1003 6.67 6.04 28.12
CA PHE C 1003 7.62 4.99 28.47
C PHE C 1003 7.41 3.74 27.63
N LEU C 1004 6.15 3.40 27.36
CA LEU C 1004 5.83 2.16 26.65
C LEU C 1004 5.79 2.33 25.13
N HIS C 1005 5.40 3.49 24.62
CA HIS C 1005 5.17 3.65 23.19
C HIS C 1005 6.06 4.70 22.53
N GLY C 1006 6.93 5.35 23.27
CA GLY C 1006 7.81 6.33 22.67
C GLY C 1006 7.08 7.61 22.38
N MET C 1007 7.23 8.11 21.16
CA MET C 1007 6.67 9.41 20.79
C MET C 1007 5.98 9.31 19.44
N ARG C 1008 4.87 10.01 19.30
CA ARG C 1008 4.22 10.16 18.01
C ARG C 1008 4.83 11.30 17.23
N LEU C 1009 4.54 11.33 15.94
CA LEU C 1009 4.94 12.45 15.10
C LEU C 1009 4.17 13.70 15.52
N ASN C 1010 4.88 14.83 15.60
CA ASN C 1010 4.41 16.14 16.04
C ASN C 1010 3.94 16.15 17.49
N GLU C 1011 4.19 15.09 18.25
CA GLU C 1011 3.86 15.08 19.66
C GLU C 1011 4.83 15.96 20.44
N LYS C 1012 4.30 16.66 21.44
CA LYS C 1012 5.11 17.46 22.34
C LYS C 1012 4.96 16.91 23.75
N ILE C 1013 6.07 16.55 24.38
CA ILE C 1013 6.07 16.06 25.74
C ILE C 1013 7.01 16.92 26.57
N GLU C 1014 6.79 16.88 27.88
CA GLU C 1014 7.59 17.63 28.84
C GLU C 1014 8.05 16.67 29.93
N VAL C 1015 9.36 16.43 30.00
CA VAL C 1015 9.92 15.49 30.95
C VAL C 1015 10.64 16.26 32.03
N GLN C 1016 10.16 16.15 33.26
CA GLN C 1016 10.81 16.78 34.40
C GLN C 1016 11.92 15.86 34.89
N ILE C 1017 13.16 16.28 34.72
CA ILE C 1017 14.31 15.50 35.16
C ILE C 1017 14.80 15.94 36.53
N GLU C 1018 14.40 17.11 37.00
CA GLU C 1018 14.83 17.64 38.28
C GLU C 1018 13.84 18.72 38.70
N LYS C 1019 13.98 19.17 39.94
CA LYS C 1019 13.19 20.31 40.39
C LYS C 1019 13.69 21.56 39.68
N GLY C 1020 12.82 22.15 38.86
CA GLY C 1020 13.20 23.31 38.06
C GLY C 1020 13.82 22.99 36.72
N LYS C 1021 13.98 21.71 36.39
CA LYS C 1021 14.54 21.29 35.11
C LYS C 1021 13.51 20.42 34.40
N THR C 1022 12.94 20.95 33.31
CA THR C 1022 11.95 20.23 32.52
C THR C 1022 12.41 20.23 31.07
N LEU C 1023 12.55 19.04 30.50
CA LEU C 1023 12.96 18.91 29.10
C LEU C 1023 11.74 19.04 28.20
N SER C 1024 11.78 20.00 27.28
CA SER C 1024 10.74 20.13 26.26
C SER C 1024 11.19 19.35 25.03
N ILE C 1025 10.53 18.23 24.77
CA ILE C 1025 10.89 17.32 23.69
C ILE C 1025 9.73 17.25 22.71
N ARG C 1026 10.03 17.44 21.43
CA ARG C 1026 9.02 17.36 20.38
C ARG C 1026 9.62 16.63 19.19
N LEU C 1027 8.91 15.60 18.72
CA LEU C 1027 9.37 14.82 17.57
C LEU C 1027 8.84 15.45 16.30
N ASP C 1028 9.74 15.97 15.47
CA ASP C 1028 9.32 16.70 14.28
C ASP C 1028 9.23 15.81 13.04
N GLU C 1029 10.18 14.89 12.87
CA GLU C 1029 10.22 14.05 11.68
C GLU C 1029 10.98 12.77 11.98
N ILE C 1030 10.53 11.68 11.38
CA ILE C 1030 11.22 10.40 11.45
C ILE C 1030 11.77 10.10 10.06
N GLY C 1031 13.09 9.99 9.97
CA GLY C 1031 13.72 9.77 8.69
C GLY C 1031 13.59 8.33 8.19
N GLU C 1032 13.71 8.20 6.88
CA GLU C 1032 13.71 6.87 6.28
C GLU C 1032 14.99 6.13 6.65
N PRO C 1033 14.92 4.81 6.80
CA PRO C 1033 16.14 4.05 7.12
C PRO C 1033 17.10 4.04 5.94
N ASP C 1034 18.38 4.20 6.24
CA ASP C 1034 19.40 4.19 5.20
C ASP C 1034 19.82 2.76 4.90
N LEU C 1035 20.90 2.60 4.13
CA LEU C 1035 21.39 1.27 3.80
C LEU C 1035 22.01 0.57 5.00
N ALA C 1036 22.47 1.33 5.99
CA ALA C 1036 23.00 0.75 7.21
C ALA C 1036 21.92 0.42 8.23
N GLY C 1037 20.66 0.70 7.93
CA GLY C 1037 19.56 0.39 8.83
C GLY C 1037 19.28 1.41 9.90
N ASN C 1038 19.88 2.59 9.83
CA ASN C 1038 19.67 3.63 10.83
C ASN C 1038 18.65 4.65 10.35
N ARG C 1039 17.87 5.17 11.28
CA ARG C 1039 16.94 6.25 11.02
C ARG C 1039 17.40 7.49 11.77
N VAL C 1040 17.24 8.65 11.14
CA VAL C 1040 17.51 9.92 11.78
C VAL C 1040 16.19 10.48 12.27
N LEU C 1041 16.08 10.72 13.58
CA LEU C 1041 14.88 11.26 14.17
C LEU C 1041 15.11 12.73 14.48
N PHE C 1042 14.21 13.57 13.97
CA PHE C 1042 14.38 15.02 14.06
C PHE C 1042 13.63 15.50 15.29
N PHE C 1043 14.34 15.63 16.39
CA PHE C 1043 13.76 16.11 17.64
C PHE C 1043 13.94 17.61 17.76
N ASN C 1044 13.11 18.21 18.61
CA ASN C 1044 13.26 19.60 19.02
C ASN C 1044 13.40 19.59 20.53
N LEU C 1045 14.64 19.46 21.01
CA LEU C 1045 14.92 19.41 22.43
C LEU C 1045 15.22 20.82 22.93
N ASN C 1046 14.37 21.30 23.84
CA ASN C 1046 14.53 22.60 24.51
C ASN C 1046 14.61 23.75 23.50
N GLY C 1047 13.78 23.68 22.47
CA GLY C 1047 13.74 24.68 21.43
C GLY C 1047 14.71 24.48 20.30
N GLN C 1048 15.75 23.67 20.49
CA GLN C 1048 16.78 23.48 19.49
C GLN C 1048 16.58 22.17 18.75
N ARG C 1049 16.86 22.19 17.46
CA ARG C 1049 16.81 20.98 16.66
C ARG C 1049 17.96 20.06 17.04
N ARG C 1050 17.65 18.80 17.32
CA ARG C 1050 18.66 17.79 17.59
C ARG C 1050 18.30 16.53 16.80
N GLU C 1051 19.23 16.08 15.96
CA GLU C 1051 19.03 14.90 15.13
C GLU C 1051 19.62 13.69 15.83
N VAL C 1052 18.78 12.69 16.07
CA VAL C 1052 19.16 11.48 16.78
C VAL C 1052 19.17 10.32 15.81
N VAL C 1053 20.29 9.61 15.74
CA VAL C 1053 20.44 8.45 14.88
C VAL C 1053 20.15 7.19 15.69
N ILE C 1054 19.22 6.38 15.23
CA ILE C 1054 18.82 5.16 15.92
C ILE C 1054 18.72 4.03 14.90
N ASN C 1055 19.22 2.85 15.28
CA ASN C 1055 19.20 1.71 14.38
C ASN C 1055 17.82 1.07 14.36
N ASP C 1056 17.24 0.94 13.16
CA ASP C 1056 15.97 0.27 13.00
C ASP C 1056 16.22 -1.24 12.97
N GLN C 1057 15.71 -1.95 13.99
CA GLN C 1057 15.97 -3.38 14.10
C GLN C 1057 15.19 -4.17 13.07
N SER C 1058 14.06 -3.64 12.60
CA SER C 1058 13.32 -4.30 11.53
C SER C 1058 14.10 -4.29 10.23
N VAL C 1059 14.80 -3.20 9.93
CA VAL C 1059 15.61 -3.09 8.72
C VAL C 1059 16.93 -3.81 8.99
N GLN C 1060 17.09 -5.00 8.41
CA GLN C 1060 18.28 -5.81 8.66
C GLN C 1060 19.49 -5.35 7.85
N ALA C 1061 19.32 -4.43 6.90
CA ALA C 1061 20.44 -3.96 6.08
C ALA C 1061 21.39 -3.11 6.90
N HIS D 6 -47.62 -48.65 3.44
CA HIS D 6 -46.93 -48.69 4.73
C HIS D 6 -45.56 -48.03 4.64
N MET D 7 -44.87 -48.18 3.51
CA MET D 7 -43.62 -47.46 3.31
C MET D 7 -43.88 -45.98 3.03
N LYS D 8 -43.17 -45.13 3.75
CA LYS D 8 -43.20 -43.70 3.52
C LYS D 8 -41.82 -43.09 3.34
N LYS D 9 -40.75 -43.79 3.72
CA LYS D 9 -39.41 -43.24 3.67
C LYS D 9 -38.43 -44.36 3.40
N LEU D 10 -37.51 -44.12 2.45
CA LEU D 10 -36.55 -45.13 2.03
C LEU D 10 -35.15 -44.56 2.11
N LEU D 11 -34.22 -45.35 2.65
CA LEU D 11 -32.81 -45.01 2.67
C LEU D 11 -32.11 -45.74 1.53
N VAL D 12 -31.14 -45.07 0.92
CA VAL D 12 -30.29 -45.70 -0.10
C VAL D 12 -28.90 -45.87 0.50
N ALA D 13 -28.47 -47.12 0.64
CA ALA D 13 -27.15 -47.43 1.19
C ALA D 13 -26.13 -47.55 0.06
N ASN D 14 -26.04 -46.48 -0.73
CA ASN D 14 -25.14 -46.44 -1.88
C ASN D 14 -24.79 -44.99 -2.15
N ARG D 15 -24.21 -44.74 -3.33
CA ARG D 15 -23.71 -43.43 -3.70
C ARG D 15 -23.80 -43.31 -5.22
N GLY D 16 -23.36 -42.16 -5.73
CA GLY D 16 -23.25 -41.99 -7.16
C GLY D 16 -24.58 -41.95 -7.88
N GLU D 17 -24.58 -42.45 -9.11
CA GLU D 17 -25.76 -42.34 -9.98
C GLU D 17 -26.88 -43.29 -9.57
N ILE D 18 -26.55 -44.46 -8.99
CA ILE D 18 -27.58 -45.40 -8.61
C ILE D 18 -28.41 -44.87 -7.45
N ALA D 19 -27.78 -44.14 -6.53
CA ALA D 19 -28.52 -43.49 -5.45
C ALA D 19 -29.50 -42.46 -6.01
N VAL D 20 -29.07 -41.67 -6.99
CA VAL D 20 -29.95 -40.69 -7.62
C VAL D 20 -31.08 -41.40 -8.36
N ARG D 21 -30.79 -42.54 -9.00
CA ARG D 21 -31.80 -43.30 -9.71
C ARG D 21 -32.90 -43.78 -8.77
N VAL D 22 -32.49 -44.35 -7.63
CA VAL D 22 -33.47 -44.80 -6.64
C VAL D 22 -34.21 -43.61 -6.02
N PHE D 23 -33.53 -42.47 -5.84
CA PHE D 23 -34.21 -41.27 -5.34
C PHE D 23 -35.28 -40.79 -6.30
N ARG D 24 -34.99 -40.80 -7.59
CA ARG D 24 -35.98 -40.42 -8.59
C ARG D 24 -37.16 -41.38 -8.61
N ALA D 25 -36.89 -42.68 -8.52
CA ALA D 25 -37.97 -43.67 -8.47
C ALA D 25 -38.82 -43.48 -7.21
N CYS D 26 -38.18 -43.19 -6.07
CA CYS D 26 -38.91 -42.99 -4.82
C CYS D 26 -39.77 -41.73 -4.88
N ASN D 27 -39.26 -40.67 -5.50
CA ASN D 27 -40.04 -39.45 -5.64
C ASN D 27 -41.22 -39.67 -6.58
N GLU D 28 -41.03 -40.47 -7.63
CA GLU D 28 -42.16 -40.80 -8.49
C GLU D 28 -43.19 -41.65 -7.77
N LEU D 29 -42.74 -42.53 -6.86
CA LEU D 29 -43.66 -43.33 -6.07
C LEU D 29 -44.16 -42.62 -4.83
N GLY D 30 -43.73 -41.40 -4.58
CA GLY D 30 -44.25 -40.63 -3.47
C GLY D 30 -43.65 -40.91 -2.12
N LEU D 31 -42.46 -41.51 -2.06
CA LEU D 31 -41.81 -41.83 -0.80
C LEU D 31 -40.72 -40.82 -0.48
N SER D 32 -40.40 -40.70 0.81
CA SER D 32 -39.31 -39.86 1.25
C SER D 32 -37.98 -40.57 1.03
N THR D 33 -36.93 -39.77 0.87
CA THR D 33 -35.60 -40.27 0.51
C THR D 33 -34.59 -39.88 1.57
N VAL D 34 -33.74 -40.82 1.94
CA VAL D 34 -32.64 -40.59 2.87
C VAL D 34 -31.35 -41.01 2.18
N ALA D 35 -30.37 -40.11 2.15
CA ALA D 35 -29.05 -40.40 1.61
C ALA D 35 -28.06 -40.62 2.74
N VAL D 36 -27.01 -41.38 2.43
CA VAL D 36 -25.86 -41.51 3.31
C VAL D 36 -24.63 -41.16 2.49
N TYR D 37 -23.61 -40.65 3.15
CA TYR D 37 -22.40 -40.24 2.45
C TYR D 37 -21.21 -40.29 3.40
N ALA D 38 -20.06 -40.66 2.85
CA ALA D 38 -18.80 -40.55 3.58
C ALA D 38 -18.31 -39.10 3.55
N ARG D 39 -17.33 -38.81 4.39
CA ARG D 39 -16.76 -37.47 4.44
C ARG D 39 -16.07 -37.12 3.13
N GLU D 40 -15.38 -38.08 2.53
CA GLU D 40 -14.72 -37.86 1.25
C GLU D 40 -15.70 -37.80 0.09
N ASP D 41 -16.97 -38.14 0.31
CA ASP D 41 -18.02 -38.06 -0.69
C ASP D 41 -18.98 -36.91 -0.40
N GLU D 42 -18.50 -35.88 0.31
CA GLU D 42 -19.37 -34.80 0.75
C GLU D 42 -19.89 -33.94 -0.39
N TYR D 43 -19.20 -33.92 -1.53
CA TYR D 43 -19.62 -33.12 -2.67
C TYR D 43 -20.35 -33.94 -3.72
N SER D 44 -20.72 -35.17 -3.40
CA SER D 44 -21.47 -36.00 -4.33
C SER D 44 -22.87 -35.43 -4.54
N VAL D 45 -23.38 -35.59 -5.76
CA VAL D 45 -24.69 -35.06 -6.13
C VAL D 45 -25.78 -35.77 -5.34
N HIS D 46 -25.63 -37.08 -5.13
CA HIS D 46 -26.67 -37.89 -4.48
C HIS D 46 -26.93 -37.45 -3.05
N ARG D 47 -25.94 -36.83 -2.39
CA ARG D 47 -26.16 -36.30 -1.05
C ARG D 47 -27.21 -35.20 -1.07
N PHE D 48 -27.17 -34.35 -2.08
CA PHE D 48 -28.06 -33.20 -2.16
C PHE D 48 -29.32 -33.46 -2.96
N LYS D 49 -29.53 -34.68 -3.43
CA LYS D 49 -30.73 -35.04 -4.17
C LYS D 49 -31.80 -35.68 -3.28
N ALA D 50 -31.52 -35.87 -2.00
CA ALA D 50 -32.43 -36.53 -1.08
C ALA D 50 -33.02 -35.52 -0.10
N ASP D 51 -34.11 -35.93 0.55
CA ASP D 51 -34.73 -35.09 1.57
C ASP D 51 -33.83 -34.97 2.80
N GLU D 52 -33.18 -36.06 3.19
CA GLU D 52 -32.26 -36.07 4.33
C GLU D 52 -30.98 -36.76 3.93
N SER D 53 -29.86 -36.24 4.42
CA SER D 53 -28.55 -36.84 4.21
C SER D 53 -27.83 -36.92 5.55
N TYR D 54 -27.08 -38.01 5.75
CA TYR D 54 -26.38 -38.22 7.00
C TYR D 54 -24.98 -38.74 6.74
N LEU D 55 -24.02 -38.21 7.50
CA LEU D 55 -22.65 -38.69 7.43
C LEU D 55 -22.55 -40.07 8.06
N ILE D 56 -21.84 -40.98 7.39
CA ILE D 56 -21.64 -42.34 7.86
C ILE D 56 -20.16 -42.67 7.83
N GLY D 57 -19.76 -43.61 8.69
CA GLY D 57 -18.40 -44.11 8.72
C GLY D 57 -17.35 -43.08 9.06
N GLN D 58 -17.61 -42.30 10.12
CA GLN D 58 -16.72 -41.21 10.50
C GLN D 58 -15.39 -41.78 10.97
N GLY D 59 -14.30 -41.34 10.33
CA GLY D 59 -12.97 -41.83 10.63
C GLY D 59 -12.50 -42.99 9.78
N LYS D 60 -13.42 -43.70 9.14
CA LYS D 60 -13.04 -44.83 8.31
C LYS D 60 -12.58 -44.36 6.94
N LYS D 61 -12.04 -45.30 6.16
CA LYS D 61 -11.86 -45.06 4.74
C LYS D 61 -13.22 -44.97 4.07
N PRO D 62 -13.35 -44.15 3.02
CA PRO D 62 -14.68 -43.91 2.42
C PRO D 62 -15.36 -45.16 1.87
N ILE D 63 -14.59 -46.07 1.27
CA ILE D 63 -15.16 -47.34 0.83
C ILE D 63 -15.63 -48.15 2.04
N ASP D 64 -14.80 -48.21 3.08
CA ASP D 64 -15.21 -48.87 4.32
C ASP D 64 -16.34 -48.13 5.01
N ALA D 65 -16.41 -46.80 4.83
CA ALA D 65 -17.53 -46.04 5.36
C ALA D 65 -18.84 -46.44 4.69
N TYR D 66 -18.80 -46.69 3.38
CA TYR D 66 -19.99 -47.16 2.70
C TYR D 66 -20.30 -48.63 2.97
N LEU D 67 -19.37 -49.36 3.57
CA LEU D 67 -19.60 -50.73 4.00
C LEU D 67 -19.88 -50.83 5.49
N ASP D 68 -20.04 -49.71 6.18
CA ASP D 68 -20.34 -49.69 7.61
C ASP D 68 -21.81 -50.09 7.78
N ILE D 69 -22.02 -51.38 8.02
CA ILE D 69 -23.37 -51.95 8.07
C ILE D 69 -24.13 -51.39 9.26
N ASP D 70 -23.50 -51.41 10.44
CA ASP D 70 -24.15 -50.98 11.67
C ASP D 70 -24.50 -49.49 11.62
N ASP D 71 -23.60 -48.68 11.06
CA ASP D 71 -23.87 -47.25 10.93
C ASP D 71 -25.02 -47.00 9.96
N ILE D 72 -25.11 -47.78 8.88
CA ILE D 72 -26.18 -47.60 7.91
C ILE D 72 -27.55 -47.94 8.53
N ILE D 73 -27.63 -49.07 9.26
CA ILE D 73 -28.89 -49.37 9.93
C ILE D 73 -29.18 -48.35 11.04
N ARG D 74 -28.16 -47.85 11.73
CA ARG D 74 -28.39 -46.83 12.75
C ARG D 74 -28.97 -45.56 12.14
N VAL D 75 -28.43 -45.12 11.01
CA VAL D 75 -28.93 -43.94 10.32
C VAL D 75 -30.36 -44.18 9.84
N ALA D 76 -30.62 -45.36 9.28
CA ALA D 76 -31.97 -45.68 8.80
C ALA D 76 -32.98 -45.71 9.93
N LEU D 77 -32.56 -46.16 11.12
CA LEU D 77 -33.47 -46.21 12.26
C LEU D 77 -33.73 -44.82 12.83
N GLU D 78 -32.68 -44.00 12.95
CA GLU D 78 -32.87 -42.68 13.55
C GLU D 78 -33.56 -41.72 12.59
N SER D 79 -33.46 -41.97 11.29
CA SER D 79 -34.15 -41.15 10.30
C SER D 79 -35.60 -41.57 10.09
N GLY D 80 -36.02 -42.70 10.66
CA GLY D 80 -37.37 -43.17 10.44
C GLY D 80 -37.61 -43.76 9.07
N ALA D 81 -36.57 -44.24 8.41
CA ALA D 81 -36.73 -44.85 7.10
C ALA D 81 -37.39 -46.21 7.24
N ASP D 82 -38.41 -46.47 6.43
CA ASP D 82 -39.09 -47.76 6.46
C ASP D 82 -38.28 -48.85 5.77
N ALA D 83 -37.44 -48.49 4.80
CA ALA D 83 -36.76 -49.49 3.99
C ALA D 83 -35.37 -49.00 3.61
N ILE D 84 -34.56 -49.94 3.14
CA ILE D 84 -33.21 -49.67 2.67
C ILE D 84 -33.06 -50.27 1.28
N HIS D 85 -32.72 -49.43 0.29
CA HIS D 85 -32.36 -49.90 -1.03
C HIS D 85 -30.85 -49.93 -1.15
N PRO D 86 -30.23 -51.08 -1.42
CA PRO D 86 -28.76 -51.14 -1.44
C PRO D 86 -28.13 -50.73 -2.76
N GLY D 87 -28.92 -50.58 -3.83
CA GLY D 87 -28.36 -50.28 -5.13
C GLY D 87 -27.54 -51.41 -5.71
N TYR D 88 -26.29 -51.15 -6.04
CA TYR D 88 -25.37 -52.20 -6.46
C TYR D 88 -23.97 -51.88 -6.00
N GLY D 89 -23.14 -52.92 -5.92
CA GLY D 89 -21.71 -52.76 -5.84
C GLY D 89 -21.13 -52.64 -4.44
N LEU D 90 -21.94 -52.33 -3.43
CA LEU D 90 -21.41 -52.17 -2.08
C LEU D 90 -21.94 -53.23 -1.12
N LEU D 91 -23.26 -53.28 -0.92
CA LEU D 91 -23.84 -54.26 0.00
C LEU D 91 -25.09 -54.88 -0.59
N SER D 92 -25.29 -54.76 -1.91
CA SER D 92 -26.49 -55.31 -2.54
C SER D 92 -26.50 -56.83 -2.49
N GLU D 93 -25.34 -57.46 -2.66
CA GLU D 93 -25.22 -58.91 -2.61
C GLU D 93 -24.76 -59.42 -1.25
N ASN D 94 -24.68 -58.54 -0.25
CA ASN D 94 -24.16 -58.92 1.05
C ASN D 94 -25.26 -59.58 1.88
N LEU D 95 -25.04 -60.83 2.27
CA LEU D 95 -26.02 -61.56 3.06
C LEU D 95 -26.13 -60.98 4.46
N GLU D 96 -25.01 -60.60 5.07
CA GLU D 96 -25.00 -60.10 6.43
C GLU D 96 -25.77 -58.79 6.55
N PHE D 97 -25.59 -57.89 5.57
CA PHE D 97 -26.28 -56.60 5.59
C PHE D 97 -27.79 -56.77 5.47
N ALA D 98 -28.23 -57.63 4.53
CA ALA D 98 -29.66 -57.85 4.35
C ALA D 98 -30.27 -58.56 5.56
N THR D 99 -29.52 -59.49 6.15
CA THR D 99 -29.99 -60.17 7.35
C THR D 99 -30.18 -59.19 8.50
N LYS D 100 -29.22 -58.30 8.71
CA LYS D 100 -29.37 -57.29 9.76
C LYS D 100 -30.48 -56.29 9.46
N VAL D 101 -30.66 -55.95 8.19
CA VAL D 101 -31.72 -55.00 7.81
C VAL D 101 -33.09 -55.60 8.08
N ARG D 102 -33.30 -56.85 7.67
CA ARG D 102 -34.58 -57.50 7.95
C ARG D 102 -34.75 -57.83 9.42
N ALA D 103 -33.65 -58.01 10.17
CA ALA D 103 -33.77 -58.23 11.60
C ALA D 103 -34.11 -56.93 12.33
N ALA D 104 -33.73 -55.79 11.77
CA ALA D 104 -34.04 -54.50 12.36
C ALA D 104 -35.48 -54.07 12.12
N GLY D 105 -36.25 -54.83 11.35
CA GLY D 105 -37.61 -54.47 11.02
C GLY D 105 -37.77 -53.66 9.77
N LEU D 106 -36.67 -53.28 9.13
CA LEU D 106 -36.73 -52.49 7.91
C LEU D 106 -36.90 -53.41 6.71
N VAL D 107 -37.64 -52.93 5.71
CA VAL D 107 -37.80 -53.68 4.47
C VAL D 107 -36.51 -53.62 3.67
N PHE D 108 -36.03 -54.77 3.23
CA PHE D 108 -34.86 -54.82 2.35
C PHE D 108 -35.36 -54.89 0.91
N VAL D 109 -34.95 -53.91 0.10
CA VAL D 109 -35.33 -53.91 -1.31
C VAL D 109 -34.35 -54.81 -2.04
N GLY D 110 -34.66 -56.10 -2.07
CA GLY D 110 -33.79 -57.10 -2.64
C GLY D 110 -34.45 -58.45 -2.62
N PRO D 111 -33.73 -59.49 -3.04
CA PRO D 111 -34.25 -60.85 -2.95
C PRO D 111 -34.19 -61.34 -1.51
N GLU D 112 -34.69 -62.55 -1.30
CA GLU D 112 -34.70 -63.13 0.04
C GLU D 112 -33.29 -63.54 0.45
N LEU D 113 -33.15 -63.87 1.74
CA LEU D 113 -31.84 -64.23 2.27
C LEU D 113 -31.35 -65.54 1.68
N HIS D 114 -32.24 -66.52 1.48
CA HIS D 114 -31.81 -67.77 0.87
C HIS D 114 -31.40 -67.56 -0.58
N HIS D 115 -32.06 -66.65 -1.29
CA HIS D 115 -31.62 -66.27 -2.62
C HIS D 115 -30.23 -65.65 -2.57
N LEU D 116 -29.98 -64.79 -1.58
CA LEU D 116 -28.69 -64.12 -1.47
C LEU D 116 -27.56 -65.09 -1.21
N ASP D 117 -27.74 -65.99 -0.24
CA ASP D 117 -26.63 -66.89 0.04
C ASP D 117 -26.58 -68.09 -0.89
N ILE D 118 -27.60 -68.29 -1.73
CA ILE D 118 -27.49 -69.30 -2.78
C ILE D 118 -26.76 -68.74 -3.99
N PHE D 119 -27.11 -67.53 -4.41
CA PHE D 119 -26.54 -66.93 -5.61
C PHE D 119 -25.27 -66.14 -5.34
N GLY D 120 -24.91 -65.94 -4.07
CA GLY D 120 -23.67 -65.26 -3.74
C GLY D 120 -22.44 -66.07 -4.10
N ASP D 121 -22.45 -67.35 -3.74
CA ASP D 121 -21.35 -68.24 -4.09
C ASP D 121 -21.64 -68.92 -5.42
N LYS D 122 -20.62 -68.99 -6.27
CA LYS D 122 -20.83 -69.45 -7.64
C LYS D 122 -21.13 -70.94 -7.70
N ILE D 123 -20.49 -71.74 -6.84
CA ILE D 123 -20.72 -73.18 -6.90
C ILE D 123 -22.10 -73.55 -6.37
N LYS D 124 -22.63 -72.80 -5.40
CA LYS D 124 -23.98 -73.08 -4.92
C LYS D 124 -25.02 -72.62 -5.93
N ALA D 125 -24.75 -71.51 -6.63
CA ALA D 125 -25.63 -71.07 -7.70
C ALA D 125 -25.61 -72.07 -8.86
N LYS D 126 -24.45 -72.64 -9.15
CA LYS D 126 -24.36 -73.67 -10.19
C LYS D 126 -25.11 -74.93 -9.78
N ALA D 127 -25.04 -75.29 -8.50
CA ALA D 127 -25.82 -76.42 -8.00
C ALA D 127 -27.32 -76.16 -8.11
N ALA D 128 -27.75 -74.93 -7.81
CA ALA D 128 -29.15 -74.57 -7.95
C ALA D 128 -29.59 -74.59 -9.41
N ALA D 129 -28.70 -74.17 -10.32
CA ALA D 129 -29.02 -74.22 -11.74
C ALA D 129 -29.10 -75.66 -12.24
N ASP D 130 -28.24 -76.54 -11.72
CA ASP D 130 -28.32 -77.95 -12.05
C ASP D 130 -29.63 -78.55 -11.53
N GLU D 131 -30.07 -78.13 -10.35
CA GLU D 131 -31.36 -78.57 -9.82
C GLU D 131 -32.50 -78.01 -10.67
N ALA D 132 -32.29 -76.86 -11.31
CA ALA D 132 -33.27 -76.33 -12.25
C ALA D 132 -33.05 -76.85 -13.66
N LYS D 133 -32.07 -77.76 -13.83
CA LYS D 133 -31.57 -78.42 -15.05
C LYS D 133 -31.13 -77.45 -16.14
N VAL D 134 -30.98 -76.17 -15.83
CA VAL D 134 -30.44 -75.21 -16.80
C VAL D 134 -28.98 -75.54 -17.04
N PRO D 135 -28.56 -75.76 -18.30
CA PRO D 135 -27.19 -76.17 -18.56
C PRO D 135 -26.19 -75.07 -18.23
N GLY D 136 -25.04 -75.49 -17.72
CA GLY D 136 -23.95 -74.58 -17.42
C GLY D 136 -22.65 -75.06 -18.04
N ILE D 137 -21.59 -74.32 -17.74
CA ILE D 137 -20.26 -74.70 -18.22
C ILE D 137 -19.84 -76.00 -17.54
N PRO D 138 -19.33 -77.00 -18.27
CA PRO D 138 -18.82 -78.20 -17.62
C PRO D 138 -17.63 -77.90 -16.72
N GLY D 139 -17.83 -78.01 -15.41
CA GLY D 139 -16.83 -77.61 -14.45
C GLY D 139 -16.80 -78.54 -13.26
N THR D 140 -15.94 -78.22 -12.30
CA THR D 140 -15.74 -79.06 -11.13
C THR D 140 -17.00 -79.09 -10.27
N ASN D 141 -17.22 -80.23 -9.61
CA ASN D 141 -18.34 -80.38 -8.68
C ASN D 141 -17.88 -79.89 -7.31
N GLY D 142 -17.73 -78.57 -7.20
CA GLY D 142 -17.27 -77.94 -5.98
C GLY D 142 -15.87 -77.37 -6.14
N ALA D 143 -15.38 -76.80 -5.04
CA ALA D 143 -14.08 -76.13 -5.02
C ALA D 143 -12.99 -77.19 -4.93
N VAL D 144 -12.33 -77.45 -6.06
CA VAL D 144 -11.25 -78.43 -6.08
C VAL D 144 -9.96 -77.79 -5.59
N ASP D 145 -8.98 -78.64 -5.31
CA ASP D 145 -7.64 -78.18 -4.96
C ASP D 145 -6.85 -77.90 -6.24
N ILE D 146 -5.57 -77.55 -6.06
CA ILE D 146 -4.68 -77.31 -7.20
C ILE D 146 -4.47 -78.59 -7.97
N ASP D 147 -4.24 -79.71 -7.27
CA ASP D 147 -4.04 -81.00 -7.91
C ASP D 147 -5.31 -81.46 -8.63
N GLY D 148 -6.47 -81.26 -8.02
CA GLY D 148 -7.72 -81.57 -8.68
C GLY D 148 -7.97 -80.70 -9.91
N ALA D 149 -7.53 -79.43 -9.84
CA ALA D 149 -7.61 -78.55 -11.00
C ALA D 149 -6.72 -79.06 -12.13
N LEU D 150 -5.52 -79.53 -11.79
CA LEU D 150 -4.65 -80.14 -12.80
C LEU D 150 -5.27 -81.40 -13.38
N GLU D 151 -5.91 -82.20 -12.53
CA GLU D 151 -6.57 -83.41 -13.00
C GLU D 151 -7.69 -83.10 -13.98
N PHE D 152 -8.48 -82.06 -13.68
CA PHE D 152 -9.53 -81.62 -14.60
C PHE D 152 -8.92 -81.09 -15.90
N ALA D 153 -7.79 -80.37 -15.81
CA ALA D 153 -7.08 -79.96 -17.02
C ALA D 153 -6.61 -81.16 -17.83
N LYS D 154 -6.37 -82.30 -17.18
CA LYS D 154 -5.99 -83.50 -17.91
C LYS D 154 -7.19 -84.19 -18.57
N THR D 155 -8.24 -84.50 -17.80
CA THR D 155 -9.29 -85.37 -18.32
C THR D 155 -10.16 -84.66 -19.36
N TYR D 156 -10.57 -83.42 -19.09
CA TYR D 156 -11.40 -82.68 -20.03
C TYR D 156 -10.58 -81.88 -21.04
N GLY D 157 -9.29 -81.70 -20.79
CA GLY D 157 -8.42 -81.04 -21.75
C GLY D 157 -8.48 -79.54 -21.72
N TYR D 158 -7.36 -78.89 -22.05
CA TYR D 158 -7.33 -77.46 -22.24
C TYR D 158 -8.15 -77.08 -23.47
N PRO D 159 -8.75 -75.87 -23.49
CA PRO D 159 -8.64 -74.74 -22.55
C PRO D 159 -9.55 -74.80 -21.33
N VAL D 160 -9.02 -74.40 -20.17
CA VAL D 160 -9.79 -74.29 -18.93
C VAL D 160 -9.62 -72.87 -18.40
N MET D 161 -10.49 -72.52 -17.45
CA MET D 161 -10.44 -71.21 -16.82
C MET D 161 -10.59 -71.35 -15.32
N ILE D 162 -9.67 -70.73 -14.57
CA ILE D 162 -9.70 -70.73 -13.11
C ILE D 162 -10.61 -69.61 -12.64
N LYS D 163 -11.56 -69.94 -11.77
CA LYS D 163 -12.52 -68.96 -11.25
C LYS D 163 -12.74 -69.20 -9.76
N ALA D 164 -12.74 -68.11 -8.99
CA ALA D 164 -13.05 -68.21 -7.57
C ALA D 164 -14.57 -68.19 -7.36
N ALA D 165 -15.00 -68.77 -6.24
CA ALA D 165 -16.43 -68.88 -5.95
C ALA D 165 -17.00 -67.63 -5.31
N LEU D 166 -16.18 -66.63 -5.01
CA LEU D 166 -16.67 -65.34 -4.53
C LEU D 166 -16.05 -64.18 -5.29
N GLY D 167 -15.47 -64.44 -6.46
CA GLY D 167 -14.80 -63.39 -7.19
C GLY D 167 -15.77 -62.39 -7.81
N GLY D 168 -15.35 -61.13 -7.83
CA GLY D 168 -16.15 -60.07 -8.40
C GLY D 168 -15.34 -59.16 -9.30
N GLY D 169 -15.90 -58.82 -10.47
CA GLY D 169 -15.21 -57.97 -11.41
C GLY D 169 -13.97 -58.59 -12.02
N GLY D 170 -13.96 -59.91 -12.20
CA GLY D 170 -12.79 -60.57 -12.75
C GLY D 170 -11.58 -60.61 -11.83
N ARG D 171 -11.79 -60.47 -10.52
CA ARG D 171 -10.66 -60.47 -9.60
C ARG D 171 -10.12 -61.89 -9.41
N GLY D 172 -10.97 -62.79 -8.90
CA GLY D 172 -10.59 -64.16 -8.64
C GLY D 172 -10.60 -65.07 -9.84
N MET D 173 -10.65 -64.51 -11.04
CA MET D 173 -10.74 -65.29 -12.27
C MET D 173 -9.44 -65.18 -13.04
N ARG D 174 -8.86 -66.34 -13.38
CA ARG D 174 -7.60 -66.42 -14.12
C ARG D 174 -7.77 -67.39 -15.27
N VAL D 175 -6.78 -67.40 -16.17
CA VAL D 175 -6.80 -68.26 -17.35
C VAL D 175 -5.57 -69.17 -17.30
N ALA D 176 -5.67 -70.32 -17.98
CA ALA D 176 -4.59 -71.29 -18.00
C ALA D 176 -4.50 -71.94 -19.37
N ARG D 177 -3.27 -72.05 -19.88
CA ARG D 177 -2.98 -72.75 -21.12
C ARG D 177 -2.09 -73.95 -20.95
N ASN D 178 -1.19 -73.94 -19.96
CA ASN D 178 -0.29 -75.06 -19.70
C ASN D 178 -0.35 -75.37 -18.22
N ASP D 179 0.52 -76.29 -17.78
CA ASP D 179 0.50 -76.74 -16.39
C ASP D 179 1.05 -75.67 -15.45
N ALA D 180 2.17 -75.05 -15.81
CA ALA D 180 2.81 -74.08 -14.93
C ALA D 180 1.97 -72.82 -14.80
N GLU D 181 1.38 -72.36 -15.91
CA GLU D 181 0.48 -71.23 -15.85
C GLU D 181 -0.79 -71.55 -15.09
N MET D 182 -1.20 -72.82 -15.07
CA MET D 182 -2.33 -73.23 -14.24
C MET D 182 -1.98 -73.09 -12.77
N HIS D 183 -0.76 -73.49 -12.37
CA HIS D 183 -0.31 -73.30 -11.00
C HIS D 183 -0.25 -71.82 -10.63
N ASP D 184 0.28 -71.00 -11.54
CA ASP D 184 0.38 -69.56 -11.29
C ASP D 184 -1.01 -68.93 -11.16
N GLY D 185 -1.94 -69.32 -12.03
CA GLY D 185 -3.29 -68.80 -11.96
C GLY D 185 -4.02 -69.22 -10.70
N TYR D 186 -3.82 -70.47 -10.27
CA TYR D 186 -4.43 -70.93 -9.03
C TYR D 186 -3.88 -70.16 -7.84
N ALA D 187 -2.56 -69.93 -7.80
CA ALA D 187 -1.96 -69.17 -6.71
C ALA D 187 -2.44 -67.73 -6.70
N ARG D 188 -2.54 -67.10 -7.88
CA ARG D 188 -2.99 -65.72 -7.94
C ARG D 188 -4.46 -65.58 -7.56
N ALA D 189 -5.29 -66.53 -8.00
CA ALA D 189 -6.70 -66.51 -7.61
C ALA D 189 -6.86 -66.74 -6.12
N LYS D 190 -6.02 -67.61 -5.54
CA LYS D 190 -6.02 -67.81 -4.09
C LYS D 190 -5.67 -66.53 -3.35
N SER D 191 -4.61 -65.84 -3.80
CA SER D 191 -4.20 -64.60 -3.15
C SER D 191 -5.27 -63.53 -3.28
N GLU D 192 -5.92 -63.44 -4.43
CA GLU D 192 -6.98 -62.45 -4.61
C GLU D 192 -8.23 -62.80 -3.82
N ALA D 193 -8.47 -64.10 -3.58
CA ALA D 193 -9.64 -64.50 -2.81
C ALA D 193 -9.45 -64.27 -1.32
N ILE D 194 -8.28 -64.58 -0.77
CA ILE D 194 -8.05 -64.27 0.65
C ILE D 194 -7.90 -62.77 0.85
N GLY D 195 -7.31 -62.07 -0.13
CA GLY D 195 -7.05 -60.66 0.04
C GLY D 195 -8.31 -59.81 0.10
N ALA D 196 -9.28 -60.09 -0.78
CA ALA D 196 -10.47 -59.28 -0.89
C ALA D 196 -11.73 -59.91 -0.30
N PHE D 197 -11.82 -61.24 -0.26
CA PHE D 197 -13.04 -61.88 0.19
C PHE D 197 -12.82 -62.90 1.30
N GLY D 198 -11.59 -63.14 1.74
CA GLY D 198 -11.36 -63.99 2.89
C GLY D 198 -11.14 -65.46 2.56
N SER D 199 -12.15 -66.10 2.00
CA SER D 199 -12.10 -67.54 1.76
C SER D 199 -11.87 -67.83 0.29
N GLY D 200 -10.91 -68.72 0.01
CA GLY D 200 -10.62 -69.15 -1.34
C GLY D 200 -11.29 -70.47 -1.63
N GLU D 201 -12.18 -70.46 -2.62
CA GLU D 201 -12.98 -71.61 -3.00
C GLU D 201 -12.91 -71.81 -4.52
N ILE D 202 -11.69 -71.85 -5.05
CA ILE D 202 -11.46 -71.82 -6.48
C ILE D 202 -11.98 -73.09 -7.14
N TYR D 203 -12.78 -72.91 -8.19
CA TYR D 203 -13.16 -73.98 -9.10
C TYR D 203 -12.55 -73.71 -10.47
N VAL D 204 -12.70 -74.68 -11.36
CA VAL D 204 -12.14 -74.60 -12.71
C VAL D 204 -13.24 -74.95 -13.70
N GLU D 205 -13.40 -74.12 -14.72
CA GLU D 205 -14.44 -74.29 -15.71
C GLU D 205 -13.81 -74.37 -17.09
N LYS D 206 -14.54 -75.00 -18.02
CA LYS D 206 -14.10 -75.10 -19.40
C LYS D 206 -14.13 -73.73 -20.07
N TYR D 207 -13.04 -73.36 -20.71
CA TYR D 207 -12.94 -72.08 -21.41
C TYR D 207 -13.59 -72.20 -22.77
N ILE D 208 -14.39 -71.20 -23.13
CA ILE D 208 -15.08 -71.16 -24.41
C ILE D 208 -14.37 -70.15 -25.30
N GLU D 209 -14.17 -70.52 -26.57
CA GLU D 209 -13.49 -69.66 -27.53
C GLU D 209 -14.48 -68.68 -28.13
N ASN D 210 -14.27 -67.38 -27.86
CA ASN D 210 -15.09 -66.25 -28.30
C ASN D 210 -16.58 -66.45 -28.00
N PRO D 211 -17.00 -66.40 -26.74
CA PRO D 211 -18.41 -66.55 -26.43
C PRO D 211 -19.14 -65.21 -26.50
N LYS D 212 -20.47 -65.29 -26.41
CA LYS D 212 -21.32 -64.12 -26.34
C LYS D 212 -21.94 -64.06 -24.95
N HIS D 213 -21.72 -62.95 -24.24
CA HIS D 213 -22.22 -62.79 -22.88
C HIS D 213 -23.62 -62.21 -22.96
N ILE D 214 -24.62 -63.00 -22.55
CA ILE D 214 -26.02 -62.60 -22.60
C ILE D 214 -26.56 -62.60 -21.18
N GLU D 215 -27.22 -61.50 -20.80
CA GLU D 215 -27.82 -61.36 -19.48
C GLU D 215 -29.32 -61.17 -19.62
N VAL D 216 -30.09 -61.88 -18.80
CA VAL D 216 -31.55 -61.80 -18.83
C VAL D 216 -32.01 -61.12 -17.55
N GLN D 217 -32.85 -60.10 -17.69
CA GLN D 217 -33.39 -59.38 -16.56
C GLN D 217 -34.66 -60.07 -16.06
N ILE D 218 -34.72 -60.33 -14.75
CA ILE D 218 -35.80 -61.08 -14.14
C ILE D 218 -36.48 -60.21 -13.09
N LEU D 219 -37.81 -60.13 -13.16
CA LEU D 219 -38.62 -59.48 -12.14
C LEU D 219 -39.57 -60.51 -11.54
N GLY D 220 -39.55 -60.65 -10.22
CA GLY D 220 -40.46 -61.54 -9.51
C GLY D 220 -41.00 -60.89 -8.26
N ASP D 221 -42.26 -61.19 -7.96
CA ASP D 221 -42.95 -60.57 -6.83
C ASP D 221 -43.18 -61.60 -5.73
N ARG D 222 -43.88 -61.14 -4.68
CA ARG D 222 -44.13 -61.99 -3.52
C ARG D 222 -45.13 -63.09 -3.85
N HIS D 223 -46.03 -62.83 -4.80
CA HIS D 223 -47.08 -63.79 -5.11
C HIS D 223 -46.56 -64.98 -5.92
N GLY D 224 -45.35 -64.87 -6.47
CA GLY D 224 -44.78 -65.93 -7.27
C GLY D 224 -44.79 -65.68 -8.77
N ASN D 225 -45.37 -64.57 -9.23
CA ASN D 225 -45.32 -64.25 -10.65
C ASN D 225 -43.92 -63.78 -11.01
N ILE D 226 -43.29 -64.48 -11.93
CA ILE D 226 -41.92 -64.17 -12.36
C ILE D 226 -41.92 -63.97 -13.85
N ILE D 227 -41.45 -62.80 -14.29
CA ILE D 227 -41.39 -62.46 -15.71
C ILE D 227 -39.95 -62.08 -16.06
N HIS D 228 -39.64 -62.17 -17.34
CA HIS D 228 -38.35 -61.72 -17.85
C HIS D 228 -38.56 -60.51 -18.75
N LEU D 229 -37.72 -59.51 -18.59
CA LEU D 229 -37.78 -58.32 -19.45
C LEU D 229 -36.73 -58.43 -20.55
N HIS D 230 -36.89 -59.47 -21.36
CA HIS D 230 -36.01 -59.84 -22.48
C HIS D 230 -34.57 -60.00 -21.98
N GLU D 231 -33.59 -59.70 -22.83
CA GLU D 231 -32.21 -60.01 -22.53
C GLU D 231 -31.31 -58.87 -22.97
N ARG D 232 -30.08 -58.90 -22.45
CA ARG D 232 -29.06 -57.90 -22.74
C ARG D 232 -27.81 -58.58 -23.27
N ASP D 233 -27.19 -57.98 -24.27
CA ASP D 233 -25.94 -58.46 -24.83
C ASP D 233 -24.80 -57.59 -24.31
N CYS D 234 -23.99 -58.15 -23.42
CA CYS D 234 -22.86 -57.45 -22.81
C CYS D 234 -21.55 -58.10 -23.20
N SER D 235 -21.43 -58.48 -24.47
CA SER D 235 -20.24 -59.19 -24.94
C SER D 235 -19.04 -58.27 -25.10
N VAL D 236 -19.27 -56.99 -25.33
CA VAL D 236 -18.17 -56.06 -25.58
C VAL D 236 -17.47 -55.77 -24.26
N GLN D 237 -16.36 -56.47 -24.01
CA GLN D 237 -15.67 -56.40 -22.73
C GLN D 237 -14.18 -56.26 -22.95
N ARG D 238 -13.52 -55.62 -21.99
CA ARG D 238 -12.07 -55.50 -21.97
C ARG D 238 -11.55 -56.02 -20.65
N ARG D 239 -10.66 -57.03 -20.71
CA ARG D 239 -10.15 -57.74 -19.55
C ARG D 239 -11.29 -58.28 -18.69
N ASN D 240 -12.30 -58.84 -19.35
CA ASN D 240 -13.52 -59.38 -18.72
C ASN D 240 -14.25 -58.35 -17.87
N GLN D 241 -14.19 -57.08 -18.29
CA GLN D 241 -14.95 -56.00 -17.67
C GLN D 241 -15.83 -55.37 -18.74
N LYS D 242 -17.12 -55.23 -18.44
CA LYS D 242 -18.07 -54.72 -19.43
C LYS D 242 -17.75 -53.28 -19.81
N VAL D 243 -17.72 -53.03 -21.11
CA VAL D 243 -17.46 -51.70 -21.66
C VAL D 243 -18.72 -51.10 -22.25
N ILE D 244 -19.29 -51.74 -23.26
CA ILE D 244 -20.53 -51.29 -23.89
C ILE D 244 -21.52 -52.45 -23.84
N GLU D 245 -22.72 -52.18 -23.34
CA GLU D 245 -23.80 -53.14 -23.27
C GLU D 245 -24.92 -52.70 -24.21
N ILE D 246 -25.48 -53.65 -24.95
CA ILE D 246 -26.59 -53.38 -25.85
C ILE D 246 -27.76 -54.27 -25.49
N ALA D 247 -28.96 -53.83 -25.89
CA ALA D 247 -30.18 -54.56 -25.62
C ALA D 247 -31.17 -54.24 -26.72
N PRO D 248 -31.83 -55.25 -27.30
CA PRO D 248 -31.68 -56.68 -27.04
C PRO D 248 -30.49 -57.25 -27.80
N ALA D 249 -30.30 -58.56 -27.80
CA ALA D 249 -29.21 -59.15 -28.56
C ALA D 249 -29.55 -59.12 -30.04
N VAL D 250 -29.19 -58.02 -30.72
CA VAL D 250 -29.53 -57.88 -32.13
C VAL D 250 -28.73 -58.81 -33.01
N GLY D 251 -27.63 -59.36 -32.51
CA GLY D 251 -26.84 -60.32 -33.24
C GLY D 251 -27.29 -61.76 -33.11
N LEU D 252 -28.40 -62.00 -32.41
CA LEU D 252 -28.91 -63.34 -32.20
C LEU D 252 -30.34 -63.44 -32.75
N SER D 253 -30.73 -64.65 -33.11
CA SER D 253 -32.08 -64.89 -33.58
C SER D 253 -33.08 -64.70 -32.44
N PRO D 254 -34.29 -64.21 -32.74
CA PRO D 254 -35.30 -64.02 -31.68
C PRO D 254 -35.70 -65.31 -30.98
N ASP D 255 -35.72 -66.44 -31.69
CA ASP D 255 -36.12 -67.70 -31.05
C ASP D 255 -35.06 -68.17 -30.06
N PHE D 256 -33.78 -68.01 -30.41
CA PHE D 256 -32.72 -68.38 -29.48
C PHE D 256 -32.72 -67.48 -28.24
N ARG D 257 -32.97 -66.18 -28.44
CA ARG D 257 -33.11 -65.27 -27.31
C ARG D 257 -34.30 -65.63 -26.43
N ASN D 258 -35.39 -66.07 -27.07
CA ASN D 258 -36.55 -66.52 -26.31
C ASN D 258 -36.23 -67.77 -25.49
N GLU D 259 -35.43 -68.69 -26.07
CA GLU D 259 -35.02 -69.87 -25.33
C GLU D 259 -34.15 -69.51 -24.13
N ILE D 260 -33.21 -68.57 -24.31
CA ILE D 260 -32.35 -68.13 -23.21
C ILE D 260 -33.19 -67.47 -22.11
N CYS D 261 -34.13 -66.61 -22.50
CA CYS D 261 -35.01 -65.96 -21.54
C CYS D 261 -35.88 -66.97 -20.80
N GLU D 262 -36.40 -67.97 -21.51
CA GLU D 262 -37.23 -69.01 -20.89
C GLU D 262 -36.44 -69.82 -19.88
N ALA D 263 -35.19 -70.16 -20.21
CA ALA D 263 -34.33 -70.86 -19.26
C ALA D 263 -34.08 -70.02 -18.02
N ALA D 264 -33.86 -68.71 -18.19
CA ALA D 264 -33.64 -67.85 -17.05
C ALA D 264 -34.88 -67.75 -16.15
N VAL D 265 -36.06 -67.56 -16.74
CA VAL D 265 -37.24 -67.37 -15.90
C VAL D 265 -37.61 -68.69 -15.22
N LYS D 266 -37.35 -69.83 -15.88
CA LYS D 266 -37.66 -71.09 -15.23
C LYS D 266 -36.64 -71.44 -14.15
N LEU D 267 -35.38 -70.99 -14.29
CA LEU D 267 -34.43 -71.10 -13.18
C LEU D 267 -34.90 -70.28 -11.98
N CYS D 268 -35.33 -69.04 -12.23
CA CYS D 268 -35.79 -68.19 -11.13
C CYS D 268 -37.09 -68.70 -10.54
N LYS D 269 -37.91 -69.38 -11.34
CA LYS D 269 -39.12 -70.00 -10.84
C LYS D 269 -38.79 -71.21 -9.96
N ASN D 270 -37.77 -71.99 -10.36
CA ASN D 270 -37.35 -73.11 -9.54
C ASN D 270 -36.81 -72.65 -8.19
N VAL D 271 -36.02 -71.56 -8.18
CA VAL D 271 -35.54 -71.03 -6.91
C VAL D 271 -36.56 -70.15 -6.22
N GLY D 272 -37.70 -69.87 -6.85
CA GLY D 272 -38.71 -69.00 -6.26
C GLY D 272 -38.27 -67.57 -6.09
N TYR D 273 -37.61 -67.00 -7.09
CA TYR D 273 -36.93 -65.72 -6.96
C TYR D 273 -37.91 -64.57 -6.80
N VAL D 274 -37.49 -63.56 -6.03
CA VAL D 274 -38.27 -62.36 -5.79
C VAL D 274 -37.38 -61.15 -6.09
N ASN D 275 -38.04 -60.02 -6.38
CA ASN D 275 -37.41 -58.74 -6.71
C ASN D 275 -36.61 -58.82 -8.01
N ALA D 276 -35.82 -57.80 -8.31
CA ALA D 276 -35.09 -57.75 -9.56
C ALA D 276 -33.83 -58.60 -9.49
N GLY D 277 -33.52 -59.26 -10.61
CA GLY D 277 -32.31 -60.06 -10.69
C GLY D 277 -31.90 -60.28 -12.12
N THR D 278 -30.62 -60.58 -12.29
CA THR D 278 -30.02 -60.78 -13.61
C THR D 278 -29.39 -62.16 -13.69
N VAL D 279 -29.67 -62.89 -14.77
CA VAL D 279 -29.12 -64.21 -15.01
C VAL D 279 -28.14 -64.10 -16.17
N GLU D 280 -26.87 -64.40 -15.90
CA GLU D 280 -25.83 -64.30 -16.90
C GLU D 280 -25.70 -65.61 -17.67
N PHE D 281 -25.63 -65.51 -19.00
CA PHE D 281 -25.55 -66.67 -19.86
C PHE D 281 -24.41 -66.49 -20.86
N LEU D 282 -23.76 -67.59 -21.18
CA LEU D 282 -22.63 -67.61 -22.12
C LEU D 282 -23.08 -68.32 -23.40
N VAL D 283 -23.12 -67.59 -24.50
CA VAL D 283 -23.70 -68.07 -25.75
C VAL D 283 -22.57 -68.39 -26.72
N LYS D 284 -22.63 -69.58 -27.32
CA LYS D 284 -21.65 -69.98 -28.33
C LYS D 284 -22.33 -70.92 -29.32
N ASP D 285 -22.51 -70.42 -30.55
CA ASP D 285 -23.13 -71.10 -31.70
C ASP D 285 -24.38 -71.89 -31.30
N ASP D 286 -25.40 -71.14 -30.86
CA ASP D 286 -26.75 -71.65 -30.60
C ASP D 286 -26.79 -72.65 -29.45
N LYS D 287 -26.05 -72.35 -28.38
CA LYS D 287 -26.23 -73.01 -27.10
C LYS D 287 -25.78 -72.05 -26.01
N PHE D 288 -26.35 -72.18 -24.82
CA PHE D 288 -26.12 -71.24 -23.74
C PHE D 288 -25.69 -71.97 -22.48
N TYR D 289 -24.89 -71.31 -21.66
CA TYR D 289 -24.38 -71.87 -20.41
C TYR D 289 -24.63 -70.87 -19.29
N PHE D 290 -25.18 -71.35 -18.18
CA PHE D 290 -25.34 -70.52 -17.00
C PHE D 290 -23.97 -70.21 -16.38
N ILE D 291 -23.80 -68.98 -15.90
CA ILE D 291 -22.61 -68.64 -15.13
C ILE D 291 -23.00 -68.22 -13.71
N GLU D 292 -23.71 -67.11 -13.60
CA GLU D 292 -24.12 -66.58 -12.30
C GLU D 292 -25.52 -66.03 -12.38
N VAL D 293 -26.09 -65.78 -11.21
CA VAL D 293 -27.27 -64.93 -11.05
C VAL D 293 -26.87 -63.78 -10.14
N ASN D 294 -27.07 -62.55 -10.62
CA ASN D 294 -26.79 -61.38 -9.81
C ASN D 294 -28.04 -61.03 -9.02
N PRO D 295 -28.01 -61.14 -7.69
CA PRO D 295 -29.21 -60.89 -6.87
C PRO D 295 -29.40 -59.42 -6.54
N ARG D 296 -29.38 -58.57 -7.57
CA ARG D 296 -29.44 -57.13 -7.39
C ARG D 296 -29.83 -56.50 -8.72
N VAL D 297 -30.19 -55.22 -8.66
CA VAL D 297 -30.33 -54.43 -9.87
C VAL D 297 -28.94 -54.23 -10.46
N GLN D 298 -28.86 -54.20 -11.79
CA GLN D 298 -27.59 -54.08 -12.47
C GLN D 298 -27.38 -52.65 -12.98
N VAL D 299 -26.15 -52.36 -13.36
CA VAL D 299 -25.81 -51.06 -13.91
C VAL D 299 -26.51 -50.84 -15.24
N GLU D 300 -26.66 -51.90 -16.02
CA GLU D 300 -27.22 -51.84 -17.36
C GLU D 300 -28.73 -52.07 -17.38
N HIS D 301 -29.41 -51.87 -16.26
CA HIS D 301 -30.87 -52.00 -16.26
C HIS D 301 -31.56 -50.92 -17.08
N THR D 302 -30.85 -49.83 -17.37
CA THR D 302 -31.44 -48.69 -18.08
C THR D 302 -31.86 -49.06 -19.50
N ILE D 303 -31.03 -49.83 -20.22
CA ILE D 303 -31.40 -50.20 -21.59
C ILE D 303 -32.56 -51.18 -21.59
N THR D 304 -32.66 -52.03 -20.57
CA THR D 304 -33.82 -52.90 -20.42
C THR D 304 -35.09 -52.09 -20.20
N GLU D 305 -35.02 -51.06 -19.35
CA GLU D 305 -36.16 -50.16 -19.17
C GLU D 305 -36.51 -49.45 -20.47
N LEU D 306 -35.50 -49.09 -21.26
CA LEU D 306 -35.78 -48.37 -22.50
C LEU D 306 -36.43 -49.28 -23.54
N ILE D 307 -35.97 -50.52 -23.67
CA ILE D 307 -36.52 -51.40 -24.69
C ILE D 307 -37.83 -52.04 -24.25
N THR D 308 -38.14 -52.05 -22.95
CA THR D 308 -39.39 -52.63 -22.48
C THR D 308 -40.42 -51.60 -22.04
N GLY D 309 -39.99 -50.40 -21.64
CA GLY D 309 -40.89 -49.44 -21.05
C GLY D 309 -41.20 -49.66 -19.60
N VAL D 310 -40.53 -50.63 -18.96
CA VAL D 310 -40.84 -51.03 -17.59
C VAL D 310 -39.81 -50.40 -16.67
N ASP D 311 -40.29 -49.61 -15.71
CA ASP D 311 -39.42 -49.00 -14.72
C ASP D 311 -38.96 -50.06 -13.73
N ILE D 312 -37.68 -50.44 -13.84
CA ILE D 312 -37.16 -51.56 -13.04
C ILE D 312 -37.03 -51.17 -11.58
N VAL D 313 -36.54 -49.97 -11.29
CA VAL D 313 -36.35 -49.56 -9.90
C VAL D 313 -37.69 -49.31 -9.22
N GLN D 314 -38.63 -48.71 -9.94
CA GLN D 314 -39.99 -48.51 -9.41
C GLN D 314 -40.65 -49.84 -9.10
N ALA D 315 -40.53 -50.79 -10.02
CA ALA D 315 -41.08 -52.13 -9.78
C ALA D 315 -40.35 -52.83 -8.65
N GLN D 316 -39.05 -52.58 -8.49
CA GLN D 316 -38.28 -53.14 -7.37
C GLN D 316 -38.85 -52.67 -6.04
N ILE D 317 -39.08 -51.36 -5.93
CA ILE D 317 -39.64 -50.80 -4.70
C ILE D 317 -41.07 -51.32 -4.47
N LEU D 318 -41.86 -51.41 -5.53
CA LEU D 318 -43.24 -51.87 -5.39
C LEU D 318 -43.32 -53.35 -5.03
N ILE D 319 -42.38 -54.16 -5.52
CA ILE D 319 -42.29 -55.55 -5.10
C ILE D 319 -41.89 -55.63 -3.64
N ALA D 320 -40.95 -54.78 -3.22
CA ALA D 320 -40.60 -54.70 -1.81
C ALA D 320 -41.77 -54.22 -0.95
N GLN D 321 -42.73 -53.52 -1.54
CA GLN D 321 -43.98 -53.20 -0.86
C GLN D 321 -44.93 -54.39 -0.77
N GLY D 322 -44.62 -55.50 -1.44
CA GLY D 322 -45.49 -56.64 -1.46
C GLY D 322 -46.59 -56.57 -2.50
N LYS D 323 -46.52 -55.61 -3.42
CA LYS D 323 -47.56 -55.48 -4.43
C LYS D 323 -47.47 -56.59 -5.47
N ASP D 324 -48.61 -56.90 -6.08
CA ASP D 324 -48.65 -57.90 -7.13
C ASP D 324 -48.02 -57.36 -8.40
N LEU D 325 -47.34 -58.24 -9.13
CA LEU D 325 -46.61 -57.84 -10.33
C LEU D 325 -47.55 -57.35 -11.43
N HIS D 326 -48.67 -58.03 -11.62
CA HIS D 326 -49.56 -57.73 -12.75
C HIS D 326 -50.82 -56.97 -12.37
N ARG D 327 -51.22 -56.99 -11.10
CA ARG D 327 -52.44 -56.31 -10.68
C ARG D 327 -52.17 -54.92 -10.13
N GLU D 328 -51.23 -54.80 -9.18
CA GLU D 328 -50.97 -53.52 -8.54
C GLU D 328 -49.88 -52.73 -9.25
N ILE D 329 -48.78 -53.40 -9.61
CA ILE D 329 -47.72 -52.73 -10.35
C ILE D 329 -48.19 -52.40 -11.76
N GLY D 330 -48.91 -53.32 -12.39
CA GLY D 330 -49.48 -53.09 -13.71
C GLY D 330 -48.68 -53.63 -14.87
N LEU D 331 -47.68 -54.46 -14.62
CA LEU D 331 -46.93 -55.07 -15.71
C LEU D 331 -47.82 -56.06 -16.46
N PRO D 332 -47.73 -56.10 -17.78
CA PRO D 332 -48.55 -57.04 -18.56
C PRO D 332 -47.99 -58.45 -18.46
N ALA D 333 -48.66 -59.37 -19.15
CA ALA D 333 -48.23 -60.76 -19.18
C ALA D 333 -46.94 -60.89 -19.98
N GLN D 334 -46.32 -62.08 -19.88
CA GLN D 334 -45.01 -62.30 -20.48
C GLN D 334 -45.05 -62.17 -22.00
N SER D 335 -46.11 -62.69 -22.62
CA SER D 335 -46.26 -62.54 -24.06
C SER D 335 -46.59 -61.11 -24.47
N GLU D 336 -47.05 -60.27 -23.54
CA GLU D 336 -47.41 -58.90 -23.83
C GLU D 336 -46.32 -57.90 -23.48
N ILE D 337 -45.15 -58.37 -23.05
CA ILE D 337 -44.04 -57.46 -22.73
C ILE D 337 -43.48 -56.94 -24.04
N PRO D 338 -43.56 -55.63 -24.29
CA PRO D 338 -43.18 -55.11 -25.61
C PRO D 338 -41.67 -54.99 -25.76
N LEU D 339 -41.24 -54.94 -27.02
CA LEU D 339 -39.85 -54.77 -27.39
C LEU D 339 -39.76 -53.49 -28.21
N LEU D 340 -39.54 -52.36 -27.52
CA LEU D 340 -39.54 -51.06 -28.17
C LEU D 340 -38.14 -50.75 -28.70
N GLY D 341 -37.83 -51.35 -29.84
CA GLY D 341 -36.58 -51.05 -30.51
C GLY D 341 -35.37 -51.62 -29.79
N SER D 342 -34.23 -50.95 -29.95
CA SER D 342 -32.97 -51.37 -29.38
C SER D 342 -32.32 -50.21 -28.65
N ALA D 343 -31.44 -50.54 -27.70
CA ALA D 343 -30.77 -49.54 -26.90
C ALA D 343 -29.33 -49.94 -26.66
N ILE D 344 -28.47 -48.93 -26.43
CA ILE D 344 -27.05 -49.11 -26.21
C ILE D 344 -26.66 -48.32 -24.96
N GLN D 345 -25.93 -48.95 -24.04
CA GLN D 345 -25.42 -48.28 -22.86
C GLN D 345 -23.91 -48.12 -22.95
N CYS D 346 -23.42 -46.91 -22.70
CA CYS D 346 -22.00 -46.63 -22.57
C CYS D 346 -21.72 -46.02 -21.21
N ARG D 347 -20.70 -46.51 -20.53
CA ARG D 347 -20.28 -45.97 -19.25
C ARG D 347 -19.05 -45.10 -19.49
N ILE D 348 -19.22 -43.79 -19.39
CA ILE D 348 -18.10 -42.87 -19.51
C ILE D 348 -17.39 -42.78 -18.17
N THR D 349 -16.14 -43.21 -18.13
CA THR D 349 -15.36 -43.29 -16.91
C THR D 349 -14.14 -42.40 -17.02
N THR D 350 -13.35 -42.36 -15.94
CA THR D 350 -12.11 -41.61 -15.92
C THR D 350 -10.91 -42.45 -16.33
N GLU D 351 -11.15 -43.66 -16.83
CA GLU D 351 -10.05 -44.50 -17.30
C GLU D 351 -9.43 -43.89 -18.55
N ASP D 352 -8.10 -43.74 -18.54
CA ASP D 352 -7.39 -43.15 -19.65
C ASP D 352 -6.89 -44.25 -20.57
N PRO D 353 -7.47 -44.42 -21.76
CA PRO D 353 -7.01 -45.48 -22.66
C PRO D 353 -5.59 -45.30 -23.16
N GLN D 354 -5.05 -44.09 -23.13
CA GLN D 354 -3.65 -43.84 -23.43
C GLN D 354 -2.75 -44.02 -22.21
N ASN D 355 -3.31 -44.47 -21.08
CA ASN D 355 -2.54 -44.71 -19.88
C ASN D 355 -2.91 -46.07 -19.29
N GLY D 356 -3.20 -47.03 -20.15
CA GLY D 356 -3.52 -48.37 -19.69
C GLY D 356 -4.85 -48.48 -18.98
N PHE D 357 -5.81 -47.60 -19.30
CA PHE D 357 -7.13 -47.54 -18.67
C PHE D 357 -7.03 -47.34 -17.16
N LEU D 358 -6.03 -46.59 -16.74
CA LEU D 358 -5.93 -46.23 -15.32
C LEU D 358 -6.89 -45.09 -15.01
N PRO D 359 -7.52 -45.11 -13.83
CA PRO D 359 -8.48 -44.04 -13.51
C PRO D 359 -7.81 -42.70 -13.25
N ASP D 360 -8.07 -41.74 -14.11
CA ASP D 360 -7.54 -40.39 -13.92
C ASP D 360 -8.29 -39.69 -12.78
N THR D 361 -7.57 -38.87 -12.04
CA THR D 361 -8.17 -38.01 -11.02
C THR D 361 -7.83 -36.57 -11.32
N GLY D 362 -8.58 -35.67 -10.71
CA GLY D 362 -8.36 -34.25 -10.91
C GLY D 362 -9.68 -33.51 -10.84
N LYS D 363 -9.61 -32.23 -11.20
CA LYS D 363 -10.77 -31.36 -11.16
C LYS D 363 -11.38 -31.25 -12.54
N ILE D 364 -12.67 -31.54 -12.64
CA ILE D 364 -13.41 -31.32 -13.88
C ILE D 364 -13.65 -29.83 -14.03
N ASP D 365 -13.12 -29.24 -15.10
CA ASP D 365 -13.34 -27.83 -15.35
C ASP D 365 -14.34 -27.56 -16.45
N THR D 366 -14.77 -28.58 -17.19
CA THR D 366 -15.76 -28.42 -18.24
C THR D 366 -16.67 -29.63 -18.25
N TYR D 367 -17.98 -29.41 -18.27
CA TYR D 367 -18.93 -30.50 -18.43
C TYR D 367 -20.09 -30.01 -19.28
N ARG D 368 -20.29 -30.66 -20.43
CA ARG D 368 -21.45 -30.40 -21.27
C ARG D 368 -22.10 -31.74 -21.58
N SER D 369 -23.39 -31.83 -21.33
CA SER D 369 -24.06 -33.09 -21.58
C SER D 369 -25.01 -32.96 -22.77
N PRO D 370 -25.08 -33.97 -23.62
CA PRO D 370 -26.01 -33.93 -24.74
C PRO D 370 -27.44 -34.21 -24.31
N GLY D 371 -28.37 -33.93 -25.21
CA GLY D 371 -29.76 -34.24 -24.97
C GLY D 371 -30.45 -34.64 -26.25
N GLY D 372 -31.77 -34.49 -26.30
CA GLY D 372 -32.51 -34.72 -27.51
C GLY D 372 -33.17 -36.08 -27.57
N PHE D 373 -33.62 -36.41 -28.77
CA PHE D 373 -34.42 -37.61 -28.97
C PHE D 373 -33.56 -38.86 -28.85
N GLY D 374 -34.07 -39.83 -28.10
CA GLY D 374 -33.42 -41.11 -27.96
C GLY D 374 -32.27 -41.16 -27.00
N ILE D 375 -32.05 -40.11 -26.22
CA ILE D 375 -30.88 -40.03 -25.34
C ILE D 375 -31.36 -40.08 -23.90
N ARG D 376 -30.74 -40.94 -23.11
CA ARG D 376 -30.99 -41.02 -21.67
C ARG D 376 -29.68 -40.82 -20.92
N LEU D 377 -29.70 -39.94 -19.91
CA LEU D 377 -28.54 -39.67 -19.09
C LEU D 377 -28.80 -40.09 -17.66
N ASP D 378 -27.88 -40.87 -17.10
CA ASP D 378 -27.85 -41.18 -15.67
C ASP D 378 -26.49 -40.72 -15.18
N VAL D 379 -26.39 -39.45 -14.82
CA VAL D 379 -25.12 -38.86 -14.45
C VAL D 379 -24.79 -39.24 -13.01
N GLY D 380 -23.50 -39.43 -12.74
CA GLY D 380 -23.02 -39.61 -11.39
C GLY D 380 -22.54 -38.30 -10.81
N ASN D 381 -21.23 -38.19 -10.61
CA ASN D 381 -20.60 -36.95 -10.15
C ASN D 381 -19.66 -36.48 -11.26
N ALA D 382 -20.18 -35.64 -12.15
CA ALA D 382 -19.40 -35.19 -13.29
C ALA D 382 -19.54 -33.70 -13.58
N TYR D 383 -20.12 -32.92 -12.67
CA TYR D 383 -20.35 -31.52 -12.93
C TYR D 383 -19.05 -30.74 -12.98
N ALA D 384 -19.12 -29.53 -13.54
CA ALA D 384 -17.96 -28.66 -13.60
C ALA D 384 -17.58 -28.20 -12.20
N GLY D 385 -16.29 -28.29 -11.88
CA GLY D 385 -15.82 -28.01 -10.54
C GLY D 385 -15.71 -29.21 -9.64
N TYR D 386 -16.18 -30.38 -10.07
CA TYR D 386 -16.10 -31.57 -9.25
C TYR D 386 -14.68 -32.11 -9.25
N GLU D 387 -14.14 -32.36 -8.06
CA GLU D 387 -12.82 -32.92 -7.90
C GLU D 387 -12.93 -34.44 -7.86
N VAL D 388 -12.46 -35.10 -8.91
CA VAL D 388 -12.51 -36.56 -8.96
C VAL D 388 -11.47 -37.13 -8.03
N THR D 389 -11.90 -37.93 -7.09
CA THR D 389 -11.09 -38.58 -6.07
C THR D 389 -10.74 -40.00 -6.48
N PRO D 390 -9.60 -40.54 -6.02
CA PRO D 390 -9.28 -41.94 -6.30
C PRO D 390 -9.98 -42.93 -5.41
N TYR D 391 -10.85 -42.47 -4.50
CA TYR D 391 -11.46 -43.37 -3.54
C TYR D 391 -12.52 -44.26 -4.18
N PHE D 392 -13.37 -43.68 -5.01
CA PHE D 392 -14.53 -44.39 -5.53
C PHE D 392 -14.29 -44.85 -6.97
N ASP D 393 -15.31 -45.43 -7.57
CA ASP D 393 -15.17 -45.99 -8.90
C ASP D 393 -15.07 -44.87 -9.94
N SER D 394 -14.61 -45.24 -11.13
CA SER D 394 -14.20 -44.28 -12.14
C SER D 394 -15.38 -43.69 -12.92
N LEU D 395 -16.60 -44.15 -12.67
CA LEU D 395 -17.75 -43.75 -13.49
C LEU D 395 -18.04 -42.25 -13.36
N LEU D 396 -18.24 -41.60 -14.50
CA LEU D 396 -18.66 -40.20 -14.54
C LEU D 396 -20.14 -40.07 -14.87
N VAL D 397 -20.57 -40.64 -16.00
CA VAL D 397 -21.95 -40.53 -16.44
C VAL D 397 -22.30 -41.75 -17.27
N LYS D 398 -23.42 -42.39 -16.92
CA LYS D 398 -24.02 -43.39 -17.78
C LYS D 398 -24.84 -42.70 -18.85
N VAL D 399 -24.65 -43.11 -20.10
CA VAL D 399 -25.47 -42.58 -21.19
C VAL D 399 -26.04 -43.75 -21.99
N CYS D 400 -27.32 -43.65 -22.30
CA CYS D 400 -28.00 -44.69 -23.06
C CYS D 400 -28.69 -44.06 -24.26
N THR D 401 -28.49 -44.65 -25.43
CA THR D 401 -29.16 -44.22 -26.65
C THR D 401 -30.07 -45.32 -27.13
N PHE D 402 -31.31 -44.97 -27.45
CA PHE D 402 -32.32 -45.94 -27.87
C PHE D 402 -33.00 -45.44 -29.13
N ALA D 403 -33.39 -46.38 -29.98
CA ALA D 403 -34.05 -46.07 -31.24
C ALA D 403 -34.81 -47.29 -31.70
N ASN D 404 -35.62 -47.09 -32.75
CA ASN D 404 -36.33 -48.21 -33.37
C ASN D 404 -35.36 -49.20 -34.00
N GLU D 405 -34.32 -48.69 -34.64
CA GLU D 405 -33.33 -49.52 -35.33
C GLU D 405 -31.99 -49.42 -34.63
N PHE D 406 -31.22 -50.51 -34.68
CA PHE D 406 -29.91 -50.54 -34.04
C PHE D 406 -28.93 -49.59 -34.71
N SER D 407 -29.03 -49.41 -36.02
CA SER D 407 -28.16 -48.47 -36.73
C SER D 407 -28.39 -47.04 -36.24
N ASP D 408 -29.65 -46.67 -36.03
CA ASP D 408 -29.94 -45.34 -35.52
C ASP D 408 -29.46 -45.18 -34.08
N SER D 409 -29.50 -46.26 -33.29
CA SER D 409 -28.93 -46.21 -31.95
C SER D 409 -27.42 -45.99 -31.99
N VAL D 410 -26.73 -46.65 -32.92
CA VAL D 410 -25.29 -46.47 -33.07
C VAL D 410 -24.98 -45.05 -33.50
N ARG D 411 -25.75 -44.51 -34.45
CA ARG D 411 -25.55 -43.14 -34.92
C ARG D 411 -25.79 -42.12 -33.80
N LYS D 412 -26.85 -42.33 -33.01
CA LYS D 412 -27.13 -41.44 -31.89
C LYS D 412 -26.03 -41.51 -30.85
N MET D 413 -25.49 -42.71 -30.60
CA MET D 413 -24.46 -42.83 -29.58
C MET D 413 -23.14 -42.22 -30.05
N ASP D 414 -22.84 -42.30 -31.35
CA ASP D 414 -21.67 -41.61 -31.89
C ASP D 414 -21.83 -40.10 -31.78
N ARG D 415 -23.03 -39.59 -32.10
CA ARG D 415 -23.32 -38.16 -31.91
C ARG D 415 -23.16 -37.76 -30.45
N VAL D 416 -23.60 -38.61 -29.52
CA VAL D 416 -23.51 -38.31 -28.10
C VAL D 416 -22.05 -38.27 -27.65
N LEU D 417 -21.26 -39.26 -28.07
CA LEU D 417 -19.88 -39.34 -27.64
C LEU D 417 -19.05 -38.20 -28.22
N HIS D 418 -19.48 -37.67 -29.36
CA HIS D 418 -18.79 -36.49 -29.88
C HIS D 418 -19.32 -35.21 -29.22
N GLU D 419 -20.58 -35.19 -28.82
CA GLU D 419 -21.15 -34.00 -28.19
C GLU D 419 -20.70 -33.85 -26.74
N PHE D 420 -20.39 -34.97 -26.08
CA PHE D 420 -19.93 -34.93 -24.69
C PHE D 420 -18.62 -34.17 -24.59
N ARG D 421 -18.50 -33.32 -23.58
CA ARG D 421 -17.28 -32.56 -23.33
C ARG D 421 -16.96 -32.62 -21.85
N ILE D 422 -15.95 -33.40 -21.50
CA ILE D 422 -15.43 -33.47 -20.14
C ILE D 422 -13.95 -33.12 -20.21
N ARG D 423 -13.56 -32.03 -19.57
CA ARG D 423 -12.19 -31.56 -19.58
C ARG D 423 -11.67 -31.45 -18.16
N GLY D 424 -10.37 -31.67 -18.00
CA GLY D 424 -9.76 -31.63 -16.69
C GLY D 424 -9.33 -33.01 -16.23
N VAL D 425 -10.09 -34.02 -16.63
CA VAL D 425 -9.75 -35.41 -16.39
C VAL D 425 -9.87 -36.17 -17.70
N LYS D 426 -9.03 -37.17 -17.86
CA LYS D 426 -9.10 -38.02 -19.05
C LYS D 426 -10.31 -38.95 -18.94
N THR D 427 -10.85 -39.32 -20.10
CA THR D 427 -12.01 -40.19 -20.17
C THR D 427 -11.75 -41.32 -21.15
N ASN D 428 -12.61 -42.33 -21.10
CA ASN D 428 -12.59 -43.43 -22.06
C ASN D 428 -13.41 -43.14 -23.30
N ILE D 429 -13.77 -41.87 -23.52
CA ILE D 429 -14.59 -41.52 -24.69
C ILE D 429 -13.93 -41.85 -26.03
N PRO D 430 -12.63 -41.58 -26.27
CA PRO D 430 -12.05 -42.02 -27.56
C PRO D 430 -12.09 -43.53 -27.78
N PHE D 431 -11.90 -44.31 -26.72
CA PHE D 431 -12.03 -45.76 -26.83
C PHE D 431 -13.47 -46.16 -27.17
N LEU D 432 -14.45 -45.51 -26.54
CA LEU D 432 -15.85 -45.80 -26.85
C LEU D 432 -16.18 -45.43 -28.28
N ILE D 433 -15.62 -44.32 -28.78
CA ILE D 433 -15.83 -43.92 -30.17
C ILE D 433 -15.25 -44.97 -31.12
N ASN D 434 -14.05 -45.47 -30.81
CA ASN D 434 -13.43 -46.52 -31.63
C ASN D 434 -14.26 -47.79 -31.63
N VAL D 435 -14.79 -48.18 -30.47
CA VAL D 435 -15.60 -49.40 -30.39
C VAL D 435 -16.92 -49.21 -31.15
N ILE D 436 -17.54 -48.04 -31.03
CA ILE D 436 -18.81 -47.77 -31.70
C ILE D 436 -18.63 -47.78 -33.21
N ALA D 437 -17.50 -47.24 -33.70
CA ALA D 437 -17.26 -47.21 -35.13
C ALA D 437 -16.94 -48.58 -35.72
N ASN D 438 -16.66 -49.58 -34.89
CA ASN D 438 -16.24 -50.89 -35.41
C ASN D 438 -17.41 -51.64 -36.02
N GLU D 439 -17.12 -52.34 -37.12
CA GLU D 439 -18.17 -53.04 -37.86
C GLU D 439 -18.65 -54.30 -37.15
N ASN D 440 -17.82 -54.90 -36.30
CA ASN D 440 -18.27 -56.06 -35.53
C ASN D 440 -19.32 -55.66 -34.51
N PHE D 441 -19.08 -54.56 -33.80
CA PHE D 441 -20.08 -54.04 -32.88
C PHE D 441 -21.33 -53.57 -33.63
N THR D 442 -21.14 -52.93 -34.79
CA THR D 442 -22.26 -52.43 -35.57
C THR D 442 -23.14 -53.57 -36.06
N SER D 443 -22.53 -54.65 -36.54
CA SER D 443 -23.28 -55.85 -36.90
C SER D 443 -23.87 -56.54 -35.68
N GLY D 444 -23.30 -56.32 -34.50
CA GLY D 444 -23.81 -56.93 -33.30
C GLY D 444 -23.27 -58.32 -33.02
N GLN D 445 -22.33 -58.80 -33.81
CA GLN D 445 -21.72 -60.10 -33.61
C GLN D 445 -20.45 -60.03 -32.78
N ALA D 446 -20.31 -59.00 -31.94
CA ALA D 446 -19.13 -58.89 -31.09
C ALA D 446 -19.14 -59.97 -30.03
N THR D 447 -17.96 -60.45 -29.68
CA THR D 447 -17.77 -61.48 -28.67
C THR D 447 -16.99 -60.92 -27.50
N THR D 448 -16.71 -61.78 -26.52
CA THR D 448 -15.95 -61.36 -25.35
C THR D 448 -14.48 -61.10 -25.70
N THR D 449 -14.00 -61.67 -26.79
CA THR D 449 -12.62 -61.50 -27.23
C THR D 449 -12.47 -60.42 -28.29
N PHE D 450 -13.54 -59.69 -28.60
CA PHE D 450 -13.52 -58.73 -29.69
C PHE D 450 -12.56 -57.58 -29.41
N ILE D 451 -12.58 -57.05 -28.18
CA ILE D 451 -11.71 -55.92 -27.85
C ILE D 451 -10.26 -56.37 -27.80
N ASP D 452 -9.99 -57.52 -27.18
CA ASP D 452 -8.62 -57.98 -27.00
C ASP D 452 -7.96 -58.41 -28.30
N ASN D 453 -8.73 -58.70 -29.34
CA ASN D 453 -8.19 -59.12 -30.63
C ASN D 453 -8.34 -58.05 -31.70
N THR D 454 -8.57 -56.80 -31.31
CA THR D 454 -8.68 -55.69 -32.25
C THR D 454 -7.77 -54.56 -31.78
N PRO D 455 -6.50 -54.57 -32.17
CA PRO D 455 -5.58 -53.51 -31.75
C PRO D 455 -5.89 -52.16 -32.36
N SER D 456 -6.67 -52.10 -33.45
CA SER D 456 -7.04 -50.83 -34.05
C SER D 456 -8.01 -50.03 -33.19
N LEU D 457 -8.60 -50.65 -32.15
CA LEU D 457 -9.42 -49.91 -31.20
C LEU D 457 -8.60 -48.95 -30.35
N PHE D 458 -7.29 -49.15 -30.28
CA PHE D 458 -6.41 -48.34 -29.43
C PHE D 458 -5.64 -47.30 -30.21
N ASN D 459 -6.04 -47.04 -31.46
CA ASN D 459 -5.51 -45.91 -32.21
C ASN D 459 -6.45 -44.72 -32.00
N PHE D 460 -5.91 -43.63 -31.48
CA PHE D 460 -6.71 -42.48 -31.12
C PHE D 460 -6.24 -41.25 -31.89
N PRO D 461 -7.14 -40.55 -32.58
CA PRO D 461 -6.74 -39.32 -33.26
C PRO D 461 -6.35 -38.23 -32.28
N ARG D 462 -5.45 -37.37 -32.73
CA ARG D 462 -5.05 -36.24 -31.92
C ARG D 462 -6.15 -35.20 -31.87
N LEU D 463 -6.49 -34.75 -30.67
CA LEU D 463 -7.52 -33.74 -30.46
C LEU D 463 -6.84 -32.40 -30.26
N ARG D 464 -7.37 -31.37 -30.93
CA ARG D 464 -6.74 -30.05 -30.88
C ARG D 464 -6.86 -29.43 -29.49
N ASP D 465 -8.08 -29.43 -28.93
CA ASP D 465 -8.37 -28.86 -27.60
C ASP D 465 -7.91 -27.41 -27.50
N ARG D 466 -8.38 -26.60 -28.46
CA ARG D 466 -7.80 -25.28 -28.63
C ARG D 466 -8.30 -24.29 -27.59
N GLY D 467 -9.48 -24.53 -27.03
CA GLY D 467 -9.97 -23.66 -25.97
C GLY D 467 -9.13 -23.75 -24.71
N THR D 468 -8.80 -24.98 -24.30
CA THR D 468 -7.99 -25.21 -23.11
C THR D 468 -6.60 -24.60 -23.26
N LYS D 469 -5.96 -24.82 -24.42
CA LYS D 469 -4.62 -24.31 -24.64
C LYS D 469 -4.61 -22.78 -24.72
N THR D 470 -5.62 -22.19 -25.36
CA THR D 470 -5.70 -20.74 -25.43
C THR D 470 -5.89 -20.13 -24.05
N LEU D 471 -6.78 -20.71 -23.24
CA LEU D 471 -6.96 -20.23 -21.87
C LEU D 471 -5.69 -20.39 -21.05
N HIS D 472 -4.97 -21.50 -21.25
CA HIS D 472 -3.73 -21.72 -20.52
C HIS D 472 -2.66 -20.69 -20.89
N TYR D 473 -2.54 -20.35 -22.18
CA TYR D 473 -1.58 -19.33 -22.58
C TYR D 473 -1.98 -17.95 -22.09
N LEU D 474 -3.28 -17.64 -22.12
CA LEU D 474 -3.75 -16.36 -21.61
C LEU D 474 -3.48 -16.21 -20.13
N SER D 475 -3.70 -17.28 -19.36
CA SER D 475 -3.38 -17.25 -17.93
C SER D 475 -1.88 -17.12 -17.70
N MET D 476 -1.08 -17.83 -18.49
CA MET D 476 0.38 -17.76 -18.41
C MET D 476 0.87 -16.33 -18.57
N ILE D 477 0.45 -15.66 -19.65
CA ILE D 477 0.90 -14.29 -19.88
C ILE D 477 0.27 -13.32 -18.89
N THR D 478 -0.98 -13.54 -18.50
CA THR D 478 -1.67 -12.61 -17.61
C THR D 478 -1.02 -12.59 -16.22
N VAL D 479 -0.67 -13.75 -15.68
CA VAL D 479 -0.14 -13.77 -14.32
C VAL D 479 1.38 -13.74 -14.26
N ASN D 480 2.09 -14.11 -15.32
CA ASN D 480 3.54 -14.17 -15.25
C ASN D 480 4.24 -13.32 -16.29
N GLY D 481 3.52 -12.70 -17.21
CA GLY D 481 4.10 -11.80 -18.16
C GLY D 481 4.78 -12.52 -19.32
N PHE D 482 4.97 -11.77 -20.40
CA PHE D 482 5.71 -12.30 -21.53
C PHE D 482 7.19 -12.39 -21.18
N PRO D 483 7.87 -13.45 -21.61
CA PRO D 483 9.30 -13.58 -21.32
C PRO D 483 10.11 -12.53 -22.06
N GLY D 484 11.08 -11.94 -21.35
CA GLY D 484 12.01 -11.01 -21.94
C GLY D 484 11.57 -9.57 -21.99
N ILE D 485 10.32 -9.26 -21.62
CA ILE D 485 9.84 -7.88 -21.60
C ILE D 485 9.25 -7.60 -20.22
N GLU D 486 9.12 -6.31 -19.91
CA GLU D 486 8.59 -5.90 -18.62
C GLU D 486 7.09 -6.15 -18.56
N ASN D 487 6.64 -6.71 -17.44
CA ASN D 487 5.24 -7.09 -17.24
C ASN D 487 4.40 -5.82 -17.02
N THR D 488 4.07 -5.16 -18.12
CA THR D 488 3.23 -3.97 -18.08
C THR D 488 1.77 -4.33 -18.32
N GLU D 489 0.90 -3.37 -18.04
CA GLU D 489 -0.53 -3.57 -18.23
C GLU D 489 -0.89 -3.40 -19.71
N LYS D 490 -1.87 -4.19 -20.15
CA LYS D 490 -2.34 -4.15 -21.53
C LYS D 490 -3.05 -2.83 -21.80
N ARG D 491 -2.49 -2.02 -22.69
CA ARG D 491 -3.11 -0.76 -23.05
C ARG D 491 -4.26 -0.99 -24.02
N HIS D 492 -5.17 -0.02 -24.08
CA HIS D 492 -6.25 -0.07 -25.03
C HIS D 492 -5.77 0.44 -26.38
N PHE D 493 -6.02 -0.33 -27.43
CA PHE D 493 -5.64 0.06 -28.77
C PHE D 493 -6.87 0.12 -29.66
N GLU D 494 -6.98 1.17 -30.46
CA GLU D 494 -7.97 1.18 -31.51
C GLU D 494 -7.58 0.19 -32.60
N GLU D 495 -8.55 -0.18 -33.41
CA GLU D 495 -8.28 -1.04 -34.55
C GLU D 495 -7.36 -0.31 -35.53
N PRO D 496 -6.41 -1.00 -36.15
CA PRO D 496 -5.51 -0.33 -37.10
C PRO D 496 -6.28 0.15 -38.33
N ARG D 497 -5.86 1.30 -38.85
CA ARG D 497 -6.58 1.93 -39.96
C ARG D 497 -6.44 1.09 -41.22
N GLN D 498 -7.56 0.71 -41.79
CA GLN D 498 -7.57 -0.03 -43.04
C GLN D 498 -7.41 0.94 -44.21
N PRO D 499 -6.59 0.59 -45.20
CA PRO D 499 -6.32 1.52 -46.29
C PRO D 499 -7.51 1.67 -47.22
N LEU D 500 -7.64 2.88 -47.76
CA LEU D 500 -8.62 3.19 -48.81
C LEU D 500 -7.84 3.21 -50.12
N LEU D 501 -7.79 2.07 -50.79
CA LEU D 501 -6.93 1.88 -51.94
C LEU D 501 -7.65 2.24 -53.23
N ASN D 502 -6.91 2.80 -54.18
CA ASN D 502 -7.37 3.00 -55.55
C ASN D 502 -6.77 1.87 -56.37
N LEU D 503 -7.50 0.78 -56.47
CA LEU D 503 -6.97 -0.42 -57.10
C LEU D 503 -6.89 -0.26 -58.61
N GLU D 504 -5.83 -0.82 -59.19
CA GLU D 504 -5.70 -0.91 -60.63
C GLU D 504 -4.94 -2.20 -60.95
N LYS D 505 -5.28 -2.80 -62.08
CA LYS D 505 -4.79 -4.13 -62.43
C LYS D 505 -3.65 -4.03 -63.42
N LYS D 506 -2.58 -4.77 -63.16
CA LYS D 506 -1.46 -4.85 -64.08
C LYS D 506 -0.74 -6.16 -63.85
N LYS D 507 -0.02 -6.61 -64.87
CA LYS D 507 0.71 -7.86 -64.78
C LYS D 507 1.98 -7.66 -63.97
N THR D 508 2.11 -8.42 -62.89
CA THR D 508 3.25 -8.30 -62.00
C THR D 508 4.38 -9.23 -62.43
N ALA D 509 5.52 -9.10 -61.76
CA ALA D 509 6.64 -9.99 -62.02
C ALA D 509 6.35 -11.41 -61.56
N LYS D 510 5.51 -11.57 -60.53
CA LYS D 510 5.09 -12.89 -60.11
C LYS D 510 4.29 -13.59 -61.20
N ASN D 511 3.44 -12.84 -61.92
CA ASN D 511 2.69 -13.42 -63.02
C ASN D 511 3.61 -13.85 -64.16
N ILE D 512 4.64 -13.07 -64.44
CA ILE D 512 5.59 -13.42 -65.49
C ILE D 512 6.39 -14.64 -65.08
N LEU D 513 6.73 -14.76 -63.80
CA LEU D 513 7.41 -15.97 -63.32
C LEU D 513 6.48 -17.18 -63.33
N ASP D 514 5.18 -16.97 -63.16
CA ASP D 514 4.25 -18.09 -63.21
C ASP D 514 4.06 -18.58 -64.64
N GLU D 515 3.87 -17.66 -65.59
CA GLU D 515 3.61 -18.06 -66.97
C GLU D 515 4.91 -18.42 -67.69
N GLN D 516 5.80 -17.46 -67.84
CA GLN D 516 7.13 -17.71 -68.41
C GLN D 516 8.09 -18.04 -67.28
N GLY D 517 9.39 -18.05 -67.57
CA GLY D 517 10.40 -18.41 -66.60
C GLY D 517 11.04 -17.22 -65.93
N ALA D 518 12.15 -17.50 -65.24
CA ALA D 518 12.92 -16.44 -64.58
C ALA D 518 13.59 -15.53 -65.59
N ASP D 519 13.94 -16.06 -66.77
CA ASP D 519 14.60 -15.25 -67.79
C ASP D 519 13.70 -14.15 -68.30
N ALA D 520 12.41 -14.44 -68.46
CA ALA D 520 11.47 -13.40 -68.87
C ALA D 520 11.27 -12.36 -67.78
N VAL D 521 11.36 -12.77 -66.51
CA VAL D 521 11.34 -11.80 -65.42
C VAL D 521 12.55 -10.88 -65.50
N VAL D 522 13.73 -11.45 -65.83
CA VAL D 522 14.94 -10.66 -65.99
C VAL D 522 14.79 -9.67 -67.14
N ASP D 523 14.21 -10.13 -68.26
CA ASP D 523 13.98 -9.24 -69.39
C ASP D 523 12.97 -8.16 -69.05
N TYR D 524 11.96 -8.48 -68.25
CA TYR D 524 11.01 -7.47 -67.79
C TYR D 524 11.69 -6.43 -66.91
N VAL D 525 12.60 -6.86 -66.05
CA VAL D 525 13.37 -5.91 -65.25
C VAL D 525 14.31 -5.10 -66.14
N LYS D 526 14.94 -5.76 -67.12
CA LYS D 526 15.86 -5.07 -68.02
C LYS D 526 15.14 -4.07 -68.91
N ASN D 527 13.91 -4.35 -69.29
CA ASN D 527 13.16 -3.45 -70.16
C ASN D 527 12.34 -2.42 -69.40
N THR D 528 12.45 -2.39 -68.08
CA THR D 528 11.74 -1.41 -67.27
C THR D 528 12.63 -0.18 -67.11
N LYS D 529 12.13 0.99 -67.53
CA LYS D 529 12.90 2.21 -67.41
C LYS D 529 12.86 2.78 -66.00
N GLU D 530 11.74 2.61 -65.30
CA GLU D 530 11.65 3.02 -63.92
C GLU D 530 12.50 2.10 -63.05
N VAL D 531 12.89 2.61 -61.89
CA VAL D 531 13.56 1.76 -60.90
C VAL D 531 12.49 0.99 -60.14
N LEU D 532 12.70 -0.30 -59.97
CA LEU D 532 11.74 -1.14 -59.29
C LEU D 532 12.01 -1.15 -57.79
N LEU D 533 10.98 -1.51 -57.02
CA LEU D 533 11.05 -1.47 -55.57
C LEU D 533 10.78 -2.86 -55.01
N THR D 534 11.59 -3.26 -54.04
CA THR D 534 11.35 -4.46 -53.25
C THR D 534 11.00 -4.02 -51.82
N ASP D 535 9.82 -4.40 -51.36
CA ASP D 535 9.36 -4.01 -50.04
C ASP D 535 9.97 -4.94 -48.99
N THR D 536 10.77 -4.36 -48.10
CA THR D 536 11.40 -5.10 -47.01
C THR D 536 10.65 -4.96 -45.70
N THR D 537 9.38 -4.55 -45.76
CA THR D 537 8.60 -4.34 -44.54
C THR D 537 8.39 -5.65 -43.78
N LEU D 538 8.12 -6.72 -44.50
CA LEU D 538 7.80 -7.99 -43.85
C LEU D 538 9.01 -8.73 -43.32
N ARG D 539 10.24 -8.39 -43.76
CA ARG D 539 11.43 -9.00 -43.17
C ARG D 539 12.35 -7.98 -42.52
N ASP D 540 12.98 -7.11 -43.30
CA ASP D 540 14.17 -6.43 -42.82
C ASP D 540 13.82 -5.17 -42.02
N ALA D 541 12.70 -4.53 -42.36
CA ALA D 541 12.29 -3.33 -41.66
C ALA D 541 12.00 -3.62 -40.19
N HIS D 542 11.31 -4.71 -39.91
CA HIS D 542 11.05 -5.07 -38.52
C HIS D 542 12.19 -5.90 -37.93
N GLN D 543 13.05 -6.50 -38.75
CA GLN D 543 14.27 -7.09 -38.21
C GLN D 543 15.19 -6.02 -37.62
N SER D 544 15.32 -4.89 -38.31
CA SER D 544 16.21 -3.83 -37.83
C SER D 544 15.59 -3.07 -36.66
N LEU D 545 14.30 -2.79 -36.72
CA LEU D 545 13.67 -1.89 -35.75
C LEU D 545 12.99 -2.61 -34.60
N LEU D 546 12.26 -3.70 -34.87
CA LEU D 546 11.42 -4.34 -33.87
C LEU D 546 11.99 -5.66 -33.38
N ALA D 547 13.30 -5.89 -33.56
CA ALA D 547 13.98 -7.13 -33.18
C ALA D 547 13.32 -8.35 -33.82
N THR D 548 12.98 -8.20 -35.11
CA THR D 548 12.20 -9.15 -35.96
C THR D 548 11.06 -9.85 -35.21
N ARG D 549 10.33 -9.11 -34.37
CA ARG D 549 9.25 -9.67 -33.58
C ARG D 549 7.89 -9.51 -34.24
N LEU D 550 7.83 -8.97 -35.46
CA LEU D 550 6.55 -8.75 -36.12
C LEU D 550 5.86 -10.07 -36.42
N ARG D 551 4.59 -10.15 -36.02
CA ARG D 551 3.86 -11.41 -36.03
C ARG D 551 3.01 -11.54 -37.30
N LEU D 552 2.56 -12.77 -37.54
CA LEU D 552 1.81 -13.07 -38.75
C LEU D 552 0.42 -12.45 -38.72
N GLN D 553 -0.14 -12.18 -37.54
CA GLN D 553 -1.47 -11.59 -37.46
C GLN D 553 -1.49 -10.17 -38.04
N ASP D 554 -0.50 -9.36 -37.64
CA ASP D 554 -0.39 -8.01 -38.17
C ASP D 554 -0.02 -8.01 -39.66
N MET D 555 0.74 -9.02 -40.10
CA MET D 555 1.01 -9.17 -41.53
C MET D 555 -0.25 -9.53 -42.28
N LYS D 556 -1.10 -10.38 -41.69
CA LYS D 556 -2.32 -10.85 -42.31
C LYS D 556 -3.31 -9.73 -42.50
N GLY D 557 -3.34 -8.78 -41.56
CA GLY D 557 -4.27 -7.67 -41.67
C GLY D 557 -4.07 -6.78 -42.89
N ILE D 558 -2.89 -6.83 -43.51
CA ILE D 558 -2.53 -5.90 -44.58
C ILE D 558 -1.92 -6.58 -45.79
N ALA D 559 -1.74 -7.91 -45.77
CA ALA D 559 -1.07 -8.59 -46.88
C ALA D 559 -1.85 -8.45 -48.19
N GLN D 560 -3.18 -8.61 -48.12
CA GLN D 560 -3.99 -8.48 -49.32
C GLN D 560 -3.97 -7.05 -49.85
N ALA D 561 -3.95 -6.06 -48.95
CA ALA D 561 -3.86 -4.67 -49.36
C ALA D 561 -2.53 -4.36 -50.00
N ILE D 562 -1.45 -4.97 -49.53
CA ILE D 562 -0.15 -4.77 -50.18
C ILE D 562 -0.14 -5.43 -51.55
N ASP D 563 -0.73 -6.63 -51.66
CA ASP D 563 -0.75 -7.34 -52.93
C ASP D 563 -1.57 -6.59 -53.99
N GLN D 564 -2.73 -6.05 -53.61
CA GLN D 564 -3.59 -5.39 -54.58
C GLN D 564 -3.23 -3.92 -54.78
N GLY D 565 -2.90 -3.20 -53.71
CA GLY D 565 -2.62 -1.78 -53.80
C GLY D 565 -1.27 -1.42 -54.35
N LEU D 566 -0.29 -2.32 -54.25
CA LEU D 566 1.05 -2.08 -54.79
C LEU D 566 1.46 -3.22 -55.70
N PRO D 567 0.82 -3.37 -56.87
CA PRO D 567 1.24 -4.42 -57.80
C PRO D 567 2.53 -4.09 -58.54
N GLU D 568 2.99 -2.85 -58.49
CA GLU D 568 4.20 -2.43 -59.16
C GLU D 568 5.47 -2.89 -58.46
N LEU D 569 5.35 -3.43 -57.24
CA LEU D 569 6.51 -3.93 -56.52
C LEU D 569 7.16 -5.09 -57.28
N PHE D 570 8.48 -5.07 -57.34
CA PHE D 570 9.19 -6.20 -57.93
C PHE D 570 9.00 -7.45 -57.09
N SER D 571 9.21 -7.34 -55.79
CA SER D 571 9.02 -8.46 -54.88
C SER D 571 8.81 -7.91 -53.47
N ALA D 572 8.44 -8.81 -52.57
CA ALA D 572 8.31 -8.48 -51.15
C ALA D 572 9.22 -9.41 -50.37
N GLU D 573 10.19 -8.85 -49.66
CA GLU D 573 11.07 -9.64 -48.82
C GLU D 573 10.32 -9.96 -47.54
N MET D 574 9.90 -11.22 -47.40
CA MET D 574 9.06 -11.64 -46.29
C MET D 574 9.63 -12.81 -45.52
N TRP D 575 10.81 -13.30 -45.90
CA TRP D 575 11.33 -14.52 -45.32
C TRP D 575 12.85 -14.43 -45.25
N GLY D 576 13.43 -15.40 -44.54
CA GLY D 576 14.86 -15.46 -44.40
C GLY D 576 15.36 -14.56 -43.30
N GLY D 577 16.70 -14.52 -43.20
CA GLY D 577 17.32 -13.74 -42.16
C GLY D 577 17.06 -14.34 -40.79
N ALA D 578 16.85 -13.47 -39.81
CA ALA D 578 16.58 -13.90 -38.45
C ALA D 578 15.12 -14.27 -38.22
N THR D 579 14.25 -14.08 -39.21
CA THR D 579 12.83 -14.35 -39.02
C THR D 579 12.55 -15.82 -38.79
N PHE D 580 13.28 -16.69 -39.50
CA PHE D 580 13.08 -18.13 -39.37
C PHE D 580 13.38 -18.62 -37.96
N ASP D 581 14.49 -18.16 -37.38
CA ASP D 581 14.81 -18.51 -36.00
C ASP D 581 13.85 -17.86 -35.02
N VAL D 582 13.59 -16.57 -35.20
CA VAL D 582 12.91 -15.79 -34.18
C VAL D 582 11.45 -16.19 -34.06
N ALA D 583 10.80 -16.50 -35.20
CA ALA D 583 9.41 -16.95 -35.16
C ALA D 583 9.25 -18.19 -34.29
N TYR D 584 10.06 -19.22 -34.56
CA TYR D 584 10.06 -20.45 -33.77
C TYR D 584 10.41 -20.18 -32.31
N ARG D 585 11.43 -19.37 -32.07
CA ARG D 585 11.99 -19.24 -30.72
C ARG D 585 11.11 -18.35 -29.83
N PHE D 586 10.86 -17.11 -30.25
CA PHE D 586 10.15 -16.15 -29.45
C PHE D 586 8.69 -15.99 -29.83
N LEU D 587 8.34 -16.11 -31.11
CA LEU D 587 6.95 -15.85 -31.48
C LEU D 587 6.08 -17.09 -31.41
N ASN D 588 6.70 -18.28 -31.30
CA ASN D 588 6.02 -19.56 -31.22
C ASN D 588 5.08 -19.77 -32.41
N GLU D 589 5.52 -19.38 -33.59
CA GLU D 589 4.81 -19.66 -34.82
C GLU D 589 5.79 -20.18 -35.85
N SER D 590 5.29 -21.02 -36.73
CA SER D 590 6.14 -21.61 -37.75
C SER D 590 6.36 -20.61 -38.88
N PRO D 591 7.61 -20.39 -39.30
CA PRO D 591 7.85 -19.59 -40.52
C PRO D 591 7.22 -20.20 -41.76
N TRP D 592 7.11 -21.53 -41.82
CA TRP D 592 6.43 -22.18 -42.93
C TRP D 592 4.94 -21.83 -42.94
N TYR D 593 4.31 -21.80 -41.77
CA TYR D 593 2.91 -21.41 -41.69
C TYR D 593 2.72 -19.96 -42.11
N ARG D 594 3.64 -19.08 -41.69
CA ARG D 594 3.61 -17.69 -42.13
C ARG D 594 3.74 -17.58 -43.64
N LEU D 595 4.65 -18.36 -44.23
CA LEU D 595 4.84 -18.35 -45.68
C LEU D 595 3.60 -18.83 -46.40
N ARG D 596 2.96 -19.88 -45.89
CA ARG D 596 1.75 -20.40 -46.53
C ARG D 596 0.60 -19.39 -46.46
N LYS D 597 0.38 -18.80 -45.28
CA LYS D 597 -0.70 -17.83 -45.13
C LYS D 597 -0.47 -16.60 -45.99
N LEU D 598 0.76 -16.08 -46.01
CA LEU D 598 1.07 -14.92 -46.84
C LEU D 598 0.98 -15.25 -48.32
N ARG D 599 1.39 -16.46 -48.71
CA ARG D 599 1.29 -16.87 -50.11
C ARG D 599 -0.16 -16.94 -50.57
N LYS D 600 -1.03 -17.46 -49.72
CA LYS D 600 -2.46 -17.45 -50.04
C LYS D 600 -3.00 -16.03 -50.10
N LEU D 601 -2.56 -15.16 -49.19
CA LEU D 601 -3.07 -13.79 -49.17
C LEU D 601 -2.48 -12.92 -50.27
N MET D 602 -1.32 -13.29 -50.82
CA MET D 602 -0.58 -12.46 -51.76
C MET D 602 -0.27 -13.26 -53.01
N PRO D 603 -1.27 -13.54 -53.87
CA PRO D 603 -1.02 -14.41 -55.01
C PRO D 603 -0.18 -13.76 -56.10
N ASN D 604 -0.31 -12.45 -56.31
CA ASN D 604 0.38 -11.75 -57.38
C ASN D 604 1.61 -11.02 -56.91
N THR D 605 2.03 -11.24 -55.67
CA THR D 605 3.21 -10.59 -55.12
C THR D 605 4.34 -11.62 -55.07
N MET D 606 5.44 -11.30 -55.74
CA MET D 606 6.56 -12.22 -55.81
C MET D 606 7.31 -12.21 -54.49
N PHE D 607 7.60 -13.39 -53.96
CA PHE D 607 8.11 -13.54 -52.61
C PHE D 607 9.62 -13.71 -52.63
N GLN D 608 10.31 -12.95 -51.77
CA GLN D 608 11.75 -12.95 -51.69
C GLN D 608 12.20 -13.36 -50.30
N MET D 609 13.24 -14.19 -50.23
CA MET D 609 13.83 -14.61 -48.97
C MET D 609 15.31 -14.28 -48.98
N LEU D 610 15.87 -14.14 -47.78
CA LEU D 610 17.30 -13.94 -47.60
C LEU D 610 17.94 -15.29 -47.31
N PHE D 611 18.81 -15.73 -48.20
CA PHE D 611 19.47 -17.03 -48.11
C PHE D 611 20.96 -16.82 -47.84
N ARG D 612 21.47 -17.47 -46.80
CA ARG D 612 22.87 -17.33 -46.41
C ARG D 612 23.77 -18.36 -47.08
N GLY D 613 23.36 -18.87 -48.23
CA GLY D 613 24.22 -19.73 -49.02
C GLY D 613 24.37 -21.11 -48.39
N SER D 614 25.56 -21.38 -47.87
CA SER D 614 25.81 -22.68 -47.24
C SER D 614 25.15 -22.78 -45.88
N ASN D 615 24.79 -21.63 -45.28
CA ASN D 615 24.15 -21.65 -43.98
C ASN D 615 22.63 -21.71 -44.09
N ALA D 616 22.08 -21.38 -45.26
CA ALA D 616 20.64 -21.30 -45.54
C ALA D 616 20.03 -20.28 -44.58
N VAL D 617 19.24 -20.68 -43.57
CA VAL D 617 18.78 -19.73 -42.56
C VAL D 617 19.42 -19.96 -41.22
N GLY D 618 20.43 -20.82 -41.13
CA GLY D 618 21.12 -21.08 -39.88
C GLY D 618 22.34 -20.18 -39.71
N TYR D 619 23.03 -20.41 -38.58
CA TYR D 619 24.26 -19.69 -38.28
C TYR D 619 25.50 -20.56 -38.50
N GLN D 620 25.34 -21.79 -38.93
CA GLN D 620 26.42 -22.74 -39.13
C GLN D 620 26.28 -23.37 -40.51
N ASN D 621 27.25 -24.20 -40.87
CA ASN D 621 27.28 -24.79 -42.19
C ASN D 621 26.59 -26.16 -42.19
N TYR D 622 25.83 -26.43 -43.24
CA TYR D 622 25.08 -27.67 -43.39
C TYR D 622 25.54 -28.41 -44.64
N PRO D 623 25.34 -29.72 -44.70
CA PRO D 623 25.68 -30.47 -45.92
C PRO D 623 24.86 -30.01 -47.12
N ASP D 624 25.37 -30.34 -48.31
CA ASP D 624 24.85 -29.76 -49.53
C ASP D 624 23.42 -30.22 -49.82
N ASN D 625 23.12 -31.49 -49.55
CA ASN D 625 21.78 -32.00 -49.81
C ASN D 625 20.74 -31.35 -48.90
N VAL D 626 21.14 -30.96 -47.69
CA VAL D 626 20.25 -30.23 -46.80
C VAL D 626 19.89 -28.88 -47.39
N ILE D 627 20.89 -28.19 -47.95
CA ILE D 627 20.66 -26.88 -48.58
C ILE D 627 19.76 -27.03 -49.80
N GLU D 628 20.01 -28.05 -50.63
CA GLU D 628 19.17 -28.27 -51.81
C GLU D 628 17.74 -28.62 -51.43
N GLU D 629 17.56 -29.43 -50.39
CA GLU D 629 16.21 -29.78 -49.94
C GLU D 629 15.49 -28.57 -49.38
N PHE D 630 16.19 -27.73 -48.61
CA PHE D 630 15.59 -26.50 -48.11
C PHE D 630 15.17 -25.60 -49.25
N ILE D 631 16.02 -25.46 -50.27
CA ILE D 631 15.68 -24.63 -51.42
C ILE D 631 14.46 -25.18 -52.15
N ARG D 632 14.41 -26.50 -52.32
CA ARG D 632 13.28 -27.12 -53.01
C ARG D 632 11.97 -26.92 -52.25
N VAL D 633 12.01 -27.11 -50.93
CA VAL D 633 10.79 -26.95 -50.13
C VAL D 633 10.37 -25.49 -50.07
N ALA D 634 11.33 -24.56 -49.93
CA ALA D 634 11.01 -23.14 -49.91
C ALA D 634 10.44 -22.67 -51.24
N ALA D 635 10.98 -23.16 -52.35
CA ALA D 635 10.46 -22.81 -53.67
C ALA D 635 9.07 -23.39 -53.89
N HIS D 636 8.84 -24.62 -53.40
CA HIS D 636 7.54 -25.24 -53.57
C HIS D 636 6.49 -24.57 -52.70
N GLU D 637 6.85 -24.11 -51.51
CA GLU D 637 5.89 -23.46 -50.63
C GLU D 637 5.68 -21.99 -50.96
N GLY D 638 6.45 -21.42 -51.88
CA GLY D 638 6.10 -20.11 -52.39
C GLY D 638 7.18 -19.05 -52.46
N ILE D 639 8.42 -19.39 -52.08
CA ILE D 639 9.51 -18.43 -52.21
C ILE D 639 9.92 -18.38 -53.67
N ASP D 640 9.88 -17.19 -54.26
CA ASP D 640 10.16 -17.03 -55.67
C ASP D 640 11.55 -16.46 -55.96
N VAL D 641 12.05 -15.57 -55.10
CA VAL D 641 13.36 -14.96 -55.27
C VAL D 641 14.22 -15.36 -54.09
N PHE D 642 15.42 -15.86 -54.39
CA PHE D 642 16.38 -16.26 -53.37
C PHE D 642 17.57 -15.33 -53.45
N ARG D 643 17.72 -14.46 -52.46
CA ARG D 643 18.89 -13.59 -52.39
C ARG D 643 19.97 -14.37 -51.65
N ILE D 644 20.89 -14.95 -52.42
CA ILE D 644 21.91 -15.83 -51.88
C ILE D 644 23.18 -15.02 -51.66
N PHE D 645 23.61 -14.91 -50.41
CA PHE D 645 24.85 -14.23 -50.08
C PHE D 645 25.73 -15.14 -49.23
N ASP D 646 27.00 -14.77 -49.13
CA ASP D 646 27.95 -15.39 -48.24
C ASP D 646 28.55 -14.32 -47.34
N SER D 647 28.83 -14.69 -46.08
CA SER D 647 29.35 -13.73 -45.13
C SER D 647 30.75 -13.24 -45.47
N LEU D 648 31.49 -13.98 -46.29
CA LEU D 648 32.83 -13.56 -46.69
C LEU D 648 32.95 -13.34 -48.20
N ASN D 649 31.82 -13.24 -48.90
CA ASN D 649 31.76 -13.06 -50.35
C ASN D 649 32.53 -14.16 -51.09
N TRP D 650 32.43 -15.38 -50.59
CA TRP D 650 33.14 -16.54 -51.13
C TRP D 650 32.20 -17.28 -52.07
N LEU D 651 32.49 -17.23 -53.37
CA LEU D 651 31.67 -17.90 -54.38
C LEU D 651 31.46 -19.40 -54.20
N PRO D 652 32.45 -20.22 -53.78
CA PRO D 652 32.16 -21.66 -53.58
C PRO D 652 31.06 -21.94 -52.58
N GLN D 653 30.86 -21.08 -51.59
CA GLN D 653 29.78 -21.29 -50.64
C GLN D 653 28.44 -20.77 -51.14
N MET D 654 28.37 -20.29 -52.38
CA MET D 654 27.11 -19.88 -52.98
C MET D 654 26.76 -20.60 -54.27
N GLU D 655 27.73 -21.30 -54.89
CA GLU D 655 27.48 -21.92 -56.20
C GLU D 655 26.36 -22.96 -56.14
N LYS D 656 26.40 -23.84 -55.13
CA LYS D 656 25.41 -24.91 -55.04
C LYS D 656 24.02 -24.36 -54.79
N SER D 657 23.91 -23.34 -53.93
CA SER D 657 22.62 -22.73 -53.66
C SER D 657 22.05 -22.05 -54.91
N ILE D 658 22.91 -21.34 -55.66
CA ILE D 658 22.46 -20.71 -56.89
C ILE D 658 21.98 -21.75 -57.89
N GLN D 659 22.72 -22.85 -58.01
CA GLN D 659 22.33 -23.92 -58.94
C GLN D 659 21.02 -24.56 -58.53
N ALA D 660 20.80 -24.79 -57.23
CA ALA D 660 19.56 -25.40 -56.78
C ALA D 660 18.37 -24.47 -57.02
N VAL D 661 18.54 -23.17 -56.79
CA VAL D 661 17.47 -22.22 -57.06
C VAL D 661 17.14 -22.19 -58.55
N ARG D 662 18.17 -22.25 -59.40
CA ARG D 662 17.92 -22.34 -60.84
C ARG D 662 17.20 -23.61 -61.21
N ASP D 663 17.55 -24.73 -60.56
CA ASP D 663 16.93 -26.00 -60.87
C ASP D 663 15.47 -26.05 -60.46
N ASN D 664 15.10 -25.32 -59.41
CA ASN D 664 13.72 -25.30 -58.95
C ASN D 664 12.86 -24.28 -59.68
N GLY D 665 13.36 -23.67 -60.76
CA GLY D 665 12.57 -22.77 -61.55
C GLY D 665 12.33 -21.40 -60.94
N LYS D 666 13.18 -20.97 -60.02
CA LYS D 666 13.01 -19.69 -59.34
C LYS D 666 14.12 -18.74 -59.76
N ILE D 667 14.16 -17.56 -59.14
CA ILE D 667 15.13 -16.52 -59.46
C ILE D 667 16.23 -16.55 -58.42
N ALA D 668 17.47 -16.75 -58.87
CA ALA D 668 18.63 -16.77 -58.00
C ALA D 668 19.28 -15.40 -58.04
N GLU D 669 19.38 -14.76 -56.88
CA GLU D 669 20.00 -13.46 -56.75
C GLU D 669 21.36 -13.65 -56.10
N ALA D 670 22.41 -13.66 -56.90
CA ALA D 670 23.76 -13.66 -56.36
C ALA D 670 24.05 -12.31 -55.73
N THR D 671 24.66 -12.33 -54.56
CA THR D 671 24.74 -11.14 -53.74
C THR D 671 26.17 -10.82 -53.37
N ILE D 672 26.57 -9.58 -53.59
CA ILE D 672 27.87 -9.06 -53.15
C ILE D 672 27.63 -8.23 -51.90
N CYS D 673 28.26 -8.63 -50.79
CA CYS D 673 28.22 -7.84 -49.58
C CYS D 673 29.21 -6.68 -49.71
N TYR D 674 28.70 -5.46 -49.66
CA TYR D 674 29.56 -4.29 -49.76
C TYR D 674 30.15 -3.96 -48.40
N THR D 675 31.43 -3.63 -48.39
CA THR D 675 32.11 -3.20 -47.18
C THR D 675 33.22 -2.23 -47.56
N GLY D 676 33.72 -1.51 -46.56
CA GLY D 676 34.81 -0.58 -46.81
C GLY D 676 34.33 0.66 -47.54
N ASP D 677 35.17 1.15 -48.44
CA ASP D 677 34.90 2.40 -49.15
C ASP D 677 35.69 2.38 -50.45
N ILE D 678 34.98 2.27 -51.58
CA ILE D 678 35.66 2.14 -52.87
C ILE D 678 36.29 3.45 -53.31
N LEU D 679 35.85 4.58 -52.77
CA LEU D 679 36.41 5.87 -53.15
C LEU D 679 37.48 6.33 -52.18
N ASP D 680 37.85 5.51 -51.21
CA ASP D 680 38.90 5.83 -50.25
C ASP D 680 40.16 5.05 -50.60
N PRO D 681 41.21 5.73 -51.09
CA PRO D 681 42.42 5.00 -51.51
C PRO D 681 43.19 4.38 -50.35
N SER D 682 42.95 4.83 -49.12
CA SER D 682 43.66 4.30 -47.96
C SER D 682 43.23 2.89 -47.59
N ARG D 683 42.14 2.38 -48.17
CA ARG D 683 41.63 1.04 -47.89
C ARG D 683 41.42 0.32 -49.21
N PRO D 684 42.48 -0.23 -49.79
CA PRO D 684 42.39 -0.82 -51.13
C PRO D 684 41.99 -2.29 -51.16
N LYS D 685 41.71 -2.90 -50.01
CA LYS D 685 41.35 -4.32 -49.97
C LYS D 685 40.05 -4.59 -50.70
N TYR D 686 39.05 -3.74 -50.51
CA TYR D 686 37.77 -3.85 -51.21
C TYR D 686 37.62 -2.59 -52.05
N ASN D 687 38.20 -2.62 -53.25
CA ASN D 687 38.13 -1.52 -54.19
C ASN D 687 37.20 -1.91 -55.33
N ILE D 688 37.11 -1.01 -56.32
CA ILE D 688 36.17 -1.18 -57.42
C ILE D 688 36.50 -2.44 -58.23
N GLN D 689 37.79 -2.73 -58.39
CA GLN D 689 38.19 -3.90 -59.16
C GLN D 689 37.82 -5.20 -58.47
N TYR D 690 37.88 -5.22 -57.13
CA TYR D 690 37.46 -6.40 -56.38
C TYR D 690 35.99 -6.71 -56.62
N TYR D 691 35.15 -5.68 -56.59
CA TYR D 691 33.72 -5.88 -56.83
C TYR D 691 33.45 -6.24 -58.28
N LYS D 692 34.21 -5.67 -59.22
CA LYS D 692 34.04 -6.01 -60.63
C LYS D 692 34.39 -7.47 -60.90
N ASP D 693 35.51 -7.94 -60.33
CA ASP D 693 35.89 -9.34 -60.50
C ASP D 693 34.90 -10.28 -59.84
N LEU D 694 34.42 -9.93 -58.65
CA LEU D 694 33.42 -10.74 -57.98
C LEU D 694 32.11 -10.77 -58.78
N ALA D 695 31.74 -9.66 -59.39
CA ALA D 695 30.53 -9.61 -60.21
C ALA D 695 30.68 -10.47 -61.46
N LYS D 696 31.86 -10.46 -62.09
CA LYS D 696 32.09 -11.34 -63.22
C LYS D 696 32.01 -12.80 -62.81
N GLU D 697 32.58 -13.14 -61.65
CA GLU D 697 32.51 -14.50 -61.15
C GLU D 697 31.10 -14.93 -60.82
N LEU D 698 30.27 -14.02 -60.30
CA LEU D 698 28.88 -14.34 -60.03
C LEU D 698 28.09 -14.48 -61.32
N GLU D 699 28.42 -13.67 -62.33
CA GLU D 699 27.81 -13.81 -63.65
C GLU D 699 28.22 -15.11 -64.33
N ALA D 700 29.37 -15.68 -63.96
CA ALA D 700 29.76 -16.98 -64.49
C ALA D 700 28.76 -18.06 -64.06
N THR D 701 28.31 -18.00 -62.82
CA THR D 701 27.16 -18.81 -62.42
C THR D 701 25.90 -18.27 -63.10
N GLY D 702 24.89 -19.12 -63.19
CA GLY D 702 23.69 -18.74 -63.91
C GLY D 702 22.71 -17.88 -63.13
N ALA D 703 23.20 -17.14 -62.14
CA ALA D 703 22.35 -16.30 -61.31
C ALA D 703 21.70 -15.21 -62.15
N HIS D 704 20.40 -15.00 -61.91
CA HIS D 704 19.61 -14.13 -62.77
C HIS D 704 19.86 -12.65 -62.49
N ILE D 705 19.99 -12.28 -61.22
CA ILE D 705 20.10 -10.88 -60.81
C ILE D 705 21.31 -10.74 -59.91
N LEU D 706 22.14 -9.73 -60.16
CA LEU D 706 23.24 -9.42 -59.26
C LEU D 706 22.74 -8.50 -58.16
N ALA D 707 22.99 -8.86 -56.91
CA ALA D 707 22.54 -8.10 -55.76
C ALA D 707 23.73 -7.46 -55.06
N VAL D 708 23.57 -6.21 -54.66
CA VAL D 708 24.57 -5.53 -53.86
C VAL D 708 24.00 -5.32 -52.46
N ASP D 710 24.35 -3.84 -48.97
CA ASP D 710 24.96 -2.90 -48.06
C ASP D 710 24.33 -3.10 -46.69
N MET D 711 24.82 -4.10 -45.96
CA MET D 711 24.20 -4.53 -44.71
C MET D 711 24.32 -3.50 -43.60
N ALA D 712 25.32 -2.63 -43.64
CA ALA D 712 25.54 -1.65 -42.58
C ALA D 712 25.26 -0.22 -43.03
N GLY D 713 24.76 -0.03 -44.24
CA GLY D 713 24.58 1.32 -44.77
C GLY D 713 25.88 2.03 -45.04
N LEU D 714 26.89 1.32 -45.51
CA LEU D 714 28.21 1.89 -45.77
C LEU D 714 28.35 2.55 -47.13
N LEU D 715 27.41 2.33 -48.04
CA LEU D 715 27.56 2.78 -49.42
C LEU D 715 27.19 4.26 -49.51
N LYS D 716 28.20 5.10 -49.67
CA LYS D 716 27.99 6.53 -49.84
C LYS D 716 27.46 6.81 -51.25
N PRO D 717 26.73 7.92 -51.45
CA PRO D 717 26.06 8.14 -52.75
C PRO D 717 26.99 8.27 -53.94
N GLN D 718 28.13 8.95 -53.81
CA GLN D 718 29.09 9.00 -54.91
C GLN D 718 29.70 7.63 -55.15
N ALA D 719 30.01 6.92 -54.06
CA ALA D 719 30.47 5.54 -54.17
C ALA D 719 29.38 4.65 -54.76
N ALA D 720 28.12 4.94 -54.44
CA ALA D 720 27.02 4.18 -55.03
C ALA D 720 26.96 4.37 -56.53
N TYR D 721 27.08 5.62 -56.99
CA TYR D 721 27.05 5.89 -58.43
C TYR D 721 28.21 5.21 -59.13
N ARG D 722 29.42 5.32 -58.55
CA ARG D 722 30.59 4.72 -59.18
C ARG D 722 30.50 3.20 -59.22
N LEU D 723 30.11 2.58 -58.10
CA LEU D 723 30.02 1.12 -58.04
C LEU D 723 28.95 0.60 -58.98
N ILE D 724 27.77 1.22 -59.01
CA ILE D 724 26.70 0.73 -59.87
C ILE D 724 27.05 0.94 -61.34
N SER D 725 27.71 2.06 -61.67
CA SER D 725 28.13 2.28 -63.06
C SER D 725 29.16 1.24 -63.50
N GLU D 726 30.15 0.97 -62.65
CA GLU D 726 31.18 0.00 -63.00
C GLU D 726 30.64 -1.42 -63.05
N LEU D 727 29.63 -1.75 -62.22
CA LEU D 727 29.00 -3.06 -62.33
C LEU D 727 28.14 -3.15 -63.58
N LYS D 728 27.48 -2.06 -63.96
CA LYS D 728 26.64 -2.07 -65.14
C LYS D 728 27.46 -2.19 -66.42
N ASP D 729 28.68 -1.67 -66.44
CA ASP D 729 29.51 -1.89 -67.62
C ASP D 729 30.31 -3.19 -67.56
N THR D 730 30.21 -3.94 -66.46
CA THR D 730 30.91 -5.21 -66.31
C THR D 730 30.02 -6.41 -66.64
N VAL D 731 28.81 -6.44 -66.12
CA VAL D 731 27.91 -7.58 -66.29
C VAL D 731 26.63 -7.09 -66.94
N ASP D 732 25.87 -8.04 -67.50
CA ASP D 732 24.58 -7.73 -68.11
C ASP D 732 23.42 -8.04 -67.19
N LEU D 733 23.68 -8.63 -66.02
CA LEU D 733 22.60 -8.95 -65.08
C LEU D 733 21.99 -7.67 -64.53
N PRO D 734 20.68 -7.67 -64.27
CA PRO D 734 20.08 -6.54 -63.56
C PRO D 734 20.64 -6.42 -62.16
N ILE D 735 20.71 -5.19 -61.67
CA ILE D 735 21.36 -4.88 -60.41
C ILE D 735 20.28 -4.61 -59.36
N HIS D 736 20.40 -5.29 -58.22
CA HIS D 736 19.48 -5.10 -57.10
C HIS D 736 20.29 -4.53 -55.93
N LEU D 737 19.99 -3.30 -55.55
CA LEU D 737 20.69 -2.64 -54.45
C LEU D 737 19.87 -2.73 -53.17
N HIS D 738 20.54 -3.08 -52.08
CA HIS D 738 19.92 -3.16 -50.76
C HIS D 738 20.82 -2.42 -49.78
N THR D 739 20.31 -1.34 -49.20
CA THR D 739 21.08 -0.56 -48.24
C THR D 739 20.24 -0.28 -47.01
N HIS D 740 20.92 0.15 -45.94
CA HIS D 740 20.28 0.61 -44.73
C HIS D 740 20.50 2.12 -44.59
N ASP D 741 19.57 2.77 -43.90
CA ASP D 741 19.57 4.22 -43.74
C ASP D 741 20.22 4.65 -42.42
N THR D 742 21.20 3.87 -41.95
CA THR D 742 21.76 4.08 -40.61
C THR D 742 22.43 5.45 -40.50
N SER D 743 23.18 5.83 -41.52
CA SER D 743 23.83 7.13 -41.53
C SER D 743 22.92 8.25 -42.01
N GLY D 744 21.67 7.95 -42.35
CA GLY D 744 20.78 8.96 -42.89
C GLY D 744 20.97 9.26 -44.36
N ASN D 745 21.81 8.49 -45.06
CA ASN D 745 22.12 8.75 -46.46
C ASN D 745 21.53 7.69 -47.39
N GLY D 746 20.52 6.96 -46.95
CA GLY D 746 19.98 5.88 -47.78
C GLY D 746 19.24 6.39 -49.01
N ILE D 747 18.46 7.45 -48.86
CA ILE D 747 17.69 7.99 -49.97
C ILE D 747 18.62 8.55 -51.05
N ILE D 748 19.62 9.31 -50.64
CA ILE D 748 20.54 9.91 -51.60
C ILE D 748 21.42 8.83 -52.25
N THR D 749 21.77 7.78 -51.50
CA THR D 749 22.50 6.65 -52.07
C THR D 749 21.65 5.94 -53.13
N TYR D 750 20.36 5.75 -52.83
CA TYR D 750 19.46 5.11 -53.79
C TYR D 750 19.29 5.96 -55.04
N SER D 751 19.18 7.28 -54.87
CA SER D 751 19.05 8.15 -56.03
C SER D 751 20.32 8.19 -56.86
N GLY D 752 21.48 8.16 -56.21
CA GLY D 752 22.73 8.08 -56.93
C GLY D 752 22.88 6.79 -57.71
N ALA D 753 22.43 5.68 -57.13
CA ALA D 753 22.42 4.42 -57.87
C ALA D 753 21.39 4.43 -58.98
N THR D 754 20.28 5.14 -58.78
CA THR D 754 19.26 5.29 -59.82
C THR D 754 19.82 6.06 -61.01
N GLN D 755 20.65 7.08 -60.76
CA GLN D 755 21.33 7.77 -61.85
C GLN D 755 22.27 6.84 -62.59
N ALA D 756 22.98 5.98 -61.86
CA ALA D 756 23.92 5.05 -62.48
C ALA D 756 23.24 3.89 -63.19
N GLY D 757 21.94 3.70 -63.00
CA GLY D 757 21.20 2.68 -63.70
C GLY D 757 20.85 1.45 -62.90
N VAL D 758 20.65 1.57 -61.59
CA VAL D 758 20.24 0.42 -60.79
C VAL D 758 18.82 0.02 -61.17
N ASP D 759 18.53 -1.28 -61.08
CA ASP D 759 17.25 -1.79 -61.52
C ASP D 759 16.23 -1.87 -60.39
N ILE D 760 16.59 -2.51 -59.28
CA ILE D 760 15.69 -2.70 -58.15
C ILE D 760 16.40 -2.20 -56.89
N ILE D 761 15.64 -1.50 -56.04
CA ILE D 761 16.16 -1.03 -54.75
C ILE D 761 15.22 -1.50 -53.65
N ASP D 762 15.81 -1.78 -52.48
CA ASP D 762 15.08 -2.31 -51.34
C ASP D 762 14.58 -1.16 -50.47
N VAL D 763 13.26 -1.08 -50.32
CA VAL D 763 12.64 -0.01 -49.54
C VAL D 763 11.72 -0.63 -48.49
N ALA D 764 11.40 0.16 -47.48
CA ALA D 764 10.46 -0.22 -46.45
C ALA D 764 9.33 0.80 -46.43
N THR D 765 8.22 0.42 -45.81
CA THR D 765 7.15 1.40 -45.60
C THR D 765 7.63 2.47 -44.61
N ALA D 766 7.03 3.65 -44.72
CA ALA D 766 7.55 4.83 -44.04
C ALA D 766 7.53 4.67 -42.53
N SER D 767 6.51 4.00 -41.99
CA SER D 767 6.39 3.82 -40.55
C SER D 767 7.39 2.80 -40.00
N LEU D 768 8.00 1.99 -40.86
CA LEU D 768 9.03 1.05 -40.45
C LEU D 768 10.34 1.32 -41.19
N ALA D 769 10.55 2.56 -41.61
CA ALA D 769 11.74 2.96 -42.34
C ALA D 769 12.61 3.88 -41.47
N GLY D 770 13.78 4.22 -42.01
CA GLY D 770 14.70 5.09 -41.32
C GLY D 770 15.45 4.37 -40.22
N GLY D 771 16.49 5.05 -39.72
CA GLY D 771 17.34 4.43 -38.73
C GLY D 771 18.06 3.23 -39.33
N THR D 772 18.10 2.14 -38.57
CA THR D 772 18.77 0.94 -39.04
C THR D 772 18.00 0.22 -40.14
N SER D 773 16.78 0.62 -40.43
CA SER D 773 15.96 -0.02 -41.44
C SER D 773 16.24 0.58 -42.83
N GLN D 774 15.47 0.16 -43.83
CA GLN D 774 15.63 0.61 -45.20
C GLN D 774 15.06 2.02 -45.38
N PRO D 775 15.45 2.71 -46.46
CA PRO D 775 14.79 3.98 -46.78
C PRO D 775 13.32 3.80 -47.13
N SER D 776 12.55 4.85 -46.88
CA SER D 776 11.10 4.79 -47.11
C SER D 776 10.77 4.75 -48.60
N MET D 777 9.78 3.92 -48.95
CA MET D 777 9.35 3.82 -50.34
C MET D 777 8.59 5.07 -50.78
N GLN D 778 7.85 5.71 -49.87
CA GLN D 778 7.19 6.97 -50.19
C GLN D 778 8.21 8.08 -50.40
N SER D 779 9.23 8.11 -49.54
CA SER D 779 10.30 9.10 -49.68
C SER D 779 11.08 8.89 -50.96
N ILE D 780 11.34 7.63 -51.34
CA ILE D 780 12.07 7.39 -52.58
C ILE D 780 11.18 7.64 -53.80
N TYR D 781 9.86 7.57 -53.67
CA TYR D 781 9.02 8.03 -54.76
C TYR D 781 9.14 9.53 -54.96
N TYR D 782 9.01 10.29 -53.87
CA TYR D 782 9.04 11.74 -54.01
C TYR D 782 10.43 12.29 -54.26
N ALA D 783 11.47 11.50 -53.98
CA ALA D 783 12.83 11.91 -54.31
C ALA D 783 13.10 11.86 -55.81
N LEU D 784 12.48 10.89 -56.50
CA LEU D 784 12.69 10.69 -57.93
C LEU D 784 11.47 11.07 -58.76
N GLU D 785 10.61 11.96 -58.24
CA GLU D 785 9.31 12.19 -58.86
C GLU D 785 9.43 12.86 -60.22
N HIS D 786 10.33 13.83 -60.37
CA HIS D 786 10.45 14.57 -61.61
C HIS D 786 11.83 14.42 -62.24
N GLY D 787 12.57 13.39 -61.88
CA GLY D 787 13.86 13.12 -62.47
C GLY D 787 13.72 12.31 -63.75
N PRO D 788 14.85 11.86 -64.29
CA PRO D 788 14.79 11.03 -65.51
C PRO D 788 14.15 9.68 -65.28
N ARG D 789 14.40 9.06 -64.14
CA ARG D 789 13.81 7.76 -63.81
C ARG D 789 12.92 7.91 -62.58
N HIS D 790 11.71 7.41 -62.68
CA HIS D 790 10.77 7.45 -61.57
C HIS D 790 10.79 6.14 -60.81
N ALA D 791 10.16 6.14 -59.65
CA ALA D 791 9.97 4.94 -58.86
C ALA D 791 8.63 4.31 -59.24
N SER D 792 8.66 3.05 -59.65
CA SER D 792 7.46 2.35 -60.07
C SER D 792 6.70 1.89 -58.83
N ILE D 793 5.78 2.74 -58.37
CA ILE D 793 4.96 2.43 -57.21
C ILE D 793 3.73 3.34 -57.26
N ASN D 794 2.64 2.87 -56.65
CA ASN D 794 1.47 3.70 -56.40
C ASN D 794 1.66 4.31 -55.01
N VAL D 795 2.04 5.59 -54.98
CA VAL D 795 2.43 6.20 -53.71
C VAL D 795 1.22 6.54 -52.84
N LYS D 796 0.05 6.76 -53.42
CA LYS D 796 -1.13 7.01 -52.59
C LYS D 796 -1.55 5.74 -51.86
N ASN D 797 -1.51 4.60 -52.56
CA ASN D 797 -1.81 3.33 -51.93
C ASN D 797 -0.76 2.98 -50.88
N ALA D 798 0.51 3.28 -51.15
CA ALA D 798 1.57 3.04 -50.18
C ALA D 798 1.37 3.90 -48.94
N GLU D 799 0.98 5.17 -49.12
CA GLU D 799 0.71 6.05 -47.99
C GLU D 799 -0.51 5.59 -47.21
N GLN D 800 -1.48 4.97 -47.89
CA GLN D 800 -2.63 4.41 -47.16
C GLN D 800 -2.24 3.19 -46.34
N ILE D 801 -1.40 2.31 -46.91
CA ILE D 801 -0.94 1.12 -46.20
C ILE D 801 -0.05 1.50 -45.01
N ASP D 802 0.68 2.61 -45.14
CA ASP D 802 1.55 3.07 -44.06
C ASP D 802 0.77 3.47 -42.82
N HIS D 803 -0.51 3.84 -42.94
CA HIS D 803 -1.31 4.12 -41.76
C HIS D 803 -1.53 2.85 -40.93
N TYR D 804 -1.83 1.73 -41.60
CA TYR D 804 -1.91 0.46 -40.89
C TYR D 804 -0.59 0.11 -40.24
N TRP D 805 0.51 0.29 -40.96
CA TRP D 805 1.81 -0.08 -40.39
C TRP D 805 2.15 0.80 -39.19
N GLU D 806 1.81 2.09 -39.25
CA GLU D 806 1.97 3.00 -38.11
C GLU D 806 1.15 2.55 -36.92
N ASP D 807 -0.10 2.14 -37.16
CA ASP D 807 -0.96 1.71 -36.06
C ASP D 807 -0.45 0.43 -35.42
N VAL D 808 0.00 -0.54 -36.23
CA VAL D 808 0.43 -1.82 -35.64
C VAL D 808 1.84 -1.75 -35.09
N ARG D 809 2.62 -0.71 -35.42
CA ARG D 809 3.92 -0.56 -34.76
C ARG D 809 3.77 -0.28 -33.27
N LYS D 810 2.68 0.37 -32.87
CA LYS D 810 2.44 0.67 -31.47
C LYS D 810 2.26 -0.58 -30.62
N TYR D 811 1.88 -1.71 -31.21
CA TYR D 811 1.78 -2.96 -30.48
C TYR D 811 3.13 -3.46 -30.00
N TYR D 812 4.21 -3.04 -30.65
CA TYR D 812 5.55 -3.57 -30.39
C TYR D 812 6.42 -2.57 -29.66
N ALA D 813 5.81 -1.76 -28.79
CA ALA D 813 6.57 -0.85 -27.94
C ALA D 813 7.63 -1.51 -27.06
N PRO D 814 7.41 -2.69 -26.43
CA PRO D 814 8.51 -3.30 -25.67
C PRO D 814 9.70 -3.73 -26.51
N PHE D 815 9.55 -3.88 -27.83
CA PHE D 815 10.64 -4.30 -28.69
C PHE D 815 11.31 -3.15 -29.41
N GLU D 816 10.93 -1.91 -29.12
CA GLU D 816 11.54 -0.76 -29.77
C GLU D 816 12.97 -0.55 -29.30
N ALA D 817 13.85 -0.22 -30.24
CA ALA D 817 15.24 0.04 -29.89
C ALA D 817 15.40 1.31 -29.09
N GLY D 818 14.45 2.24 -29.20
CA GLY D 818 14.51 3.46 -28.43
C GLY D 818 14.55 4.69 -29.33
N ILE D 819 15.14 5.77 -28.82
CA ILE D 819 15.28 6.98 -29.60
C ILE D 819 16.33 6.77 -30.69
N THR D 820 16.03 7.25 -31.90
CA THR D 820 16.83 6.93 -33.06
C THR D 820 17.09 8.18 -33.88
N SER D 821 18.37 8.45 -34.13
CA SER D 821 18.86 9.56 -34.92
C SER D 821 19.88 9.00 -35.91
N PRO D 822 20.12 9.69 -37.03
CA PRO D 822 21.19 9.24 -37.94
C PRO D 822 22.55 9.30 -37.26
N GLN D 823 23.36 8.28 -37.52
CA GLN D 823 24.69 8.19 -36.94
C GLN D 823 25.69 7.83 -38.03
N THR D 824 26.60 8.74 -38.31
CA THR D 824 27.65 8.51 -39.30
C THR D 824 28.84 7.76 -38.72
N GLU D 825 28.79 7.39 -37.44
CA GLU D 825 29.83 6.55 -36.86
C GLU D 825 29.77 5.13 -37.39
N VAL D 826 28.68 4.75 -38.07
CA VAL D 826 28.63 3.47 -38.76
C VAL D 826 29.66 3.41 -39.89
N TYR D 827 30.11 4.56 -40.41
CA TYR D 827 31.21 4.55 -41.36
C TYR D 827 32.53 4.16 -40.69
N MET D 828 32.61 4.23 -39.37
CA MET D 828 33.82 3.88 -38.64
C MET D 828 33.81 2.41 -38.21
N HIS D 829 32.82 2.01 -37.42
CA HIS D 829 32.83 0.66 -36.86
C HIS D 829 32.17 -0.37 -37.77
N GLU D 830 31.32 0.06 -38.71
CA GLU D 830 30.76 -0.78 -39.77
C GLU D 830 29.94 -1.96 -39.23
N MET D 831 29.34 -1.80 -38.05
CA MET D 831 28.42 -2.82 -37.58
C MET D 831 27.13 -2.76 -38.37
N PRO D 832 26.54 -3.90 -38.72
CA PRO D 832 25.14 -3.91 -39.16
C PRO D 832 24.23 -3.61 -37.97
N GLY D 833 22.99 -3.26 -38.29
CA GLY D 833 22.07 -2.83 -37.25
C GLY D 833 21.76 -3.91 -36.24
N GLY D 834 21.56 -5.15 -36.71
CA GLY D 834 21.28 -6.24 -35.80
C GLY D 834 22.46 -6.55 -34.89
N GLN D 835 23.67 -6.55 -35.45
CA GLN D 835 24.86 -6.77 -34.64
C GLN D 835 25.05 -5.63 -33.63
N TYR D 836 24.74 -4.40 -34.04
CA TYR D 836 24.82 -3.26 -33.14
C TYR D 836 23.87 -3.42 -31.96
N THR D 837 22.59 -3.68 -32.23
CA THR D 837 21.60 -3.81 -31.17
C THR D 837 21.90 -4.99 -30.25
N ASN D 838 22.26 -6.14 -30.84
CA ASN D 838 22.54 -7.32 -30.03
C ASN D 838 23.79 -7.15 -29.18
N LEU D 839 24.85 -6.57 -29.75
CA LEU D 839 26.07 -6.45 -28.98
C LEU D 839 25.90 -5.38 -27.91
N LYS D 840 25.11 -4.34 -28.18
CA LYS D 840 24.80 -3.35 -27.15
C LYS D 840 24.02 -3.98 -26.00
N SER D 841 23.06 -4.86 -26.33
CA SER D 841 22.33 -5.56 -25.29
C SER D 841 23.25 -6.45 -24.45
N GLN D 842 24.17 -7.15 -25.11
CA GLN D 842 25.11 -8.01 -24.39
C GLN D 842 26.03 -7.20 -23.49
N ALA D 843 26.56 -6.09 -24.01
CA ALA D 843 27.51 -5.27 -23.24
C ALA D 843 26.84 -4.59 -22.07
N ALA D 844 25.60 -4.12 -22.25
CA ALA D 844 24.87 -3.54 -21.13
C ALA D 844 24.46 -4.58 -20.12
N ALA D 845 24.20 -5.82 -20.57
CA ALA D 845 23.81 -6.88 -19.64
C ALA D 845 24.98 -7.29 -18.74
N VAL D 846 26.22 -7.18 -19.24
CA VAL D 846 27.38 -7.62 -18.49
C VAL D 846 28.09 -6.46 -17.78
N GLY D 847 27.44 -5.30 -17.71
CA GLY D 847 27.99 -4.18 -16.96
C GLY D 847 28.98 -3.30 -17.68
N LEU D 848 29.18 -3.51 -18.98
CA LEU D 848 30.07 -2.67 -19.77
C LEU D 848 29.32 -1.67 -20.64
N GLY D 849 28.05 -1.39 -20.31
CA GLY D 849 27.27 -0.46 -21.10
C GLY D 849 27.78 0.96 -21.04
N HIS D 850 28.47 1.31 -19.95
CA HIS D 850 29.08 2.64 -19.86
C HIS D 850 30.31 2.76 -20.74
N ARG D 851 30.88 1.65 -21.18
CA ARG D 851 32.06 1.65 -22.06
C ARG D 851 31.70 1.25 -23.49
N PHE D 852 30.52 1.65 -23.97
CA PHE D 852 30.09 1.22 -25.29
C PHE D 852 30.86 1.94 -26.39
N ASP D 853 31.38 3.14 -26.12
CA ASP D 853 32.26 3.79 -27.09
C ASP D 853 33.56 3.00 -27.24
N GLU D 854 34.10 2.51 -26.12
CA GLU D 854 35.24 1.61 -26.17
C GLU D 854 34.89 0.31 -26.87
N ILE D 855 33.65 -0.15 -26.71
CA ILE D 855 33.17 -1.33 -27.42
C ILE D 855 33.21 -1.12 -28.93
N LYS D 856 32.71 0.03 -29.40
CA LYS D 856 32.67 0.31 -30.83
C LYS D 856 34.07 0.49 -31.42
N GLN D 857 34.93 1.22 -30.70
CA GLN D 857 36.31 1.38 -31.15
C GLN D 857 37.04 0.05 -31.17
N MET D 858 36.77 -0.83 -30.20
CA MET D 858 37.46 -2.10 -30.19
C MET D 858 36.88 -3.04 -31.25
N TYR D 859 35.60 -2.88 -31.59
CA TYR D 859 35.03 -3.58 -32.74
C TYR D 859 35.75 -3.19 -34.02
N ARG D 860 35.99 -1.89 -34.21
CA ARG D 860 36.73 -1.44 -35.39
C ARG D 860 38.15 -1.99 -35.41
N LYS D 861 38.83 -1.95 -34.25
CA LYS D 861 40.21 -2.43 -34.19
C LYS D 861 40.27 -3.95 -34.35
N VAL D 862 39.30 -4.69 -33.84
CA VAL D 862 39.27 -6.13 -33.98
C VAL D 862 39.00 -6.51 -35.43
N ASN D 863 38.14 -5.75 -36.12
CA ASN D 863 37.95 -5.98 -37.55
C ASN D 863 39.24 -5.74 -38.32
N MET D 864 39.98 -4.67 -37.98
CA MET D 864 41.26 -4.44 -38.63
C MET D 864 42.27 -5.53 -38.31
N MET D 865 42.26 -6.05 -37.08
CA MET D 865 43.20 -7.07 -36.67
C MET D 865 42.91 -8.41 -37.34
N PHE D 866 41.64 -8.74 -37.52
CA PHE D 866 41.25 -9.98 -38.20
C PHE D 866 41.56 -9.95 -39.69
N GLY D 867 41.94 -8.80 -40.22
CA GLY D 867 42.28 -8.66 -41.61
C GLY D 867 41.28 -7.89 -42.44
N ASP D 868 40.49 -6.99 -41.83
CA ASP D 868 39.46 -6.19 -42.48
C ASP D 868 38.45 -7.09 -43.19
N ILE D 869 37.73 -7.87 -42.39
CA ILE D 869 36.83 -8.87 -42.93
C ILE D 869 35.47 -8.25 -43.23
N ILE D 870 34.67 -8.97 -44.01
CA ILE D 870 33.30 -8.57 -44.30
C ILE D 870 32.43 -8.91 -43.10
N LYS D 871 31.79 -7.89 -42.52
CA LYS D 871 31.05 -8.06 -41.28
C LYS D 871 29.56 -8.10 -41.59
N VAL D 872 29.02 -9.32 -41.61
CA VAL D 872 27.60 -9.57 -41.83
C VAL D 872 27.34 -10.95 -41.23
N THR D 873 26.07 -11.27 -41.01
CA THR D 873 25.70 -12.54 -40.39
C THR D 873 26.18 -13.71 -41.23
N PRO D 874 26.89 -14.68 -40.65
CA PRO D 874 27.32 -14.79 -39.24
C PRO D 874 28.69 -14.20 -38.91
N SER D 875 29.43 -13.66 -39.88
CA SER D 875 30.79 -13.22 -39.61
C SER D 875 30.86 -11.97 -38.75
N SER D 876 29.80 -11.15 -38.72
CA SER D 876 29.79 -9.97 -37.87
C SER D 876 29.69 -10.33 -36.40
N LYS D 877 28.99 -11.42 -36.07
CA LYS D 877 28.92 -11.86 -34.69
C LYS D 877 30.27 -12.36 -34.17
N VAL D 878 31.16 -12.79 -35.06
CA VAL D 878 32.51 -13.16 -34.65
C VAL D 878 33.26 -11.93 -34.11
N VAL D 879 33.19 -10.83 -34.87
CA VAL D 879 33.82 -9.58 -34.45
C VAL D 879 33.17 -9.06 -33.17
N GLY D 880 31.84 -9.17 -33.09
CA GLY D 880 31.15 -8.71 -31.89
C GLY D 880 31.51 -9.49 -30.64
N ASP D 881 31.55 -10.82 -30.76
CA ASP D 881 31.92 -11.66 -29.64
C ASP D 881 33.36 -11.43 -29.23
N MET D 882 34.25 -11.23 -30.20
CA MET D 882 35.66 -11.07 -29.85
C MET D 882 35.90 -9.71 -29.19
N ALA D 883 35.18 -8.67 -29.64
CA ALA D 883 35.27 -7.37 -28.98
C ALA D 883 34.72 -7.42 -27.57
N LEU D 884 33.60 -8.13 -27.38
CA LEU D 884 33.03 -8.32 -26.05
C LEU D 884 34.01 -9.04 -25.13
N PHE D 885 34.63 -10.10 -25.63
CA PHE D 885 35.64 -10.83 -24.86
C PHE D 885 36.84 -9.94 -24.54
N MET D 886 37.28 -9.13 -25.52
CA MET D 886 38.56 -8.46 -25.38
C MET D 886 38.43 -7.24 -24.47
N ILE D 887 37.23 -6.65 -24.40
CA ILE D 887 37.02 -5.56 -23.45
C ILE D 887 36.64 -6.11 -22.08
N GLN D 888 35.88 -7.21 -22.05
CA GLN D 888 35.51 -7.84 -20.78
C GLN D 888 36.74 -8.33 -20.01
N ASN D 889 37.72 -8.86 -20.71
CA ASN D 889 38.94 -9.32 -20.08
C ASN D 889 40.09 -8.33 -20.21
N ASP D 890 39.81 -7.10 -20.67
CA ASP D 890 40.75 -5.99 -20.70
C ASP D 890 41.99 -6.32 -21.53
N LEU D 891 41.78 -7.02 -22.64
CA LEU D 891 42.88 -7.39 -23.51
C LEU D 891 43.22 -6.23 -24.44
N THR D 892 44.30 -6.39 -25.20
CA THR D 892 44.80 -5.36 -26.09
C THR D 892 45.29 -6.09 -27.35
N GLU D 893 45.50 -5.33 -28.43
CA GLU D 893 45.97 -5.91 -29.70
C GLU D 893 47.32 -6.59 -29.53
N GLU D 894 48.28 -5.89 -28.91
CA GLU D 894 49.56 -6.53 -28.62
C GLU D 894 49.43 -7.60 -27.57
N ASP D 895 48.45 -7.48 -26.67
CA ASP D 895 48.24 -8.48 -25.63
C ASP D 895 47.80 -9.81 -26.22
N VAL D 896 46.89 -9.80 -27.20
CA VAL D 896 46.57 -11.05 -27.86
C VAL D 896 47.63 -11.46 -28.87
N TYR D 897 48.39 -10.51 -29.41
CA TYR D 897 49.42 -10.86 -30.39
C TYR D 897 50.63 -11.51 -29.74
N ALA D 898 50.90 -11.22 -28.47
CA ALA D 898 52.02 -11.84 -27.77
C ALA D 898 51.57 -12.70 -26.60
N ARG D 899 50.84 -12.14 -25.64
CA ARG D 899 50.42 -12.87 -24.45
C ARG D 899 49.31 -13.86 -24.75
N GLY D 900 48.56 -13.66 -25.83
CA GLY D 900 47.33 -14.40 -26.11
C GLY D 900 47.50 -15.87 -26.43
N ASN D 901 48.73 -16.41 -26.44
CA ASN D 901 48.90 -17.84 -26.67
C ASN D 901 48.35 -18.69 -25.55
N GLU D 902 48.20 -18.12 -24.36
CA GLU D 902 47.57 -18.81 -23.24
C GLU D 902 46.09 -18.48 -23.11
N LEU D 903 45.64 -17.41 -23.76
CA LEU D 903 44.27 -16.92 -23.58
C LEU D 903 43.25 -17.86 -24.19
N ASN D 904 42.16 -18.08 -23.46
CA ASN D 904 41.00 -18.75 -24.03
C ASN D 904 40.23 -17.76 -24.91
N PHE D 905 39.63 -18.28 -25.98
CA PHE D 905 38.92 -17.42 -26.90
C PHE D 905 37.49 -17.89 -27.08
N PRO D 906 36.56 -17.00 -27.41
CA PRO D 906 35.18 -17.42 -27.67
C PRO D 906 35.10 -18.34 -28.87
N GLU D 907 34.11 -19.23 -28.84
CA GLU D 907 34.04 -20.35 -29.78
C GLU D 907 33.75 -19.89 -31.21
N SER D 908 33.06 -18.77 -31.37
CA SER D 908 32.77 -18.27 -32.71
C SER D 908 34.03 -17.76 -33.39
N VAL D 909 34.95 -17.18 -32.62
CA VAL D 909 36.22 -16.72 -33.18
C VAL D 909 37.07 -17.89 -33.61
N VAL D 910 37.13 -18.93 -32.78
CA VAL D 910 37.89 -20.13 -33.12
C VAL D 910 37.28 -20.82 -34.33
N SER D 911 35.95 -20.91 -34.38
CA SER D 911 35.30 -21.50 -35.54
C SER D 911 35.52 -20.68 -36.80
N PHE D 912 35.59 -19.35 -36.69
CA PHE D 912 35.90 -18.54 -37.85
C PHE D 912 37.33 -18.77 -38.32
N PHE D 913 38.27 -18.87 -37.38
CA PHE D 913 39.68 -19.03 -37.73
C PHE D 913 40.04 -20.47 -38.13
N ARG D 914 39.16 -21.43 -37.88
CA ARG D 914 39.34 -22.79 -38.37
C ARG D 914 38.68 -23.00 -39.72
N GLY D 915 38.16 -21.96 -40.35
CA GLY D 915 37.57 -22.08 -41.66
C GLY D 915 36.18 -22.66 -41.69
N ASP D 916 35.46 -22.66 -40.57
CA ASP D 916 34.08 -23.14 -40.59
C ASP D 916 33.13 -22.17 -41.28
N LEU D 917 33.49 -20.89 -41.38
CA LEU D 917 32.69 -19.92 -42.12
C LEU D 917 33.17 -19.74 -43.55
N GLY D 918 34.23 -20.42 -43.95
CA GLY D 918 34.79 -20.27 -45.27
C GLY D 918 36.10 -19.51 -45.25
N GLN D 919 36.49 -19.02 -46.43
CA GLN D 919 37.79 -18.40 -46.61
C GLN D 919 37.63 -16.90 -46.79
N PRO D 920 38.22 -16.09 -45.92
CA PRO D 920 38.16 -14.64 -46.10
C PRO D 920 38.94 -14.19 -47.31
N VAL D 921 38.58 -13.02 -47.82
CA VAL D 921 39.30 -12.41 -48.93
C VAL D 921 40.70 -12.03 -48.45
N GLY D 922 41.71 -12.45 -49.20
CA GLY D 922 43.08 -12.22 -48.80
C GLY D 922 43.60 -13.18 -47.74
N GLY D 923 42.79 -14.16 -47.33
CA GLY D 923 43.24 -15.15 -46.38
C GLY D 923 43.29 -14.61 -44.96
N PHE D 924 43.54 -15.53 -44.03
CA PHE D 924 43.66 -15.19 -42.63
C PHE D 924 44.97 -14.45 -42.35
N PRO D 925 45.06 -13.73 -41.23
CA PRO D 925 46.35 -13.13 -40.84
C PRO D 925 47.45 -14.13 -40.51
N GLU D 926 47.12 -15.42 -40.36
CA GLU D 926 48.01 -16.58 -40.39
C GLU D 926 49.06 -16.64 -39.29
N LYS D 927 49.15 -15.64 -38.42
CA LYS D 927 49.96 -15.72 -37.22
C LYS D 927 49.08 -15.68 -35.98
N LEU D 928 48.22 -14.66 -35.89
CA LEU D 928 47.22 -14.65 -34.84
C LEU D 928 46.19 -15.74 -35.06
N GLN D 929 46.03 -16.22 -36.30
CA GLN D 929 45.27 -17.44 -36.54
C GLN D 929 45.89 -18.60 -35.76
N LYS D 930 47.21 -18.74 -35.86
CA LYS D 930 47.93 -19.77 -35.10
C LYS D 930 47.97 -19.47 -33.61
N ILE D 931 47.59 -18.25 -33.20
CA ILE D 931 47.43 -17.99 -31.77
C ILE D 931 46.07 -18.42 -31.26
N ILE D 932 44.99 -18.00 -31.94
CA ILE D 932 43.64 -18.38 -31.52
C ILE D 932 43.41 -19.88 -31.65
N VAL D 933 43.73 -20.46 -32.80
CA VAL D 933 43.68 -21.92 -32.89
C VAL D 933 45.00 -22.48 -32.38
N LYS D 934 44.92 -23.49 -31.52
CA LYS D 934 46.09 -24.03 -30.88
C LYS D 934 46.32 -25.50 -31.22
N ASP D 935 45.30 -26.33 -31.00
CA ASP D 935 45.39 -27.75 -31.26
C ASP D 935 44.31 -28.25 -32.20
N LYS D 936 43.21 -27.53 -32.37
CA LYS D 936 42.14 -27.96 -33.24
C LYS D 936 42.56 -27.82 -34.70
N ALA D 937 41.93 -28.64 -35.55
CA ALA D 937 42.31 -28.71 -36.95
C ALA D 937 41.60 -27.62 -37.73
N VAL D 938 42.36 -26.90 -38.55
CA VAL D 938 41.79 -25.91 -39.45
C VAL D 938 41.56 -26.55 -40.82
N ILE D 939 40.68 -25.94 -41.60
CA ILE D 939 40.42 -26.36 -42.97
C ILE D 939 40.60 -25.17 -43.87
N THR D 940 40.74 -25.44 -45.17
CA THR D 940 40.95 -24.39 -46.15
C THR D 940 40.00 -24.47 -47.34
N ASP D 941 39.07 -25.40 -47.32
CA ASP D 941 38.12 -25.59 -48.41
C ASP D 941 36.71 -25.34 -47.89
N ARG D 942 35.73 -25.68 -48.72
CA ARG D 942 34.33 -25.53 -48.35
C ARG D 942 34.00 -26.39 -47.13
N PRO D 943 33.45 -25.80 -46.06
CA PRO D 943 33.06 -26.60 -44.90
C PRO D 943 31.94 -27.58 -45.17
N GLY D 944 31.16 -27.37 -46.23
CA GLY D 944 30.14 -28.33 -46.60
C GLY D 944 30.69 -29.64 -47.12
N LEU D 945 31.93 -29.63 -47.63
CA LEU D 945 32.59 -30.87 -48.01
C LEU D 945 32.85 -31.74 -46.78
N HIS D 946 33.23 -31.12 -45.66
CA HIS D 946 33.52 -31.84 -44.43
C HIS D 946 32.30 -31.96 -43.53
N ALA D 947 31.11 -31.91 -44.08
CA ALA D 947 29.88 -31.99 -43.30
C ALA D 947 29.37 -33.42 -43.29
N GLU D 948 28.91 -33.87 -42.12
CA GLU D 948 28.37 -35.21 -41.98
C GLU D 948 27.10 -35.34 -42.80
N LYS D 949 26.99 -36.44 -43.56
CA LYS D 949 25.85 -36.64 -44.43
C LYS D 949 24.57 -36.84 -43.60
N VAL D 950 23.52 -36.12 -43.99
CA VAL D 950 22.22 -36.23 -43.35
C VAL D 950 21.30 -36.95 -44.31
N ASP D 951 20.77 -38.08 -43.88
CA ASP D 951 19.77 -38.83 -44.65
C ASP D 951 18.39 -38.46 -44.12
N PHE D 952 17.50 -38.09 -45.03
CA PHE D 952 16.22 -37.53 -44.63
C PHE D 952 15.25 -38.58 -44.10
N GLU D 953 15.43 -39.85 -44.46
CA GLU D 953 14.50 -40.88 -44.01
C GLU D 953 14.68 -41.18 -42.52
N THR D 954 15.93 -41.33 -42.08
CA THR D 954 16.17 -41.61 -40.66
C THR D 954 15.87 -40.39 -39.80
N VAL D 955 16.15 -39.19 -40.31
CA VAL D 955 15.79 -37.97 -39.59
C VAL D 955 14.28 -37.84 -39.49
N LYS D 956 13.56 -38.17 -40.57
CA LYS D 956 12.11 -38.12 -40.55
C LYS D 956 11.51 -39.12 -39.58
N ALA D 957 12.08 -40.34 -39.53
CA ALA D 957 11.61 -41.33 -38.58
C ALA D 957 11.89 -40.91 -37.14
N ASP D 958 13.08 -40.33 -36.90
CA ASP D 958 13.41 -39.85 -35.56
C ASP D 958 12.51 -38.70 -35.14
N LEU D 959 12.12 -37.84 -36.08
CA LEU D 959 11.20 -36.76 -35.77
C LEU D 959 9.80 -37.29 -35.51
N GLU D 960 9.37 -38.29 -36.28
CA GLU D 960 8.09 -38.95 -36.03
C GLU D 960 8.09 -39.63 -34.67
N GLN D 961 9.25 -40.07 -34.20
CA GLN D 961 9.34 -40.53 -32.81
C GLN D 961 9.24 -39.37 -31.83
N LYS D 962 9.93 -38.26 -32.12
CA LYS D 962 10.04 -37.18 -31.13
C LYS D 962 8.74 -36.39 -31.00
N ILE D 963 8.13 -36.04 -32.12
CA ILE D 963 6.83 -35.36 -32.12
C ILE D 963 5.77 -36.38 -32.48
N GLY D 964 4.54 -36.13 -32.04
CA GLY D 964 3.55 -37.20 -32.08
C GLY D 964 2.84 -37.44 -33.40
N TYR D 965 3.49 -37.16 -34.52
CA TYR D 965 2.85 -37.33 -35.81
C TYR D 965 3.91 -37.39 -36.89
N GLU D 966 3.48 -37.76 -38.10
CA GLU D 966 4.36 -37.79 -39.25
C GLU D 966 4.64 -36.36 -39.72
N PRO D 967 5.90 -35.92 -39.75
CA PRO D 967 6.18 -34.54 -40.13
C PRO D 967 6.25 -34.38 -41.65
N GLY D 968 5.99 -33.15 -42.08
CA GLY D 968 6.15 -32.79 -43.47
C GLY D 968 7.61 -32.57 -43.82
N ASP D 969 7.84 -32.31 -45.11
CA ASP D 969 9.19 -32.02 -45.58
C ASP D 969 9.71 -30.72 -44.96
N HIS D 970 8.84 -29.73 -44.83
CA HIS D 970 9.25 -28.48 -44.21
C HIS D 970 9.59 -28.67 -42.74
N GLU D 971 8.83 -29.50 -42.04
CA GLU D 971 9.11 -29.77 -40.63
C GLU D 971 10.42 -30.53 -40.47
N VAL D 972 10.69 -31.47 -41.38
CA VAL D 972 11.95 -32.23 -41.33
C VAL D 972 13.14 -31.30 -41.58
N ILE D 973 13.03 -30.46 -42.61
CA ILE D 973 14.14 -29.59 -42.95
C ILE D 973 14.34 -28.51 -41.89
N SER D 974 13.27 -28.07 -41.22
CA SER D 974 13.44 -27.12 -40.12
C SER D 974 14.00 -27.78 -38.87
N TYR D 975 13.68 -29.07 -38.66
CA TYR D 975 14.29 -29.82 -37.57
C TYR D 975 15.78 -30.04 -37.80
N ILE D 976 16.19 -30.17 -39.07
CA ILE D 976 17.61 -30.34 -39.35
C ILE D 976 18.40 -29.07 -39.00
N MET D 977 17.89 -27.91 -39.42
CA MET D 977 18.62 -26.67 -39.16
C MET D 977 18.59 -26.28 -37.69
N TYR D 978 17.43 -26.33 -37.06
CA TYR D 978 17.27 -25.90 -35.67
C TYR D 978 16.66 -27.05 -34.90
N PRO D 979 17.48 -28.01 -34.44
CA PRO D 979 16.94 -29.18 -33.76
C PRO D 979 16.26 -28.87 -32.44
N GLN D 980 16.97 -28.19 -31.53
CA GLN D 980 16.39 -27.89 -30.22
C GLN D 980 15.29 -26.84 -30.32
N VAL D 981 15.43 -25.89 -31.23
CA VAL D 981 14.46 -24.82 -31.38
C VAL D 981 13.14 -25.36 -31.91
N PHE D 982 13.19 -26.26 -32.89
CA PHE D 982 11.98 -26.87 -33.42
C PHE D 982 11.29 -27.75 -32.39
N LEU D 983 12.07 -28.47 -31.59
CA LEU D 983 11.48 -29.31 -30.55
C LEU D 983 10.85 -28.48 -29.45
N ASP D 984 11.47 -27.36 -29.07
CA ASP D 984 10.86 -26.45 -28.11
C ASP D 984 9.60 -25.82 -28.67
N TYR D 985 9.60 -25.51 -29.97
CA TYR D 985 8.40 -24.99 -30.61
C TYR D 985 7.29 -26.03 -30.61
N GLN D 986 7.63 -27.30 -30.84
CA GLN D 986 6.63 -28.35 -30.82
C GLN D 986 6.07 -28.56 -29.42
N LYS D 987 6.94 -28.46 -28.41
CA LYS D 987 6.47 -28.56 -27.03
C LYS D 987 5.53 -27.40 -26.68
N MET D 988 5.87 -26.19 -27.12
CA MET D 988 4.98 -25.06 -26.89
C MET D 988 3.71 -25.16 -27.70
N GLN D 989 3.75 -25.82 -28.86
CA GLN D 989 2.52 -26.06 -29.61
C GLN D 989 1.63 -27.05 -28.88
N ARG D 990 2.23 -28.08 -28.27
CA ARG D 990 1.44 -29.05 -27.52
C ARG D 990 0.88 -28.45 -26.23
N GLU D 991 1.55 -27.45 -25.68
CA GLU D 991 1.09 -26.88 -24.42
C GLU D 991 0.15 -25.70 -24.60
N PHE D 992 0.52 -24.73 -25.45
CA PHE D 992 -0.24 -23.50 -25.61
C PHE D 992 -1.03 -23.41 -26.91
N GLY D 993 -0.78 -24.30 -27.86
CA GLY D 993 -1.51 -24.25 -29.10
C GLY D 993 -1.03 -23.14 -30.03
N ALA D 994 -1.86 -22.86 -31.03
CA ALA D 994 -1.54 -21.87 -32.06
C ALA D 994 -1.75 -20.47 -31.48
N VAL D 995 -0.73 -19.99 -30.77
CA VAL D 995 -0.77 -18.64 -30.23
C VAL D 995 -0.58 -17.57 -31.29
N THR D 996 -0.24 -17.96 -32.52
CA THR D 996 -0.13 -17.02 -33.62
C THR D 996 -1.47 -16.41 -34.02
N LEU D 997 -2.58 -17.02 -33.62
CA LEU D 997 -3.89 -16.50 -33.96
C LEU D 997 -4.32 -15.36 -33.05
N LEU D 998 -3.67 -15.19 -31.90
CA LEU D 998 -3.98 -14.07 -31.02
C LEU D 998 -3.52 -12.75 -31.63
N ASP D 999 -4.22 -11.68 -31.28
CA ASP D 999 -3.74 -10.35 -31.63
C ASP D 999 -2.53 -9.99 -30.76
N THR D 1000 -1.70 -9.09 -31.30
CA THR D 1000 -0.41 -8.80 -30.66
C THR D 1000 -0.50 -8.22 -29.24
N PRO D 1001 -1.37 -7.24 -28.91
CA PRO D 1001 -1.46 -6.85 -27.49
C PRO D 1001 -1.89 -7.97 -26.58
N THR D 1002 -2.81 -8.83 -27.04
CA THR D 1002 -3.18 -10.00 -26.25
C THR D 1002 -2.03 -11.00 -26.17
N PHE D 1003 -1.30 -11.16 -27.27
CA PHE D 1003 -0.18 -12.09 -27.31
C PHE D 1003 0.92 -11.68 -26.34
N LEU D 1004 1.17 -10.38 -26.22
CA LEU D 1004 2.27 -9.89 -25.39
C LEU D 1004 1.87 -9.63 -23.94
N HIS D 1005 0.63 -9.21 -23.69
CA HIS D 1005 0.24 -8.78 -22.35
C HIS D 1005 -0.86 -9.61 -21.73
N GLY D 1006 -1.35 -10.64 -22.41
CA GLY D 1006 -2.35 -11.50 -21.83
C GLY D 1006 -3.74 -10.90 -21.89
N MET D 1007 -4.33 -10.63 -20.72
CA MET D 1007 -5.72 -10.25 -20.69
C MET D 1007 -5.97 -9.39 -19.46
N ARG D 1008 -6.74 -8.33 -19.62
CA ARG D 1008 -7.09 -7.49 -18.49
C ARG D 1008 -8.35 -8.03 -17.80
N LEU D 1009 -8.59 -7.53 -16.59
CA LEU D 1009 -9.82 -7.85 -15.88
C LEU D 1009 -11.01 -7.25 -16.61
N ASN D 1010 -12.08 -8.04 -16.74
CA ASN D 1010 -13.32 -7.72 -17.44
C ASN D 1010 -13.12 -7.44 -18.93
N GLU D 1011 -11.96 -7.81 -19.48
CA GLU D 1011 -11.74 -7.67 -20.92
C GLU D 1011 -12.47 -8.76 -21.67
N LYS D 1012 -13.01 -8.42 -22.84
CA LYS D 1012 -13.59 -9.40 -23.77
C LYS D 1012 -12.73 -9.44 -25.02
N ILE D 1013 -12.23 -10.63 -25.35
CA ILE D 1013 -11.50 -10.83 -26.59
C ILE D 1013 -12.19 -11.93 -27.39
N GLU D 1014 -11.94 -11.90 -28.70
CA GLU D 1014 -12.46 -12.92 -29.61
C GLU D 1014 -11.29 -13.48 -30.41
N VAL D 1015 -11.10 -14.79 -30.33
CA VAL D 1015 -10.00 -15.46 -31.02
C VAL D 1015 -10.60 -16.36 -32.09
N GLN D 1016 -10.27 -16.07 -33.34
CA GLN D 1016 -10.74 -16.86 -34.48
C GLN D 1016 -9.74 -17.99 -34.68
N ILE D 1017 -10.09 -19.19 -34.21
CA ILE D 1017 -9.21 -20.33 -34.36
C ILE D 1017 -9.41 -21.04 -35.70
N GLU D 1018 -10.52 -20.80 -36.37
CA GLU D 1018 -10.82 -21.42 -37.66
C GLU D 1018 -11.86 -20.57 -38.36
N LYS D 1019 -12.08 -20.89 -39.63
CA LYS D 1019 -13.18 -20.28 -40.36
C LYS D 1019 -14.50 -20.75 -39.77
N GLY D 1020 -15.27 -19.83 -39.19
CA GLY D 1020 -16.52 -20.16 -38.56
C GLY D 1020 -16.43 -20.50 -37.09
N LYS D 1021 -15.23 -20.64 -36.54
CA LYS D 1021 -15.03 -20.90 -35.12
C LYS D 1021 -14.33 -19.71 -34.50
N THR D 1022 -15.02 -18.99 -33.63
CA THR D 1022 -14.45 -17.86 -32.91
C THR D 1022 -14.66 -18.08 -31.43
N LEU D 1023 -13.57 -18.09 -30.68
CA LEU D 1023 -13.64 -18.27 -29.23
C LEU D 1023 -13.96 -16.94 -28.56
N SER D 1024 -15.04 -16.90 -27.81
CA SER D 1024 -15.37 -15.74 -26.98
C SER D 1024 -14.78 -15.96 -25.60
N ILE D 1025 -13.81 -15.12 -25.23
CA ILE D 1025 -13.07 -15.27 -23.98
C ILE D 1025 -13.21 -13.99 -23.19
N ARG D 1026 -13.60 -14.11 -21.92
CA ARG D 1026 -13.69 -12.97 -21.01
C ARG D 1026 -13.05 -13.36 -19.68
N LEU D 1027 -12.13 -12.54 -19.21
CA LEU D 1027 -11.49 -12.75 -17.91
C LEU D 1027 -12.33 -12.05 -16.85
N ASP D 1028 -13.01 -12.82 -16.00
CA ASP D 1028 -13.90 -12.24 -15.02
C ASP D 1028 -13.22 -11.93 -13.70
N GLU D 1029 -12.29 -12.78 -13.25
CA GLU D 1029 -11.69 -12.61 -11.94
C GLU D 1029 -10.37 -13.36 -11.88
N ILE D 1030 -9.38 -12.75 -11.26
CA ILE D 1030 -8.10 -13.38 -10.98
C ILE D 1030 -8.03 -13.69 -9.50
N GLY D 1031 -7.91 -14.97 -9.16
CA GLY D 1031 -7.87 -15.36 -7.78
C GLY D 1031 -6.53 -15.08 -7.11
N GLU D 1032 -6.58 -14.96 -5.79
CA GLU D 1032 -5.37 -14.82 -5.00
C GLU D 1032 -4.56 -16.11 -5.04
N PRO D 1033 -3.24 -16.02 -5.00
CA PRO D 1033 -2.42 -17.24 -5.00
C PRO D 1033 -2.58 -18.01 -3.71
N ASP D 1034 -2.63 -19.34 -3.82
CA ASP D 1034 -2.74 -20.18 -2.64
C ASP D 1034 -1.35 -20.53 -2.15
N LEU D 1035 -1.26 -21.49 -1.22
CA LEU D 1035 0.02 -21.82 -0.61
C LEU D 1035 0.97 -22.54 -1.57
N ALA D 1036 0.44 -23.15 -2.63
CA ALA D 1036 1.29 -23.78 -3.64
C ALA D 1036 1.68 -22.81 -4.75
N GLY D 1037 1.30 -21.55 -4.65
CA GLY D 1037 1.65 -20.57 -5.66
C GLY D 1037 0.77 -20.58 -6.89
N ASN D 1038 -0.39 -21.24 -6.83
CA ASN D 1038 -1.29 -21.32 -7.96
C ASN D 1038 -2.39 -20.26 -7.83
N ARG D 1039 -2.74 -19.67 -8.96
CA ARG D 1039 -3.87 -18.75 -9.04
C ARG D 1039 -4.98 -19.39 -9.86
N VAL D 1040 -6.22 -19.15 -9.45
CA VAL D 1040 -7.38 -19.56 -10.23
C VAL D 1040 -7.86 -18.36 -11.00
N LEU D 1041 -7.92 -18.49 -12.33
CA LEU D 1041 -8.40 -17.42 -13.19
C LEU D 1041 -9.80 -17.78 -13.66
N PHE D 1042 -10.73 -16.86 -13.42
CA PHE D 1042 -12.15 -17.11 -13.70
C PHE D 1042 -12.44 -16.59 -15.09
N PHE D 1043 -12.35 -17.49 -16.06
CA PHE D 1043 -12.64 -17.17 -17.44
C PHE D 1043 -14.10 -17.46 -17.77
N ASN D 1044 -14.61 -16.77 -18.77
CA ASN D 1044 -15.87 -17.09 -19.39
C ASN D 1044 -15.59 -17.44 -20.85
N LEU D 1045 -15.47 -18.73 -21.13
CA LEU D 1045 -15.17 -19.20 -22.48
C LEU D 1045 -16.47 -19.65 -23.13
N ASN D 1046 -16.84 -18.99 -24.24
CA ASN D 1046 -18.00 -19.33 -25.06
C ASN D 1046 -19.28 -19.33 -24.23
N GLY D 1047 -19.44 -18.30 -23.41
CA GLY D 1047 -20.59 -18.16 -22.55
C GLY D 1047 -20.53 -18.92 -21.24
N GLN D 1048 -19.62 -19.88 -21.11
CA GLN D 1048 -19.57 -20.76 -19.95
C GLN D 1048 -18.39 -20.42 -19.07
N ARG D 1049 -18.60 -20.52 -17.76
CA ARG D 1049 -17.54 -20.28 -16.80
C ARG D 1049 -16.53 -21.42 -16.86
N ARG D 1050 -15.25 -21.08 -16.96
CA ARG D 1050 -14.17 -22.05 -16.90
C ARG D 1050 -13.07 -21.51 -16.01
N GLU D 1051 -12.72 -22.26 -14.97
CA GLU D 1051 -11.72 -21.85 -14.01
C GLU D 1051 -10.40 -22.51 -14.38
N VAL D 1052 -9.38 -21.68 -14.63
CA VAL D 1052 -8.07 -22.13 -15.07
C VAL D 1052 -7.09 -21.92 -13.92
N VAL D 1053 -6.34 -22.96 -13.59
CA VAL D 1053 -5.35 -22.91 -12.53
C VAL D 1053 -3.99 -22.69 -13.17
N ILE D 1054 -3.29 -21.63 -12.78
CA ILE D 1054 -1.99 -21.29 -13.32
C ILE D 1054 -1.04 -20.97 -12.17
N ASN D 1055 0.20 -21.42 -12.27
CA ASN D 1055 1.18 -21.22 -11.22
C ASN D 1055 1.78 -19.82 -11.33
N ASP D 1056 1.64 -19.04 -10.26
CA ASP D 1056 2.25 -17.71 -10.19
C ASP D 1056 3.73 -17.88 -9.90
N GLN D 1057 4.56 -17.47 -10.86
CA GLN D 1057 6.00 -17.67 -10.72
C GLN D 1057 6.59 -16.76 -9.65
N SER D 1058 6.06 -15.55 -9.52
CA SER D 1058 6.56 -14.61 -8.52
C SER D 1058 5.85 -14.76 -7.18
N VAL D 1059 5.74 -16.00 -6.71
CA VAL D 1059 5.22 -16.27 -5.39
C VAL D 1059 6.25 -17.10 -4.63
N GLN D 1060 6.76 -18.14 -5.30
CA GLN D 1060 7.78 -19.04 -4.77
C GLN D 1060 7.31 -19.72 -3.48
N ALA D 1061 6.26 -20.51 -3.62
CA ALA D 1061 5.71 -21.24 -2.47
C ALA D 1061 5.11 -22.57 -2.92
#